data_1GE9
#
_entry.id   1GE9
#
_cell.length_a   1.000
_cell.length_b   1.000
_cell.length_c   1.000
_cell.angle_alpha   90.00
_cell.angle_beta   90.00
_cell.angle_gamma   90.00
#
_symmetry.space_group_name_H-M   'P 1'
#
_entity_poly.entity_id   1
_entity_poly.type   'polypeptide(L)'
_entity_poly.pdbx_seq_one_letter_code
;MIKELEDIFKEAEKDMKKAVEYYKNEIAGLRTSRASTALVEEIKVEYYGSKVPIKQLGTISVPEHNQIVIQVWDQNAVPA
IEKAIREELNLNPTVQGNVIRVTLPPLTEERRRELVRLLHKITEEARVRVRNVRREAKEMIEELEGISEDEKKRALERLQ
KLTDKYIDEINKLMEAKEKEIMSV
;
_entity_poly.pdbx_strand_id   A
#
# COMPACT_ATOMS: atom_id res chain seq x y z
N MET A 1 18.23 -28.34 11.74
CA MET A 1 18.98 -29.06 10.68
C MET A 1 18.99 -28.26 9.38
N ILE A 2 19.85 -28.69 8.45
CA ILE A 2 19.96 -28.01 7.16
C ILE A 2 19.49 -28.93 6.03
N LYS A 3 18.22 -28.81 5.66
CA LYS A 3 17.65 -29.62 4.60
C LYS A 3 16.90 -28.75 3.58
N GLU A 4 15.97 -29.35 2.85
CA GLU A 4 15.19 -28.63 1.86
C GLU A 4 14.35 -27.53 2.51
N LEU A 5 14.11 -27.65 3.82
CA LEU A 5 13.31 -26.69 4.55
C LEU A 5 13.78 -25.26 4.31
N GLU A 6 15.09 -25.04 4.35
CA GLU A 6 15.64 -23.70 4.17
C GLU A 6 15.16 -23.07 2.87
N ASP A 7 15.06 -23.88 1.82
CA ASP A 7 14.59 -23.39 0.53
C ASP A 7 13.11 -23.05 0.59
N ILE A 8 12.37 -23.77 1.42
CA ILE A 8 10.94 -23.53 1.59
C ILE A 8 10.71 -22.20 2.30
N PHE A 9 11.51 -21.94 3.33
CA PHE A 9 11.41 -20.71 4.10
C PHE A 9 11.80 -19.51 3.24
N LYS A 10 12.92 -19.62 2.56
CA LYS A 10 13.43 -18.55 1.70
C LYS A 10 12.42 -18.21 0.59
N GLU A 11 11.83 -19.25 0.01
CA GLU A 11 10.85 -19.06 -1.06
C GLU A 11 9.53 -18.50 -0.49
N ALA A 12 9.13 -19.02 0.67
CA ALA A 12 7.89 -18.59 1.30
C ALA A 12 8.00 -17.16 1.85
N GLU A 13 9.18 -16.81 2.33
CA GLU A 13 9.40 -15.47 2.88
C GLU A 13 9.39 -14.41 1.78
N LYS A 14 10.22 -14.61 0.76
CA LYS A 14 10.31 -13.67 -0.34
C LYS A 14 8.96 -13.50 -1.05
N ASP A 15 8.19 -14.58 -1.11
CA ASP A 15 6.88 -14.54 -1.77
C ASP A 15 5.86 -13.76 -0.95
N MET A 16 5.77 -14.06 0.34
CA MET A 16 4.83 -13.39 1.23
C MET A 16 5.25 -11.94 1.50
N LYS A 17 6.53 -11.74 1.79
CA LYS A 17 7.05 -10.40 2.08
C LYS A 17 6.74 -9.43 0.93
N LYS A 18 7.01 -9.87 -0.29
CA LYS A 18 6.77 -9.03 -1.46
C LYS A 18 5.28 -8.80 -1.69
N ALA A 19 4.47 -9.79 -1.33
CA ALA A 19 3.02 -9.68 -1.52
C ALA A 19 2.40 -8.67 -0.56
N VAL A 20 2.76 -8.76 0.72
CA VAL A 20 2.23 -7.84 1.71
C VAL A 20 2.78 -6.43 1.54
N GLU A 21 4.05 -6.33 1.18
CA GLU A 21 4.69 -5.04 0.99
C GLU A 21 4.03 -4.26 -0.15
N TYR A 22 3.85 -4.93 -1.28
CA TYR A 22 3.24 -4.30 -2.44
C TYR A 22 1.74 -4.08 -2.20
N TYR A 23 1.12 -5.02 -1.51
CA TYR A 23 -0.31 -4.93 -1.20
C TYR A 23 -0.60 -3.69 -0.36
N LYS A 24 0.17 -3.51 0.71
CA LYS A 24 0.00 -2.35 1.59
C LYS A 24 0.31 -1.06 0.84
N ASN A 25 1.24 -1.17 -0.11
CA ASN A 25 1.66 -0.04 -0.94
C ASN A 25 0.50 0.51 -1.75
N GLU A 26 -0.40 -0.37 -2.17
CA GLU A 26 -1.57 0.02 -2.95
C GLU A 26 -2.62 0.69 -2.07
N ILE A 27 -2.75 0.20 -0.84
CA ILE A 27 -3.72 0.74 0.10
C ILE A 27 -3.21 2.01 0.76
N ALA A 28 -1.90 2.10 0.92
CA ALA A 28 -1.28 3.26 1.54
C ALA A 28 -1.27 4.46 0.60
N GLY A 29 -1.34 4.20 -0.71
CA GLY A 29 -1.32 5.28 -1.68
C GLY A 29 -2.53 5.28 -2.61
N LEU A 30 -3.51 4.42 -2.37
CA LEU A 30 -4.70 4.36 -3.22
C LEU A 30 -5.28 5.76 -3.39
N ARG A 31 -6.17 5.92 -4.37
CA ARG A 31 -6.79 7.22 -4.62
C ARG A 31 -7.96 7.45 -3.68
N THR A 32 -7.66 7.64 -2.41
CA THR A 32 -8.69 7.87 -1.41
C THR A 32 -9.33 9.23 -1.62
N SER A 33 -10.66 9.24 -1.67
CA SER A 33 -11.41 10.48 -1.86
C SER A 33 -11.24 11.42 -0.67
N ARG A 34 -10.67 10.90 0.42
CA ARG A 34 -10.46 11.70 1.60
C ARG A 34 -9.20 12.55 1.44
N ALA A 35 -9.26 13.78 1.93
CA ALA A 35 -8.12 14.67 1.85
C ALA A 35 -7.08 14.23 2.86
N SER A 36 -6.32 13.22 2.48
CA SER A 36 -5.30 12.68 3.35
C SER A 36 -3.91 12.89 2.76
N THR A 37 -2.96 13.28 3.60
CA THR A 37 -1.60 13.49 3.15
C THR A 37 -0.88 12.17 2.85
N ALA A 38 -1.42 11.06 3.35
CA ALA A 38 -0.78 9.75 3.16
C ALA A 38 -0.85 9.24 1.72
N LEU A 39 -2.05 9.13 1.16
CA LEU A 39 -2.23 8.59 -0.21
C LEU A 39 -1.05 8.96 -1.09
N VAL A 40 -0.63 10.21 -0.99
CA VAL A 40 0.51 10.70 -1.75
C VAL A 40 1.79 10.29 -1.05
N GLU A 41 2.46 11.25 -0.41
CA GLU A 41 3.70 11.00 0.31
C GLU A 41 4.88 10.91 -0.65
N GLU A 42 4.59 10.63 -1.91
CA GLU A 42 5.64 10.54 -2.91
C GLU A 42 5.49 11.61 -3.97
N ILE A 43 5.14 12.82 -3.53
CA ILE A 43 4.96 13.95 -4.44
C ILE A 43 6.29 14.34 -5.07
N LYS A 44 6.85 13.44 -5.88
CA LYS A 44 8.13 13.67 -6.53
C LYS A 44 8.12 14.98 -7.32
N VAL A 45 8.90 15.94 -6.85
CA VAL A 45 9.00 17.24 -7.51
C VAL A 45 10.37 17.45 -8.12
N GLU A 46 10.39 17.98 -9.33
CA GLU A 46 11.65 18.24 -10.04
C GLU A 46 12.32 19.50 -9.52
N TYR A 47 13.61 19.40 -9.19
CA TYR A 47 14.36 20.54 -8.69
C TYR A 47 15.66 20.71 -9.47
N TYR A 48 15.62 21.56 -10.50
CA TYR A 48 16.79 21.81 -11.32
C TYR A 48 17.36 20.53 -11.91
N GLY A 49 16.47 19.62 -12.29
CA GLY A 49 16.91 18.35 -12.87
C GLY A 49 17.06 17.26 -11.83
N SER A 50 16.39 17.40 -10.70
CA SER A 50 16.46 16.40 -9.64
C SER A 50 15.06 16.04 -9.15
N LYS A 51 14.81 14.73 -9.04
CA LYS A 51 13.51 14.26 -8.59
C LYS A 51 13.54 13.89 -7.11
N VAL A 52 12.84 14.67 -6.30
CA VAL A 52 12.77 14.43 -4.86
C VAL A 52 11.39 14.79 -4.31
N PRO A 53 10.94 14.10 -3.25
CA PRO A 53 9.64 14.38 -2.63
C PRO A 53 9.64 15.74 -1.95
N ILE A 54 8.50 16.14 -1.40
CA ILE A 54 8.40 17.44 -0.74
C ILE A 54 8.69 17.34 0.76
N LYS A 55 9.65 16.49 1.11
CA LYS A 55 10.02 16.31 2.51
C LYS A 55 10.82 17.49 3.03
N GLN A 56 11.73 18.00 2.20
CA GLN A 56 12.54 19.15 2.57
C GLN A 56 12.36 20.29 1.59
N LEU A 57 11.18 20.35 0.97
CA LEU A 57 10.86 21.39 0.00
C LEU A 57 9.76 22.30 0.54
N GLY A 58 8.67 21.70 0.98
CA GLY A 58 7.55 22.48 1.50
C GLY A 58 6.91 21.82 2.71
N THR A 59 5.59 21.66 2.66
CA THR A 59 4.86 21.05 3.76
C THR A 59 3.39 20.86 3.39
N ILE A 60 2.85 19.67 3.70
CA ILE A 60 1.46 19.37 3.39
C ILE A 60 0.69 19.01 4.66
N SER A 61 -0.46 19.67 4.85
CA SER A 61 -1.29 19.42 6.02
C SER A 61 -2.78 19.50 5.69
N VAL A 62 -3.59 18.77 6.45
CA VAL A 62 -5.03 18.76 6.25
C VAL A 62 -5.70 19.76 7.19
N PRO A 63 -6.38 20.79 6.65
CA PRO A 63 -7.04 21.81 7.45
C PRO A 63 -8.49 21.49 7.82
N GLU A 64 -9.26 20.99 6.86
CA GLU A 64 -10.66 20.68 7.12
C GLU A 64 -11.02 19.24 6.79
N HIS A 65 -10.04 18.34 6.90
CA HIS A 65 -10.27 16.92 6.63
C HIS A 65 -10.53 16.67 5.13
N ASN A 66 -11.56 17.32 4.60
CA ASN A 66 -11.91 17.16 3.18
C ASN A 66 -11.09 18.10 2.30
N GLN A 67 -9.91 18.49 2.77
CA GLN A 67 -9.05 19.38 2.01
C GLN A 67 -7.58 19.04 2.26
N ILE A 68 -6.76 19.25 1.23
CA ILE A 68 -5.32 19.01 1.33
C ILE A 68 -4.58 20.27 0.90
N VAL A 69 -3.66 20.73 1.75
CA VAL A 69 -2.94 21.96 1.44
C VAL A 69 -1.44 21.73 1.33
N ILE A 70 -0.89 22.03 0.15
CA ILE A 70 0.54 21.87 -0.10
C ILE A 70 1.18 23.24 -0.20
N GLN A 71 2.21 23.49 0.61
CA GLN A 71 2.90 24.78 0.59
C GLN A 71 4.36 24.62 0.20
N VAL A 72 4.69 25.05 -1.02
CA VAL A 72 6.04 24.92 -1.54
C VAL A 72 6.89 26.17 -1.30
N TRP A 73 7.57 26.20 -0.17
CA TRP A 73 8.43 27.32 0.20
C TRP A 73 9.18 27.90 -1.00
N ASP A 74 9.66 27.02 -1.87
CA ASP A 74 10.40 27.45 -3.05
C ASP A 74 9.49 27.55 -4.27
N GLN A 75 9.82 28.48 -5.16
CA GLN A 75 9.05 28.68 -6.38
C GLN A 75 9.38 27.62 -7.43
N ASN A 76 10.51 26.93 -7.23
CA ASN A 76 10.97 25.91 -8.16
C ASN A 76 10.14 24.63 -8.08
N ALA A 77 9.67 24.30 -6.87
CA ALA A 77 8.90 23.09 -6.65
C ALA A 77 7.40 23.35 -6.78
N VAL A 78 7.02 24.58 -7.06
CA VAL A 78 5.61 24.91 -7.21
C VAL A 78 5.04 24.34 -8.50
N PRO A 79 5.73 24.51 -9.64
CA PRO A 79 5.27 24.02 -10.94
C PRO A 79 5.26 22.49 -11.03
N ALA A 80 6.31 21.85 -10.52
CA ALA A 80 6.41 20.40 -10.56
C ALA A 80 5.33 19.72 -9.75
N ILE A 81 5.19 20.13 -8.50
CA ILE A 81 4.19 19.53 -7.62
C ILE A 81 2.79 19.62 -8.22
N GLU A 82 2.49 20.76 -8.83
CA GLU A 82 1.17 20.94 -9.45
C GLU A 82 0.87 19.79 -10.40
N LYS A 83 1.82 19.50 -11.28
CA LYS A 83 1.67 18.41 -12.24
C LYS A 83 1.76 17.05 -11.54
N ALA A 84 2.60 16.98 -10.52
CA ALA A 84 2.81 15.74 -9.76
C ALA A 84 1.57 15.36 -8.96
N ILE A 85 1.05 16.32 -8.20
CA ILE A 85 -0.13 16.06 -7.38
C ILE A 85 -1.34 15.70 -8.23
N ARG A 86 -1.57 16.47 -9.28
CA ARG A 86 -2.70 16.23 -10.17
C ARG A 86 -2.63 14.83 -10.77
N GLU A 87 -1.42 14.31 -10.92
CA GLU A 87 -1.22 12.97 -11.48
C GLU A 87 -1.72 11.89 -10.53
N GLU A 88 -1.30 11.96 -9.26
CA GLU A 88 -1.69 10.97 -8.27
C GLU A 88 -3.08 11.26 -7.69
N LEU A 89 -3.34 12.52 -7.38
CA LEU A 89 -4.63 12.90 -6.81
C LEU A 89 -5.72 12.94 -7.88
N ASN A 90 -5.31 13.11 -9.13
CA ASN A 90 -6.26 13.17 -10.25
C ASN A 90 -7.36 14.20 -10.00
N LEU A 91 -6.96 15.40 -9.63
CA LEU A 91 -7.91 16.48 -9.36
C LEU A 91 -7.36 17.82 -9.84
N ASN A 92 -8.11 18.88 -9.60
CA ASN A 92 -7.70 20.23 -10.01
C ASN A 92 -7.24 21.04 -8.82
N PRO A 93 -5.91 21.06 -8.54
CA PRO A 93 -5.35 21.80 -7.42
C PRO A 93 -5.23 23.30 -7.70
N THR A 94 -5.52 24.11 -6.69
CA THR A 94 -5.45 25.57 -6.83
C THR A 94 -4.17 26.10 -6.19
N VAL A 95 -3.51 27.03 -6.88
CA VAL A 95 -2.28 27.62 -6.37
C VAL A 95 -2.40 29.13 -6.24
N GLN A 96 -2.15 29.63 -5.04
CA GLN A 96 -2.23 31.06 -4.76
C GLN A 96 -0.97 31.55 -4.04
N GLY A 97 -0.32 32.54 -4.61
CA GLY A 97 0.90 33.08 -4.02
C GLY A 97 1.98 32.02 -3.89
N ASN A 98 1.94 31.27 -2.80
CA ASN A 98 2.92 30.21 -2.57
C ASN A 98 2.30 29.03 -1.81
N VAL A 99 0.98 28.93 -1.86
CA VAL A 99 0.26 27.86 -1.20
C VAL A 99 -0.68 27.15 -2.17
N ILE A 100 -0.83 25.84 -1.99
CA ILE A 100 -1.71 25.06 -2.85
C ILE A 100 -2.86 24.43 -2.06
N ARG A 101 -4.07 24.82 -2.41
CA ARG A 101 -5.26 24.30 -1.75
C ARG A 101 -5.96 23.28 -2.64
N VAL A 102 -6.05 22.04 -2.16
CA VAL A 102 -6.70 20.98 -2.94
C VAL A 102 -7.92 20.43 -2.22
N THR A 103 -9.05 20.50 -2.90
CA THR A 103 -10.30 20.00 -2.36
C THR A 103 -10.92 18.99 -3.32
N LEU A 104 -11.23 17.80 -2.82
CA LEU A 104 -11.84 16.77 -3.66
C LEU A 104 -13.33 16.71 -3.42
N PRO A 105 -14.12 16.42 -4.47
CA PRO A 105 -15.59 16.33 -4.35
C PRO A 105 -15.97 15.42 -3.19
N PRO A 106 -16.93 15.85 -2.34
CA PRO A 106 -17.36 15.08 -1.19
C PRO A 106 -17.62 13.62 -1.55
N LEU A 107 -16.84 12.73 -0.94
CA LEU A 107 -16.98 11.30 -1.18
C LEU A 107 -18.34 10.83 -0.70
N THR A 108 -19.33 10.96 -1.58
CA THR A 108 -20.70 10.60 -1.27
C THR A 108 -20.93 9.08 -1.26
N GLU A 109 -22.21 8.72 -1.22
CA GLU A 109 -22.62 7.31 -1.20
C GLU A 109 -21.90 6.50 -2.27
N GLU A 110 -21.89 7.02 -3.48
CA GLU A 110 -21.23 6.35 -4.61
C GLU A 110 -19.71 6.41 -4.48
N ARG A 111 -19.20 7.55 -4.06
CA ARG A 111 -17.76 7.75 -3.91
C ARG A 111 -17.15 6.72 -2.96
N ARG A 112 -17.79 6.52 -1.82
CA ARG A 112 -17.32 5.55 -0.84
C ARG A 112 -17.28 4.16 -1.45
N ARG A 113 -18.23 3.92 -2.36
CA ARG A 113 -18.33 2.65 -3.05
C ARG A 113 -17.13 2.42 -3.95
N GLU A 114 -16.60 3.51 -4.52
CA GLU A 114 -15.46 3.41 -5.43
C GLU A 114 -14.21 2.88 -4.72
N LEU A 115 -13.83 3.50 -3.61
CA LEU A 115 -12.65 3.07 -2.86
C LEU A 115 -12.86 1.71 -2.20
N VAL A 116 -13.99 1.55 -1.52
CA VAL A 116 -14.29 0.30 -0.84
C VAL A 116 -14.24 -0.89 -1.80
N ARG A 117 -14.81 -0.73 -2.98
CA ARG A 117 -14.81 -1.79 -3.98
C ARG A 117 -13.39 -1.99 -4.54
N LEU A 118 -12.62 -0.91 -4.58
CA LEU A 118 -11.26 -0.98 -5.07
C LEU A 118 -10.35 -1.72 -4.10
N LEU A 119 -10.54 -1.46 -2.80
CA LEU A 119 -9.80 -2.15 -1.77
C LEU A 119 -10.30 -3.59 -1.70
N HIS A 120 -11.59 -3.70 -1.98
CA HIS A 120 -12.27 -4.99 -1.95
C HIS A 120 -11.56 -5.98 -2.86
N LYS A 121 -11.14 -5.56 -4.05
CA LYS A 121 -10.43 -6.46 -4.94
C LYS A 121 -9.02 -6.73 -4.42
N ILE A 122 -8.44 -5.72 -3.79
CA ILE A 122 -7.09 -5.83 -3.23
C ILE A 122 -7.03 -6.93 -2.19
N THR A 123 -7.96 -6.87 -1.23
CA THR A 123 -8.01 -7.85 -0.15
C THR A 123 -8.15 -9.27 -0.68
N GLU A 124 -8.95 -9.44 -1.73
CA GLU A 124 -9.15 -10.76 -2.32
C GLU A 124 -7.89 -11.25 -3.03
N GLU A 125 -7.12 -10.30 -3.57
CA GLU A 125 -5.89 -10.63 -4.28
C GLU A 125 -4.83 -11.12 -3.31
N ALA A 126 -4.79 -10.52 -2.13
CA ALA A 126 -3.80 -10.89 -1.12
C ALA A 126 -3.97 -12.35 -0.70
N ARG A 127 -5.20 -12.76 -0.42
CA ARG A 127 -5.48 -14.13 0.00
C ARG A 127 -5.04 -15.12 -1.08
N VAL A 128 -5.23 -14.75 -2.34
CA VAL A 128 -4.85 -15.61 -3.46
C VAL A 128 -3.36 -15.92 -3.43
N ARG A 129 -2.56 -14.92 -3.08
CA ARG A 129 -1.11 -15.09 -3.00
C ARG A 129 -0.74 -15.98 -1.82
N VAL A 130 -1.33 -15.69 -0.66
CA VAL A 130 -1.06 -16.44 0.56
C VAL A 130 -1.35 -17.93 0.38
N ARG A 131 -2.51 -18.26 -0.18
CA ARG A 131 -2.87 -19.66 -0.39
C ARG A 131 -1.80 -20.35 -1.23
N ASN A 132 -1.41 -19.72 -2.31
CA ASN A 132 -0.41 -20.27 -3.22
C ASN A 132 0.93 -20.48 -2.51
N VAL A 133 1.22 -19.64 -1.53
CA VAL A 133 2.47 -19.78 -0.77
C VAL A 133 2.48 -21.11 -0.02
N ARG A 134 1.42 -21.38 0.73
CA ARG A 134 1.30 -22.63 1.49
C ARG A 134 1.11 -23.81 0.54
N ARG A 135 0.37 -23.58 -0.54
CA ARG A 135 0.11 -24.62 -1.52
C ARG A 135 1.36 -24.93 -2.32
N GLU A 136 2.13 -23.88 -2.63
CA GLU A 136 3.38 -24.03 -3.38
C GLU A 136 4.45 -24.65 -2.49
N ALA A 137 4.66 -24.02 -1.33
CA ALA A 137 5.66 -24.49 -0.38
C ALA A 137 5.43 -25.96 -0.02
N LYS A 138 4.17 -26.30 0.24
CA LYS A 138 3.82 -27.68 0.58
C LYS A 138 4.26 -28.63 -0.53
N GLU A 139 4.05 -28.19 -1.77
CA GLU A 139 4.43 -28.99 -2.94
C GLU A 139 5.92 -29.34 -2.91
N MET A 140 6.72 -28.44 -2.35
CA MET A 140 8.15 -28.65 -2.26
C MET A 140 8.48 -29.78 -1.28
N ILE A 141 7.76 -29.82 -0.17
CA ILE A 141 7.97 -30.85 0.84
C ILE A 141 7.54 -32.21 0.29
N GLU A 142 6.33 -32.26 -0.24
CA GLU A 142 5.78 -33.48 -0.83
C GLU A 142 6.57 -33.91 -2.07
N GLU A 143 7.37 -32.99 -2.61
CA GLU A 143 8.19 -33.26 -3.77
C GLU A 143 9.52 -33.89 -3.36
N LEU A 144 9.97 -33.56 -2.15
CA LEU A 144 11.23 -34.08 -1.63
C LEU A 144 11.06 -35.52 -1.19
N GLU A 145 11.73 -36.44 -1.89
CA GLU A 145 11.61 -37.86 -1.59
C GLU A 145 10.15 -38.31 -1.68
N GLY A 146 9.30 -37.43 -2.18
CA GLY A 146 7.89 -37.70 -2.33
C GLY A 146 7.12 -37.65 -1.02
N ILE A 147 7.82 -37.74 0.11
CA ILE A 147 7.18 -37.66 1.41
C ILE A 147 8.19 -37.27 2.50
N SER A 148 7.89 -36.22 3.23
CA SER A 148 8.74 -35.75 4.31
C SER A 148 7.92 -35.43 5.55
N GLU A 149 7.99 -36.27 6.58
CA GLU A 149 7.24 -35.98 7.80
C GLU A 149 7.93 -34.88 8.57
N ASP A 150 9.22 -35.09 8.85
CA ASP A 150 10.02 -34.12 9.59
C ASP A 150 10.00 -32.76 8.89
N GLU A 151 10.10 -32.80 7.56
CA GLU A 151 10.10 -31.58 6.77
C GLU A 151 8.71 -30.95 6.72
N LYS A 152 7.69 -31.77 6.44
CA LYS A 152 6.32 -31.29 6.35
C LYS A 152 5.87 -30.65 7.66
N LYS A 153 6.22 -31.28 8.77
CA LYS A 153 5.85 -30.77 10.09
C LYS A 153 6.51 -29.42 10.37
N ARG A 154 7.83 -29.38 10.20
CA ARG A 154 8.59 -28.17 10.44
C ARG A 154 8.32 -27.12 9.37
N ALA A 155 8.08 -27.59 8.14
CA ALA A 155 7.79 -26.69 7.01
C ALA A 155 6.40 -26.08 7.12
N LEU A 156 5.46 -26.84 7.67
CA LEU A 156 4.09 -26.35 7.81
C LEU A 156 4.02 -25.23 8.83
N GLU A 157 4.58 -25.46 10.00
CA GLU A 157 4.58 -24.44 11.05
C GLU A 157 5.28 -23.19 10.53
N ARG A 158 6.38 -23.43 9.83
CA ARG A 158 7.15 -22.35 9.23
C ARG A 158 6.29 -21.62 8.21
N LEU A 159 5.55 -22.39 7.41
CA LEU A 159 4.68 -21.85 6.39
C LEU A 159 3.43 -21.21 7.02
N GLN A 160 2.98 -21.78 8.13
CA GLN A 160 1.82 -21.27 8.84
C GLN A 160 2.16 -19.96 9.54
N LYS A 161 3.28 -19.97 10.24
CA LYS A 161 3.72 -18.78 10.96
C LYS A 161 3.79 -17.60 9.99
N LEU A 162 4.31 -17.85 8.80
CA LEU A 162 4.41 -16.83 7.78
C LEU A 162 3.03 -16.47 7.23
N THR A 163 2.23 -17.49 6.92
CA THR A 163 0.89 -17.28 6.38
C THR A 163 0.04 -16.45 7.34
N ASP A 164 0.04 -16.84 8.61
CA ASP A 164 -0.73 -16.11 9.62
C ASP A 164 -0.34 -14.64 9.61
N LYS A 165 0.94 -14.39 9.34
CA LYS A 165 1.44 -13.02 9.30
C LYS A 165 0.61 -12.20 8.31
N TYR A 166 0.41 -12.76 7.12
CA TYR A 166 -0.37 -12.10 6.08
C TYR A 166 -1.84 -12.01 6.49
N ILE A 167 -2.33 -13.04 7.17
CA ILE A 167 -3.73 -13.07 7.61
C ILE A 167 -4.02 -11.90 8.54
N ASP A 168 -3.20 -11.76 9.58
CA ASP A 168 -3.37 -10.67 10.53
C ASP A 168 -2.97 -9.34 9.91
N GLU A 169 -2.04 -9.40 8.96
CA GLU A 169 -1.56 -8.19 8.30
C GLU A 169 -2.62 -7.61 7.36
N ILE A 170 -3.29 -8.48 6.61
CA ILE A 170 -4.31 -8.05 5.68
C ILE A 170 -5.55 -7.52 6.41
N ASN A 171 -6.13 -8.33 7.29
CA ASN A 171 -7.32 -7.91 8.02
C ASN A 171 -7.09 -6.63 8.81
N LYS A 172 -5.86 -6.44 9.29
CA LYS A 172 -5.52 -5.24 10.05
C LYS A 172 -5.58 -4.01 9.17
N LEU A 173 -5.20 -4.17 7.90
CA LEU A 173 -5.21 -3.07 6.94
C LEU A 173 -6.64 -2.64 6.62
N MET A 174 -7.50 -3.62 6.32
CA MET A 174 -8.89 -3.34 5.98
C MET A 174 -9.66 -2.79 7.17
N GLU A 175 -9.46 -3.40 8.34
CA GLU A 175 -10.16 -2.97 9.55
C GLU A 175 -9.94 -1.47 9.78
N ALA A 176 -8.69 -1.05 9.75
CA ALA A 176 -8.36 0.36 9.95
C ALA A 176 -9.00 1.22 8.86
N LYS A 177 -8.74 0.87 7.61
CA LYS A 177 -9.29 1.62 6.48
C LYS A 177 -10.79 1.77 6.59
N GLU A 178 -11.50 0.72 6.97
CA GLU A 178 -12.96 0.77 7.09
C GLU A 178 -13.38 1.94 7.97
N LYS A 179 -12.70 2.10 9.11
CA LYS A 179 -13.00 3.20 10.03
C LYS A 179 -12.84 4.55 9.34
N GLU A 180 -11.90 4.61 8.39
CA GLU A 180 -11.64 5.83 7.65
C GLU A 180 -12.59 5.92 6.45
N ILE A 181 -12.61 4.85 5.66
CA ILE A 181 -13.46 4.82 4.47
C ILE A 181 -14.92 5.05 4.86
N MET A 182 -15.40 4.27 5.82
CA MET A 182 -16.78 4.39 6.29
C MET A 182 -16.94 5.51 7.31
N SER A 183 -15.85 6.22 7.60
CA SER A 183 -15.88 7.32 8.55
C SER A 183 -16.98 8.33 8.19
N VAL A 184 -17.11 8.62 6.91
CA VAL A 184 -18.11 9.56 6.43
C VAL A 184 -19.52 9.00 6.63
N MET A 1 16.89 -34.48 9.60
CA MET A 1 17.80 -33.62 8.80
C MET A 1 17.16 -32.26 8.51
N ILE A 2 17.05 -31.44 9.55
CA ILE A 2 16.47 -30.11 9.41
C ILE A 2 17.50 -29.09 8.94
N LYS A 3 17.32 -28.58 7.73
CA LYS A 3 18.24 -27.60 7.17
C LYS A 3 17.59 -26.86 6.00
N GLU A 4 17.03 -27.61 5.06
CA GLU A 4 16.38 -27.02 3.89
C GLU A 4 15.18 -26.17 4.30
N LEU A 5 14.63 -26.46 5.48
CA LEU A 5 13.47 -25.74 5.99
C LEU A 5 13.73 -24.24 6.07
N GLU A 6 14.92 -23.86 6.55
CA GLU A 6 15.28 -22.46 6.71
C GLU A 6 15.10 -21.68 5.41
N ASP A 7 15.50 -22.27 4.29
CA ASP A 7 15.37 -21.61 3.00
C ASP A 7 13.92 -21.46 2.59
N ILE A 8 13.08 -22.41 3.00
CA ILE A 8 11.67 -22.38 2.67
C ILE A 8 10.95 -21.22 3.35
N PHE A 9 11.15 -21.07 4.66
CA PHE A 9 10.51 -20.00 5.41
C PHE A 9 11.02 -18.63 4.96
N LYS A 10 12.35 -18.51 4.83
CA LYS A 10 12.96 -17.27 4.40
C LYS A 10 12.39 -16.80 3.07
N GLU A 11 12.19 -17.73 2.16
CA GLU A 11 11.62 -17.43 0.85
C GLU A 11 10.15 -17.09 0.96
N ALA A 12 9.48 -17.69 1.94
CA ALA A 12 8.06 -17.46 2.17
C ALA A 12 7.79 -16.04 2.68
N GLU A 13 8.47 -15.66 3.75
CA GLU A 13 8.29 -14.34 4.34
C GLU A 13 8.74 -13.25 3.36
N LYS A 14 9.85 -13.48 2.69
CA LYS A 14 10.38 -12.52 1.73
C LYS A 14 9.34 -12.20 0.65
N ASP A 15 8.72 -13.26 0.12
CA ASP A 15 7.70 -13.10 -0.91
C ASP A 15 6.42 -12.51 -0.33
N MET A 16 6.05 -12.99 0.86
CA MET A 16 4.83 -12.51 1.53
C MET A 16 4.95 -11.06 1.95
N LYS A 17 6.07 -10.72 2.57
CA LYS A 17 6.30 -9.34 3.04
C LYS A 17 6.15 -8.34 1.91
N LYS A 18 6.82 -8.59 0.79
CA LYS A 18 6.76 -7.68 -0.35
C LYS A 18 5.33 -7.53 -0.85
N ALA A 19 4.54 -8.59 -0.77
CA ALA A 19 3.16 -8.56 -1.23
C ALA A 19 2.36 -7.49 -0.48
N VAL A 20 2.49 -7.47 0.84
CA VAL A 20 1.78 -6.51 1.65
C VAL A 20 2.36 -5.10 1.48
N GLU A 21 3.67 -5.02 1.27
CA GLU A 21 4.32 -3.73 1.08
C GLU A 21 3.74 -2.99 -0.12
N TYR A 22 3.64 -3.68 -1.25
CA TYR A 22 3.07 -3.10 -2.46
C TYR A 22 1.56 -2.94 -2.28
N TYR A 23 0.99 -3.91 -1.59
CA TYR A 23 -0.43 -3.94 -1.28
C TYR A 23 -0.84 -2.74 -0.43
N LYS A 24 -0.06 -2.47 0.61
CA LYS A 24 -0.34 -1.33 1.49
C LYS A 24 -0.15 -0.02 0.73
N ASN A 25 0.78 -0.03 -0.22
CA ASN A 25 1.07 1.15 -1.03
C ASN A 25 -0.17 1.61 -1.77
N GLU A 26 -0.99 0.66 -2.20
CA GLU A 26 -2.23 0.96 -2.91
C GLU A 26 -3.29 1.46 -1.94
N ILE A 27 -3.23 0.97 -0.70
CA ILE A 27 -4.18 1.37 0.32
C ILE A 27 -3.75 2.69 0.95
N ALA A 28 -2.45 2.93 0.97
CA ALA A 28 -1.90 4.16 1.49
C ALA A 28 -2.00 5.28 0.46
N GLY A 29 -2.03 4.90 -0.82
CA GLY A 29 -2.09 5.87 -1.89
C GLY A 29 -3.45 5.96 -2.56
N LEU A 30 -4.44 5.20 -2.08
CA LEU A 30 -5.77 5.24 -2.66
C LEU A 30 -6.44 6.58 -2.39
N ARG A 31 -7.14 7.10 -3.41
CA ARG A 31 -7.83 8.39 -3.29
C ARG A 31 -8.90 8.34 -2.21
N THR A 32 -8.50 8.54 -0.96
CA THR A 32 -9.43 8.52 0.16
C THR A 32 -10.10 9.88 0.33
N SER A 33 -11.34 9.87 0.80
CA SER A 33 -12.10 11.10 1.01
C SER A 33 -11.46 11.97 2.10
N ARG A 34 -10.57 11.37 2.89
CA ARG A 34 -9.89 12.10 3.94
C ARG A 34 -8.65 12.80 3.41
N ALA A 35 -8.42 14.02 3.88
CA ALA A 35 -7.27 14.78 3.47
C ALA A 35 -6.03 14.24 4.16
N SER A 36 -5.51 13.15 3.62
CA SER A 36 -4.33 12.52 4.18
C SER A 36 -3.12 12.70 3.27
N THR A 37 -1.96 12.89 3.87
CA THR A 37 -0.74 13.08 3.10
C THR A 37 -0.27 11.79 2.43
N ALA A 38 -0.75 10.64 2.91
CA ALA A 38 -0.32 9.35 2.37
C ALA A 38 -0.73 9.15 0.91
N LEU A 39 -2.03 9.26 0.62
CA LEU A 39 -2.55 9.04 -0.75
C LEU A 39 -1.47 9.24 -1.82
N VAL A 40 -0.70 10.31 -1.68
CA VAL A 40 0.39 10.57 -2.62
C VAL A 40 1.56 9.65 -2.27
N GLU A 41 2.28 10.00 -1.21
CA GLU A 41 3.41 9.21 -0.73
C GLU A 41 4.67 9.47 -1.56
N GLU A 42 4.50 9.58 -2.87
CA GLU A 42 5.62 9.81 -3.74
C GLU A 42 5.35 10.95 -4.70
N ILE A 43 5.07 12.12 -4.14
CA ILE A 43 4.80 13.32 -4.93
C ILE A 43 5.92 13.57 -5.93
N LYS A 44 5.86 12.85 -7.04
CA LYS A 44 6.87 12.93 -8.09
C LYS A 44 7.00 14.34 -8.66
N VAL A 45 7.83 15.16 -8.01
CA VAL A 45 8.05 16.52 -8.46
C VAL A 45 9.38 16.63 -9.19
N GLU A 46 9.35 17.21 -10.40
CA GLU A 46 10.55 17.36 -11.21
C GLU A 46 11.52 18.35 -10.59
N TYR A 47 12.80 18.00 -10.61
CA TYR A 47 13.84 18.86 -10.04
C TYR A 47 15.08 18.86 -10.94
N TYR A 48 15.16 19.84 -11.83
CA TYR A 48 16.28 19.96 -12.75
C TYR A 48 16.36 18.75 -13.68
N GLY A 49 15.19 18.18 -13.99
CA GLY A 49 15.15 17.02 -14.87
C GLY A 49 15.20 15.71 -14.12
N SER A 50 14.82 15.73 -12.85
CA SER A 50 14.84 14.54 -12.02
C SER A 50 13.52 14.38 -11.26
N LYS A 51 13.00 13.17 -11.24
CA LYS A 51 11.74 12.89 -10.54
C LYS A 51 12.01 12.46 -9.10
N VAL A 52 11.61 13.31 -8.15
CA VAL A 52 11.81 13.02 -6.74
C VAL A 52 10.59 13.45 -5.92
N PRO A 53 10.32 12.76 -4.80
CA PRO A 53 9.19 13.08 -3.93
C PRO A 53 9.40 14.39 -3.17
N ILE A 54 8.36 14.84 -2.48
CA ILE A 54 8.44 16.08 -1.72
C ILE A 54 8.80 15.80 -0.25
N LYS A 55 9.78 14.93 -0.06
CA LYS A 55 10.23 14.58 1.28
C LYS A 55 11.19 15.64 1.83
N GLN A 56 12.08 16.11 0.97
CA GLN A 56 13.04 17.13 1.36
C GLN A 56 12.94 18.34 0.44
N LEU A 57 11.76 18.53 -0.14
CA LEU A 57 11.53 19.65 -1.05
C LEU A 57 10.63 20.70 -0.40
N GLY A 58 9.56 20.24 0.24
CA GLY A 58 8.65 21.14 0.90
C GLY A 58 7.97 20.53 2.10
N THR A 59 7.03 21.27 2.68
CA THR A 59 6.30 20.80 3.85
C THR A 59 4.83 20.57 3.50
N ILE A 60 4.40 19.31 3.57
CA ILE A 60 3.02 18.95 3.26
C ILE A 60 2.23 18.72 4.55
N SER A 61 1.24 19.57 4.79
CA SER A 61 0.42 19.45 5.98
C SER A 61 -1.06 19.72 5.68
N VAL A 62 -1.93 19.17 6.54
CA VAL A 62 -3.37 19.34 6.39
C VAL A 62 -3.87 20.44 7.32
N PRO A 63 -4.65 21.40 6.81
CA PRO A 63 -5.16 22.52 7.61
C PRO A 63 -6.37 22.18 8.49
N GLU A 64 -7.48 21.80 7.88
CA GLU A 64 -8.70 21.48 8.64
C GLU A 64 -9.04 20.00 8.61
N HIS A 65 -8.03 19.17 8.45
CA HIS A 65 -8.23 17.72 8.41
C HIS A 65 -9.13 17.31 7.23
N ASN A 66 -9.33 18.24 6.29
CA ASN A 66 -10.16 17.97 5.12
C ASN A 66 -9.52 18.56 3.87
N GLN A 67 -8.25 18.91 3.96
CA GLN A 67 -7.53 19.50 2.83
C GLN A 67 -6.05 19.11 2.88
N ILE A 68 -5.40 19.19 1.73
CA ILE A 68 -3.98 18.85 1.63
C ILE A 68 -3.21 20.02 1.00
N VAL A 69 -2.11 20.42 1.63
CA VAL A 69 -1.33 21.54 1.12
C VAL A 69 0.15 21.21 1.00
N ILE A 70 0.69 21.39 -0.22
CA ILE A 70 2.10 21.12 -0.48
C ILE A 70 2.84 22.44 -0.71
N GLN A 71 3.91 22.67 0.07
CA GLN A 71 4.68 23.91 -0.06
C GLN A 71 6.17 23.62 -0.14
N VAL A 72 6.75 23.83 -1.33
CA VAL A 72 8.17 23.60 -1.54
C VAL A 72 8.95 24.91 -1.50
N TRP A 73 9.86 25.02 -0.54
CA TRP A 73 10.67 26.23 -0.37
C TRP A 73 11.16 26.78 -1.70
N ASP A 74 11.38 25.90 -2.68
CA ASP A 74 11.85 26.31 -3.99
C ASP A 74 10.69 26.45 -4.96
N GLN A 75 10.68 27.55 -5.71
CA GLN A 75 9.63 27.80 -6.69
C GLN A 75 9.86 26.97 -7.95
N ASN A 76 11.01 26.32 -8.04
CA ASN A 76 11.36 25.49 -9.18
C ASN A 76 10.56 24.19 -9.17
N ALA A 77 10.10 23.80 -7.99
CA ALA A 77 9.33 22.56 -7.86
C ALA A 77 7.83 22.82 -7.70
N VAL A 78 7.48 24.03 -7.28
CA VAL A 78 6.07 24.39 -7.07
C VAL A 78 5.21 23.99 -8.27
N PRO A 79 5.65 24.34 -9.50
CA PRO A 79 4.90 23.99 -10.72
C PRO A 79 4.79 22.49 -10.91
N ALA A 80 5.87 21.79 -10.61
CA ALA A 80 5.93 20.34 -10.74
C ALA A 80 4.93 19.67 -9.81
N ILE A 81 4.83 20.17 -8.58
CA ILE A 81 3.93 19.59 -7.60
C ILE A 81 2.50 19.56 -8.13
N GLU A 82 2.00 20.70 -8.58
CA GLU A 82 0.65 20.79 -9.11
C GLU A 82 0.39 19.68 -10.13
N LYS A 83 1.35 19.47 -11.03
CA LYS A 83 1.24 18.45 -12.04
C LYS A 83 1.35 17.06 -11.40
N ALA A 84 2.15 16.97 -10.34
CA ALA A 84 2.36 15.72 -9.63
C ALA A 84 1.15 15.34 -8.78
N ILE A 85 0.67 16.29 -7.99
CA ILE A 85 -0.49 16.06 -7.12
C ILE A 85 -1.73 15.75 -7.94
N ARG A 86 -1.96 16.51 -9.00
CA ARG A 86 -3.12 16.31 -9.86
C ARG A 86 -3.06 14.92 -10.51
N GLU A 87 -1.84 14.48 -10.81
CA GLU A 87 -1.64 13.19 -11.44
C GLU A 87 -1.88 12.06 -10.45
N GLU A 88 -1.42 12.25 -9.22
CA GLU A 88 -1.57 11.23 -8.17
C GLU A 88 -2.94 11.27 -7.50
N LEU A 89 -3.43 12.47 -7.19
CA LEU A 89 -4.72 12.61 -6.52
C LEU A 89 -5.87 12.72 -7.52
N ASN A 90 -5.56 13.18 -8.73
CA ASN A 90 -6.58 13.32 -9.77
C ASN A 90 -7.70 14.26 -9.33
N LEU A 91 -7.32 15.42 -8.77
CA LEU A 91 -8.29 16.40 -8.32
C LEU A 91 -7.97 17.79 -8.87
N ASN A 92 -8.69 18.80 -8.42
CA ASN A 92 -8.47 20.17 -8.88
C ASN A 92 -7.89 21.04 -7.76
N PRO A 93 -6.55 21.15 -7.70
CA PRO A 93 -5.86 21.93 -6.68
C PRO A 93 -5.62 23.38 -7.11
N THR A 94 -5.39 24.25 -6.13
CA THR A 94 -5.15 25.66 -6.39
C THR A 94 -3.76 26.06 -5.89
N VAL A 95 -3.04 26.85 -6.69
CA VAL A 95 -1.71 27.29 -6.32
C VAL A 95 -1.63 28.81 -6.25
N GLN A 96 -1.06 29.32 -5.16
CA GLN A 96 -0.92 30.76 -4.97
C GLN A 96 0.46 31.09 -4.43
N GLY A 97 1.19 31.97 -5.14
CA GLY A 97 2.52 32.34 -4.71
C GLY A 97 3.49 31.19 -4.81
N ASN A 98 3.47 30.31 -3.81
CA ASN A 98 4.36 29.15 -3.79
C ASN A 98 3.75 28.03 -2.95
N VAL A 99 2.42 28.05 -2.81
CA VAL A 99 1.71 27.05 -2.03
C VAL A 99 0.64 26.38 -2.88
N ILE A 100 0.37 25.11 -2.57
CA ILE A 100 -0.65 24.35 -3.29
C ILE A 100 -1.65 23.74 -2.32
N ARG A 101 -2.91 24.13 -2.45
CA ARG A 101 -3.95 23.61 -1.58
C ARG A 101 -4.91 22.71 -2.35
N VAL A 102 -5.26 21.57 -1.77
CA VAL A 102 -6.17 20.62 -2.41
C VAL A 102 -7.24 20.16 -1.44
N THR A 103 -8.50 20.35 -1.81
CA THR A 103 -9.62 19.95 -0.97
C THR A 103 -10.40 18.82 -1.64
N LEU A 104 -10.77 17.81 -0.86
CA LEU A 104 -11.52 16.68 -1.39
C LEU A 104 -12.96 16.70 -0.86
N PRO A 105 -13.92 17.19 -1.67
CA PRO A 105 -15.32 17.26 -1.26
C PRO A 105 -15.89 15.87 -0.94
N PRO A 106 -17.01 15.83 -0.20
CA PRO A 106 -17.65 14.56 0.17
C PRO A 106 -18.00 13.71 -1.05
N LEU A 107 -17.40 12.53 -1.12
CA LEU A 107 -17.65 11.62 -2.23
C LEU A 107 -19.07 11.09 -2.18
N THR A 108 -19.76 11.14 -3.33
CA THR A 108 -21.13 10.67 -3.41
C THR A 108 -21.23 9.18 -3.08
N GLU A 109 -22.45 8.71 -2.86
CA GLU A 109 -22.69 7.31 -2.53
C GLU A 109 -22.05 6.39 -3.56
N GLU A 110 -22.15 6.78 -4.82
CA GLU A 110 -21.58 6.00 -5.91
C GLU A 110 -20.06 6.11 -5.88
N ARG A 111 -19.57 7.29 -5.49
CA ARG A 111 -18.14 7.53 -5.41
C ARG A 111 -17.51 6.74 -4.26
N ARG A 112 -18.16 6.80 -3.10
CA ARG A 112 -17.67 6.09 -1.92
C ARG A 112 -17.66 4.59 -2.18
N ARG A 113 -18.72 4.11 -2.82
CA ARG A 113 -18.86 2.69 -3.15
C ARG A 113 -17.62 2.20 -3.89
N GLU A 114 -17.18 2.98 -4.87
CA GLU A 114 -16.01 2.62 -5.68
C GLU A 114 -14.78 2.40 -4.81
N LEU A 115 -14.53 3.31 -3.87
CA LEU A 115 -13.37 3.20 -3.00
C LEU A 115 -13.41 1.89 -2.20
N VAL A 116 -14.56 1.62 -1.59
CA VAL A 116 -14.72 0.39 -0.81
C VAL A 116 -14.51 -0.83 -1.71
N ARG A 117 -15.09 -0.74 -2.91
CA ARG A 117 -14.96 -1.81 -3.90
C ARG A 117 -13.55 -1.86 -4.46
N LEU A 118 -12.86 -0.72 -4.43
CA LEU A 118 -11.49 -0.64 -4.91
C LEU A 118 -10.54 -1.36 -3.94
N LEU A 119 -10.86 -1.26 -2.66
CA LEU A 119 -10.09 -1.95 -1.63
C LEU A 119 -10.39 -3.44 -1.72
N HIS A 120 -11.63 -3.71 -2.10
CA HIS A 120 -12.11 -5.07 -2.23
C HIS A 120 -11.21 -5.88 -3.16
N LYS A 121 -10.79 -5.28 -4.28
CA LYS A 121 -9.90 -5.99 -5.20
C LYS A 121 -8.50 -6.10 -4.60
N ILE A 122 -8.14 -5.08 -3.81
CA ILE A 122 -6.82 -5.05 -3.17
C ILE A 122 -6.70 -6.18 -2.16
N THR A 123 -7.71 -6.34 -1.31
CA THR A 123 -7.71 -7.36 -0.28
C THR A 123 -7.56 -8.75 -0.90
N GLU A 124 -8.21 -8.97 -2.04
CA GLU A 124 -8.15 -10.25 -2.72
C GLU A 124 -6.77 -10.47 -3.33
N GLU A 125 -6.17 -9.39 -3.83
CA GLU A 125 -4.85 -9.46 -4.44
C GLU A 125 -3.82 -9.97 -3.44
N ALA A 126 -3.99 -9.60 -2.18
CA ALA A 126 -3.07 -10.03 -1.13
C ALA A 126 -3.18 -11.53 -0.89
N ARG A 127 -4.41 -12.01 -0.75
CA ARG A 127 -4.65 -13.44 -0.52
C ARG A 127 -4.02 -14.25 -1.64
N VAL A 128 -4.10 -13.73 -2.85
CA VAL A 128 -3.52 -14.39 -4.02
C VAL A 128 -2.01 -14.57 -3.84
N ARG A 129 -1.38 -13.57 -3.22
CA ARG A 129 0.05 -13.63 -2.98
C ARG A 129 0.39 -14.72 -1.98
N VAL A 130 -0.34 -14.77 -0.87
CA VAL A 130 -0.11 -15.79 0.15
C VAL A 130 -0.43 -17.17 -0.40
N ARG A 131 -1.61 -17.29 -0.99
CA ARG A 131 -2.08 -18.54 -1.60
C ARG A 131 -1.13 -18.99 -2.71
N ASN A 132 -0.49 -18.02 -3.36
CA ASN A 132 0.47 -18.30 -4.42
C ASN A 132 1.76 -18.88 -3.84
N VAL A 133 2.12 -18.42 -2.64
CA VAL A 133 3.30 -18.89 -1.96
C VAL A 133 3.08 -20.30 -1.45
N ARG A 134 1.95 -20.48 -0.76
CA ARG A 134 1.58 -21.77 -0.20
C ARG A 134 1.58 -22.84 -1.28
N ARG A 135 1.13 -22.46 -2.48
CA ARG A 135 1.08 -23.41 -3.59
C ARG A 135 2.46 -23.97 -3.85
N GLU A 136 3.45 -23.11 -4.05
CA GLU A 136 4.82 -23.56 -4.30
C GLU A 136 5.48 -24.05 -3.01
N ALA A 137 5.04 -23.49 -1.88
CA ALA A 137 5.59 -23.86 -0.57
C ALA A 137 5.51 -25.37 -0.36
N LYS A 138 4.35 -25.95 -0.65
CA LYS A 138 4.15 -27.37 -0.51
C LYS A 138 4.97 -28.11 -1.57
N GLU A 139 4.95 -27.57 -2.79
CA GLU A 139 5.69 -28.14 -3.90
C GLU A 139 7.19 -28.17 -3.60
N MET A 140 7.66 -27.19 -2.84
CA MET A 140 9.07 -27.09 -2.48
C MET A 140 9.51 -28.24 -1.59
N ILE A 141 8.71 -28.53 -0.56
CA ILE A 141 9.04 -29.61 0.38
C ILE A 141 9.05 -30.96 -0.34
N GLU A 142 8.06 -31.17 -1.19
CA GLU A 142 7.94 -32.39 -1.98
C GLU A 142 9.05 -32.49 -3.02
N GLU A 143 9.71 -31.36 -3.28
CA GLU A 143 10.81 -31.31 -4.23
C GLU A 143 12.12 -31.74 -3.59
N LEU A 144 12.23 -31.51 -2.28
CA LEU A 144 13.43 -31.86 -1.53
C LEU A 144 13.52 -33.36 -1.31
N GLU A 145 14.52 -33.98 -1.93
CA GLU A 145 14.71 -35.43 -1.83
C GLU A 145 13.42 -36.16 -2.22
N GLY A 146 12.48 -35.41 -2.79
CA GLY A 146 11.20 -35.96 -3.20
C GLY A 146 10.26 -36.24 -2.04
N ILE A 147 10.79 -36.34 -0.82
CA ILE A 147 9.96 -36.57 0.35
C ILE A 147 10.68 -36.16 1.64
N SER A 148 10.02 -35.28 2.40
CA SER A 148 10.57 -34.81 3.67
C SER A 148 9.48 -34.82 4.74
N GLU A 149 9.53 -35.78 5.67
CA GLU A 149 8.51 -35.80 6.72
C GLU A 149 8.78 -34.72 7.76
N ASP A 150 9.99 -34.72 8.30
CA ASP A 150 10.38 -33.75 9.31
C ASP A 150 10.20 -32.34 8.79
N GLU A 151 10.61 -32.13 7.56
CA GLU A 151 10.50 -30.83 6.92
C GLU A 151 9.05 -30.49 6.57
N LYS A 152 8.30 -31.48 6.08
CA LYS A 152 6.91 -31.25 5.70
C LYS A 152 6.04 -30.84 6.89
N LYS A 153 6.23 -31.51 8.01
CA LYS A 153 5.47 -31.20 9.21
C LYS A 153 5.86 -29.84 9.80
N ARG A 154 7.16 -29.61 9.93
CA ARG A 154 7.67 -28.37 10.47
C ARG A 154 7.50 -27.21 9.48
N ALA A 155 7.66 -27.51 8.19
CA ALA A 155 7.53 -26.50 7.16
C ALA A 155 6.07 -26.10 6.96
N LEU A 156 5.15 -27.05 7.13
CA LEU A 156 3.73 -26.77 6.99
C LEU A 156 3.30 -25.73 8.02
N GLU A 157 3.75 -25.93 9.25
CA GLU A 157 3.44 -24.99 10.33
C GLU A 157 3.96 -23.62 9.93
N ARG A 158 5.11 -23.61 9.29
CA ARG A 158 5.73 -22.38 8.82
C ARG A 158 4.84 -21.69 7.78
N LEU A 159 4.34 -22.47 6.83
CA LEU A 159 3.46 -21.94 5.78
C LEU A 159 2.08 -21.63 6.34
N GLN A 160 1.65 -22.42 7.32
CA GLN A 160 0.35 -22.23 7.95
C GLN A 160 0.36 -20.99 8.84
N LYS A 161 1.36 -20.91 9.71
CA LYS A 161 1.51 -19.78 10.61
C LYS A 161 1.70 -18.49 9.84
N LEU A 162 2.34 -18.60 8.67
CA LEU A 162 2.59 -17.43 7.82
C LEU A 162 1.29 -16.92 7.21
N THR A 163 0.47 -17.84 6.71
CA THR A 163 -0.80 -17.47 6.08
C THR A 163 -1.79 -16.96 7.13
N ASP A 164 -1.97 -17.72 8.21
CA ASP A 164 -2.87 -17.32 9.27
C ASP A 164 -2.44 -15.99 9.86
N LYS A 165 -1.13 -15.80 9.96
CA LYS A 165 -0.54 -14.57 10.47
C LYS A 165 -0.74 -13.43 9.47
N TYR A 166 -0.72 -13.79 8.20
CA TYR A 166 -0.90 -12.84 7.11
C TYR A 166 -2.33 -12.31 7.05
N ILE A 167 -3.30 -13.15 7.39
CA ILE A 167 -4.70 -12.74 7.37
C ILE A 167 -5.02 -11.75 8.49
N ASP A 168 -4.47 -12.04 9.67
CA ASP A 168 -4.70 -11.18 10.84
C ASP A 168 -4.28 -9.74 10.55
N GLU A 169 -3.09 -9.57 10.02
CA GLU A 169 -2.57 -8.24 9.71
C GLU A 169 -3.38 -7.56 8.61
N ILE A 170 -3.66 -8.29 7.54
CA ILE A 170 -4.42 -7.74 6.43
C ILE A 170 -5.89 -7.52 6.80
N ASN A 171 -6.53 -8.56 7.31
CA ASN A 171 -7.95 -8.46 7.69
C ASN A 171 -8.20 -7.29 8.63
N LYS A 172 -7.23 -6.98 9.47
CA LYS A 172 -7.37 -5.88 10.43
C LYS A 172 -7.36 -4.52 9.73
N LEU A 173 -6.50 -4.37 8.73
CA LEU A 173 -6.40 -3.12 8.00
C LEU A 173 -7.65 -2.85 7.17
N MET A 174 -8.14 -3.87 6.46
CA MET A 174 -9.33 -3.73 5.63
C MET A 174 -10.59 -3.60 6.48
N GLU A 175 -10.74 -4.48 7.47
CA GLU A 175 -11.91 -4.45 8.33
C GLU A 175 -12.12 -3.06 8.92
N ALA A 176 -11.02 -2.35 9.15
CA ALA A 176 -11.08 -1.01 9.70
C ALA A 176 -11.59 -0.01 8.66
N LYS A 177 -10.93 0.01 7.51
CA LYS A 177 -11.30 0.93 6.43
C LYS A 177 -12.76 0.75 6.02
N GLU A 178 -13.16 -0.49 5.77
CA GLU A 178 -14.54 -0.77 5.37
C GLU A 178 -15.54 -0.18 6.36
N LYS A 179 -15.35 -0.51 7.64
CA LYS A 179 -16.22 0.01 8.68
C LYS A 179 -16.03 1.52 8.81
N GLU A 180 -14.77 1.95 8.66
CA GLU A 180 -14.42 3.36 8.78
C GLU A 180 -15.51 4.26 8.17
N ILE A 181 -15.89 3.99 6.92
CA ILE A 181 -16.93 4.77 6.26
C ILE A 181 -18.32 4.34 6.73
N MET A 182 -18.43 3.08 7.14
CA MET A 182 -19.70 2.54 7.62
C MET A 182 -20.11 3.19 8.94
N SER A 183 -19.13 3.72 9.67
CA SER A 183 -19.40 4.38 10.94
C SER A 183 -19.78 5.83 10.72
N VAL A 184 -19.03 6.51 9.86
CA VAL A 184 -19.30 7.93 9.57
C VAL A 184 -20.37 8.07 8.49
N MET A 1 20.04 -30.94 10.05
CA MET A 1 20.11 -30.74 8.59
C MET A 1 19.16 -29.64 8.12
N ILE A 2 19.73 -28.50 7.76
CA ILE A 2 18.93 -27.37 7.29
C ILE A 2 19.34 -26.96 5.88
N LYS A 3 18.38 -27.02 4.96
CA LYS A 3 18.62 -26.65 3.57
C LYS A 3 17.32 -26.32 2.86
N GLU A 4 16.53 -27.35 2.54
CA GLU A 4 15.27 -27.19 1.86
C GLU A 4 14.36 -26.21 2.61
N LEU A 5 14.43 -26.26 3.94
CA LEU A 5 13.62 -25.40 4.78
C LEU A 5 13.90 -23.92 4.53
N GLU A 6 15.17 -23.53 4.59
CA GLU A 6 15.55 -22.13 4.42
C GLU A 6 15.00 -21.55 3.13
N ASP A 7 15.15 -22.26 2.02
CA ASP A 7 14.66 -21.77 0.73
C ASP A 7 13.16 -21.52 0.77
N ILE A 8 12.43 -22.32 1.55
CA ILE A 8 10.99 -22.14 1.66
C ILE A 8 10.67 -20.88 2.44
N PHE A 9 11.34 -20.70 3.56
CA PHE A 9 11.14 -19.52 4.41
C PHE A 9 11.54 -18.24 3.67
N LYS A 10 12.73 -18.28 3.07
CA LYS A 10 13.24 -17.13 2.33
C LYS A 10 12.29 -16.73 1.21
N GLU A 11 11.85 -17.71 0.43
CA GLU A 11 10.94 -17.45 -0.68
C GLU A 11 9.55 -17.10 -0.17
N ALA A 12 9.13 -17.72 0.91
CA ALA A 12 7.82 -17.48 1.49
C ALA A 12 7.65 -16.02 1.88
N GLU A 13 8.59 -15.52 2.70
CA GLU A 13 8.53 -14.13 3.14
C GLU A 13 8.70 -13.18 1.97
N LYS A 14 9.57 -13.55 1.03
CA LYS A 14 9.81 -12.71 -0.15
C LYS A 14 8.52 -12.48 -0.91
N ASP A 15 7.78 -13.56 -1.16
CA ASP A 15 6.52 -13.47 -1.89
C ASP A 15 5.44 -12.79 -1.03
N MET A 16 5.45 -13.08 0.27
CA MET A 16 4.46 -12.50 1.18
C MET A 16 4.73 -11.01 1.41
N LYS A 17 6.00 -10.66 1.59
CA LYS A 17 6.39 -9.27 1.84
C LYS A 17 6.13 -8.38 0.63
N LYS A 18 6.31 -8.92 -0.56
CA LYS A 18 6.08 -8.17 -1.79
C LYS A 18 4.59 -7.87 -1.96
N ALA A 19 3.77 -8.86 -1.63
CA ALA A 19 2.33 -8.74 -1.76
C ALA A 19 1.75 -7.68 -0.83
N VAL A 20 2.30 -7.57 0.38
CA VAL A 20 1.81 -6.61 1.36
C VAL A 20 2.18 -5.18 0.98
N GLU A 21 3.43 -4.97 0.58
CA GLU A 21 3.88 -3.63 0.19
C GLU A 21 3.00 -3.06 -0.91
N TYR A 22 2.78 -3.87 -1.94
CA TYR A 22 1.95 -3.47 -3.06
C TYR A 22 0.48 -3.38 -2.64
N TYR A 23 0.07 -4.33 -1.81
CA TYR A 23 -1.31 -4.39 -1.33
C TYR A 23 -1.65 -3.17 -0.48
N LYS A 24 -0.77 -2.84 0.47
CA LYS A 24 -0.98 -1.69 1.34
C LYS A 24 -0.86 -0.39 0.56
N ASN A 25 -0.01 -0.42 -0.46
CA ASN A 25 0.22 0.74 -1.31
C ASN A 25 -1.07 1.19 -2.01
N GLU A 26 -1.87 0.22 -2.45
CA GLU A 26 -3.10 0.52 -3.14
C GLU A 26 -4.20 0.99 -2.19
N ILE A 27 -4.22 0.45 -0.98
CA ILE A 27 -5.23 0.84 0.01
C ILE A 27 -4.78 2.06 0.82
N ALA A 28 -3.48 2.31 0.83
CA ALA A 28 -2.93 3.45 1.56
C ALA A 28 -3.10 4.73 0.75
N GLY A 29 -3.05 4.60 -0.58
CA GLY A 29 -3.16 5.76 -1.44
C GLY A 29 -4.41 5.76 -2.33
N LEU A 30 -5.29 4.79 -2.15
CA LEU A 30 -6.51 4.72 -2.95
C LEU A 30 -7.24 6.06 -2.92
N ARG A 31 -7.93 6.38 -4.01
CA ARG A 31 -8.67 7.62 -4.11
C ARG A 31 -9.76 7.70 -3.05
N THR A 32 -9.38 8.05 -1.82
CA THR A 32 -10.31 8.16 -0.72
C THR A 32 -10.76 9.60 -0.51
N SER A 33 -11.95 9.77 0.06
CA SER A 33 -12.50 11.10 0.31
C SER A 33 -11.54 11.93 1.17
N ARG A 34 -10.73 11.25 1.98
CA ARG A 34 -9.78 11.94 2.85
C ARG A 34 -8.60 12.46 2.05
N ALA A 35 -8.29 13.75 2.23
CA ALA A 35 -7.18 14.38 1.55
C ALA A 35 -5.86 13.90 2.13
N SER A 36 -5.58 12.61 1.93
CA SER A 36 -4.37 12.00 2.45
C SER A 36 -3.17 12.27 1.55
N THR A 37 -2.02 12.46 2.17
CA THR A 37 -0.79 12.74 1.45
C THR A 37 -0.25 11.51 0.70
N ALA A 38 -0.66 10.31 1.11
CA ALA A 38 -0.15 9.09 0.48
C ALA A 38 -0.64 8.90 -0.96
N LEU A 39 -1.97 8.90 -1.14
CA LEU A 39 -2.56 8.70 -2.48
C LEU A 39 -1.64 9.19 -3.59
N VAL A 40 -1.05 10.36 -3.39
CA VAL A 40 -0.12 10.93 -4.36
C VAL A 40 0.92 9.89 -4.77
N GLU A 41 1.67 9.45 -3.76
CA GLU A 41 2.74 8.45 -3.92
C GLU A 41 4.00 8.94 -3.22
N GLU A 42 4.61 9.96 -3.81
CA GLU A 42 5.82 10.55 -3.27
C GLU A 42 6.06 11.94 -3.85
N ILE A 43 4.97 12.57 -4.28
CA ILE A 43 5.03 13.92 -4.86
C ILE A 43 6.37 14.20 -5.54
N LYS A 44 6.83 13.25 -6.33
CA LYS A 44 8.12 13.37 -7.03
C LYS A 44 8.28 14.75 -7.65
N VAL A 45 8.93 15.65 -6.92
CA VAL A 45 9.17 17.01 -7.39
C VAL A 45 10.60 17.18 -7.88
N GLU A 46 10.75 17.73 -9.08
CA GLU A 46 12.06 17.94 -9.66
C GLU A 46 12.84 19.01 -8.91
N TYR A 47 14.04 18.65 -8.47
CA TYR A 47 14.89 19.56 -7.73
C TYR A 47 16.30 19.60 -8.33
N TYR A 48 16.54 20.55 -9.22
CA TYR A 48 17.83 20.68 -9.87
C TYR A 48 18.15 19.43 -10.70
N GLY A 49 17.11 18.80 -11.22
CA GLY A 49 17.31 17.61 -12.02
C GLY A 49 17.22 16.33 -11.20
N SER A 50 16.56 16.41 -10.05
CA SER A 50 16.42 15.25 -9.17
C SER A 50 14.98 15.09 -8.72
N LYS A 51 14.52 13.84 -8.66
CA LYS A 51 13.15 13.56 -8.23
C LYS A 51 13.11 13.18 -6.75
N VAL A 52 12.50 14.04 -5.95
CA VAL A 52 12.39 13.81 -4.51
C VAL A 52 11.01 14.21 -3.99
N PRO A 53 10.53 13.53 -2.94
CA PRO A 53 9.22 13.83 -2.34
C PRO A 53 9.26 15.05 -1.44
N ILE A 54 8.09 15.59 -1.12
CA ILE A 54 7.99 16.76 -0.26
C ILE A 54 8.58 16.46 1.12
N LYS A 55 8.49 15.19 1.53
CA LYS A 55 9.00 14.74 2.82
C LYS A 55 10.38 15.35 3.11
N GLN A 56 11.13 15.62 2.05
CA GLN A 56 12.46 16.21 2.17
C GLN A 56 12.59 17.43 1.27
N LEU A 57 11.46 18.08 1.02
CA LEU A 57 11.43 19.27 0.17
C LEU A 57 10.61 20.38 0.84
N GLY A 58 9.38 20.06 1.23
CA GLY A 58 8.53 21.05 1.86
C GLY A 58 7.70 20.46 2.98
N THR A 59 6.57 21.10 3.27
CA THR A 59 5.68 20.65 4.32
C THR A 59 4.26 20.48 3.79
N ILE A 60 3.80 19.23 3.72
CA ILE A 60 2.46 18.95 3.23
C ILE A 60 1.52 18.64 4.39
N SER A 61 0.50 19.49 4.57
CA SER A 61 -0.46 19.30 5.65
C SER A 61 -1.89 19.40 5.14
N VAL A 62 -2.79 18.70 5.82
CA VAL A 62 -4.21 18.70 5.46
C VAL A 62 -4.99 19.67 6.35
N PRO A 63 -5.86 20.51 5.75
CA PRO A 63 -6.64 21.51 6.49
C PRO A 63 -7.85 20.92 7.21
N GLU A 64 -8.84 20.44 6.45
CA GLU A 64 -10.05 19.89 7.05
C GLU A 64 -10.28 18.43 6.70
N HIS A 65 -9.20 17.70 6.47
CA HIS A 65 -9.28 16.29 6.13
C HIS A 65 -9.99 16.06 4.79
N ASN A 66 -10.23 17.15 4.06
CA ASN A 66 -10.90 17.06 2.76
C ASN A 66 -10.12 17.84 1.70
N GLN A 67 -8.92 18.28 2.07
CA GLN A 67 -8.07 19.03 1.17
C GLN A 67 -6.60 18.72 1.44
N ILE A 68 -5.78 18.76 0.40
CA ILE A 68 -4.36 18.48 0.54
C ILE A 68 -3.55 19.70 0.11
N VAL A 69 -2.61 20.13 0.94
CA VAL A 69 -1.81 21.31 0.63
C VAL A 69 -0.31 21.05 0.72
N ILE A 70 0.40 21.36 -0.36
CA ILE A 70 1.85 21.17 -0.42
C ILE A 70 2.58 22.52 -0.39
N GLN A 71 3.60 22.62 0.45
CA GLN A 71 4.38 23.85 0.55
C GLN A 71 5.87 23.57 0.61
N VAL A 72 6.60 23.87 -0.47
CA VAL A 72 8.03 23.64 -0.51
C VAL A 72 8.80 24.93 -0.32
N TRP A 73 9.66 24.95 0.70
CA TRP A 73 10.46 26.13 1.03
C TRP A 73 11.05 26.80 -0.22
N ASP A 74 11.31 26.00 -1.25
CA ASP A 74 11.87 26.53 -2.48
C ASP A 74 10.77 26.76 -3.51
N GLN A 75 10.70 27.99 -4.00
CA GLN A 75 9.69 28.34 -5.00
C GLN A 75 9.94 27.58 -6.30
N ASN A 76 11.14 27.04 -6.44
CA ASN A 76 11.51 26.28 -7.64
C ASN A 76 10.83 24.92 -7.68
N ALA A 77 10.37 24.45 -6.52
CA ALA A 77 9.72 23.16 -6.43
C ALA A 77 8.19 23.28 -6.52
N VAL A 78 7.67 24.43 -6.12
CA VAL A 78 6.23 24.66 -6.15
C VAL A 78 5.61 24.27 -7.49
N PRO A 79 6.20 24.72 -8.62
CA PRO A 79 5.70 24.40 -9.96
C PRO A 79 5.83 22.91 -10.27
N ALA A 80 6.94 22.33 -9.85
CA ALA A 80 7.21 20.91 -10.09
C ALA A 80 6.21 20.02 -9.37
N ILE A 81 5.91 20.36 -8.12
CA ILE A 81 4.98 19.58 -7.32
C ILE A 81 3.61 19.51 -7.97
N GLU A 82 3.05 20.65 -8.32
CA GLU A 82 1.73 20.70 -8.95
C GLU A 82 1.65 19.72 -10.11
N LYS A 83 2.69 19.70 -10.92
CA LYS A 83 2.75 18.77 -12.05
C LYS A 83 2.75 17.34 -11.55
N ALA A 84 3.36 17.14 -10.38
CA ALA A 84 3.45 15.82 -9.77
C ALA A 84 2.13 15.40 -9.12
N ILE A 85 1.57 16.30 -8.30
CA ILE A 85 0.32 16.01 -7.62
C ILE A 85 -0.83 15.77 -8.60
N ARG A 86 -0.95 16.66 -9.58
CA ARG A 86 -2.00 16.53 -10.59
C ARG A 86 -1.79 15.27 -11.41
N GLU A 87 -0.53 14.91 -11.61
CA GLU A 87 -0.16 13.73 -12.38
C GLU A 87 -0.47 12.46 -11.59
N GLU A 88 -0.22 12.52 -10.29
CA GLU A 88 -0.45 11.37 -9.41
C GLU A 88 -1.90 11.26 -8.97
N LEU A 89 -2.51 12.38 -8.59
CA LEU A 89 -3.90 12.38 -8.13
C LEU A 89 -4.88 12.54 -9.29
N ASN A 90 -4.42 13.13 -10.38
CA ASN A 90 -5.27 13.33 -11.55
C ASN A 90 -6.42 14.29 -11.23
N LEU A 91 -6.11 15.37 -10.53
CA LEU A 91 -7.12 16.37 -10.18
C LEU A 91 -6.67 17.76 -10.60
N ASN A 92 -7.45 18.78 -10.21
CA ASN A 92 -7.12 20.16 -10.56
C ASN A 92 -6.62 20.93 -9.33
N PRO A 93 -5.29 20.98 -9.13
CA PRO A 93 -4.70 21.68 -7.99
C PRO A 93 -4.53 23.18 -8.24
N THR A 94 -4.40 23.95 -7.17
CA THR A 94 -4.23 25.39 -7.27
C THR A 94 -2.94 25.83 -6.60
N VAL A 95 -2.15 26.63 -7.31
CA VAL A 95 -0.88 27.12 -6.78
C VAL A 95 -0.93 28.62 -6.54
N GLN A 96 -0.74 29.02 -5.28
CA GLN A 96 -0.76 30.43 -4.92
C GLN A 96 0.50 30.81 -4.13
N GLY A 97 1.25 31.76 -4.67
CA GLY A 97 2.47 32.19 -4.02
C GLY A 97 3.55 31.13 -4.05
N ASN A 98 3.43 30.14 -3.16
CA ASN A 98 4.40 29.06 -3.10
C ASN A 98 3.77 27.82 -2.45
N VAL A 99 2.44 27.73 -2.53
CA VAL A 99 1.71 26.61 -1.95
C VAL A 99 0.77 26.00 -2.97
N ILE A 100 0.51 24.70 -2.84
CA ILE A 100 -0.39 24.01 -3.75
C ILE A 100 -1.53 23.36 -2.97
N ARG A 101 -2.76 23.79 -3.23
CA ARG A 101 -3.91 23.23 -2.54
C ARG A 101 -4.72 22.34 -3.47
N VAL A 102 -5.16 21.20 -2.96
CA VAL A 102 -5.95 20.26 -3.74
C VAL A 102 -7.20 19.84 -2.99
N THR A 103 -8.35 20.07 -3.61
CA THR A 103 -9.63 19.70 -3.00
C THR A 103 -10.33 18.66 -3.85
N LEU A 104 -10.78 17.59 -3.21
CA LEU A 104 -11.46 16.52 -3.93
C LEU A 104 -12.97 16.76 -3.94
N PRO A 105 -13.64 16.44 -5.07
CA PRO A 105 -15.09 16.64 -5.21
C PRO A 105 -15.88 15.82 -4.20
N PRO A 106 -17.04 16.36 -3.75
CA PRO A 106 -17.90 15.68 -2.78
C PRO A 106 -18.29 14.28 -3.24
N LEU A 107 -17.92 13.28 -2.44
CA LEU A 107 -18.23 11.89 -2.77
C LEU A 107 -19.52 11.44 -2.08
N THR A 108 -20.55 11.19 -2.87
CA THR A 108 -21.84 10.76 -2.33
C THR A 108 -21.79 9.29 -1.93
N GLU A 109 -22.92 8.79 -1.44
CA GLU A 109 -23.03 7.39 -1.01
C GLU A 109 -22.56 6.45 -2.11
N GLU A 110 -22.76 6.86 -3.36
CA GLU A 110 -22.35 6.06 -4.51
C GLU A 110 -20.84 5.83 -4.51
N ARG A 111 -20.09 6.91 -4.29
CA ARG A 111 -18.64 6.84 -4.27
C ARG A 111 -18.15 6.11 -3.02
N ARG A 112 -18.75 6.41 -1.88
CA ARG A 112 -18.36 5.78 -0.63
C ARG A 112 -18.47 4.26 -0.73
N ARG A 113 -19.61 3.79 -1.24
CA ARG A 113 -19.86 2.37 -1.39
C ARG A 113 -18.77 1.72 -2.25
N GLU A 114 -18.32 2.45 -3.28
CA GLU A 114 -17.28 1.95 -4.17
C GLU A 114 -15.96 1.76 -3.44
N LEU A 115 -15.64 2.67 -2.53
CA LEU A 115 -14.39 2.58 -1.78
C LEU A 115 -14.33 1.28 -0.99
N VAL A 116 -15.40 0.97 -0.27
CA VAL A 116 -15.47 -0.26 0.51
C VAL A 116 -15.23 -1.48 -0.37
N ARG A 117 -15.89 -1.49 -1.52
CA ARG A 117 -15.73 -2.60 -2.47
C ARG A 117 -14.30 -2.61 -2.98
N LEU A 118 -13.89 -1.49 -3.55
CA LEU A 118 -12.56 -1.36 -4.12
C LEU A 118 -11.47 -1.73 -3.12
N LEU A 119 -11.70 -1.41 -1.85
CA LEU A 119 -10.76 -1.81 -0.81
C LEU A 119 -10.93 -3.31 -0.62
N HIS A 120 -12.20 -3.69 -0.58
CA HIS A 120 -12.61 -5.07 -0.39
C HIS A 120 -11.99 -5.95 -1.48
N LYS A 121 -11.81 -5.39 -2.68
CA LYS A 121 -11.19 -6.12 -3.78
C LYS A 121 -9.70 -6.29 -3.52
N ILE A 122 -9.12 -5.31 -2.83
CA ILE A 122 -7.70 -5.34 -2.48
C ILE A 122 -7.42 -6.42 -1.43
N THR A 123 -8.33 -6.52 -0.46
CA THR A 123 -8.19 -7.49 0.62
C THR A 123 -8.07 -8.91 0.08
N GLU A 124 -9.01 -9.29 -0.78
CA GLU A 124 -9.00 -10.63 -1.36
C GLU A 124 -7.72 -10.87 -2.17
N GLU A 125 -7.25 -9.81 -2.82
CA GLU A 125 -6.04 -9.89 -3.62
C GLU A 125 -4.85 -10.36 -2.76
N ALA A 126 -4.85 -9.95 -1.50
CA ALA A 126 -3.80 -10.34 -0.57
C ALA A 126 -3.88 -11.83 -0.27
N ARG A 127 -5.08 -12.28 0.07
CA ARG A 127 -5.30 -13.69 0.40
C ARG A 127 -4.94 -14.56 -0.80
N VAL A 128 -5.33 -14.09 -1.98
CA VAL A 128 -5.03 -14.80 -3.23
C VAL A 128 -3.53 -14.98 -3.38
N ARG A 129 -2.79 -13.97 -2.93
CA ARG A 129 -1.33 -14.01 -2.98
C ARG A 129 -0.78 -15.03 -1.99
N VAL A 130 -1.34 -15.02 -0.77
CA VAL A 130 -0.89 -15.94 0.27
C VAL A 130 -1.30 -17.39 -0.01
N ARG A 131 -2.59 -17.59 -0.29
CA ARG A 131 -3.10 -18.93 -0.58
C ARG A 131 -2.43 -19.51 -1.82
N ASN A 132 -2.05 -18.65 -2.75
CA ASN A 132 -1.37 -19.05 -3.96
C ASN A 132 0.07 -19.49 -3.66
N VAL A 133 0.65 -18.89 -2.63
CA VAL A 133 2.00 -19.25 -2.19
C VAL A 133 1.97 -20.60 -1.49
N ARG A 134 1.07 -20.72 -0.52
CA ARG A 134 0.91 -21.95 0.25
C ARG A 134 0.64 -23.13 -0.67
N ARG A 135 -0.24 -22.94 -1.64
CA ARG A 135 -0.56 -24.01 -2.58
C ARG A 135 0.71 -24.60 -3.16
N GLU A 136 1.57 -23.73 -3.69
CA GLU A 136 2.85 -24.16 -4.25
C GLU A 136 3.83 -24.51 -3.13
N ALA A 137 3.64 -23.86 -1.97
CA ALA A 137 4.51 -24.09 -0.82
C ALA A 137 4.53 -25.56 -0.43
N LYS A 138 3.37 -26.18 -0.35
CA LYS A 138 3.27 -27.60 0.00
C LYS A 138 3.83 -28.45 -1.15
N GLU A 139 3.48 -28.06 -2.37
CA GLU A 139 3.95 -28.74 -3.57
C GLU A 139 5.47 -28.68 -3.68
N MET A 140 6.04 -27.59 -3.16
CA MET A 140 7.49 -27.40 -3.20
C MET A 140 8.20 -28.38 -2.27
N ILE A 141 7.70 -28.51 -1.04
CA ILE A 141 8.28 -29.43 -0.06
C ILE A 141 7.99 -30.87 -0.45
N GLU A 142 6.84 -31.07 -1.05
CA GLU A 142 6.39 -32.39 -1.49
C GLU A 142 7.14 -32.85 -2.75
N GLU A 143 7.81 -31.92 -3.43
CA GLU A 143 8.57 -32.24 -4.63
C GLU A 143 10.06 -32.39 -4.32
N LEU A 144 10.48 -31.91 -3.15
CA LEU A 144 11.87 -32.01 -2.75
C LEU A 144 12.18 -33.41 -2.23
N GLU A 145 13.01 -34.14 -2.95
CA GLU A 145 13.35 -35.52 -2.57
C GLU A 145 12.13 -36.44 -2.72
N GLY A 146 10.94 -35.85 -2.64
CA GLY A 146 9.71 -36.60 -2.76
C GLY A 146 9.06 -36.87 -1.42
N ILE A 147 9.84 -36.75 -0.35
CA ILE A 147 9.32 -36.96 1.00
C ILE A 147 10.23 -36.28 2.03
N SER A 148 9.64 -35.41 2.84
CA SER A 148 10.37 -34.70 3.88
C SER A 148 9.61 -34.72 5.20
N GLU A 149 9.94 -35.62 6.11
CA GLU A 149 9.25 -35.65 7.39
C GLU A 149 9.74 -34.51 8.28
N ASP A 150 11.07 -34.46 8.44
CA ASP A 150 11.70 -33.45 9.29
C ASP A 150 11.58 -32.05 8.68
N GLU A 151 11.71 -31.95 7.36
CA GLU A 151 11.62 -30.66 6.69
C GLU A 151 10.19 -30.13 6.65
N LYS A 152 9.26 -30.99 6.23
CA LYS A 152 7.85 -30.61 6.14
C LYS A 152 7.26 -30.30 7.50
N LYS A 153 7.72 -31.03 8.51
CA LYS A 153 7.23 -30.83 9.88
C LYS A 153 7.60 -29.44 10.38
N ARG A 154 8.89 -29.11 10.26
CA ARG A 154 9.39 -27.80 10.69
C ARG A 154 8.98 -26.72 9.70
N ALA A 155 8.91 -27.08 8.43
CA ALA A 155 8.55 -26.14 7.37
C ALA A 155 7.06 -25.76 7.43
N LEU A 156 6.21 -26.72 7.78
CA LEU A 156 4.79 -26.46 7.87
C LEU A 156 4.49 -25.47 8.98
N GLU A 157 5.09 -25.70 10.14
CA GLU A 157 4.91 -24.80 11.28
C GLU A 157 5.36 -23.41 10.87
N ARG A 158 6.46 -23.37 10.13
CA ARG A 158 7.01 -22.10 9.65
C ARG A 158 6.05 -21.43 8.67
N LEU A 159 5.65 -22.18 7.64
CA LEU A 159 4.71 -21.69 6.64
C LEU A 159 3.38 -21.33 7.29
N GLN A 160 3.02 -22.08 8.32
CA GLN A 160 1.78 -21.83 9.05
C GLN A 160 1.91 -20.58 9.91
N LYS A 161 3.08 -20.43 10.52
CA LYS A 161 3.34 -19.29 11.40
C LYS A 161 3.38 -17.96 10.64
N LEU A 162 4.07 -17.93 9.49
CA LEU A 162 4.16 -16.70 8.72
C LEU A 162 2.82 -16.37 8.04
N THR A 163 2.14 -17.39 7.52
CA THR A 163 0.86 -17.17 6.85
C THR A 163 -0.16 -16.59 7.82
N ASP A 164 -0.27 -17.19 9.00
CA ASP A 164 -1.21 -16.73 10.02
C ASP A 164 -0.88 -15.28 10.41
N LYS A 165 0.40 -14.95 10.34
CA LYS A 165 0.89 -13.61 10.64
C LYS A 165 0.47 -12.63 9.54
N TYR A 166 0.38 -13.14 8.32
CA TYR A 166 -0.02 -12.35 7.16
C TYR A 166 -1.49 -11.94 7.25
N ILE A 167 -2.31 -12.84 7.77
CA ILE A 167 -3.74 -12.58 7.92
C ILE A 167 -4.02 -11.53 8.99
N ASP A 168 -3.28 -11.61 10.09
CA ASP A 168 -3.46 -10.67 11.19
C ASP A 168 -3.20 -9.23 10.75
N GLU A 169 -2.13 -9.05 9.97
CA GLU A 169 -1.78 -7.72 9.49
C GLU A 169 -2.84 -7.17 8.54
N ILE A 170 -3.27 -7.99 7.60
CA ILE A 170 -4.28 -7.59 6.62
C ILE A 170 -5.64 -7.37 7.29
N ASN A 171 -6.13 -8.37 8.00
CA ASN A 171 -7.43 -8.30 8.67
C ASN A 171 -7.49 -7.12 9.64
N LYS A 172 -6.36 -6.78 10.24
CA LYS A 172 -6.32 -5.68 11.20
C LYS A 172 -6.57 -4.34 10.49
N LEU A 173 -6.00 -4.18 9.30
CA LEU A 173 -6.16 -2.96 8.54
C LEU A 173 -7.60 -2.82 8.03
N MET A 174 -8.15 -3.91 7.51
CA MET A 174 -9.51 -3.90 6.97
C MET A 174 -10.52 -3.60 8.07
N GLU A 175 -10.42 -4.31 9.19
CA GLU A 175 -11.34 -4.11 10.30
C GLU A 175 -11.40 -2.63 10.70
N ALA A 176 -10.24 -1.98 10.69
CA ALA A 176 -10.16 -0.57 11.04
C ALA A 176 -10.90 0.29 10.02
N LYS A 177 -10.49 0.20 8.76
CA LYS A 177 -11.10 0.99 7.68
C LYS A 177 -12.62 0.80 7.66
N GLU A 178 -13.08 -0.43 7.83
CA GLU A 178 -14.51 -0.70 7.82
C GLU A 178 -15.23 0.19 8.83
N LYS A 179 -14.65 0.33 10.00
CA LYS A 179 -15.21 1.19 11.06
C LYS A 179 -15.35 2.63 10.56
N GLU A 180 -14.42 3.03 9.69
CA GLU A 180 -14.45 4.37 9.13
C GLU A 180 -15.36 4.43 7.89
N ILE A 181 -15.10 3.52 6.96
CA ILE A 181 -15.89 3.48 5.73
C ILE A 181 -17.37 3.38 6.04
N MET A 182 -17.75 2.42 6.88
CA MET A 182 -19.14 2.23 7.25
C MET A 182 -19.66 3.43 8.02
N SER A 183 -18.78 4.09 8.76
CA SER A 183 -19.16 5.27 9.54
C SER A 183 -19.29 6.50 8.64
N VAL A 184 -18.15 7.04 8.22
CA VAL A 184 -18.14 8.21 7.36
C VAL A 184 -18.58 7.86 5.94
N MET A 1 16.89 -30.75 16.86
CA MET A 1 17.76 -30.10 15.84
C MET A 1 16.98 -29.09 15.02
N ILE A 2 17.57 -28.64 13.91
CA ILE A 2 16.94 -27.67 13.04
C ILE A 2 16.67 -28.26 11.66
N LYS A 3 15.39 -28.44 11.35
CA LYS A 3 15.01 -29.00 10.06
C LYS A 3 14.96 -27.92 8.98
N GLU A 4 15.00 -28.34 7.72
CA GLU A 4 14.97 -27.41 6.60
C GLU A 4 13.70 -26.56 6.63
N LEU A 5 12.68 -27.05 7.33
CA LEU A 5 11.40 -26.33 7.43
C LEU A 5 11.61 -24.90 7.93
N GLU A 6 12.57 -24.71 8.82
CA GLU A 6 12.84 -23.39 9.39
C GLU A 6 13.07 -22.36 8.30
N ASP A 7 13.86 -22.70 7.29
CA ASP A 7 14.13 -21.76 6.21
C ASP A 7 12.87 -21.53 5.38
N ILE A 8 12.05 -22.57 5.26
CA ILE A 8 10.81 -22.48 4.52
C ILE A 8 9.81 -21.59 5.26
N PHE A 9 9.67 -21.84 6.55
CA PHE A 9 8.76 -21.06 7.39
C PHE A 9 9.25 -19.62 7.53
N LYS A 10 10.56 -19.45 7.55
CA LYS A 10 11.16 -18.13 7.68
C LYS A 10 11.02 -17.32 6.39
N GLU A 11 11.16 -18.00 5.26
CA GLU A 11 11.03 -17.36 3.96
C GLU A 11 9.58 -16.98 3.67
N ALA A 12 8.65 -17.77 4.21
CA ALA A 12 7.24 -17.52 4.00
C ALA A 12 6.79 -16.24 4.71
N GLU A 13 7.09 -16.15 6.01
CA GLU A 13 6.73 -14.98 6.78
C GLU A 13 7.44 -13.75 6.25
N LYS A 14 8.69 -13.93 5.83
CA LYS A 14 9.48 -12.82 5.28
C LYS A 14 8.79 -12.26 4.03
N ASP A 15 8.39 -13.15 3.13
CA ASP A 15 7.72 -12.73 1.91
C ASP A 15 6.41 -12.03 2.23
N MET A 16 5.61 -12.66 3.10
CA MET A 16 4.33 -12.09 3.49
C MET A 16 4.55 -10.72 4.15
N LYS A 17 5.63 -10.60 4.90
CA LYS A 17 5.95 -9.35 5.60
C LYS A 17 6.31 -8.24 4.61
N LYS A 18 7.07 -8.59 3.56
CA LYS A 18 7.45 -7.60 2.56
C LYS A 18 6.24 -7.18 1.73
N ALA A 19 5.44 -8.16 1.31
CA ALA A 19 4.26 -7.89 0.50
C ALA A 19 3.25 -7.04 1.24
N VAL A 20 2.96 -7.40 2.49
CA VAL A 20 2.01 -6.65 3.29
C VAL A 20 2.46 -5.21 3.49
N GLU A 21 3.77 -5.01 3.59
CA GLU A 21 4.32 -3.67 3.78
C GLU A 21 4.01 -2.80 2.57
N TYR A 22 4.29 -3.34 1.38
CA TYR A 22 4.02 -2.63 0.14
C TYR A 22 2.52 -2.53 -0.09
N TYR A 23 1.83 -3.65 0.15
CA TYR A 23 0.39 -3.72 -0.02
C TYR A 23 -0.30 -2.67 0.85
N LYS A 24 0.10 -2.62 2.12
CA LYS A 24 -0.47 -1.65 3.05
C LYS A 24 -0.16 -0.23 2.60
N ASN A 25 1.00 -0.07 1.96
CA ASN A 25 1.43 1.23 1.47
C ASN A 25 0.39 1.81 0.51
N GLU A 26 -0.24 0.93 -0.27
CA GLU A 26 -1.26 1.35 -1.22
C GLU A 26 -2.55 1.69 -0.50
N ILE A 27 -2.80 0.98 0.61
CA ILE A 27 -4.01 1.22 1.40
C ILE A 27 -3.80 2.38 2.36
N ALA A 28 -2.54 2.67 2.67
CA ALA A 28 -2.20 3.79 3.54
C ALA A 28 -2.22 5.10 2.77
N GLY A 29 -1.91 5.02 1.47
CA GLY A 29 -1.86 6.21 0.65
C GLY A 29 -3.00 6.33 -0.34
N LEU A 30 -3.93 5.36 -0.34
CA LEU A 30 -5.06 5.43 -1.26
C LEU A 30 -5.87 6.69 -0.99
N ARG A 31 -6.47 7.25 -2.04
CA ARG A 31 -7.26 8.48 -1.91
C ARG A 31 -8.31 8.33 -0.80
N THR A 32 -7.91 8.60 0.43
CA THR A 32 -8.81 8.50 1.57
C THR A 32 -9.42 9.85 1.92
N SER A 33 -10.56 9.82 2.58
CA SER A 33 -11.25 11.04 2.99
C SER A 33 -10.40 11.84 3.97
N ARG A 34 -9.40 11.19 4.57
CA ARG A 34 -8.52 11.86 5.51
C ARG A 34 -7.34 12.50 4.78
N ALA A 35 -6.98 13.70 5.20
CA ALA A 35 -5.87 14.42 4.60
C ALA A 35 -4.55 13.86 5.08
N SER A 36 -4.16 12.72 4.51
CA SER A 36 -2.92 12.07 4.90
C SER A 36 -1.77 12.47 3.97
N THR A 37 -0.62 12.73 4.55
CA THR A 37 0.55 13.12 3.76
C THR A 37 1.12 11.93 2.98
N ALA A 38 0.82 10.71 3.43
CA ALA A 38 1.36 9.51 2.80
C ALA A 38 0.89 9.34 1.35
N LEU A 39 -0.42 9.32 1.12
CA LEU A 39 -0.98 9.13 -0.22
C LEU A 39 0.01 9.61 -1.26
N VAL A 40 0.52 10.81 -1.03
CA VAL A 40 1.51 11.37 -1.90
C VAL A 40 2.79 11.65 -1.14
N GLU A 41 3.78 10.84 -1.44
CA GLU A 41 5.09 10.97 -0.82
C GLU A 41 6.12 11.39 -1.85
N GLU A 42 5.72 11.46 -3.11
CA GLU A 42 6.63 11.84 -4.19
C GLU A 42 6.03 12.92 -5.09
N ILE A 43 4.71 13.08 -5.05
CA ILE A 43 4.03 14.09 -5.87
C ILE A 43 4.65 14.18 -7.27
N LYS A 44 5.17 13.06 -7.76
CA LYS A 44 5.82 12.96 -9.08
C LYS A 44 5.92 14.31 -9.79
N VAL A 45 6.92 15.11 -9.41
CA VAL A 45 7.12 16.42 -10.01
C VAL A 45 8.26 16.40 -11.00
N GLU A 46 8.00 16.95 -12.19
CA GLU A 46 9.01 16.99 -13.26
C GLU A 46 10.15 17.93 -12.89
N TYR A 47 11.38 17.51 -13.21
CA TYR A 47 12.56 18.31 -12.92
C TYR A 47 13.52 18.27 -14.10
N TYR A 48 13.57 19.38 -14.85
CA TYR A 48 14.44 19.48 -16.00
C TYR A 48 14.05 18.46 -17.08
N GLY A 49 12.78 18.07 -17.09
CA GLY A 49 12.31 17.11 -18.07
C GLY A 49 12.36 15.68 -17.57
N SER A 50 12.50 15.51 -16.26
CA SER A 50 12.57 14.18 -15.66
C SER A 50 11.58 14.05 -14.51
N LYS A 51 11.04 12.86 -14.32
CA LYS A 51 10.09 12.60 -13.25
C LYS A 51 10.82 12.19 -11.97
N VAL A 52 10.60 12.94 -10.90
CA VAL A 52 11.25 12.66 -9.63
C VAL A 52 10.32 12.96 -8.46
N PRO A 53 10.53 12.28 -7.32
CA PRO A 53 9.71 12.48 -6.12
C PRO A 53 10.09 13.73 -5.36
N ILE A 54 9.16 14.27 -4.58
CA ILE A 54 9.41 15.47 -3.80
C ILE A 54 10.57 15.22 -2.81
N LYS A 55 10.23 14.97 -1.55
CA LYS A 55 11.23 14.70 -0.51
C LYS A 55 12.10 15.94 -0.21
N GLN A 56 12.80 16.43 -1.22
CA GLN A 56 13.65 17.60 -1.06
C GLN A 56 13.14 18.74 -1.93
N LEU A 57 12.49 18.39 -3.02
CA LEU A 57 11.94 19.35 -3.96
C LEU A 57 10.98 20.29 -3.24
N GLY A 58 10.14 19.73 -2.37
CA GLY A 58 9.18 20.55 -1.66
C GLY A 58 8.87 20.03 -0.27
N THR A 59 7.87 20.63 0.36
CA THR A 59 7.47 20.25 1.71
C THR A 59 5.96 20.13 1.81
N ILE A 60 5.48 19.02 2.36
CA ILE A 60 4.04 18.79 2.51
C ILE A 60 3.63 18.86 3.98
N SER A 61 2.60 19.65 4.26
CA SER A 61 2.11 19.80 5.63
C SER A 61 0.59 19.67 5.69
N VAL A 62 0.09 19.31 6.87
CA VAL A 62 -1.34 19.15 7.07
C VAL A 62 -1.81 19.91 8.31
N PRO A 63 -2.54 21.03 8.12
CA PRO A 63 -3.05 21.84 9.24
C PRO A 63 -3.92 21.01 10.16
N GLU A 64 -4.92 20.36 9.58
CA GLU A 64 -5.84 19.51 10.34
C GLU A 64 -6.04 18.18 9.61
N HIS A 65 -6.58 17.19 10.31
CA HIS A 65 -6.80 15.88 9.70
C HIS A 65 -7.93 15.91 8.67
N ASN A 66 -7.99 16.98 7.87
CA ASN A 66 -9.01 17.10 6.85
C ASN A 66 -8.52 17.92 5.65
N GLN A 67 -7.24 18.29 5.64
CA GLN A 67 -6.68 19.06 4.54
C GLN A 67 -5.21 18.75 4.33
N ILE A 68 -4.79 18.75 3.06
CA ILE A 68 -3.40 18.47 2.70
C ILE A 68 -2.84 19.62 1.88
N VAL A 69 -1.65 20.08 2.23
CA VAL A 69 -1.02 21.20 1.53
C VAL A 69 0.41 20.88 1.12
N ILE A 70 0.70 21.05 -0.17
CA ILE A 70 2.04 20.79 -0.68
C ILE A 70 2.72 22.11 -1.03
N GLN A 71 3.91 22.34 -0.47
CA GLN A 71 4.63 23.57 -0.73
C GLN A 71 6.05 23.29 -1.21
N VAL A 72 6.29 23.50 -2.49
CA VAL A 72 7.61 23.25 -3.07
C VAL A 72 8.67 24.15 -2.46
N TRP A 73 9.86 24.11 -3.03
CA TRP A 73 10.97 24.94 -2.59
C TRP A 73 11.24 26.01 -3.63
N ASP A 74 11.27 25.58 -4.89
CA ASP A 74 11.49 26.48 -6.02
C ASP A 74 10.23 26.58 -6.87
N GLN A 75 10.10 27.66 -7.62
CA GLN A 75 8.92 27.87 -8.47
C GLN A 75 9.00 27.03 -9.75
N ASN A 76 10.16 26.42 -9.99
CA ASN A 76 10.36 25.59 -11.17
C ASN A 76 9.60 24.27 -11.09
N ALA A 77 9.30 23.82 -9.86
CA ALA A 77 8.60 22.56 -9.67
C ALA A 77 7.14 22.76 -9.26
N VAL A 78 6.82 23.92 -8.69
CA VAL A 78 5.44 24.18 -8.24
C VAL A 78 4.42 23.84 -9.34
N PRO A 79 4.65 24.29 -10.58
CA PRO A 79 3.73 24.00 -11.68
C PRO A 79 3.58 22.50 -11.91
N ALA A 80 4.69 21.79 -11.81
CA ALA A 80 4.71 20.35 -12.00
C ALA A 80 3.95 19.62 -10.90
N ILE A 81 4.16 20.06 -9.67
CA ILE A 81 3.50 19.41 -8.53
C ILE A 81 1.99 19.42 -8.69
N GLU A 82 1.42 20.58 -8.93
CA GLU A 82 -0.03 20.70 -9.11
C GLU A 82 -0.53 19.68 -10.11
N LYS A 83 0.19 19.55 -11.22
CA LYS A 83 -0.18 18.59 -12.24
C LYS A 83 -0.07 17.16 -11.69
N ALA A 84 0.87 16.97 -10.78
CA ALA A 84 1.10 15.67 -10.16
C ALA A 84 0.08 15.37 -9.07
N ILE A 85 -0.11 16.31 -8.14
CA ILE A 85 -1.06 16.13 -7.05
C ILE A 85 -2.46 15.85 -7.56
N ARG A 86 -2.90 16.62 -8.55
CA ARG A 86 -4.22 16.44 -9.13
C ARG A 86 -4.33 15.07 -9.79
N GLU A 87 -3.25 14.67 -10.44
CA GLU A 87 -3.19 13.38 -11.12
C GLU A 87 -3.10 12.24 -10.11
N GLU A 88 -2.40 12.50 -9.02
CA GLU A 88 -2.19 11.50 -7.98
C GLU A 88 -3.38 11.40 -7.02
N LEU A 89 -3.92 12.55 -6.61
CA LEU A 89 -5.05 12.57 -5.68
C LEU A 89 -6.39 12.57 -6.42
N ASN A 90 -6.38 13.04 -7.66
CA ASN A 90 -7.59 13.09 -8.46
C ASN A 90 -8.67 13.96 -7.80
N LEU A 91 -8.27 15.14 -7.34
CA LEU A 91 -9.20 16.07 -6.69
C LEU A 91 -9.04 17.47 -7.28
N ASN A 92 -9.66 18.46 -6.63
CA ASN A 92 -9.57 19.84 -7.08
C ASN A 92 -8.74 20.68 -6.12
N PRO A 93 -7.43 20.81 -6.38
CA PRO A 93 -6.52 21.58 -5.53
C PRO A 93 -6.44 23.05 -5.92
N THR A 94 -5.98 23.88 -4.99
CA THR A 94 -5.84 25.32 -5.23
C THR A 94 -4.40 25.75 -5.01
N VAL A 95 -3.86 26.52 -5.95
CA VAL A 95 -2.49 26.99 -5.85
C VAL A 95 -2.42 28.50 -5.73
N GLN A 96 -1.72 28.98 -4.71
CA GLN A 96 -1.57 30.41 -4.47
C GLN A 96 -0.10 30.76 -4.26
N GLY A 97 0.45 31.59 -5.14
CA GLY A 97 1.85 31.98 -5.03
C GLY A 97 2.78 30.83 -5.35
N ASN A 98 3.02 29.95 -4.38
CA ASN A 98 3.89 28.80 -4.57
C ASN A 98 3.48 27.67 -3.63
N VAL A 99 2.23 27.68 -3.20
CA VAL A 99 1.71 26.68 -2.29
C VAL A 99 0.50 25.98 -2.90
N ILE A 100 0.30 24.72 -2.54
CA ILE A 100 -0.83 23.95 -3.06
C ILE A 100 -1.65 23.37 -1.91
N ARG A 101 -2.91 23.79 -1.82
CA ARG A 101 -3.79 23.31 -0.76
C ARG A 101 -4.90 22.43 -1.34
N VAL A 102 -5.18 21.32 -0.67
CA VAL A 102 -6.23 20.41 -1.14
C VAL A 102 -7.12 19.96 0.01
N THR A 103 -8.42 20.21 -0.13
CA THR A 103 -9.39 19.84 0.90
C THR A 103 -10.29 18.71 0.38
N LEU A 104 -10.53 17.72 1.22
CA LEU A 104 -11.38 16.59 0.83
C LEU A 104 -12.73 16.63 1.56
N PRO A 105 -13.78 17.11 0.87
CA PRO A 105 -15.13 17.19 1.45
C PRO A 105 -15.74 15.80 1.58
N PRO A 106 -16.79 15.66 2.40
CA PRO A 106 -17.48 14.38 2.60
C PRO A 106 -17.75 13.68 1.27
N LEU A 107 -17.15 12.50 1.10
CA LEU A 107 -17.33 11.74 -0.13
C LEU A 107 -18.79 11.40 -0.36
N THR A 108 -19.17 11.26 -1.63
CA THR A 108 -20.54 10.94 -1.99
C THR A 108 -20.74 9.44 -2.14
N GLU A 109 -21.89 9.05 -2.66
CA GLU A 109 -22.21 7.64 -2.85
C GLU A 109 -21.33 7.03 -3.94
N GLU A 110 -20.88 7.85 -4.88
CA GLU A 110 -20.03 7.39 -5.95
C GLU A 110 -18.63 7.08 -5.45
N ARG A 111 -18.02 8.06 -4.79
CA ARG A 111 -16.67 7.92 -4.26
C ARG A 111 -16.61 6.80 -3.23
N ARG A 112 -17.65 6.68 -2.42
CA ARG A 112 -17.71 5.64 -1.39
C ARG A 112 -17.53 4.26 -2.02
N ARG A 113 -18.28 3.99 -3.08
CA ARG A 113 -18.21 2.71 -3.77
C ARG A 113 -16.80 2.47 -4.33
N GLU A 114 -16.27 3.48 -5.02
CA GLU A 114 -14.95 3.37 -5.63
C GLU A 114 -13.87 3.03 -4.61
N LEU A 115 -13.83 3.74 -3.48
CA LEU A 115 -12.83 3.50 -2.46
C LEU A 115 -12.88 2.07 -1.94
N VAL A 116 -14.07 1.60 -1.60
CA VAL A 116 -14.22 0.23 -1.09
C VAL A 116 -13.80 -0.77 -2.15
N ARG A 117 -14.22 -0.54 -3.38
CA ARG A 117 -13.87 -1.41 -4.50
C ARG A 117 -12.40 -1.25 -4.87
N LEU A 118 -11.84 -0.08 -4.59
CA LEU A 118 -10.43 0.18 -4.87
C LEU A 118 -9.54 -0.60 -3.92
N LEU A 119 -9.98 -0.73 -2.68
CA LEU A 119 -9.26 -1.52 -1.70
C LEU A 119 -9.44 -2.98 -2.07
N HIS A 120 -10.64 -3.27 -2.57
CA HIS A 120 -11.02 -4.60 -2.98
C HIS A 120 -10.08 -5.13 -4.06
N LYS A 121 -9.54 -4.25 -4.92
CA LYS A 121 -8.59 -4.70 -5.92
C LYS A 121 -7.25 -4.98 -5.25
N ILE A 122 -6.97 -4.21 -4.20
CA ILE A 122 -5.73 -4.36 -3.45
C ILE A 122 -5.77 -5.66 -2.66
N THR A 123 -6.95 -6.01 -2.16
CA THR A 123 -7.12 -7.23 -1.38
C THR A 123 -6.70 -8.44 -2.19
N GLU A 124 -7.18 -8.53 -3.43
CA GLU A 124 -6.83 -9.63 -4.31
C GLU A 124 -5.32 -9.63 -4.57
N GLU A 125 -4.73 -8.45 -4.55
CA GLU A 125 -3.30 -8.31 -4.77
C GLU A 125 -2.50 -8.95 -3.65
N ALA A 126 -3.02 -8.87 -2.43
CA ALA A 126 -2.37 -9.47 -1.28
C ALA A 126 -2.40 -10.98 -1.37
N ARG A 127 -3.56 -11.53 -1.75
CA ARG A 127 -3.73 -12.97 -1.88
C ARG A 127 -2.69 -13.56 -2.82
N VAL A 128 -2.51 -12.92 -3.97
CA VAL A 128 -1.53 -13.38 -4.96
C VAL A 128 -0.14 -13.41 -4.34
N ARG A 129 0.15 -12.46 -3.46
CA ARG A 129 1.45 -12.41 -2.79
C ARG A 129 1.64 -13.67 -1.95
N VAL A 130 0.61 -13.99 -1.16
CA VAL A 130 0.64 -15.18 -0.32
C VAL A 130 0.61 -16.43 -1.18
N ARG A 131 -0.35 -16.46 -2.09
CA ARG A 131 -0.51 -17.56 -3.05
C ARG A 131 0.77 -17.76 -3.84
N ASN A 132 1.50 -16.66 -4.02
CA ASN A 132 2.77 -16.68 -4.74
C ASN A 132 3.84 -17.40 -3.93
N VAL A 133 3.75 -17.31 -2.60
CA VAL A 133 4.70 -17.98 -1.73
C VAL A 133 4.46 -19.48 -1.72
N ARG A 134 3.18 -19.87 -1.73
CA ARG A 134 2.80 -21.28 -1.72
C ARG A 134 3.47 -22.03 -2.87
N ARG A 135 3.41 -21.44 -4.06
CA ARG A 135 4.02 -22.05 -5.24
C ARG A 135 5.52 -22.14 -5.05
N GLU A 136 6.09 -21.15 -4.38
CA GLU A 136 7.52 -21.13 -4.09
C GLU A 136 7.87 -22.11 -2.99
N ALA A 137 7.00 -22.16 -1.97
CA ALA A 137 7.21 -23.05 -0.83
C ALA A 137 7.21 -24.51 -1.27
N LYS A 138 6.22 -24.87 -2.09
CA LYS A 138 6.12 -26.23 -2.60
C LYS A 138 7.42 -26.63 -3.29
N GLU A 139 7.94 -25.71 -4.10
CA GLU A 139 9.19 -25.94 -4.83
C GLU A 139 10.36 -26.16 -3.86
N MET A 140 10.29 -25.49 -2.72
CA MET A 140 11.34 -25.60 -1.70
C MET A 140 11.38 -26.99 -1.06
N ILE A 141 10.20 -27.53 -0.73
CA ILE A 141 10.12 -28.85 -0.11
C ILE A 141 10.53 -29.94 -1.10
N GLU A 142 9.95 -29.86 -2.30
CA GLU A 142 10.25 -30.80 -3.36
C GLU A 142 11.70 -30.69 -3.82
N GLU A 143 12.34 -29.56 -3.47
CA GLU A 143 13.73 -29.33 -3.83
C GLU A 143 14.68 -29.93 -2.78
N LEU A 144 14.16 -30.15 -1.57
CA LEU A 144 14.96 -30.72 -0.49
C LEU A 144 15.04 -32.23 -0.64
N GLU A 145 16.24 -32.73 -0.91
CA GLU A 145 16.45 -34.17 -1.09
C GLU A 145 15.49 -34.74 -2.16
N GLY A 146 14.82 -33.84 -2.87
CA GLY A 146 13.88 -34.23 -3.91
C GLY A 146 12.56 -34.76 -3.37
N ILE A 147 12.54 -35.15 -2.09
CA ILE A 147 11.31 -35.65 -1.47
C ILE A 147 11.40 -35.55 0.05
N SER A 148 10.43 -34.88 0.65
CA SER A 148 10.38 -34.72 2.10
C SER A 148 8.97 -35.00 2.62
N GLU A 149 8.76 -36.14 3.25
CA GLU A 149 7.42 -36.43 3.79
C GLU A 149 7.20 -35.62 5.07
N ASP A 150 8.14 -35.74 5.99
CA ASP A 150 8.05 -35.04 7.27
C ASP A 150 8.06 -33.52 7.05
N GLU A 151 8.86 -33.07 6.10
CA GLU A 151 8.95 -31.65 5.80
C GLU A 151 7.70 -31.15 5.10
N LYS A 152 7.27 -31.86 4.06
CA LYS A 152 6.09 -31.48 3.30
C LYS A 152 4.85 -31.44 4.19
N LYS A 153 4.78 -32.39 5.11
CA LYS A 153 3.65 -32.49 6.04
C LYS A 153 3.63 -31.33 7.02
N ARG A 154 4.76 -31.11 7.69
CA ARG A 154 4.87 -30.02 8.67
C ARG A 154 4.94 -28.65 7.98
N ALA A 155 5.59 -28.62 6.83
CA ALA A 155 5.75 -27.38 6.07
C ALA A 155 4.43 -26.92 5.46
N LEU A 156 3.58 -27.87 5.09
CA LEU A 156 2.29 -27.55 4.50
C LEU A 156 1.37 -26.94 5.55
N GLU A 157 1.23 -27.63 6.67
CA GLU A 157 0.40 -27.14 7.75
C GLU A 157 0.92 -25.79 8.21
N ARG A 158 2.24 -25.72 8.37
CA ARG A 158 2.89 -24.47 8.79
C ARG A 158 2.57 -23.36 7.80
N LEU A 159 2.83 -23.64 6.52
CA LEU A 159 2.54 -22.70 5.46
C LEU A 159 1.06 -22.36 5.43
N GLN A 160 0.24 -23.34 5.81
CA GLN A 160 -1.20 -23.14 5.86
C GLN A 160 -1.57 -22.29 7.07
N LYS A 161 -0.83 -22.49 8.16
CA LYS A 161 -1.06 -21.75 9.40
C LYS A 161 -0.63 -20.29 9.27
N LEU A 162 0.53 -20.07 8.67
CA LEU A 162 1.05 -18.71 8.51
C LEU A 162 0.21 -17.92 7.51
N THR A 163 -0.19 -18.56 6.41
CA THR A 163 -1.02 -17.87 5.42
C THR A 163 -2.31 -17.40 6.08
N ASP A 164 -2.81 -18.19 7.02
CA ASP A 164 -4.02 -17.87 7.76
C ASP A 164 -3.79 -16.68 8.69
N LYS A 165 -2.54 -16.52 9.13
CA LYS A 165 -2.16 -15.42 9.99
C LYS A 165 -2.16 -14.12 9.19
N TYR A 166 -1.81 -14.24 7.92
CA TYR A 166 -1.77 -13.11 7.00
C TYR A 166 -3.17 -12.58 6.74
N ILE A 167 -4.15 -13.47 6.72
CA ILE A 167 -5.53 -13.08 6.48
C ILE A 167 -6.05 -12.21 7.61
N ASP A 168 -5.76 -12.62 8.85
CA ASP A 168 -6.19 -11.87 10.03
C ASP A 168 -5.73 -10.43 9.96
N GLU A 169 -4.47 -10.22 9.57
CA GLU A 169 -3.91 -8.87 9.49
C GLU A 169 -4.56 -8.07 8.36
N ILE A 170 -4.63 -8.65 7.17
CA ILE A 170 -5.21 -7.99 6.02
C ILE A 170 -6.72 -7.84 6.18
N ASN A 171 -7.41 -8.94 6.46
CA ASN A 171 -8.85 -8.95 6.63
C ASN A 171 -9.30 -7.98 7.71
N LYS A 172 -8.48 -7.76 8.72
CA LYS A 172 -8.82 -6.83 9.79
C LYS A 172 -8.80 -5.39 9.31
N LEU A 173 -7.76 -5.04 8.57
CA LEU A 173 -7.63 -3.69 8.03
C LEU A 173 -8.81 -3.35 7.14
N MET A 174 -9.15 -4.25 6.23
CA MET A 174 -10.26 -4.04 5.31
C MET A 174 -11.58 -3.98 6.08
N GLU A 175 -11.80 -4.97 6.94
CA GLU A 175 -13.03 -5.03 7.74
C GLU A 175 -13.26 -3.72 8.47
N ALA A 176 -12.23 -3.24 9.16
CA ALA A 176 -12.32 -2.00 9.91
C ALA A 176 -12.70 -0.83 9.00
N LYS A 177 -11.84 -0.55 8.03
CA LYS A 177 -12.08 0.55 7.10
C LYS A 177 -13.47 0.45 6.47
N GLU A 178 -13.89 -0.77 6.13
CA GLU A 178 -15.20 -0.97 5.52
C GLU A 178 -16.29 -0.33 6.37
N LYS A 179 -16.15 -0.43 7.68
CA LYS A 179 -17.14 0.14 8.61
C LYS A 179 -17.13 1.67 8.52
N GLU A 180 -15.96 2.23 8.26
CA GLU A 180 -15.82 3.68 8.14
C GLU A 180 -16.14 4.13 6.71
N ILE A 181 -15.48 3.49 5.76
CA ILE A 181 -15.67 3.85 4.35
C ILE A 181 -17.16 3.78 3.99
N MET A 182 -17.79 2.65 4.31
CA MET A 182 -19.21 2.46 4.00
C MET A 182 -20.08 3.36 4.88
N SER A 183 -19.54 3.80 6.02
CA SER A 183 -20.30 4.65 6.93
C SER A 183 -20.08 6.13 6.61
N VAL A 184 -18.95 6.67 7.06
CA VAL A 184 -18.63 8.08 6.84
C VAL A 184 -18.80 8.47 5.37
N MET A 1 24.81 -30.51 6.96
CA MET A 1 23.40 -30.70 7.36
C MET A 1 22.48 -29.78 6.55
N ILE A 2 22.00 -30.29 5.43
CA ILE A 2 21.10 -29.52 4.56
C ILE A 2 19.68 -29.48 5.13
N LYS A 3 19.22 -28.28 5.47
CA LYS A 3 17.89 -28.11 6.03
C LYS A 3 16.88 -27.76 4.94
N GLU A 4 16.05 -28.74 4.57
CA GLU A 4 15.04 -28.55 3.54
C GLU A 4 14.10 -27.41 3.91
N LEU A 5 13.91 -27.21 5.21
CA LEU A 5 13.03 -26.17 5.72
C LEU A 5 13.49 -24.77 5.28
N GLU A 6 14.79 -24.53 5.31
CA GLU A 6 15.35 -23.23 4.95
C GLU A 6 14.87 -22.76 3.58
N ASP A 7 14.86 -23.66 2.60
CA ASP A 7 14.44 -23.31 1.25
C ASP A 7 12.93 -23.07 1.18
N ILE A 8 12.18 -23.80 1.99
CA ILE A 8 10.72 -23.66 2.00
C ILE A 8 10.28 -22.30 2.53
N PHE A 9 10.81 -21.90 3.69
CA PHE A 9 10.44 -20.62 4.28
C PHE A 9 10.91 -19.45 3.41
N LYS A 10 12.16 -19.51 2.98
CA LYS A 10 12.75 -18.47 2.15
C LYS A 10 11.89 -18.20 0.92
N GLU A 11 11.34 -19.27 0.35
CA GLU A 11 10.49 -19.17 -0.83
C GLU A 11 9.15 -18.55 -0.49
N ALA A 12 8.66 -18.83 0.73
CA ALA A 12 7.37 -18.33 1.17
C ALA A 12 7.41 -16.82 1.41
N GLU A 13 8.37 -16.37 2.21
CA GLU A 13 8.49 -14.94 2.53
C GLU A 13 8.82 -14.13 1.29
N LYS A 14 9.79 -14.59 0.50
CA LYS A 14 10.19 -13.88 -0.71
C LYS A 14 8.99 -13.66 -1.64
N ASP A 15 8.14 -14.68 -1.76
CA ASP A 15 6.96 -14.58 -2.60
C ASP A 15 5.91 -13.68 -1.98
N MET A 16 5.69 -13.85 -0.68
CA MET A 16 4.70 -13.05 0.03
C MET A 16 5.15 -11.59 0.17
N LYS A 17 6.45 -11.38 0.38
CA LYS A 17 7.00 -10.04 0.53
C LYS A 17 6.62 -9.17 -0.66
N LYS A 18 6.90 -9.68 -1.86
CA LYS A 18 6.59 -8.95 -3.08
C LYS A 18 5.09 -8.72 -3.22
N ALA A 19 4.31 -9.66 -2.69
CA ALA A 19 2.86 -9.58 -2.76
C ALA A 19 2.31 -8.46 -1.89
N VAL A 20 2.79 -8.37 -0.65
CA VAL A 20 2.32 -7.35 0.27
C VAL A 20 2.86 -5.97 -0.11
N GLU A 21 4.10 -5.90 -0.56
CA GLU A 21 4.72 -4.64 -0.94
C GLU A 21 3.87 -3.92 -1.98
N TYR A 22 3.48 -4.65 -3.02
CA TYR A 22 2.63 -4.09 -4.08
C TYR A 22 1.23 -3.84 -3.56
N TYR A 23 0.81 -4.67 -2.61
CA TYR A 23 -0.51 -4.56 -2.00
C TYR A 23 -0.67 -3.25 -1.24
N LYS A 24 0.30 -2.92 -0.40
CA LYS A 24 0.26 -1.68 0.37
C LYS A 24 0.31 -0.47 -0.56
N ASN A 25 1.06 -0.63 -1.64
CA ASN A 25 1.22 0.41 -2.65
C ASN A 25 -0.13 0.79 -3.27
N GLU A 26 -1.02 -0.19 -3.36
CA GLU A 26 -2.35 0.03 -3.91
C GLU A 26 -3.25 0.74 -2.90
N ILE A 27 -3.11 0.37 -1.64
CA ILE A 27 -3.92 0.95 -0.57
C ILE A 27 -3.39 2.30 -0.11
N ALA A 28 -2.07 2.47 -0.22
CA ALA A 28 -1.44 3.70 0.20
C ALA A 28 -1.61 4.79 -0.86
N GLY A 29 -1.67 4.37 -2.12
CA GLY A 29 -1.80 5.34 -3.20
C GLY A 29 -3.15 5.30 -3.91
N LEU A 30 -4.11 4.55 -3.38
CA LEU A 30 -5.43 4.48 -4.01
C LEU A 30 -6.02 5.89 -4.12
N ARG A 31 -6.90 6.10 -5.10
CA ARG A 31 -7.51 7.40 -5.31
C ARG A 31 -8.74 7.58 -4.43
N THR A 32 -8.51 7.72 -3.13
CA THR A 32 -9.62 7.90 -2.19
C THR A 32 -10.17 9.31 -2.25
N SER A 33 -11.49 9.42 -2.27
CA SER A 33 -12.15 10.73 -2.32
C SER A 33 -11.83 11.55 -1.08
N ARG A 34 -11.27 10.90 -0.06
CA ARG A 34 -10.91 11.58 1.17
C ARG A 34 -9.61 12.34 0.98
N ALA A 35 -9.55 13.55 1.53
CA ALA A 35 -8.37 14.38 1.42
C ALA A 35 -7.29 13.93 2.38
N SER A 36 -6.80 12.71 2.19
CA SER A 36 -5.78 12.14 3.05
C SER A 36 -4.38 12.37 2.46
N THR A 37 -3.40 12.53 3.33
CA THR A 37 -2.03 12.76 2.90
C THR A 37 -1.39 11.49 2.32
N ALA A 38 -1.93 10.32 2.65
CA ALA A 38 -1.33 9.06 2.19
C ALA A 38 -1.46 8.80 0.68
N LEU A 39 -2.69 8.81 0.15
CA LEU A 39 -2.91 8.52 -1.28
C LEU A 39 -1.69 8.92 -2.10
N VAL A 40 -1.23 10.13 -1.86
CA VAL A 40 -0.06 10.64 -2.55
C VAL A 40 1.19 10.00 -1.95
N GLU A 41 1.95 10.77 -1.16
CA GLU A 41 3.16 10.27 -0.51
C GLU A 41 4.34 10.25 -1.48
N GLU A 42 4.04 10.21 -2.78
CA GLU A 42 5.08 10.19 -3.78
C GLU A 42 4.92 11.35 -4.75
N ILE A 43 4.76 12.55 -4.19
CA ILE A 43 4.61 13.75 -4.99
C ILE A 43 5.95 14.20 -5.54
N LYS A 44 6.55 13.33 -6.38
CA LYS A 44 7.85 13.61 -6.98
C LYS A 44 7.92 15.02 -7.56
N VAL A 45 8.71 15.86 -6.91
CA VAL A 45 8.88 17.24 -7.35
C VAL A 45 10.29 17.48 -7.90
N GLU A 46 10.38 18.33 -8.91
CA GLU A 46 11.67 18.63 -9.52
C GLU A 46 12.47 19.59 -8.65
N TYR A 47 13.67 19.18 -8.26
CA TYR A 47 14.53 19.99 -7.42
C TYR A 47 15.90 20.16 -8.05
N TYR A 48 16.11 21.30 -8.72
CA TYR A 48 17.38 21.58 -9.37
C TYR A 48 17.69 20.54 -10.44
N GLY A 49 16.63 20.00 -11.05
CA GLY A 49 16.82 18.99 -12.08
C GLY A 49 16.82 17.58 -11.54
N SER A 50 16.24 17.39 -10.36
CA SER A 50 16.18 16.08 -9.72
C SER A 50 14.78 15.76 -9.24
N LYS A 51 14.40 14.50 -9.32
CA LYS A 51 13.07 14.07 -8.88
C LYS A 51 13.11 13.55 -7.44
N VAL A 52 12.47 14.29 -6.55
CA VAL A 52 12.43 13.91 -5.14
C VAL A 52 11.04 14.13 -4.55
N PRO A 53 10.67 13.40 -3.49
CA PRO A 53 9.37 13.52 -2.84
C PRO A 53 9.27 14.80 -2.02
N ILE A 54 8.08 15.12 -1.55
CA ILE A 54 7.85 16.32 -0.76
C ILE A 54 8.07 16.06 0.74
N LYS A 55 9.00 15.17 1.05
CA LYS A 55 9.31 14.86 2.45
C LYS A 55 10.24 15.91 3.02
N GLN A 56 11.32 16.19 2.30
CA GLN A 56 12.29 17.20 2.73
C GLN A 56 12.11 18.49 1.93
N LEU A 57 11.56 18.35 0.72
CA LEU A 57 11.33 19.49 -0.16
C LEU A 57 10.27 20.42 0.43
N GLY A 58 9.03 19.92 0.52
CA GLY A 58 7.94 20.71 1.06
C GLY A 58 7.22 20.00 2.18
N THR A 59 6.17 20.62 2.69
CA THR A 59 5.39 20.04 3.78
C THR A 59 3.91 19.94 3.42
N ILE A 60 3.34 18.77 3.62
CA ILE A 60 1.92 18.55 3.33
C ILE A 60 1.12 18.49 4.63
N SER A 61 -0.03 19.17 4.66
CA SER A 61 -0.86 19.19 5.86
C SER A 61 -2.35 19.17 5.51
N VAL A 62 -3.16 18.72 6.47
CA VAL A 62 -4.60 18.65 6.28
C VAL A 62 -5.30 19.57 7.30
N PRO A 63 -6.24 20.42 6.85
CA PRO A 63 -6.95 21.34 7.73
C PRO A 63 -8.20 20.75 8.36
N GLU A 64 -9.08 20.17 7.53
CA GLU A 64 -10.31 19.59 8.03
C GLU A 64 -10.63 18.24 7.38
N HIS A 65 -9.59 17.42 7.19
CA HIS A 65 -9.76 16.09 6.59
C HIS A 65 -10.20 16.15 5.14
N ASN A 66 -11.32 16.82 4.88
CA ASN A 66 -11.86 16.93 3.52
C ASN A 66 -11.03 17.85 2.62
N GLN A 67 -9.82 18.20 3.05
CA GLN A 67 -8.96 19.07 2.26
C GLN A 67 -7.49 18.68 2.44
N ILE A 68 -6.69 18.87 1.40
CA ILE A 68 -5.27 18.56 1.44
C ILE A 68 -4.45 19.79 1.07
N VAL A 69 -3.66 20.29 2.02
CA VAL A 69 -2.85 21.48 1.78
C VAL A 69 -1.37 21.15 1.75
N ILE A 70 -0.74 21.40 0.61
CA ILE A 70 0.69 21.15 0.45
C ILE A 70 1.42 22.49 0.37
N GLN A 71 2.41 22.69 1.24
CA GLN A 71 3.16 23.95 1.23
C GLN A 71 4.63 23.72 0.91
N VAL A 72 5.03 24.10 -0.30
CA VAL A 72 6.41 23.93 -0.75
C VAL A 72 7.37 24.81 0.03
N TRP A 73 8.66 24.60 -0.20
CA TRP A 73 9.70 25.38 0.46
C TRP A 73 10.30 26.39 -0.52
N ASP A 74 10.49 25.94 -1.76
CA ASP A 74 11.04 26.79 -2.81
C ASP A 74 9.99 27.06 -3.88
N GLN A 75 10.01 28.28 -4.43
CA GLN A 75 9.04 28.67 -5.45
C GLN A 75 9.32 27.99 -6.79
N ASN A 76 10.53 27.47 -6.95
CA ASN A 76 10.94 26.81 -8.18
C ASN A 76 10.27 25.44 -8.32
N ALA A 77 10.00 24.80 -7.19
CA ALA A 77 9.39 23.48 -7.18
C ALA A 77 7.85 23.56 -7.15
N VAL A 78 7.32 24.69 -6.72
CA VAL A 78 5.88 24.87 -6.65
C VAL A 78 5.18 24.44 -7.94
N PRO A 79 5.70 24.87 -9.10
CA PRO A 79 5.11 24.49 -10.40
C PRO A 79 5.17 22.99 -10.63
N ALA A 80 6.31 22.40 -10.30
CA ALA A 80 6.52 20.97 -10.47
C ALA A 80 5.53 20.15 -9.65
N ILE A 81 5.36 20.54 -8.39
CA ILE A 81 4.44 19.84 -7.49
C ILE A 81 3.00 19.90 -7.99
N GLU A 82 2.58 21.08 -8.44
CA GLU A 82 1.23 21.26 -8.95
C GLU A 82 0.88 20.20 -9.99
N LYS A 83 1.78 19.99 -10.93
CA LYS A 83 1.57 19.00 -11.99
C LYS A 83 1.62 17.59 -11.42
N ALA A 84 2.44 17.39 -10.39
CA ALA A 84 2.58 16.10 -9.75
C ALA A 84 1.38 15.76 -8.88
N ILE A 85 0.99 16.70 -8.02
CA ILE A 85 -0.15 16.50 -7.14
C ILE A 85 -1.41 16.17 -7.93
N ARG A 86 -1.58 16.86 -9.06
CA ARG A 86 -2.73 16.64 -9.92
C ARG A 86 -2.76 15.20 -10.42
N GLU A 87 -1.59 14.73 -10.86
CA GLU A 87 -1.47 13.38 -11.38
C GLU A 87 -1.87 12.34 -10.34
N GLU A 88 -1.53 12.60 -9.08
CA GLU A 88 -1.85 11.69 -7.99
C GLU A 88 -3.28 11.90 -7.47
N LEU A 89 -3.66 13.15 -7.29
CA LEU A 89 -4.99 13.49 -6.78
C LEU A 89 -6.05 13.46 -7.88
N ASN A 90 -5.62 13.63 -9.12
CA ASN A 90 -6.53 13.63 -10.26
C ASN A 90 -7.67 14.63 -10.04
N LEU A 91 -7.35 15.75 -9.41
CA LEU A 91 -8.35 16.78 -9.14
C LEU A 91 -7.82 18.15 -9.55
N ASN A 92 -8.58 19.20 -9.24
CA ASN A 92 -8.19 20.56 -9.58
C ASN A 92 -7.74 21.34 -8.34
N PRO A 93 -6.41 21.34 -8.07
CA PRO A 93 -5.85 22.04 -6.92
C PRO A 93 -5.71 23.55 -7.15
N THR A 94 -5.61 24.30 -6.05
CA THR A 94 -5.47 25.75 -6.14
C THR A 94 -4.12 26.19 -5.57
N VAL A 95 -3.43 27.07 -6.29
CA VAL A 95 -2.13 27.55 -5.86
C VAL A 95 -2.17 29.05 -5.54
N GLN A 96 -1.85 29.39 -4.30
CA GLN A 96 -1.84 30.79 -3.88
C GLN A 96 -0.50 31.13 -3.24
N GLY A 97 0.25 32.02 -3.89
CA GLY A 97 1.56 32.41 -3.37
C GLY A 97 2.57 31.29 -3.52
N ASN A 98 2.60 30.40 -2.54
CA ASN A 98 3.53 29.27 -2.55
C ASN A 98 2.92 28.06 -1.86
N VAL A 99 1.60 28.06 -1.71
CA VAL A 99 0.90 26.95 -1.07
C VAL A 99 -0.07 26.28 -2.03
N ILE A 100 -0.28 24.98 -1.83
CA ILE A 100 -1.19 24.22 -2.67
C ILE A 100 -2.42 23.79 -1.89
N ARG A 101 -3.58 24.25 -2.34
CA ARG A 101 -4.83 23.92 -1.68
C ARG A 101 -5.71 23.07 -2.59
N VAL A 102 -6.00 21.84 -2.14
CA VAL A 102 -6.82 20.93 -2.92
C VAL A 102 -8.13 20.64 -2.20
N THR A 103 -9.24 20.91 -2.89
CA THR A 103 -10.56 20.67 -2.31
C THR A 103 -11.19 19.41 -2.92
N LEU A 104 -11.37 18.39 -2.09
CA LEU A 104 -11.96 17.14 -2.54
C LEU A 104 -13.47 17.16 -2.33
N PRO A 105 -14.26 16.79 -3.36
CA PRO A 105 -15.71 16.75 -3.27
C PRO A 105 -16.18 15.85 -2.12
N PRO A 106 -17.27 16.23 -1.44
CA PRO A 106 -17.79 15.44 -0.32
C PRO A 106 -17.96 13.97 -0.70
N LEU A 107 -17.23 13.10 0.00
CA LEU A 107 -17.30 11.66 -0.26
C LEU A 107 -18.76 11.20 -0.34
N THR A 108 -19.27 11.11 -1.55
CA THR A 108 -20.66 10.70 -1.77
C THR A 108 -20.81 9.18 -1.75
N GLU A 109 -22.05 8.73 -1.80
CA GLU A 109 -22.38 7.31 -1.80
C GLU A 109 -21.63 6.59 -2.92
N GLU A 110 -21.75 7.13 -4.12
CA GLU A 110 -21.10 6.54 -5.29
C GLU A 110 -19.57 6.61 -5.18
N ARG A 111 -19.06 7.65 -4.55
CA ARG A 111 -17.62 7.82 -4.40
C ARG A 111 -17.04 6.82 -3.40
N ARG A 112 -17.77 6.56 -2.33
CA ARG A 112 -17.31 5.63 -1.29
C ARG A 112 -17.35 4.20 -1.80
N ARG A 113 -18.47 3.82 -2.38
CA ARG A 113 -18.65 2.49 -2.94
C ARG A 113 -17.54 2.17 -3.93
N GLU A 114 -17.03 3.21 -4.59
CA GLU A 114 -15.97 3.04 -5.57
C GLU A 114 -14.66 2.57 -4.91
N LEU A 115 -14.24 3.28 -3.87
CA LEU A 115 -13.00 2.94 -3.18
C LEU A 115 -13.09 1.62 -2.43
N VAL A 116 -14.16 1.42 -1.66
CA VAL A 116 -14.33 0.18 -0.91
C VAL A 116 -14.27 -1.03 -1.84
N ARG A 117 -15.03 -0.98 -2.93
CA ARG A 117 -15.05 -2.08 -3.88
C ARG A 117 -13.66 -2.26 -4.50
N LEU A 118 -12.96 -1.15 -4.69
CA LEU A 118 -11.62 -1.20 -5.26
C LEU A 118 -10.62 -1.77 -4.26
N LEU A 119 -10.80 -1.44 -2.99
CA LEU A 119 -9.96 -1.97 -1.93
C LEU A 119 -10.32 -3.43 -1.73
N HIS A 120 -11.62 -3.68 -1.92
CA HIS A 120 -12.17 -5.01 -1.76
C HIS A 120 -11.43 -6.01 -2.63
N LYS A 121 -11.20 -5.70 -3.92
CA LYS A 121 -10.49 -6.62 -4.79
C LYS A 121 -9.04 -6.73 -4.36
N ILE A 122 -8.49 -5.63 -3.85
CA ILE A 122 -7.10 -5.60 -3.40
C ILE A 122 -6.86 -6.66 -2.32
N THR A 123 -7.71 -6.65 -1.31
CA THR A 123 -7.60 -7.58 -0.20
C THR A 123 -7.61 -9.02 -0.68
N GLU A 124 -8.60 -9.38 -1.51
CA GLU A 124 -8.71 -10.72 -2.03
C GLU A 124 -7.47 -11.08 -2.86
N GLU A 125 -6.87 -10.08 -3.47
CA GLU A 125 -5.67 -10.29 -4.29
C GLU A 125 -4.51 -10.81 -3.44
N ALA A 126 -4.39 -10.27 -2.23
CA ALA A 126 -3.32 -10.68 -1.33
C ALA A 126 -3.52 -12.12 -0.89
N ARG A 127 -4.75 -12.46 -0.52
CA ARG A 127 -5.08 -13.82 -0.09
C ARG A 127 -4.68 -14.83 -1.16
N VAL A 128 -4.90 -14.46 -2.42
CA VAL A 128 -4.56 -15.33 -3.54
C VAL A 128 -3.06 -15.63 -3.57
N ARG A 129 -2.26 -14.63 -3.24
CA ARG A 129 -0.80 -14.79 -3.23
C ARG A 129 -0.38 -15.75 -2.11
N VAL A 130 -0.93 -15.53 -0.92
CA VAL A 130 -0.61 -16.38 0.22
C VAL A 130 -1.12 -17.80 -0.02
N ARG A 131 -2.39 -17.90 -0.40
CA ARG A 131 -3.02 -19.17 -0.69
C ARG A 131 -2.29 -19.86 -1.84
N ASN A 132 -1.72 -19.06 -2.73
CA ASN A 132 -0.97 -19.58 -3.87
C ASN A 132 0.35 -20.17 -3.41
N VAL A 133 0.93 -19.59 -2.35
CA VAL A 133 2.19 -20.06 -1.79
C VAL A 133 2.00 -21.38 -1.06
N ARG A 134 0.92 -21.48 -0.30
CA ARG A 134 0.63 -22.69 0.47
C ARG A 134 0.60 -23.93 -0.43
N ARG A 135 -0.09 -23.81 -1.56
CA ARG A 135 -0.19 -24.91 -2.50
C ARG A 135 1.19 -25.26 -3.06
N GLU A 136 2.01 -24.24 -3.27
CA GLU A 136 3.36 -24.44 -3.79
C GLU A 136 4.29 -24.99 -2.71
N ALA A 137 4.22 -24.40 -1.52
CA ALA A 137 5.05 -24.83 -0.40
C ALA A 137 4.81 -26.30 -0.08
N LYS A 138 3.54 -26.68 -0.01
CA LYS A 138 3.17 -28.06 0.28
C LYS A 138 3.77 -28.99 -0.78
N GLU A 139 3.60 -28.63 -2.04
CA GLU A 139 4.11 -29.43 -3.15
C GLU A 139 5.63 -29.58 -3.05
N MET A 140 6.29 -28.55 -2.54
CA MET A 140 7.75 -28.55 -2.41
C MET A 140 8.22 -29.60 -1.41
N ILE A 141 7.58 -29.65 -0.24
CA ILE A 141 7.95 -30.61 0.81
C ILE A 141 7.79 -32.04 0.31
N GLU A 142 6.76 -32.26 -0.50
CA GLU A 142 6.46 -33.58 -1.06
C GLU A 142 7.39 -33.91 -2.24
N GLU A 143 8.01 -32.88 -2.81
CA GLU A 143 8.89 -33.06 -3.96
C GLU A 143 10.28 -33.54 -3.57
N LEU A 144 10.80 -33.05 -2.44
CA LEU A 144 12.11 -33.47 -1.99
C LEU A 144 11.99 -34.69 -1.07
N GLU A 145 12.77 -35.73 -1.36
CA GLU A 145 12.72 -36.97 -0.57
C GLU A 145 11.38 -37.68 -0.78
N GLY A 146 10.32 -36.89 -0.80
CA GLY A 146 8.98 -37.41 -1.02
C GLY A 146 8.18 -37.53 0.28
N ILE A 147 8.87 -37.53 1.41
CA ILE A 147 8.18 -37.59 2.70
C ILE A 147 9.09 -37.09 3.83
N SER A 148 8.60 -36.10 4.56
CA SER A 148 9.33 -35.52 5.69
C SER A 148 8.38 -35.31 6.86
N GLU A 149 8.46 -36.13 7.91
CA GLU A 149 7.56 -35.91 9.05
C GLU A 149 8.05 -34.71 9.85
N ASP A 150 9.32 -34.77 10.26
CA ASP A 150 9.92 -33.70 11.04
C ASP A 150 9.91 -32.38 10.27
N GLU A 151 10.34 -32.44 9.01
CA GLU A 151 10.39 -31.25 8.17
C GLU A 151 8.99 -30.68 7.92
N LYS A 152 8.05 -31.54 7.53
CA LYS A 152 6.69 -31.09 7.26
C LYS A 152 6.05 -30.45 8.48
N LYS A 153 6.36 -30.98 9.64
CA LYS A 153 5.79 -30.46 10.89
C LYS A 153 6.36 -29.07 11.22
N ARG A 154 7.67 -28.95 11.22
CA ARG A 154 8.33 -27.69 11.52
C ARG A 154 8.19 -26.71 10.35
N ALA A 155 8.26 -27.25 9.14
CA ALA A 155 8.16 -26.43 7.93
C ALA A 155 6.76 -25.85 7.76
N LEU A 156 5.73 -26.58 8.18
CA LEU A 156 4.36 -26.11 8.06
C LEU A 156 4.13 -24.93 8.99
N GLU A 157 4.61 -25.04 10.22
CA GLU A 157 4.46 -23.96 11.18
C GLU A 157 5.11 -22.71 10.62
N ARG A 158 6.26 -22.89 9.99
CA ARG A 158 6.99 -21.79 9.37
C ARG A 158 6.09 -21.04 8.40
N LEU A 159 5.47 -21.78 7.49
CA LEU A 159 4.55 -21.21 6.49
C LEU A 159 3.24 -20.81 7.14
N GLN A 160 2.84 -21.51 8.19
CA GLN A 160 1.60 -21.21 8.88
C GLN A 160 1.72 -19.92 9.69
N LYS A 161 2.72 -19.87 10.55
CA LYS A 161 2.96 -18.69 11.39
C LYS A 161 3.19 -17.45 10.53
N LEU A 162 4.00 -17.60 9.49
CA LEU A 162 4.30 -16.48 8.61
C LEU A 162 3.04 -16.02 7.88
N THR A 163 2.14 -16.96 7.57
CA THR A 163 0.90 -16.61 6.91
C THR A 163 -0.01 -15.86 7.88
N ASP A 164 0.05 -16.25 9.15
CA ASP A 164 -0.75 -15.62 10.19
C ASP A 164 -0.42 -14.14 10.28
N LYS A 165 0.87 -13.82 10.20
CA LYS A 165 1.29 -12.43 10.27
C LYS A 165 0.55 -11.64 9.19
N TYR A 166 0.55 -12.19 7.98
CA TYR A 166 -0.15 -11.57 6.86
C TYR A 166 -1.63 -11.40 7.17
N ILE A 167 -2.20 -12.34 7.93
CA ILE A 167 -3.61 -12.29 8.29
C ILE A 167 -3.89 -11.09 9.20
N ASP A 168 -3.11 -10.96 10.27
CA ASP A 168 -3.28 -9.87 11.21
C ASP A 168 -2.83 -8.55 10.57
N GLU A 169 -1.84 -8.63 9.71
CA GLU A 169 -1.30 -7.45 9.04
C GLU A 169 -2.29 -6.92 8.00
N ILE A 170 -2.87 -7.83 7.21
CA ILE A 170 -3.82 -7.43 6.17
C ILE A 170 -5.13 -6.96 6.80
N ASN A 171 -5.70 -7.78 7.67
CA ASN A 171 -6.97 -7.45 8.32
C ASN A 171 -6.89 -6.13 9.07
N LYS A 172 -5.72 -5.81 9.61
CA LYS A 172 -5.53 -4.57 10.36
C LYS A 172 -5.54 -3.36 9.43
N LEU A 173 -4.86 -3.49 8.30
CA LEU A 173 -4.78 -2.40 7.33
C LEU A 173 -6.12 -2.16 6.64
N MET A 174 -6.81 -3.23 6.25
CA MET A 174 -8.10 -3.11 5.58
C MET A 174 -9.18 -2.66 6.54
N GLU A 175 -9.26 -3.31 7.70
CA GLU A 175 -10.26 -2.97 8.70
C GLU A 175 -10.22 -1.48 9.02
N ALA A 176 -9.02 -0.92 9.02
CA ALA A 176 -8.83 0.49 9.31
C ALA A 176 -9.31 1.34 8.12
N LYS A 177 -8.70 1.12 6.96
CA LYS A 177 -9.05 1.87 5.76
C LYS A 177 -10.54 1.80 5.46
N GLU A 178 -11.10 0.60 5.46
CA GLU A 178 -12.52 0.41 5.18
C GLU A 178 -13.37 1.28 6.12
N LYS A 179 -13.13 1.14 7.42
CA LYS A 179 -13.86 1.94 8.40
C LYS A 179 -13.50 3.41 8.26
N GLU A 180 -12.23 3.64 7.91
CA GLU A 180 -11.73 5.02 7.76
C GLU A 180 -12.76 5.89 7.06
N ILE A 181 -13.26 5.44 5.90
CA ILE A 181 -14.27 6.18 5.16
C ILE A 181 -15.65 6.01 5.78
N MET A 182 -15.83 4.89 6.48
CA MET A 182 -17.11 4.60 7.13
C MET A 182 -17.26 5.39 8.44
N SER A 183 -16.18 6.04 8.86
CA SER A 183 -16.21 6.83 10.09
C SER A 183 -16.78 8.22 9.84
N VAL A 184 -16.35 8.84 8.73
CA VAL A 184 -16.82 10.17 8.37
C VAL A 184 -18.34 10.20 8.22
N MET A 1 23.55 -32.93 5.81
CA MET A 1 22.10 -33.16 5.52
C MET A 1 21.56 -32.09 4.57
N ILE A 2 20.26 -32.13 4.33
CA ILE A 2 19.61 -31.15 3.45
C ILE A 2 18.51 -30.39 4.18
N LYS A 3 18.87 -29.23 4.72
CA LYS A 3 17.92 -28.40 5.45
C LYS A 3 17.01 -27.65 4.48
N GLU A 4 16.22 -28.40 3.73
CA GLU A 4 15.30 -27.81 2.75
C GLU A 4 14.26 -26.93 3.43
N LEU A 5 14.04 -27.14 4.72
CA LEU A 5 13.05 -26.37 5.47
C LEU A 5 13.26 -24.87 5.28
N GLU A 6 14.48 -24.39 5.54
CA GLU A 6 14.78 -22.97 5.40
C GLU A 6 14.42 -22.45 4.01
N ASP A 7 14.70 -23.26 2.99
CA ASP A 7 14.40 -22.89 1.62
C ASP A 7 12.92 -22.61 1.42
N ILE A 8 12.08 -23.33 2.17
CA ILE A 8 10.63 -23.14 2.08
C ILE A 8 10.23 -21.81 2.72
N PHE A 9 10.72 -21.58 3.94
CA PHE A 9 10.44 -20.37 4.68
C PHE A 9 11.06 -19.14 4.02
N LYS A 10 12.33 -19.24 3.68
CA LYS A 10 13.05 -18.13 3.04
C LYS A 10 12.34 -17.65 1.79
N GLU A 11 11.90 -18.59 0.96
CA GLU A 11 11.20 -18.26 -0.27
C GLU A 11 9.78 -17.78 0.03
N ALA A 12 9.10 -18.49 0.93
CA ALA A 12 7.73 -18.16 1.30
C ALA A 12 7.63 -16.87 2.10
N GLU A 13 8.67 -16.52 2.84
CA GLU A 13 8.67 -15.29 3.62
C GLU A 13 8.79 -14.09 2.69
N LYS A 14 9.83 -14.12 1.86
CA LYS A 14 10.10 -13.08 0.89
C LYS A 14 8.93 -12.90 -0.05
N ASP A 15 8.22 -14.00 -0.30
CA ASP A 15 7.04 -13.99 -1.16
C ASP A 15 5.89 -13.29 -0.45
N MET A 16 5.81 -13.51 0.86
CA MET A 16 4.75 -12.90 1.67
C MET A 16 4.97 -11.40 1.84
N LYS A 17 6.18 -11.01 2.22
CA LYS A 17 6.50 -9.60 2.44
C LYS A 17 6.18 -8.79 1.19
N LYS A 18 6.67 -9.23 0.05
CA LYS A 18 6.42 -8.55 -1.21
C LYS A 18 4.93 -8.44 -1.49
N ALA A 19 4.18 -9.43 -1.00
CA ALA A 19 2.74 -9.46 -1.20
C ALA A 19 2.04 -8.33 -0.44
N VAL A 20 2.41 -8.13 0.82
CA VAL A 20 1.82 -7.07 1.64
C VAL A 20 2.32 -5.69 1.22
N GLU A 21 3.62 -5.58 0.93
CA GLU A 21 4.21 -4.30 0.55
C GLU A 21 3.48 -3.70 -0.64
N TYR A 22 3.27 -4.49 -1.68
CA TYR A 22 2.57 -4.02 -2.87
C TYR A 22 1.09 -3.83 -2.56
N TYR A 23 0.59 -4.64 -1.63
CA TYR A 23 -0.81 -4.58 -1.22
C TYR A 23 -1.10 -3.29 -0.45
N LYS A 24 -0.23 -2.96 0.51
CA LYS A 24 -0.41 -1.76 1.31
C LYS A 24 -0.15 -0.51 0.46
N ASN A 25 0.76 -0.63 -0.51
CA ASN A 25 1.10 0.47 -1.38
C ASN A 25 -0.10 0.95 -2.17
N GLU A 26 -0.96 0.01 -2.55
CA GLU A 26 -2.18 0.33 -3.29
C GLU A 26 -3.23 0.92 -2.38
N ILE A 27 -3.20 0.51 -1.11
CA ILE A 27 -4.16 1.00 -0.13
C ILE A 27 -3.69 2.30 0.49
N ALA A 28 -2.37 2.49 0.52
CA ALA A 28 -1.78 3.70 1.06
C ALA A 28 -1.84 4.84 0.06
N GLY A 29 -1.67 4.50 -1.22
CA GLY A 29 -1.66 5.51 -2.27
C GLY A 29 -2.91 5.52 -3.13
N LEU A 30 -3.94 4.76 -2.74
CA LEU A 30 -5.18 4.73 -3.52
C LEU A 30 -5.70 6.15 -3.74
N ARG A 31 -6.64 6.30 -4.67
CA ARG A 31 -7.18 7.62 -4.98
C ARG A 31 -8.40 7.93 -4.12
N THR A 32 -8.19 8.01 -2.81
CA THR A 32 -9.28 8.31 -1.89
C THR A 32 -9.72 9.77 -2.04
N SER A 33 -11.02 9.99 -2.05
CA SER A 33 -11.56 11.33 -2.19
C SER A 33 -11.27 12.19 -0.96
N ARG A 34 -10.75 11.56 0.10
CA ARG A 34 -10.43 12.28 1.32
C ARG A 34 -9.11 13.03 1.15
N ALA A 35 -9.04 14.24 1.68
CA ALA A 35 -7.84 15.06 1.58
C ALA A 35 -6.76 14.52 2.52
N SER A 36 -6.34 13.29 2.27
CA SER A 36 -5.33 12.66 3.09
C SER A 36 -3.93 12.88 2.51
N THR A 37 -2.97 13.12 3.38
CA THR A 37 -1.61 13.35 2.95
C THR A 37 -0.95 12.05 2.48
N ALA A 38 -1.50 10.91 2.88
CA ALA A 38 -0.91 9.62 2.52
C ALA A 38 -1.05 9.26 1.04
N LEU A 39 -2.28 9.24 0.51
CA LEU A 39 -2.53 8.86 -0.89
C LEU A 39 -1.35 9.21 -1.78
N VAL A 40 -0.78 10.38 -1.55
CA VAL A 40 0.38 10.83 -2.29
C VAL A 40 1.64 10.31 -1.60
N GLU A 41 2.34 11.19 -0.89
CA GLU A 41 3.56 10.83 -0.17
C GLU A 41 4.74 10.74 -1.11
N GLU A 42 4.46 10.60 -2.41
CA GLU A 42 5.52 10.52 -3.39
C GLU A 42 5.52 11.74 -4.30
N ILE A 43 5.08 12.87 -3.75
CA ILE A 43 5.01 14.12 -4.48
C ILE A 43 6.39 14.49 -5.04
N LYS A 44 6.85 13.72 -6.02
CA LYS A 44 8.16 13.95 -6.63
C LYS A 44 8.19 15.25 -7.40
N VAL A 45 8.82 16.26 -6.82
CA VAL A 45 8.92 17.57 -7.46
C VAL A 45 10.30 17.76 -8.06
N GLU A 46 10.34 18.31 -9.28
CA GLU A 46 11.60 18.53 -9.97
C GLU A 46 12.43 19.61 -9.29
N TYR A 47 13.71 19.33 -9.12
CA TYR A 47 14.63 20.28 -8.49
C TYR A 47 15.96 20.31 -9.22
N TYR A 48 16.13 21.29 -10.10
CA TYR A 48 17.36 21.43 -10.88
C TYR A 48 17.59 20.21 -11.76
N GLY A 49 16.51 19.58 -12.19
CA GLY A 49 16.63 18.41 -13.05
C GLY A 49 16.68 17.11 -12.26
N SER A 50 16.17 17.13 -11.04
CA SER A 50 16.16 15.95 -10.19
C SER A 50 14.77 15.71 -9.60
N LYS A 51 14.38 14.45 -9.51
CA LYS A 51 13.07 14.09 -8.97
C LYS A 51 13.17 13.80 -7.47
N VAL A 52 12.56 14.66 -6.66
CA VAL A 52 12.57 14.49 -5.21
C VAL A 52 11.22 14.85 -4.62
N PRO A 53 10.73 14.05 -3.64
CA PRO A 53 9.44 14.30 -2.98
C PRO A 53 9.38 15.67 -2.32
N ILE A 54 8.41 15.85 -1.43
CA ILE A 54 8.24 17.11 -0.71
C ILE A 54 8.50 16.94 0.78
N LYS A 55 9.55 16.20 1.11
CA LYS A 55 9.91 15.97 2.51
C LYS A 55 10.83 17.07 3.02
N GLN A 56 11.58 17.66 2.10
CA GLN A 56 12.50 18.74 2.45
C GLN A 56 12.36 19.88 1.45
N LEU A 57 11.17 20.05 0.91
CA LEU A 57 10.90 21.10 -0.06
C LEU A 57 9.82 22.05 0.44
N GLY A 58 8.73 21.50 0.96
CA GLY A 58 7.64 22.32 1.45
C GLY A 58 6.91 21.69 2.62
N THR A 59 5.86 22.37 3.08
CA THR A 59 5.05 21.87 4.19
C THR A 59 3.62 21.58 3.75
N ILE A 60 3.21 20.32 3.91
CA ILE A 60 1.86 19.92 3.54
C ILE A 60 0.96 19.86 4.77
N SER A 61 -0.17 20.53 4.70
CA SER A 61 -1.11 20.56 5.83
C SER A 61 -2.55 20.55 5.35
N VAL A 62 -3.42 19.91 6.14
CA VAL A 62 -4.84 19.84 5.83
C VAL A 62 -5.62 20.85 6.69
N PRO A 63 -6.24 21.86 6.07
CA PRO A 63 -6.98 22.89 6.78
C PRO A 63 -8.43 22.52 7.09
N GLU A 64 -9.19 22.16 6.05
CA GLU A 64 -10.60 21.81 6.25
C GLU A 64 -10.84 20.31 6.18
N HIS A 65 -9.83 19.53 6.50
CA HIS A 65 -9.94 18.07 6.49
C HIS A 65 -10.10 17.52 5.07
N ASN A 66 -11.12 18.01 4.34
CA ASN A 66 -11.37 17.55 2.98
C ASN A 66 -10.53 18.32 1.95
N GLN A 67 -9.46 18.96 2.41
CA GLN A 67 -8.60 19.71 1.50
C GLN A 67 -7.12 19.43 1.80
N ILE A 68 -6.32 19.34 0.75
CA ILE A 68 -4.89 19.08 0.91
C ILE A 68 -4.08 20.23 0.31
N VAL A 69 -3.22 20.84 1.13
CA VAL A 69 -2.43 21.98 0.66
C VAL A 69 -0.93 21.76 0.77
N ILE A 70 -0.24 21.85 -0.36
CA ILE A 70 1.21 21.67 -0.41
C ILE A 70 1.88 23.02 -0.67
N GLN A 71 2.89 23.36 0.11
CA GLN A 71 3.58 24.65 -0.05
C GLN A 71 5.10 24.51 0.05
N VAL A 72 5.79 24.65 -1.10
CA VAL A 72 7.24 24.53 -1.12
C VAL A 72 7.91 25.91 -1.16
N TRP A 73 8.61 26.22 -0.07
CA TRP A 73 9.31 27.50 0.07
C TRP A 73 9.99 27.94 -1.22
N ASP A 74 10.43 27.00 -2.04
CA ASP A 74 11.10 27.31 -3.29
C ASP A 74 10.08 27.44 -4.42
N GLN A 75 9.98 28.64 -4.97
CA GLN A 75 9.06 28.88 -6.07
C GLN A 75 9.37 27.97 -7.25
N ASN A 76 10.60 27.45 -7.28
CA ASN A 76 11.04 26.56 -8.35
C ASN A 76 10.40 25.18 -8.23
N ALA A 77 9.75 24.91 -7.11
CA ALA A 77 9.13 23.61 -6.88
C ALA A 77 7.61 23.68 -6.99
N VAL A 78 7.02 24.80 -6.60
CA VAL A 78 5.57 24.96 -6.65
C VAL A 78 4.98 24.53 -7.98
N PRO A 79 5.54 25.00 -9.11
CA PRO A 79 5.05 24.63 -10.44
C PRO A 79 5.18 23.13 -10.69
N ALA A 80 6.26 22.55 -10.17
CA ALA A 80 6.52 21.14 -10.30
C ALA A 80 5.53 20.32 -9.50
N ILE A 81 5.25 20.77 -8.28
CA ILE A 81 4.32 20.07 -7.41
C ILE A 81 2.95 19.93 -8.06
N GLU A 82 2.39 21.03 -8.53
CA GLU A 82 1.08 21.01 -9.17
C GLU A 82 1.04 19.92 -10.24
N LYS A 83 2.09 19.84 -11.04
CA LYS A 83 2.17 18.83 -12.08
C LYS A 83 2.15 17.44 -11.44
N ALA A 84 2.71 17.34 -10.24
CA ALA A 84 2.77 16.08 -9.51
C ALA A 84 1.44 15.78 -8.81
N ILE A 85 0.91 16.76 -8.07
CA ILE A 85 -0.35 16.59 -7.35
C ILE A 85 -1.48 16.22 -8.31
N ARG A 86 -1.57 16.94 -9.43
CA ARG A 86 -2.60 16.68 -10.43
C ARG A 86 -2.39 15.29 -11.03
N GLU A 87 -1.13 14.93 -11.19
CA GLU A 87 -0.77 13.64 -11.75
C GLU A 87 -1.04 12.51 -10.76
N GLU A 88 -0.78 12.80 -9.49
CA GLU A 88 -0.98 11.83 -8.41
C GLU A 88 -2.43 11.75 -7.95
N LEU A 89 -3.07 12.91 -7.77
CA LEU A 89 -4.45 12.95 -7.29
C LEU A 89 -5.46 13.10 -8.43
N ASN A 90 -4.98 13.22 -9.65
CA ASN A 90 -5.85 13.34 -10.83
C ASN A 90 -6.98 14.34 -10.59
N LEU A 91 -6.72 15.39 -9.81
CA LEU A 91 -7.73 16.41 -9.53
C LEU A 91 -7.30 17.77 -10.08
N ASN A 92 -8.09 18.79 -9.79
CA ASN A 92 -7.80 20.15 -10.25
C ASN A 92 -7.34 21.05 -9.11
N PRO A 93 -6.01 21.17 -8.90
CA PRO A 93 -5.45 22.00 -7.83
C PRO A 93 -5.28 23.45 -8.24
N THR A 94 -5.18 24.34 -7.26
CA THR A 94 -5.00 25.77 -7.51
C THR A 94 -3.77 26.29 -6.77
N VAL A 95 -2.86 26.92 -7.51
CA VAL A 95 -1.65 27.46 -6.92
C VAL A 95 -1.63 28.99 -6.97
N GLN A 96 -1.42 29.61 -5.82
CA GLN A 96 -1.37 31.06 -5.73
C GLN A 96 -0.15 31.51 -4.95
N GLY A 97 0.76 32.22 -5.62
CA GLY A 97 1.97 32.69 -4.97
C GLY A 97 3.00 31.59 -4.83
N ASN A 98 2.83 30.75 -3.81
CA ASN A 98 3.74 29.62 -3.56
C ASN A 98 3.02 28.54 -2.77
N VAL A 99 1.69 28.57 -2.81
CA VAL A 99 0.88 27.60 -2.10
C VAL A 99 0.04 26.78 -3.08
N ILE A 100 -0.24 25.54 -2.71
CA ILE A 100 -1.04 24.67 -3.56
C ILE A 100 -2.25 24.14 -2.79
N ARG A 101 -3.44 24.48 -3.26
CA ARG A 101 -4.66 24.03 -2.62
C ARG A 101 -5.29 22.89 -3.40
N VAL A 102 -5.68 21.84 -2.70
CA VAL A 102 -6.31 20.70 -3.33
C VAL A 102 -7.59 20.31 -2.60
N THR A 103 -8.69 20.27 -3.34
CA THR A 103 -9.98 19.92 -2.77
C THR A 103 -10.63 18.81 -3.58
N LEU A 104 -11.19 17.83 -2.88
CA LEU A 104 -11.84 16.71 -3.54
C LEU A 104 -13.36 16.82 -3.42
N PRO A 105 -14.11 16.39 -4.44
CA PRO A 105 -15.57 16.45 -4.43
C PRO A 105 -16.16 15.83 -3.16
N PRO A 106 -17.31 16.33 -2.70
CA PRO A 106 -17.97 15.83 -1.49
C PRO A 106 -18.10 14.32 -1.49
N LEU A 107 -17.46 13.66 -0.52
CA LEU A 107 -17.51 12.21 -0.41
C LEU A 107 -18.95 11.72 -0.35
N THR A 108 -19.52 11.42 -1.52
CA THR A 108 -20.89 10.94 -1.60
C THR A 108 -20.95 9.42 -1.64
N GLU A 109 -22.16 8.90 -1.82
CA GLU A 109 -22.35 7.45 -1.88
C GLU A 109 -21.38 6.81 -2.85
N GLU A 110 -21.35 7.35 -4.07
CA GLU A 110 -20.46 6.84 -5.11
C GLU A 110 -19.01 6.84 -4.66
N ARG A 111 -18.64 7.83 -3.86
CA ARG A 111 -17.27 7.95 -3.37
C ARG A 111 -16.91 6.87 -2.35
N ARG A 112 -17.82 6.62 -1.40
CA ARG A 112 -17.56 5.64 -0.34
C ARG A 112 -17.39 4.21 -0.87
N ARG A 113 -18.32 3.74 -1.68
CA ARG A 113 -18.22 2.38 -2.22
C ARG A 113 -17.08 2.25 -3.24
N GLU A 114 -16.83 3.33 -3.97
CA GLU A 114 -15.77 3.33 -4.99
C GLU A 114 -14.42 2.96 -4.39
N LEU A 115 -14.03 3.66 -3.34
CA LEU A 115 -12.76 3.40 -2.66
C LEU A 115 -12.77 2.06 -1.93
N VAL A 116 -13.84 1.78 -1.21
CA VAL A 116 -13.95 0.54 -0.45
C VAL A 116 -13.87 -0.69 -1.34
N ARG A 117 -14.71 -0.74 -2.37
CA ARG A 117 -14.71 -1.87 -3.30
C ARG A 117 -13.35 -2.01 -3.98
N LEU A 118 -12.66 -0.90 -4.14
CA LEU A 118 -11.33 -0.91 -4.74
C LEU A 118 -10.33 -1.57 -3.81
N LEU A 119 -10.53 -1.36 -2.51
CA LEU A 119 -9.68 -1.97 -1.49
C LEU A 119 -10.04 -3.44 -1.43
N HIS A 120 -11.32 -3.71 -1.65
CA HIS A 120 -11.85 -5.06 -1.64
C HIS A 120 -11.15 -5.93 -2.69
N LYS A 121 -10.73 -5.32 -3.79
CA LYS A 121 -10.00 -6.04 -4.82
C LYS A 121 -8.59 -6.32 -4.32
N ILE A 122 -8.06 -5.37 -3.56
CA ILE A 122 -6.72 -5.47 -2.99
C ILE A 122 -6.71 -6.53 -1.90
N THR A 123 -7.80 -6.62 -1.16
CA THR A 123 -7.92 -7.59 -0.07
C THR A 123 -7.70 -9.01 -0.57
N GLU A 124 -8.41 -9.40 -1.63
CA GLU A 124 -8.26 -10.74 -2.18
C GLU A 124 -6.90 -10.90 -2.84
N GLU A 125 -6.36 -9.79 -3.36
CA GLU A 125 -5.06 -9.80 -4.02
C GLU A 125 -3.99 -10.39 -3.10
N ALA A 126 -4.02 -9.97 -1.84
CA ALA A 126 -3.05 -10.46 -0.85
C ALA A 126 -3.28 -11.93 -0.56
N ARG A 127 -4.54 -12.31 -0.36
CA ARG A 127 -4.90 -13.69 -0.07
C ARG A 127 -4.39 -14.61 -1.18
N VAL A 128 -4.48 -14.14 -2.42
CA VAL A 128 -4.02 -14.91 -3.57
C VAL A 128 -2.52 -15.17 -3.48
N ARG A 129 -1.78 -14.19 -2.98
CA ARG A 129 -0.33 -14.30 -2.85
C ARG A 129 0.02 -15.36 -1.80
N VAL A 130 -0.65 -15.32 -0.66
CA VAL A 130 -0.41 -16.27 0.41
C VAL A 130 -0.80 -17.68 -0.04
N ARG A 131 -2.02 -17.80 -0.55
CA ARG A 131 -2.54 -19.07 -1.04
C ARG A 131 -1.63 -19.65 -2.12
N ASN A 132 -1.00 -18.75 -2.88
CA ASN A 132 -0.10 -19.14 -3.95
C ASN A 132 1.18 -19.76 -3.41
N VAL A 133 1.63 -19.29 -2.25
CA VAL A 133 2.84 -19.82 -1.62
C VAL A 133 2.62 -21.23 -1.08
N ARG A 134 1.55 -21.37 -0.28
CA ARG A 134 1.22 -22.66 0.32
C ARG A 134 1.10 -23.76 -0.73
N ARG A 135 0.64 -23.38 -1.92
CA ARG A 135 0.49 -24.32 -3.01
C ARG A 135 1.84 -24.82 -3.49
N GLU A 136 2.78 -23.90 -3.68
CA GLU A 136 4.13 -24.25 -4.10
C GLU A 136 4.91 -24.84 -2.94
N ALA A 137 4.60 -24.39 -1.73
CA ALA A 137 5.28 -24.88 -0.54
C ALA A 137 5.06 -26.37 -0.36
N LYS A 138 3.80 -26.79 -0.51
CA LYS A 138 3.45 -28.20 -0.37
C LYS A 138 4.24 -29.05 -1.38
N GLU A 139 4.14 -28.68 -2.66
CA GLU A 139 4.83 -29.42 -3.71
C GLU A 139 6.34 -29.46 -3.46
N MET A 140 6.87 -28.41 -2.84
CA MET A 140 8.30 -28.32 -2.56
C MET A 140 8.75 -29.38 -1.54
N ILE A 141 8.01 -29.51 -0.44
CA ILE A 141 8.37 -30.49 0.59
C ILE A 141 8.20 -31.91 0.06
N GLU A 142 7.04 -32.20 -0.51
CA GLU A 142 6.74 -33.51 -1.07
C GLU A 142 7.69 -33.86 -2.21
N GLU A 143 8.37 -32.86 -2.75
CA GLU A 143 9.32 -33.08 -3.85
C GLU A 143 10.71 -33.43 -3.31
N LEU A 144 10.98 -33.02 -2.08
CA LEU A 144 12.28 -33.28 -1.45
C LEU A 144 12.34 -34.71 -0.94
N GLU A 145 13.19 -35.53 -1.56
CA GLU A 145 13.33 -36.93 -1.17
C GLU A 145 11.99 -37.67 -1.31
N GLY A 146 10.98 -36.97 -1.81
CA GLY A 146 9.66 -37.53 -1.99
C GLY A 146 8.87 -37.67 -0.70
N ILE A 147 9.56 -37.66 0.44
CA ILE A 147 8.89 -37.76 1.73
C ILE A 147 9.77 -37.22 2.87
N SER A 148 9.24 -36.26 3.61
CA SER A 148 9.94 -35.67 4.74
C SER A 148 9.01 -35.54 5.94
N GLU A 149 9.16 -36.39 6.97
CA GLU A 149 8.28 -36.27 8.13
C GLU A 149 8.71 -35.08 8.98
N ASP A 150 9.99 -35.07 9.35
CA ASP A 150 10.54 -34.00 10.18
C ASP A 150 10.40 -32.65 9.48
N GLU A 151 10.67 -32.63 8.19
CA GLU A 151 10.59 -31.41 7.40
C GLU A 151 9.13 -30.96 7.19
N LYS A 152 8.28 -31.89 6.78
CA LYS A 152 6.87 -31.58 6.54
C LYS A 152 6.18 -31.08 7.80
N LYS A 153 6.52 -31.65 8.94
CA LYS A 153 5.91 -31.26 10.20
C LYS A 153 6.30 -29.84 10.57
N ARG A 154 7.59 -29.56 10.58
CA ARG A 154 8.10 -28.22 10.91
C ARG A 154 7.81 -27.23 9.79
N ALA A 155 7.89 -27.71 8.55
CA ALA A 155 7.65 -26.88 7.37
C ALA A 155 6.18 -26.51 7.21
N LEU A 156 5.29 -27.41 7.61
CA LEU A 156 3.86 -27.14 7.50
C LEU A 156 3.40 -26.11 8.51
N GLU A 157 3.77 -26.30 9.78
CA GLU A 157 3.39 -25.36 10.82
C GLU A 157 3.95 -23.99 10.49
N ARG A 158 5.21 -23.99 10.05
CA ARG A 158 5.88 -22.75 9.67
C ARG A 158 5.05 -22.01 8.64
N LEU A 159 4.64 -22.75 7.61
CA LEU A 159 3.82 -22.24 6.51
C LEU A 159 2.38 -22.00 6.97
N GLN A 160 1.93 -22.78 7.94
CA GLN A 160 0.58 -22.65 8.48
C GLN A 160 0.48 -21.39 9.34
N LYS A 161 1.38 -21.27 10.30
CA LYS A 161 1.39 -20.13 11.21
C LYS A 161 1.59 -18.83 10.44
N LEU A 162 2.51 -18.84 9.48
CA LEU A 162 2.79 -17.64 8.69
C LEU A 162 1.63 -17.28 7.78
N THR A 163 0.96 -18.28 7.21
CA THR A 163 -0.18 -18.02 6.33
C THR A 163 -1.35 -17.47 7.13
N ASP A 164 -1.67 -18.12 8.25
CA ASP A 164 -2.76 -17.67 9.12
C ASP A 164 -2.41 -16.35 9.78
N LYS A 165 -1.13 -16.19 10.11
CA LYS A 165 -0.64 -14.96 10.73
C LYS A 165 -0.67 -13.83 9.71
N TYR A 166 -0.42 -14.19 8.46
CA TYR A 166 -0.41 -13.24 7.36
C TYR A 166 -1.78 -12.61 7.17
N ILE A 167 -2.84 -13.37 7.41
CA ILE A 167 -4.19 -12.86 7.26
C ILE A 167 -4.55 -11.88 8.37
N ASP A 168 -4.12 -12.19 9.58
CA ASP A 168 -4.40 -11.34 10.74
C ASP A 168 -3.94 -9.91 10.52
N GLU A 169 -2.69 -9.76 10.09
CA GLU A 169 -2.12 -8.43 9.85
C GLU A 169 -2.92 -7.68 8.80
N ILE A 170 -3.18 -8.35 7.68
CA ILE A 170 -3.94 -7.76 6.58
C ILE A 170 -5.39 -7.53 6.98
N ASN A 171 -5.98 -8.50 7.65
CA ASN A 171 -7.37 -8.42 8.09
C ASN A 171 -7.58 -7.24 9.04
N LYS A 172 -6.58 -6.98 9.88
CA LYS A 172 -6.65 -5.88 10.83
C LYS A 172 -6.59 -4.54 10.11
N LEU A 173 -5.73 -4.47 9.09
CA LEU A 173 -5.56 -3.26 8.31
C LEU A 173 -6.79 -3.00 7.46
N MET A 174 -7.30 -4.06 6.82
CA MET A 174 -8.48 -3.94 5.97
C MET A 174 -9.73 -3.65 6.80
N GLU A 175 -9.95 -4.46 7.83
CA GLU A 175 -11.11 -4.29 8.70
C GLU A 175 -11.11 -2.89 9.33
N ALA A 176 -9.93 -2.36 9.57
CA ALA A 176 -9.79 -1.03 10.16
C ALA A 176 -10.28 0.04 9.19
N LYS A 177 -9.69 0.08 8.00
CA LYS A 177 -10.06 1.06 6.98
C LYS A 177 -11.51 0.88 6.56
N GLU A 178 -11.92 -0.36 6.34
CA GLU A 178 -13.29 -0.65 5.93
C GLU A 178 -14.27 -0.02 6.92
N LYS A 179 -14.09 -0.32 8.20
CA LYS A 179 -14.93 0.25 9.23
C LYS A 179 -14.69 1.75 9.33
N GLU A 180 -13.41 2.12 9.32
CA GLU A 180 -12.99 3.53 9.41
C GLU A 180 -14.05 4.45 8.83
N ILE A 181 -14.49 4.17 7.61
CA ILE A 181 -15.51 4.98 6.97
C ILE A 181 -16.90 4.66 7.54
N MET A 182 -17.20 3.37 7.59
CA MET A 182 -18.48 2.90 8.10
C MET A 182 -18.77 3.47 9.48
N SER A 183 -17.71 3.83 10.20
CA SER A 183 -17.83 4.38 11.54
C SER A 183 -18.00 5.90 11.48
N VAL A 184 -16.95 6.59 11.02
CA VAL A 184 -16.96 8.04 10.90
C VAL A 184 -17.60 8.70 12.12
N MET A 1 23.35 -28.52 8.55
CA MET A 1 23.90 -27.19 8.16
C MET A 1 23.01 -26.53 7.11
N ILE A 2 22.68 -27.27 6.06
CA ILE A 2 21.84 -26.75 4.99
C ILE A 2 20.58 -27.59 4.82
N LYS A 3 19.50 -27.17 5.48
CA LYS A 3 18.23 -27.88 5.40
C LYS A 3 17.31 -27.21 4.38
N GLU A 4 16.37 -27.99 3.85
CA GLU A 4 15.44 -27.49 2.85
C GLU A 4 14.45 -26.51 3.47
N LEU A 5 14.19 -26.67 4.77
CA LEU A 5 13.26 -25.80 5.48
C LEU A 5 13.58 -24.32 5.27
N GLU A 6 14.86 -23.96 5.44
CA GLU A 6 15.30 -22.59 5.27
C GLU A 6 14.88 -22.04 3.92
N ASP A 7 14.92 -22.89 2.91
CA ASP A 7 14.55 -22.52 1.55
C ASP A 7 13.04 -22.32 1.42
N ILE A 8 12.27 -23.08 2.20
CA ILE A 8 10.82 -22.97 2.16
C ILE A 8 10.34 -21.66 2.77
N PHE A 9 10.82 -21.35 3.97
CA PHE A 9 10.42 -20.11 4.64
C PHE A 9 10.94 -18.88 3.88
N LYS A 10 12.22 -18.89 3.56
CA LYS A 10 12.84 -17.79 2.83
C LYS A 10 12.08 -17.46 1.56
N GLU A 11 11.59 -18.51 0.91
CA GLU A 11 10.81 -18.34 -0.32
C GLU A 11 9.43 -17.77 0.00
N ALA A 12 8.78 -18.32 1.02
CA ALA A 12 7.47 -17.88 1.42
C ALA A 12 7.50 -16.49 2.06
N GLU A 13 8.64 -16.14 2.67
CA GLU A 13 8.79 -14.84 3.29
C GLU A 13 8.90 -13.74 2.23
N LYS A 14 9.84 -13.93 1.31
CA LYS A 14 10.06 -12.96 0.24
C LYS A 14 8.88 -12.94 -0.72
N ASP A 15 8.23 -14.08 -0.89
CA ASP A 15 7.08 -14.19 -1.76
C ASP A 15 5.89 -13.42 -1.19
N MET A 16 5.59 -13.66 0.08
CA MET A 16 4.49 -12.99 0.75
C MET A 16 4.82 -11.53 1.01
N LYS A 17 6.06 -11.26 1.43
CA LYS A 17 6.49 -9.90 1.71
C LYS A 17 6.26 -8.99 0.51
N LYS A 18 6.68 -9.46 -0.66
CA LYS A 18 6.50 -8.70 -1.88
C LYS A 18 5.02 -8.59 -2.24
N ALA A 19 4.26 -9.63 -1.88
CA ALA A 19 2.83 -9.66 -2.17
C ALA A 19 2.07 -8.68 -1.28
N VAL A 20 2.36 -8.69 0.01
CA VAL A 20 1.71 -7.79 0.95
C VAL A 20 2.20 -6.36 0.78
N GLU A 21 3.50 -6.20 0.57
CA GLU A 21 4.09 -4.89 0.38
C GLU A 21 3.41 -4.14 -0.76
N TYR A 22 3.27 -4.82 -1.89
CA TYR A 22 2.61 -4.23 -3.06
C TYR A 22 1.12 -4.06 -2.79
N TYR A 23 0.57 -4.95 -1.98
CA TYR A 23 -0.85 -4.91 -1.64
C TYR A 23 -1.16 -3.66 -0.81
N LYS A 24 -0.37 -3.42 0.21
CA LYS A 24 -0.57 -2.24 1.07
C LYS A 24 -0.27 -0.97 0.28
N ASN A 25 0.69 -1.08 -0.63
CA ASN A 25 1.10 0.03 -1.49
C ASN A 25 -0.07 0.53 -2.33
N GLU A 26 -0.96 -0.38 -2.71
CA GLU A 26 -2.13 -0.01 -3.50
C GLU A 26 -3.20 0.63 -2.63
N ILE A 27 -3.26 0.20 -1.37
CA ILE A 27 -4.25 0.73 -0.43
C ILE A 27 -3.76 2.03 0.21
N ALA A 28 -2.46 2.12 0.40
CA ALA A 28 -1.85 3.31 1.00
C ALA A 28 -1.85 4.47 0.03
N GLY A 29 -1.73 4.16 -1.26
CA GLY A 29 -1.69 5.20 -2.28
C GLY A 29 -3.00 5.40 -3.04
N LEU A 30 -4.00 4.55 -2.77
CA LEU A 30 -5.28 4.68 -3.45
C LEU A 30 -5.90 6.05 -3.17
N ARG A 31 -6.68 6.54 -4.12
CA ARG A 31 -7.33 7.85 -3.96
C ARG A 31 -8.51 7.77 -3.01
N THR A 32 -8.22 7.82 -1.71
CA THR A 32 -9.26 7.76 -0.70
C THR A 32 -10.01 9.09 -0.58
N SER A 33 -11.16 9.05 0.07
CA SER A 33 -11.98 10.25 0.26
C SER A 33 -11.44 11.13 1.39
N ARG A 34 -10.37 10.68 2.04
CA ARG A 34 -9.77 11.44 3.13
C ARG A 34 -8.52 12.16 2.66
N ALA A 35 -8.36 13.39 3.12
CA ALA A 35 -7.20 14.18 2.76
C ALA A 35 -6.01 13.73 3.61
N SER A 36 -5.34 12.69 3.13
CA SER A 36 -4.21 12.15 3.86
C SER A 36 -2.90 12.38 3.12
N THR A 37 -1.84 12.64 3.87
CA THR A 37 -0.53 12.87 3.30
C THR A 37 0.09 11.56 2.78
N ALA A 38 -0.45 10.43 3.24
CA ALA A 38 0.08 9.12 2.87
C ALA A 38 -0.13 8.74 1.39
N LEU A 39 -1.38 8.78 0.93
CA LEU A 39 -1.71 8.38 -0.45
C LEU A 39 -0.57 8.71 -1.41
N VAL A 40 -0.09 9.94 -1.33
CA VAL A 40 0.99 10.38 -2.18
C VAL A 40 2.30 9.74 -1.74
N GLU A 41 3.14 10.52 -1.06
CA GLU A 41 4.43 10.04 -0.57
C GLU A 41 5.50 10.08 -1.66
N GLU A 42 5.07 10.07 -2.92
CA GLU A 42 6.00 10.11 -4.03
C GLU A 42 5.70 11.28 -4.97
N ILE A 43 5.56 12.48 -4.40
CA ILE A 43 5.28 13.67 -5.18
C ILE A 43 6.48 14.02 -6.08
N LYS A 44 6.80 13.13 -7.00
CA LYS A 44 7.92 13.32 -7.91
C LYS A 44 7.85 14.65 -8.65
N VAL A 45 8.47 15.67 -8.08
CA VAL A 45 8.48 17.00 -8.68
C VAL A 45 9.83 17.26 -9.34
N GLU A 46 9.80 17.75 -10.58
CA GLU A 46 11.01 18.05 -11.33
C GLU A 46 11.76 19.22 -10.71
N TYR A 47 12.87 18.93 -10.04
CA TYR A 47 13.68 19.96 -9.41
C TYR A 47 15.07 20.00 -10.04
N TYR A 48 15.34 21.05 -10.80
CA TYR A 48 16.63 21.20 -11.46
C TYR A 48 16.89 20.06 -12.45
N GLY A 49 15.80 19.50 -12.98
CA GLY A 49 15.93 18.40 -13.92
C GLY A 49 15.97 17.04 -13.26
N SER A 50 15.47 16.97 -12.02
CA SER A 50 15.45 15.72 -11.27
C SER A 50 14.09 15.48 -10.65
N LYS A 51 13.60 14.25 -10.73
CA LYS A 51 12.30 13.89 -10.16
C LYS A 51 12.45 13.43 -8.72
N VAL A 52 11.93 14.22 -7.79
CA VAL A 52 12.01 13.89 -6.36
C VAL A 52 10.73 14.32 -5.64
N PRO A 53 10.36 13.59 -4.56
CA PRO A 53 9.16 13.90 -3.78
C PRO A 53 9.35 15.16 -2.93
N ILE A 54 8.26 15.65 -2.34
CA ILE A 54 8.32 16.84 -1.50
C ILE A 54 9.36 16.66 -0.41
N LYS A 55 9.51 15.42 0.06
CA LYS A 55 10.48 15.10 1.10
C LYS A 55 11.82 15.77 0.81
N GLN A 56 12.09 16.87 1.52
CA GLN A 56 13.33 17.65 1.34
C GLN A 56 13.19 18.64 0.18
N LEU A 57 11.94 19.07 -0.05
CA LEU A 57 11.64 20.03 -1.11
C LEU A 57 10.68 21.09 -0.60
N GLY A 58 9.57 20.65 -0.01
CA GLY A 58 8.58 21.56 0.52
C GLY A 58 8.11 21.16 1.90
N THR A 59 6.80 21.22 2.13
CA THR A 59 6.23 20.85 3.42
C THR A 59 4.74 20.58 3.32
N ILE A 60 4.37 19.30 3.32
CA ILE A 60 2.96 18.93 3.25
C ILE A 60 2.38 18.76 4.65
N SER A 61 1.24 19.41 4.91
CA SER A 61 0.61 19.34 6.23
C SER A 61 -0.92 19.31 6.12
N VAL A 62 -1.55 18.77 7.17
CA VAL A 62 -3.00 18.68 7.23
C VAL A 62 -3.55 19.56 8.36
N PRO A 63 -4.61 20.34 8.11
CA PRO A 63 -5.19 21.22 9.10
C PRO A 63 -6.33 20.60 9.91
N GLU A 64 -7.34 20.06 9.24
CA GLU A 64 -8.48 19.47 9.95
C GLU A 64 -8.76 18.03 9.54
N HIS A 65 -7.72 17.31 9.14
CA HIS A 65 -7.87 15.91 8.74
C HIS A 65 -8.79 15.76 7.52
N ASN A 66 -9.12 16.88 6.88
CA ASN A 66 -9.98 16.84 5.70
C ASN A 66 -9.40 17.70 4.57
N GLN A 67 -8.24 18.29 4.81
CA GLN A 67 -7.59 19.14 3.82
C GLN A 67 -6.09 18.89 3.78
N ILE A 68 -5.51 18.93 2.58
CA ILE A 68 -4.08 18.70 2.43
C ILE A 68 -3.42 19.93 1.82
N VAL A 69 -2.54 20.56 2.58
CA VAL A 69 -1.85 21.76 2.12
C VAL A 69 -0.35 21.52 1.92
N ILE A 70 0.10 21.67 0.69
CA ILE A 70 1.50 21.46 0.36
C ILE A 70 2.18 22.81 0.09
N GLN A 71 3.27 23.11 0.81
CA GLN A 71 3.98 24.36 0.60
C GLN A 71 5.44 24.12 0.26
N VAL A 72 5.78 24.34 -1.00
CA VAL A 72 7.13 24.10 -1.49
C VAL A 72 8.05 25.31 -1.30
N TRP A 73 8.74 25.36 -0.16
CA TRP A 73 9.66 26.44 0.17
C TRP A 73 10.22 27.12 -1.09
N ASP A 74 10.67 26.32 -2.04
CA ASP A 74 11.20 26.83 -3.30
C ASP A 74 10.11 26.95 -4.34
N GLN A 75 10.17 28.00 -5.15
CA GLN A 75 9.18 28.23 -6.19
C GLN A 75 9.44 27.34 -7.41
N ASN A 76 10.60 26.70 -7.43
CA ASN A 76 10.97 25.83 -8.55
C ASN A 76 10.19 24.52 -8.55
N ALA A 77 9.71 24.10 -7.39
CA ALA A 77 8.98 22.84 -7.27
C ALA A 77 7.47 23.06 -7.06
N VAL A 78 7.06 24.30 -6.84
CA VAL A 78 5.65 24.59 -6.62
C VAL A 78 4.82 24.30 -7.87
N PRO A 79 5.25 24.80 -9.05
CA PRO A 79 4.53 24.59 -10.30
C PRO A 79 4.48 23.11 -10.69
N ALA A 80 5.60 22.43 -10.51
CA ALA A 80 5.70 21.01 -10.84
C ALA A 80 4.79 20.18 -9.94
N ILE A 81 4.93 20.37 -8.63
CA ILE A 81 4.14 19.63 -7.67
C ILE A 81 2.65 19.79 -7.92
N GLU A 82 2.21 21.03 -8.16
CA GLU A 82 0.80 21.30 -8.41
C GLU A 82 0.26 20.36 -9.49
N LYS A 83 1.02 20.20 -10.56
CA LYS A 83 0.63 19.31 -11.65
C LYS A 83 0.75 17.86 -11.19
N ALA A 84 1.72 17.59 -10.32
CA ALA A 84 1.94 16.25 -9.80
C ALA A 84 0.82 15.82 -8.85
N ILE A 85 0.51 16.68 -7.89
CA ILE A 85 -0.53 16.39 -6.91
C ILE A 85 -1.87 16.16 -7.59
N ARG A 86 -2.23 17.05 -8.52
CA ARG A 86 -3.49 16.94 -9.25
C ARG A 86 -3.54 15.62 -10.02
N GLU A 87 -2.38 15.17 -10.48
CA GLU A 87 -2.28 13.93 -11.23
C GLU A 87 -2.56 12.72 -10.34
N GLU A 88 -2.04 12.75 -9.12
CA GLU A 88 -2.23 11.66 -8.17
C GLU A 88 -3.57 11.78 -7.45
N LEU A 89 -3.92 12.99 -7.02
CA LEU A 89 -5.16 13.23 -6.30
C LEU A 89 -6.35 13.39 -7.25
N ASN A 90 -6.05 13.78 -8.48
CA ASN A 90 -7.11 13.98 -9.49
C ASN A 90 -8.21 14.90 -8.95
N LEU A 91 -7.81 15.93 -8.20
CA LEU A 91 -8.76 16.88 -7.64
C LEU A 91 -8.44 18.30 -8.11
N ASN A 92 -9.15 19.28 -7.56
CA ASN A 92 -8.95 20.67 -7.93
C ASN A 92 -8.31 21.45 -6.79
N PRO A 93 -6.96 21.56 -6.78
CA PRO A 93 -6.22 22.27 -5.74
C PRO A 93 -6.09 23.76 -6.04
N THR A 94 -5.82 24.55 -4.99
CA THR A 94 -5.65 25.98 -5.15
C THR A 94 -4.28 26.42 -4.66
N VAL A 95 -3.49 27.00 -5.57
CA VAL A 95 -2.15 27.45 -5.24
C VAL A 95 -2.06 28.98 -5.29
N GLN A 96 -1.61 29.58 -4.19
CA GLN A 96 -1.47 31.03 -4.11
C GLN A 96 -0.04 31.42 -3.73
N GLY A 97 0.66 32.05 -4.66
CA GLY A 97 2.03 32.47 -4.39
C GLY A 97 3.01 31.31 -4.38
N ASN A 98 3.10 30.62 -3.24
CA ASN A 98 3.99 29.49 -3.10
C ASN A 98 3.39 28.42 -2.18
N VAL A 99 2.08 28.48 -1.99
CA VAL A 99 1.38 27.53 -1.15
C VAL A 99 0.38 26.72 -1.95
N ILE A 100 0.14 25.48 -1.53
CA ILE A 100 -0.81 24.61 -2.22
C ILE A 100 -1.83 24.04 -1.24
N ARG A 101 -3.10 24.25 -1.55
CA ARG A 101 -4.18 23.75 -0.70
C ARG A 101 -5.02 22.72 -1.44
N VAL A 102 -5.40 21.66 -0.76
CA VAL A 102 -6.21 20.61 -1.37
C VAL A 102 -7.37 20.21 -0.47
N THR A 103 -8.59 20.31 -0.99
CA THR A 103 -9.79 19.96 -0.25
C THR A 103 -10.49 18.78 -0.90
N LEU A 104 -10.94 17.83 -0.08
CA LEU A 104 -11.62 16.66 -0.58
C LEU A 104 -13.05 16.57 -0.03
N PRO A 105 -14.04 16.99 -0.83
CA PRO A 105 -15.45 16.95 -0.41
C PRO A 105 -16.01 15.54 -0.41
N PRO A 106 -17.14 15.31 0.29
CA PRO A 106 -17.77 13.99 0.36
C PRO A 106 -18.00 13.40 -1.02
N LEU A 107 -17.36 12.27 -1.29
CA LEU A 107 -17.49 11.60 -2.58
C LEU A 107 -18.94 11.27 -2.89
N THR A 108 -19.23 11.04 -4.17
CA THR A 108 -20.58 10.72 -4.60
C THR A 108 -20.84 9.22 -4.52
N GLU A 109 -22.08 8.83 -4.81
CA GLU A 109 -22.48 7.43 -4.77
C GLU A 109 -21.51 6.55 -5.56
N GLU A 110 -21.22 6.99 -6.78
CA GLU A 110 -20.31 6.25 -7.66
C GLU A 110 -18.90 6.23 -7.08
N ARG A 111 -18.40 7.40 -6.70
CA ARG A 111 -17.05 7.52 -6.14
C ARG A 111 -16.88 6.60 -4.92
N ARG A 112 -17.94 6.45 -4.14
CA ARG A 112 -17.88 5.62 -2.94
C ARG A 112 -17.78 4.15 -3.32
N ARG A 113 -18.65 3.72 -4.22
CA ARG A 113 -18.65 2.36 -4.71
C ARG A 113 -17.39 2.08 -5.50
N GLU A 114 -16.88 3.12 -6.17
CA GLU A 114 -15.68 3.00 -6.98
C GLU A 114 -14.48 2.51 -6.16
N LEU A 115 -14.22 3.17 -5.03
CA LEU A 115 -13.09 2.80 -4.17
C LEU A 115 -13.28 1.43 -3.51
N VAL A 116 -14.45 1.22 -2.92
CA VAL A 116 -14.71 -0.05 -2.23
C VAL A 116 -14.51 -1.23 -3.19
N ARG A 117 -15.10 -1.13 -4.37
CA ARG A 117 -14.96 -2.19 -5.36
C ARG A 117 -13.49 -2.34 -5.77
N LEU A 118 -12.77 -1.21 -5.80
CA LEU A 118 -11.37 -1.22 -6.17
C LEU A 118 -10.52 -1.87 -5.08
N LEU A 119 -10.82 -1.56 -3.84
CA LEU A 119 -10.13 -2.15 -2.70
C LEU A 119 -10.57 -3.60 -2.60
N HIS A 120 -11.82 -3.81 -2.98
CA HIS A 120 -12.43 -5.12 -2.94
C HIS A 120 -11.60 -6.13 -3.72
N LYS A 121 -11.10 -5.76 -4.91
CA LYS A 121 -10.28 -6.67 -5.69
C LYS A 121 -8.91 -6.82 -5.05
N ILE A 122 -8.43 -5.74 -4.44
CA ILE A 122 -7.13 -5.75 -3.78
C ILE A 122 -7.08 -6.81 -2.70
N THR A 123 -8.08 -6.80 -1.83
CA THR A 123 -8.14 -7.74 -0.73
C THR A 123 -8.09 -9.18 -1.23
N GLU A 124 -8.94 -9.52 -2.20
CA GLU A 124 -8.96 -10.87 -2.75
C GLU A 124 -7.62 -11.21 -3.41
N GLU A 125 -6.98 -10.20 -3.99
CA GLU A 125 -5.70 -10.39 -4.66
C GLU A 125 -4.65 -10.96 -3.70
N ALA A 126 -4.59 -10.40 -2.50
CA ALA A 126 -3.64 -10.85 -1.50
C ALA A 126 -3.87 -12.32 -1.15
N ARG A 127 -5.14 -12.69 -0.99
CA ARG A 127 -5.49 -14.06 -0.65
C ARG A 127 -4.94 -15.01 -1.71
N VAL A 128 -4.98 -14.58 -2.96
CA VAL A 128 -4.47 -15.39 -4.06
C VAL A 128 -2.99 -15.72 -3.87
N ARG A 129 -2.23 -14.74 -3.40
CA ARG A 129 -0.80 -14.95 -3.17
C ARG A 129 -0.56 -15.95 -2.05
N VAL A 130 -1.26 -15.76 -0.93
CA VAL A 130 -1.12 -16.67 0.21
C VAL A 130 -1.49 -18.09 -0.21
N ARG A 131 -2.66 -18.20 -0.83
CA ARG A 131 -3.16 -19.48 -1.32
C ARG A 131 -2.21 -20.03 -2.38
N ASN A 132 -1.53 -19.12 -3.07
CA ASN A 132 -0.56 -19.47 -4.09
C ASN A 132 0.70 -20.07 -3.44
N VAL A 133 1.08 -19.49 -2.30
CA VAL A 133 2.26 -19.93 -1.57
C VAL A 133 2.02 -21.28 -0.88
N ARG A 134 0.86 -21.44 -0.25
CA ARG A 134 0.53 -22.67 0.45
C ARG A 134 0.65 -23.88 -0.47
N ARG A 135 0.17 -23.74 -1.70
CA ARG A 135 0.23 -24.82 -2.66
C ARG A 135 1.68 -25.10 -3.07
N GLU A 136 2.47 -24.04 -3.15
CA GLU A 136 3.89 -24.16 -3.52
C GLU A 136 4.71 -24.71 -2.37
N ALA A 137 4.57 -24.09 -1.20
CA ALA A 137 5.32 -24.50 -0.02
C ALA A 137 5.11 -25.98 0.29
N LYS A 138 3.86 -26.41 0.25
CA LYS A 138 3.53 -27.81 0.52
C LYS A 138 4.22 -28.71 -0.49
N GLU A 139 4.17 -28.32 -1.76
CA GLU A 139 4.78 -29.11 -2.83
C GLU A 139 6.27 -29.32 -2.58
N MET A 140 6.92 -28.31 -2.00
CA MET A 140 8.35 -28.39 -1.71
C MET A 140 8.65 -29.44 -0.63
N ILE A 141 7.85 -29.44 0.43
CA ILE A 141 8.05 -30.39 1.52
C ILE A 141 7.75 -31.81 1.04
N GLU A 142 6.59 -31.97 0.43
CA GLU A 142 6.16 -33.27 -0.11
C GLU A 142 7.07 -33.73 -1.25
N GLU A 143 7.84 -32.81 -1.80
CA GLU A 143 8.76 -33.11 -2.90
C GLU A 143 10.05 -33.72 -2.37
N LEU A 144 10.42 -33.35 -1.15
CA LEU A 144 11.65 -33.85 -0.52
C LEU A 144 11.51 -35.33 -0.20
N GLU A 145 12.30 -36.16 -0.89
CA GLU A 145 12.24 -37.60 -0.70
C GLU A 145 10.79 -38.08 -0.73
N GLY A 146 9.92 -37.25 -1.30
CA GLY A 146 8.51 -37.53 -1.39
C GLY A 146 7.79 -37.40 -0.06
N ILE A 147 8.53 -37.43 1.05
CA ILE A 147 7.94 -37.26 2.38
C ILE A 147 8.99 -36.83 3.40
N SER A 148 8.73 -35.72 4.07
CA SER A 148 9.61 -35.19 5.11
C SER A 148 8.79 -34.79 6.33
N GLU A 149 8.93 -35.49 7.45
CA GLU A 149 8.17 -35.11 8.63
C GLU A 149 8.79 -33.88 9.30
N ASP A 150 10.08 -33.97 9.59
CA ASP A 150 10.80 -32.88 10.24
C ASP A 150 10.60 -31.59 9.47
N GLU A 151 10.69 -31.70 8.16
CA GLU A 151 10.50 -30.57 7.27
C GLU A 151 9.03 -30.16 7.20
N LYS A 152 8.14 -31.14 7.31
CA LYS A 152 6.71 -30.90 7.25
C LYS A 152 6.23 -30.11 8.45
N LYS A 153 6.64 -30.57 9.62
CA LYS A 153 6.26 -29.94 10.88
C LYS A 153 6.79 -28.51 10.95
N ARG A 154 8.10 -28.36 10.75
CA ARG A 154 8.74 -27.06 10.81
C ARG A 154 8.23 -26.14 9.68
N ALA A 155 8.28 -26.65 8.46
CA ALA A 155 7.85 -25.90 7.29
C ALA A 155 6.37 -25.50 7.36
N LEU A 156 5.54 -26.34 7.97
CA LEU A 156 4.12 -26.04 8.08
C LEU A 156 3.89 -24.89 9.05
N GLU A 157 4.38 -25.02 10.27
CA GLU A 157 4.22 -23.96 11.26
C GLU A 157 4.86 -22.68 10.73
N ARG A 158 6.04 -22.85 10.16
CA ARG A 158 6.75 -21.72 9.57
C ARG A 158 5.86 -21.06 8.52
N LEU A 159 5.17 -21.91 7.76
CA LEU A 159 4.25 -21.46 6.72
C LEU A 159 2.96 -20.92 7.35
N GLN A 160 2.58 -21.48 8.49
CA GLN A 160 1.38 -21.06 9.21
C GLN A 160 1.59 -19.69 9.87
N LYS A 161 2.65 -19.59 10.66
CA LYS A 161 2.97 -18.34 11.35
C LYS A 161 3.09 -17.20 10.34
N LEU A 162 3.61 -17.51 9.17
CA LEU A 162 3.78 -16.53 8.11
C LEU A 162 2.43 -16.09 7.54
N THR A 163 1.53 -17.04 7.32
CA THR A 163 0.21 -16.74 6.79
C THR A 163 -0.63 -15.99 7.82
N ASP A 164 -0.61 -16.47 9.05
CA ASP A 164 -1.37 -15.84 10.13
C ASP A 164 -1.02 -14.35 10.22
N LYS A 165 0.27 -14.07 10.12
CA LYS A 165 0.75 -12.70 10.20
C LYS A 165 0.01 -11.86 9.16
N TYR A 166 -0.06 -12.38 7.94
CA TYR A 166 -0.76 -11.71 6.85
C TYR A 166 -2.27 -11.72 7.10
N ILE A 167 -2.74 -12.83 7.69
CA ILE A 167 -4.16 -13.01 7.98
C ILE A 167 -4.66 -11.92 8.93
N ASP A 168 -3.98 -11.77 10.06
CA ASP A 168 -4.37 -10.77 11.05
C ASP A 168 -4.05 -9.37 10.55
N GLU A 169 -3.00 -9.26 9.74
CA GLU A 169 -2.58 -7.98 9.18
C GLU A 169 -3.59 -7.48 8.14
N ILE A 170 -3.97 -8.36 7.22
CA ILE A 170 -4.91 -7.99 6.17
C ILE A 170 -6.27 -7.60 6.74
N ASN A 171 -6.86 -8.48 7.55
CA ASN A 171 -8.17 -8.21 8.14
C ASN A 171 -8.19 -6.86 8.86
N LYS A 172 -7.10 -6.53 9.54
CA LYS A 172 -6.99 -5.27 10.26
C LYS A 172 -6.94 -4.08 9.31
N LEU A 173 -6.24 -4.25 8.20
CA LEU A 173 -6.11 -3.18 7.22
C LEU A 173 -7.44 -2.94 6.49
N MET A 174 -8.10 -4.01 6.04
CA MET A 174 -9.36 -3.89 5.33
C MET A 174 -10.49 -3.48 6.27
N GLU A 175 -10.56 -4.13 7.43
CA GLU A 175 -11.61 -3.84 8.41
C GLU A 175 -11.65 -2.34 8.72
N ALA A 176 -10.49 -1.74 8.87
CA ALA A 176 -10.39 -0.32 9.17
C ALA A 176 -10.72 0.51 7.93
N LYS A 177 -10.03 0.25 6.83
CA LYS A 177 -10.23 0.97 5.59
C LYS A 177 -11.69 0.92 5.13
N GLU A 178 -12.26 -0.28 5.08
CA GLU A 178 -13.64 -0.45 4.65
C GLU A 178 -14.58 0.44 5.46
N LYS A 179 -14.50 0.31 6.78
CA LYS A 179 -15.32 1.13 7.67
C LYS A 179 -14.92 2.59 7.56
N GLU A 180 -13.62 2.81 7.38
CA GLU A 180 -13.08 4.18 7.29
C GLU A 180 -14.03 5.06 6.49
N ILE A 181 -14.37 4.63 5.27
CA ILE A 181 -15.28 5.38 4.42
C ILE A 181 -16.74 5.20 4.87
N MET A 182 -17.00 4.07 5.52
CA MET A 182 -18.35 3.78 6.01
C MET A 182 -18.55 4.29 7.43
N SER A 183 -17.80 5.32 7.81
CA SER A 183 -17.91 5.89 9.15
C SER A 183 -18.19 7.40 9.07
N VAL A 184 -17.25 8.14 8.47
CA VAL A 184 -17.38 9.58 8.33
C VAL A 184 -17.94 10.24 9.59
N MET A 1 25.85 -29.85 4.72
CA MET A 1 25.03 -29.31 5.84
C MET A 1 24.19 -28.12 5.38
N ILE A 2 23.16 -28.41 4.58
CA ILE A 2 22.28 -27.37 4.07
C ILE A 2 20.83 -27.61 4.50
N LYS A 3 20.27 -26.67 5.25
CA LYS A 3 18.90 -26.78 5.72
C LYS A 3 17.93 -26.17 4.71
N GLU A 4 17.24 -27.04 3.96
CA GLU A 4 16.28 -26.59 2.95
C GLU A 4 15.18 -25.75 3.59
N LEU A 5 14.94 -25.96 4.88
CA LEU A 5 13.91 -25.22 5.59
C LEU A 5 14.07 -23.71 5.46
N GLU A 6 15.27 -23.21 5.77
CA GLU A 6 15.53 -21.77 5.72
C GLU A 6 15.17 -21.19 4.36
N ASP A 7 15.55 -21.88 3.28
CA ASP A 7 15.26 -21.39 1.93
C ASP A 7 13.76 -21.19 1.72
N ILE A 8 12.95 -22.03 2.37
CA ILE A 8 11.51 -21.94 2.25
C ILE A 8 10.99 -20.69 2.97
N PHE A 9 11.42 -20.51 4.21
CA PHE A 9 11.01 -19.35 5.00
C PHE A 9 11.53 -18.05 4.41
N LYS A 10 12.83 -18.02 4.11
CA LYS A 10 13.45 -16.83 3.54
C LYS A 10 12.70 -16.40 2.28
N GLU A 11 12.41 -17.35 1.41
CA GLU A 11 11.68 -17.07 0.19
C GLU A 11 10.22 -16.78 0.50
N ALA A 12 9.71 -17.37 1.58
CA ALA A 12 8.33 -17.19 1.98
C ALA A 12 8.05 -15.75 2.38
N GLU A 13 8.84 -15.21 3.31
CA GLU A 13 8.65 -13.84 3.76
C GLU A 13 8.97 -12.86 2.64
N LYS A 14 10.00 -13.17 1.87
CA LYS A 14 10.39 -12.31 0.75
C LYS A 14 9.21 -12.09 -0.18
N ASP A 15 8.54 -13.18 -0.53
CA ASP A 15 7.37 -13.12 -1.40
C ASP A 15 6.17 -12.56 -0.65
N MET A 16 6.09 -12.85 0.64
CA MET A 16 4.98 -12.38 1.47
C MET A 16 5.06 -10.88 1.73
N LYS A 17 6.23 -10.42 2.17
CA LYS A 17 6.42 -9.00 2.47
C LYS A 17 6.04 -8.13 1.28
N LYS A 18 6.60 -8.44 0.11
CA LYS A 18 6.32 -7.67 -1.09
C LYS A 18 4.83 -7.69 -1.40
N ALA A 19 4.17 -8.79 -1.07
CA ALA A 19 2.74 -8.93 -1.31
C ALA A 19 1.93 -7.94 -0.47
N VAL A 20 2.25 -7.83 0.81
CA VAL A 20 1.56 -6.91 1.70
C VAL A 20 1.97 -5.46 1.44
N GLU A 21 3.26 -5.24 1.22
CA GLU A 21 3.78 -3.89 0.97
C GLU A 21 3.05 -3.24 -0.20
N TYR A 22 2.96 -3.96 -1.31
CA TYR A 22 2.27 -3.45 -2.49
C TYR A 22 0.77 -3.38 -2.24
N TYR A 23 0.28 -4.30 -1.41
CA TYR A 23 -1.13 -4.36 -1.06
C TYR A 23 -1.55 -3.15 -0.23
N LYS A 24 -0.71 -2.78 0.74
CA LYS A 24 -1.00 -1.62 1.57
C LYS A 24 -0.87 -0.34 0.76
N ASN A 25 0.03 -0.38 -0.21
CA ASN A 25 0.28 0.76 -1.09
C ASN A 25 -1.01 1.17 -1.81
N GLU A 26 -1.79 0.17 -2.20
CA GLU A 26 -3.05 0.41 -2.88
C GLU A 26 -4.13 0.87 -1.93
N ILE A 27 -4.04 0.44 -0.67
CA ILE A 27 -5.01 0.83 0.34
C ILE A 27 -4.62 2.14 1.00
N ALA A 28 -3.33 2.43 1.00
CA ALA A 28 -2.81 3.66 1.56
C ALA A 28 -2.98 4.83 0.60
N GLY A 29 -2.86 4.53 -0.70
CA GLY A 29 -2.97 5.56 -1.71
C GLY A 29 -4.33 5.64 -2.36
N LEU A 30 -5.18 4.63 -2.13
CA LEU A 30 -6.52 4.64 -2.73
C LEU A 30 -7.21 5.98 -2.49
N ARG A 31 -7.56 6.65 -3.60
CA ARG A 31 -8.21 7.95 -3.54
C ARG A 31 -9.32 7.97 -2.50
N THR A 32 -8.95 8.28 -1.26
CA THR A 32 -9.91 8.33 -0.16
C THR A 32 -10.54 9.72 -0.07
N SER A 33 -11.66 9.81 0.64
CA SER A 33 -12.37 11.08 0.81
C SER A 33 -11.73 11.92 1.91
N ARG A 34 -10.68 11.40 2.53
CA ARG A 34 -9.99 12.11 3.60
C ARG A 34 -8.68 12.69 3.09
N ALA A 35 -8.38 13.91 3.52
CA ALA A 35 -7.15 14.58 3.13
C ALA A 35 -5.99 14.06 3.95
N SER A 36 -5.43 12.95 3.50
CA SER A 36 -4.31 12.33 4.20
C SER A 36 -3.01 12.58 3.46
N THR A 37 -1.95 12.86 4.19
CA THR A 37 -0.66 13.10 3.58
C THR A 37 -0.01 11.82 3.06
N ALA A 38 -0.44 10.66 3.58
CA ALA A 38 0.17 9.38 3.19
C ALA A 38 -0.11 8.93 1.76
N LEU A 39 -1.39 8.79 1.38
CA LEU A 39 -1.74 8.28 0.03
C LEU A 39 -0.69 8.65 -1.02
N VAL A 40 -0.09 9.81 -0.87
CA VAL A 40 0.98 10.22 -1.78
C VAL A 40 2.29 9.62 -1.27
N GLU A 41 2.95 10.31 -0.34
CA GLU A 41 4.19 9.82 0.25
C GLU A 41 5.38 10.00 -0.67
N GLU A 42 5.16 9.86 -1.97
CA GLU A 42 6.25 9.99 -2.92
C GLU A 42 5.96 11.01 -4.01
N ILE A 43 5.34 12.12 -3.63
CA ILE A 43 5.00 13.20 -4.57
C ILE A 43 6.15 13.40 -5.57
N LYS A 44 6.11 12.63 -6.66
CA LYS A 44 7.15 12.67 -7.67
C LYS A 44 7.34 14.04 -8.28
N VAL A 45 8.17 14.87 -7.64
CA VAL A 45 8.43 16.22 -8.12
C VAL A 45 9.78 16.26 -8.83
N GLU A 46 9.78 16.78 -10.05
CA GLU A 46 11.00 16.88 -10.85
C GLU A 46 11.97 17.88 -10.26
N TYR A 47 13.25 17.51 -10.24
CA TYR A 47 14.30 18.37 -9.70
C TYR A 47 15.55 18.28 -10.57
N TYR A 48 15.74 19.27 -11.43
CA TYR A 48 16.89 19.32 -12.32
C TYR A 48 16.87 18.14 -13.29
N GLY A 49 15.68 17.65 -13.60
CA GLY A 49 15.55 16.53 -14.51
C GLY A 49 15.58 15.18 -13.80
N SER A 50 15.27 15.19 -12.51
CA SER A 50 15.27 13.96 -11.72
C SER A 50 13.99 13.84 -10.90
N LYS A 51 13.57 12.59 -10.65
CA LYS A 51 12.36 12.33 -9.89
C LYS A 51 12.70 12.12 -8.41
N VAL A 52 12.22 13.02 -7.56
CA VAL A 52 12.46 12.93 -6.13
C VAL A 52 11.20 13.28 -5.33
N PRO A 53 10.96 12.56 -4.21
CA PRO A 53 9.79 12.80 -3.36
C PRO A 53 9.94 14.07 -2.52
N ILE A 54 8.83 14.55 -1.97
CA ILE A 54 8.84 15.76 -1.16
C ILE A 54 9.11 15.44 0.31
N LYS A 55 10.15 14.65 0.56
CA LYS A 55 10.52 14.28 1.92
C LYS A 55 11.52 15.30 2.48
N GLN A 56 12.33 15.85 1.59
CA GLN A 56 13.32 16.85 1.97
C GLN A 56 13.28 18.01 0.97
N LEU A 57 12.12 18.20 0.35
CA LEU A 57 11.94 19.25 -0.63
C LEU A 57 10.95 20.30 -0.13
N GLY A 58 9.82 19.85 0.41
CA GLY A 58 8.81 20.77 0.91
C GLY A 58 8.15 20.29 2.19
N THR A 59 7.15 21.03 2.64
CA THR A 59 6.42 20.69 3.85
C THR A 59 4.96 20.39 3.55
N ILE A 60 4.57 19.12 3.72
CA ILE A 60 3.20 18.70 3.47
C ILE A 60 2.44 18.51 4.78
N SER A 61 1.42 19.34 4.99
CA SER A 61 0.62 19.27 6.21
C SER A 61 -0.86 19.51 5.93
N VAL A 62 -1.70 18.99 6.82
CA VAL A 62 -3.14 19.14 6.69
C VAL A 62 -3.65 20.28 7.58
N PRO A 63 -4.33 21.29 7.01
CA PRO A 63 -4.84 22.43 7.76
C PRO A 63 -6.24 22.21 8.31
N GLU A 64 -7.21 21.96 7.43
CA GLU A 64 -8.60 21.78 7.85
C GLU A 64 -8.97 20.29 7.93
N HIS A 65 -7.97 19.45 8.14
CA HIS A 65 -8.21 18.01 8.25
C HIS A 65 -8.57 17.39 6.89
N ASN A 66 -9.60 17.93 6.26
CA ASN A 66 -10.05 17.42 4.96
C ASN A 66 -9.35 18.14 3.81
N GLN A 67 -8.14 18.64 4.06
CA GLN A 67 -7.38 19.34 3.03
C GLN A 67 -5.89 19.01 3.12
N ILE A 68 -5.23 18.93 1.97
CA ILE A 68 -3.80 18.63 1.92
C ILE A 68 -3.04 19.78 1.27
N VAL A 69 -1.98 20.24 1.91
CA VAL A 69 -1.20 21.35 1.37
C VAL A 69 0.29 21.02 1.26
N ILE A 70 0.80 21.09 0.03
CA ILE A 70 2.22 20.80 -0.23
C ILE A 70 2.96 22.09 -0.55
N GLN A 71 4.06 22.35 0.14
CA GLN A 71 4.83 23.57 -0.09
C GLN A 71 6.34 23.31 -0.12
N VAL A 72 6.93 23.40 -1.31
CA VAL A 72 8.37 23.17 -1.45
C VAL A 72 9.14 24.49 -1.46
N TRP A 73 10.05 24.62 -0.50
CA TRP A 73 10.86 25.83 -0.35
C TRP A 73 11.35 26.38 -1.69
N ASP A 74 11.55 25.50 -2.67
CA ASP A 74 12.02 25.92 -3.99
C ASP A 74 10.86 26.05 -4.95
N GLN A 75 10.68 27.25 -5.49
CA GLN A 75 9.61 27.51 -6.46
C GLN A 75 9.79 26.65 -7.70
N ASN A 76 11.01 26.15 -7.90
CA ASN A 76 11.32 25.32 -9.05
C ASN A 76 10.69 23.94 -8.93
N ALA A 77 10.23 23.59 -7.73
CA ALA A 77 9.62 22.29 -7.50
C ALA A 77 8.11 22.38 -7.34
N VAL A 78 7.61 23.50 -6.83
CA VAL A 78 6.18 23.68 -6.62
C VAL A 78 5.36 23.30 -7.86
N PRO A 79 5.73 23.79 -9.05
CA PRO A 79 5.00 23.47 -10.28
C PRO A 79 5.02 21.97 -10.55
N ALA A 80 6.13 21.34 -10.22
CA ALA A 80 6.29 19.91 -10.39
C ALA A 80 5.38 19.14 -9.45
N ILE A 81 5.20 19.67 -8.24
CA ILE A 81 4.36 19.01 -7.26
C ILE A 81 2.93 18.90 -7.75
N GLU A 82 2.34 20.03 -8.15
CA GLU A 82 0.96 20.05 -8.62
C GLU A 82 0.74 18.95 -9.66
N LYS A 83 1.69 18.83 -10.58
CA LYS A 83 1.60 17.80 -11.60
C LYS A 83 1.70 16.43 -10.96
N ALA A 84 2.49 16.35 -9.90
CA ALA A 84 2.69 15.09 -9.16
C ALA A 84 1.47 14.75 -8.32
N ILE A 85 0.99 15.71 -7.54
CA ILE A 85 -0.17 15.48 -6.69
C ILE A 85 -1.42 15.18 -7.51
N ARG A 86 -1.74 16.04 -8.47
CA ARG A 86 -2.89 15.83 -9.33
C ARG A 86 -2.81 14.48 -10.03
N GLU A 87 -1.58 14.04 -10.27
CA GLU A 87 -1.33 12.76 -10.92
C GLU A 87 -1.66 11.60 -10.00
N GLU A 88 -1.44 11.81 -8.71
CA GLU A 88 -1.65 10.78 -7.72
C GLU A 88 -3.11 10.66 -7.28
N LEU A 89 -3.79 11.77 -7.01
CA LEU A 89 -5.20 11.70 -6.58
C LEU A 89 -6.14 12.17 -7.69
N ASN A 90 -5.58 12.79 -8.72
CA ASN A 90 -6.40 13.26 -9.83
C ASN A 90 -7.51 14.19 -9.35
N LEU A 91 -7.15 15.19 -8.56
CA LEU A 91 -8.12 16.17 -8.06
C LEU A 91 -7.82 17.55 -8.65
N ASN A 92 -8.44 18.59 -8.09
CA ASN A 92 -8.23 19.95 -8.56
C ASN A 92 -7.42 20.76 -7.55
N PRO A 93 -6.08 20.80 -7.71
CA PRO A 93 -5.20 21.53 -6.81
C PRO A 93 -5.02 22.99 -7.21
N THR A 94 -4.59 23.81 -6.25
CA THR A 94 -4.36 25.23 -6.50
C THR A 94 -3.00 25.66 -5.96
N VAL A 95 -2.21 26.32 -6.80
CA VAL A 95 -0.88 26.76 -6.40
C VAL A 95 -0.81 28.28 -6.33
N GLN A 96 -0.45 28.80 -5.16
CA GLN A 96 -0.35 30.23 -4.95
C GLN A 96 0.97 30.59 -4.26
N GLY A 97 1.76 31.43 -4.92
CA GLY A 97 3.04 31.82 -4.35
C GLY A 97 4.05 30.70 -4.36
N ASN A 98 3.93 29.79 -3.40
CA ASN A 98 4.83 28.64 -3.30
C ASN A 98 4.16 27.53 -2.49
N VAL A 99 2.83 27.54 -2.50
CA VAL A 99 2.05 26.55 -1.77
C VAL A 99 1.01 25.90 -2.67
N ILE A 100 0.66 24.65 -2.37
CA ILE A 100 -0.33 23.93 -3.14
C ILE A 100 -1.42 23.39 -2.22
N ARG A 101 -2.65 23.85 -2.42
CA ARG A 101 -3.76 23.41 -1.60
C ARG A 101 -4.67 22.47 -2.36
N VAL A 102 -5.14 21.43 -1.67
CA VAL A 102 -6.03 20.45 -2.27
C VAL A 102 -7.14 20.09 -1.31
N THR A 103 -8.38 20.27 -1.74
CA THR A 103 -9.53 19.96 -0.91
C THR A 103 -10.35 18.82 -1.51
N LEU A 104 -10.76 17.88 -0.65
CA LEU A 104 -11.55 16.75 -1.10
C LEU A 104 -12.91 16.75 -0.42
N PRO A 105 -13.96 17.22 -1.12
CA PRO A 105 -15.31 17.28 -0.56
C PRO A 105 -15.90 15.90 -0.32
N PRO A 106 -16.95 15.81 0.51
CA PRO A 106 -17.61 14.54 0.82
C PRO A 106 -18.07 13.81 -0.44
N LEU A 107 -17.52 12.63 -0.66
CA LEU A 107 -17.86 11.83 -1.84
C LEU A 107 -19.31 11.36 -1.78
N THR A 108 -20.11 11.80 -2.74
CA THR A 108 -21.51 11.41 -2.80
C THR A 108 -21.65 9.91 -3.02
N GLU A 109 -22.86 9.39 -2.90
CA GLU A 109 -23.12 7.96 -3.08
C GLU A 109 -22.47 7.41 -4.35
N GLU A 110 -22.18 8.28 -5.31
CA GLU A 110 -21.57 7.85 -6.57
C GLU A 110 -20.14 7.37 -6.35
N ARG A 111 -19.32 8.22 -5.74
CA ARG A 111 -17.92 7.88 -5.46
C ARG A 111 -17.78 6.87 -4.31
N ARG A 112 -18.67 6.98 -3.33
CA ARG A 112 -18.62 6.14 -2.13
C ARG A 112 -18.67 4.63 -2.39
N ARG A 113 -19.63 4.15 -3.18
CA ARG A 113 -19.72 2.70 -3.43
C ARG A 113 -18.49 2.15 -4.14
N GLU A 114 -17.87 2.94 -5.02
CA GLU A 114 -16.69 2.48 -5.74
C GLU A 114 -15.52 2.23 -4.80
N LEU A 115 -15.33 3.13 -3.84
CA LEU A 115 -14.23 3.00 -2.87
C LEU A 115 -14.32 1.70 -2.08
N VAL A 116 -15.52 1.34 -1.64
CA VAL A 116 -15.69 0.11 -0.88
C VAL A 116 -15.43 -1.11 -1.77
N ARG A 117 -15.95 -1.06 -2.99
CA ARG A 117 -15.77 -2.14 -3.96
C ARG A 117 -14.33 -2.15 -4.48
N LEU A 118 -13.69 -0.99 -4.44
CA LEU A 118 -12.31 -0.87 -4.89
C LEU A 118 -11.35 -1.55 -3.92
N LEU A 119 -11.69 -1.49 -2.63
CA LEU A 119 -10.90 -2.15 -1.61
C LEU A 119 -11.14 -3.65 -1.73
N HIS A 120 -12.37 -3.97 -2.09
CA HIS A 120 -12.79 -5.35 -2.27
C HIS A 120 -11.95 -6.05 -3.33
N LYS A 121 -11.50 -5.31 -4.34
CA LYS A 121 -10.63 -5.90 -5.36
C LYS A 121 -9.25 -6.12 -4.77
N ILE A 122 -8.87 -5.21 -3.87
CA ILE A 122 -7.58 -5.29 -3.20
C ILE A 122 -7.57 -6.44 -2.21
N THR A 123 -8.72 -6.68 -1.59
CA THR A 123 -8.86 -7.73 -0.59
C THR A 123 -8.50 -9.10 -1.19
N GLU A 124 -9.09 -9.42 -2.33
CA GLU A 124 -8.83 -10.70 -2.98
C GLU A 124 -7.38 -10.76 -3.47
N GLU A 125 -6.86 -9.61 -3.89
CA GLU A 125 -5.50 -9.53 -4.38
C GLU A 125 -4.50 -10.04 -3.36
N ALA A 126 -4.75 -9.74 -2.08
CA ALA A 126 -3.88 -10.19 -1.01
C ALA A 126 -3.99 -11.70 -0.82
N ARG A 127 -5.23 -12.19 -0.76
CA ARG A 127 -5.48 -13.61 -0.57
C ARG A 127 -4.88 -14.42 -1.72
N VAL A 128 -5.07 -13.93 -2.94
CA VAL A 128 -4.55 -14.60 -4.12
C VAL A 128 -3.03 -14.73 -4.02
N ARG A 129 -2.39 -13.72 -3.45
CA ARG A 129 -0.95 -13.73 -3.28
C ARG A 129 -0.52 -14.75 -2.22
N VAL A 130 -1.27 -14.81 -1.12
CA VAL A 130 -0.97 -15.73 -0.03
C VAL A 130 -1.28 -17.18 -0.41
N ARG A 131 -2.50 -17.41 -0.90
CA ARG A 131 -2.92 -18.75 -1.30
C ARG A 131 -2.04 -19.28 -2.44
N ASN A 132 -1.54 -18.36 -3.26
CA ASN A 132 -0.67 -18.71 -4.37
C ASN A 132 0.71 -19.17 -3.87
N VAL A 133 1.13 -18.59 -2.74
CA VAL A 133 2.39 -18.97 -2.13
C VAL A 133 2.29 -20.34 -1.49
N ARG A 134 1.25 -20.52 -0.67
CA ARG A 134 1.00 -21.78 0.01
C ARG A 134 0.93 -22.93 -0.98
N ARG A 135 0.27 -22.68 -2.12
CA ARG A 135 0.15 -23.71 -3.15
C ARG A 135 1.52 -24.25 -3.52
N GLU A 136 2.44 -23.34 -3.85
CA GLU A 136 3.80 -23.70 -4.20
C GLU A 136 4.60 -24.09 -2.95
N ALA A 137 4.21 -23.52 -1.81
CA ALA A 137 4.89 -23.79 -0.54
C ALA A 137 4.89 -25.27 -0.21
N LYS A 138 3.73 -25.91 -0.36
CA LYS A 138 3.60 -27.34 -0.09
C LYS A 138 4.36 -28.12 -1.16
N GLU A 139 4.14 -27.75 -2.41
CA GLU A 139 4.80 -28.39 -3.55
C GLU A 139 6.32 -28.30 -3.42
N MET A 140 6.78 -27.22 -2.80
CA MET A 140 8.21 -26.98 -2.62
C MET A 140 8.83 -28.01 -1.67
N ILE A 141 8.19 -28.25 -0.53
CA ILE A 141 8.70 -29.21 0.44
C ILE A 141 8.63 -30.63 -0.13
N GLU A 142 7.46 -30.99 -0.64
CA GLU A 142 7.23 -32.30 -1.25
C GLU A 142 8.16 -32.52 -2.44
N GLU A 143 8.76 -31.45 -2.94
CA GLU A 143 9.69 -31.53 -4.07
C GLU A 143 11.11 -31.79 -3.58
N LEU A 144 11.37 -31.41 -2.32
CA LEU A 144 12.69 -31.60 -1.73
C LEU A 144 12.90 -33.05 -1.34
N GLU A 145 13.84 -33.71 -2.02
CA GLU A 145 14.13 -35.12 -1.75
C GLU A 145 12.85 -35.97 -1.82
N GLY A 146 11.76 -35.35 -2.27
CA GLY A 146 10.48 -36.03 -2.39
C GLY A 146 9.78 -36.24 -1.06
N ILE A 147 10.52 -36.16 0.05
CA ILE A 147 9.93 -36.32 1.38
C ILE A 147 10.80 -35.69 2.46
N SER A 148 10.21 -34.80 3.24
CA SER A 148 10.92 -34.14 4.34
C SER A 148 10.04 -34.12 5.59
N GLU A 149 10.35 -34.96 6.57
CA GLU A 149 9.54 -34.95 7.79
C GLU A 149 9.90 -33.74 8.65
N ASP A 150 11.18 -33.61 8.95
CA ASP A 150 11.68 -32.52 9.77
C ASP A 150 11.36 -31.16 9.14
N GLU A 151 11.55 -31.07 7.83
CA GLU A 151 11.31 -29.83 7.11
C GLU A 151 9.81 -29.54 6.98
N LYS A 152 9.04 -30.53 6.55
CA LYS A 152 7.59 -30.35 6.37
C LYS A 152 6.89 -30.01 7.68
N LYS A 153 7.33 -30.63 8.76
CA LYS A 153 6.72 -30.39 10.07
C LYS A 153 6.95 -28.94 10.52
N ARG A 154 8.21 -28.54 10.52
CA ARG A 154 8.58 -27.19 10.93
C ARG A 154 8.18 -26.15 9.88
N ALA A 155 8.25 -26.55 8.62
CA ALA A 155 7.89 -25.66 7.51
C ALA A 155 6.39 -25.41 7.42
N LEU A 156 5.59 -26.42 7.76
CA LEU A 156 4.14 -26.28 7.69
C LEU A 156 3.61 -25.31 8.75
N GLU A 157 3.98 -25.54 10.00
CA GLU A 157 3.55 -24.68 11.08
C GLU A 157 4.01 -23.26 10.81
N ARG A 158 5.25 -23.15 10.36
CA ARG A 158 5.83 -21.85 10.04
C ARG A 158 5.08 -21.21 8.88
N LEU A 159 4.69 -22.04 7.91
CA LEU A 159 3.94 -21.58 6.75
C LEU A 159 2.50 -21.24 7.13
N GLN A 160 1.97 -21.99 8.08
CA GLN A 160 0.60 -21.77 8.56
C GLN A 160 0.54 -20.51 9.42
N LYS A 161 1.58 -20.31 10.23
CA LYS A 161 1.65 -19.15 11.11
C LYS A 161 1.86 -17.87 10.28
N LEU A 162 2.57 -18.01 9.17
CA LEU A 162 2.82 -16.87 8.29
C LEU A 162 1.53 -16.45 7.60
N THR A 163 0.82 -17.42 7.02
CA THR A 163 -0.43 -17.15 6.32
C THR A 163 -1.46 -16.56 7.28
N ASP A 164 -1.65 -17.21 8.43
CA ASP A 164 -2.60 -16.74 9.43
C ASP A 164 -2.26 -15.31 9.86
N LYS A 165 -0.97 -14.99 9.83
CA LYS A 165 -0.48 -13.67 10.17
C LYS A 165 -0.84 -12.68 9.07
N TYR A 166 -0.86 -13.19 7.84
CA TYR A 166 -1.19 -12.39 6.66
C TYR A 166 -2.67 -12.01 6.65
N ILE A 167 -3.53 -12.89 7.14
CA ILE A 167 -4.96 -12.63 7.18
C ILE A 167 -5.29 -11.55 8.20
N ASP A 168 -4.56 -11.55 9.31
CA ASP A 168 -4.78 -10.57 10.37
C ASP A 168 -4.56 -9.15 9.86
N GLU A 169 -3.45 -8.95 9.17
CA GLU A 169 -3.11 -7.63 8.63
C GLU A 169 -4.16 -7.17 7.61
N ILE A 170 -4.53 -8.06 6.70
CA ILE A 170 -5.52 -7.74 5.69
C ILE A 170 -6.92 -7.58 6.29
N ASN A 171 -7.34 -8.57 7.07
CA ASN A 171 -8.66 -8.54 7.70
C ASN A 171 -8.80 -7.40 8.70
N LYS A 172 -7.70 -7.05 9.37
CA LYS A 172 -7.72 -5.97 10.36
C LYS A 172 -7.86 -4.61 9.69
N LEU A 173 -7.05 -4.38 8.66
CA LEU A 173 -7.07 -3.11 7.95
C LEU A 173 -8.39 -2.94 7.18
N MET A 174 -8.86 -4.02 6.57
CA MET A 174 -10.10 -3.98 5.81
C MET A 174 -11.30 -3.77 6.72
N GLU A 175 -11.39 -4.59 7.78
CA GLU A 175 -12.50 -4.49 8.72
C GLU A 175 -12.63 -3.06 9.27
N ALA A 176 -11.51 -2.48 9.68
CA ALA A 176 -11.51 -1.12 10.20
C ALA A 176 -12.08 -0.14 9.18
N LYS A 177 -11.45 -0.07 8.02
CA LYS A 177 -11.91 0.83 6.97
C LYS A 177 -13.39 0.63 6.67
N GLU A 178 -13.84 -0.62 6.76
CA GLU A 178 -15.25 -0.93 6.50
C GLU A 178 -16.16 -0.08 7.38
N LYS A 179 -15.79 0.09 8.64
CA LYS A 179 -16.58 0.87 9.59
C LYS A 179 -16.61 2.35 9.21
N GLU A 180 -15.51 2.83 8.63
CA GLU A 180 -15.44 4.24 8.23
C GLU A 180 -15.83 4.42 6.76
N ILE A 181 -15.21 3.65 5.89
CA ILE A 181 -15.48 3.75 4.46
C ILE A 181 -16.98 3.58 4.19
N MET A 182 -17.56 2.50 4.70
CA MET A 182 -18.97 2.22 4.51
C MET A 182 -19.85 3.25 5.21
N SER A 183 -19.43 3.67 6.39
CA SER A 183 -20.17 4.65 7.17
C SER A 183 -20.24 5.99 6.43
N VAL A 184 -19.16 6.75 6.49
CA VAL A 184 -19.10 8.05 5.83
C VAL A 184 -19.29 7.91 4.32
N MET A 1 19.93 -23.73 11.90
CA MET A 1 20.44 -25.07 11.48
C MET A 1 20.57 -25.16 9.97
N ILE A 2 21.25 -26.20 9.50
CA ILE A 2 21.44 -26.41 8.07
C ILE A 2 20.43 -27.40 7.51
N LYS A 3 19.32 -26.88 7.00
CA LYS A 3 18.26 -27.73 6.43
C LYS A 3 17.48 -26.96 5.37
N GLU A 4 16.90 -27.69 4.42
CA GLU A 4 16.12 -27.07 3.36
C GLU A 4 14.99 -26.23 3.93
N LEU A 5 14.51 -26.61 5.10
CA LEU A 5 13.41 -25.90 5.76
C LEU A 5 13.74 -24.42 5.91
N GLU A 6 15.00 -24.11 6.20
CA GLU A 6 15.41 -22.72 6.40
C GLU A 6 15.01 -21.83 5.23
N ASP A 7 15.25 -22.29 4.01
CA ASP A 7 14.91 -21.51 2.83
C ASP A 7 13.40 -21.39 2.67
N ILE A 8 12.68 -22.43 3.09
CA ILE A 8 11.23 -22.43 2.99
C ILE A 8 10.63 -21.34 3.88
N PHE A 9 11.11 -21.29 5.12
CA PHE A 9 10.64 -20.28 6.07
C PHE A 9 11.03 -18.88 5.63
N LYS A 10 12.30 -18.72 5.28
CA LYS A 10 12.82 -17.43 4.83
C LYS A 10 12.05 -16.92 3.61
N GLU A 11 11.85 -17.80 2.64
CA GLU A 11 11.15 -17.44 1.42
C GLU A 11 9.69 -17.11 1.72
N ALA A 12 9.08 -17.89 2.62
CA ALA A 12 7.69 -17.66 2.99
C ALA A 12 7.53 -16.33 3.69
N GLU A 13 8.35 -16.10 4.71
CA GLU A 13 8.29 -14.85 5.47
C GLU A 13 8.64 -13.66 4.59
N LYS A 14 9.74 -13.77 3.85
CA LYS A 14 10.20 -12.69 2.97
C LYS A 14 9.10 -12.26 2.00
N ASP A 15 8.45 -13.24 1.37
CA ASP A 15 7.38 -12.96 0.42
C ASP A 15 6.13 -12.42 1.11
N MET A 16 5.73 -13.09 2.18
CA MET A 16 4.53 -12.69 2.93
C MET A 16 4.69 -11.27 3.45
N LYS A 17 5.86 -10.98 3.99
CA LYS A 17 6.15 -9.66 4.53
C LYS A 17 6.19 -8.60 3.42
N LYS A 18 6.63 -9.02 2.24
CA LYS A 18 6.73 -8.12 1.10
C LYS A 18 5.34 -7.68 0.62
N ALA A 19 4.45 -8.64 0.45
CA ALA A 19 3.09 -8.36 -0.02
C ALA A 19 2.34 -7.45 0.96
N VAL A 20 2.40 -7.78 2.24
CA VAL A 20 1.72 -7.01 3.26
C VAL A 20 2.30 -5.61 3.39
N GLU A 21 3.61 -5.49 3.28
CA GLU A 21 4.27 -4.19 3.39
C GLU A 21 3.77 -3.24 2.31
N TYR A 22 3.79 -3.70 1.07
CA TYR A 22 3.33 -2.90 -0.05
C TYR A 22 1.80 -2.73 0.00
N TYR A 23 1.12 -3.80 0.35
CA TYR A 23 -0.34 -3.80 0.44
C TYR A 23 -0.81 -2.73 1.43
N LYS A 24 -0.22 -2.73 2.62
CA LYS A 24 -0.57 -1.73 3.63
C LYS A 24 -0.30 -0.34 3.10
N ASN A 25 0.80 -0.21 2.36
CA ASN A 25 1.18 1.06 1.78
C ASN A 25 0.08 1.56 0.84
N GLU A 26 -0.48 0.63 0.10
CA GLU A 26 -1.57 0.93 -0.84
C GLU A 26 -2.85 1.20 -0.08
N ILE A 27 -3.14 0.32 0.89
CA ILE A 27 -4.32 0.48 1.72
C ILE A 27 -4.37 1.89 2.28
N ALA A 28 -3.19 2.36 2.71
CA ALA A 28 -3.06 3.70 3.27
C ALA A 28 -3.02 4.78 2.19
N GLY A 29 -2.15 4.58 1.19
CA GLY A 29 -1.99 5.56 0.13
C GLY A 29 -2.99 5.39 -1.01
N LEU A 30 -4.05 4.64 -0.77
CA LEU A 30 -5.07 4.42 -1.79
C LEU A 30 -5.72 5.75 -2.20
N ARG A 31 -6.04 5.86 -3.48
CA ARG A 31 -6.67 7.08 -4.00
C ARG A 31 -8.00 7.34 -3.31
N THR A 32 -7.94 7.98 -2.15
CA THR A 32 -9.14 8.30 -1.39
C THR A 32 -9.43 9.79 -1.42
N SER A 33 -10.68 10.15 -1.18
CA SER A 33 -11.07 11.56 -1.18
C SER A 33 -10.55 12.29 0.06
N ARG A 34 -9.96 11.54 0.99
CA ARG A 34 -9.41 12.13 2.20
C ARG A 34 -8.24 13.04 1.87
N ALA A 35 -8.19 14.19 2.52
CA ALA A 35 -7.13 15.15 2.28
C ALA A 35 -5.86 14.80 3.06
N SER A 36 -5.38 13.58 2.83
CA SER A 36 -4.17 13.10 3.49
C SER A 36 -2.94 13.38 2.64
N THR A 37 -1.78 13.32 3.25
CA THR A 37 -0.53 13.58 2.53
C THR A 37 -0.13 12.44 1.58
N ALA A 38 -0.09 11.20 2.09
CA ALA A 38 0.38 10.06 1.29
C ALA A 38 -0.55 9.63 0.15
N LEU A 39 -1.82 9.31 0.46
CA LEU A 39 -2.78 8.82 -0.57
C LEU A 39 -2.32 9.15 -1.99
N VAL A 40 -1.81 10.37 -2.17
CA VAL A 40 -1.30 10.82 -3.47
C VAL A 40 -0.45 9.74 -4.12
N GLU A 41 0.71 9.48 -3.49
CA GLU A 41 1.66 8.47 -3.95
C GLU A 41 3.07 8.89 -3.58
N GLU A 42 3.47 10.02 -4.13
CA GLU A 42 4.81 10.57 -3.89
C GLU A 42 5.00 11.92 -4.55
N ILE A 43 4.13 12.28 -5.50
CA ILE A 43 4.23 13.56 -6.18
C ILE A 43 5.64 13.79 -6.70
N LYS A 44 6.07 12.94 -7.63
CA LYS A 44 7.39 13.05 -8.21
C LYS A 44 7.62 14.43 -8.79
N VAL A 45 8.63 15.12 -8.27
CA VAL A 45 8.97 16.45 -8.73
C VAL A 45 10.40 16.50 -9.24
N GLU A 46 10.58 17.05 -10.44
CA GLU A 46 11.90 17.14 -11.06
C GLU A 46 12.81 18.11 -10.30
N TYR A 47 14.04 17.69 -10.06
CA TYR A 47 15.01 18.51 -9.36
C TYR A 47 16.39 18.36 -9.98
N TYR A 48 16.74 19.31 -10.86
CA TYR A 48 18.05 19.28 -11.52
C TYR A 48 18.20 18.02 -12.39
N GLY A 49 17.09 17.58 -12.99
CA GLY A 49 17.13 16.41 -13.83
C GLY A 49 17.00 15.12 -13.05
N SER A 50 16.44 15.20 -11.85
CA SER A 50 16.26 14.03 -11.00
C SER A 50 14.83 13.94 -10.47
N LYS A 51 14.25 12.76 -10.50
CA LYS A 51 12.89 12.54 -10.02
C LYS A 51 12.89 12.18 -8.54
N VAL A 52 12.37 13.09 -7.72
CA VAL A 52 12.30 12.86 -6.28
C VAL A 52 11.00 13.42 -5.70
N PRO A 53 10.35 12.68 -4.79
CA PRO A 53 9.10 13.13 -4.17
C PRO A 53 9.27 14.48 -3.49
N ILE A 54 8.20 14.97 -2.86
CA ILE A 54 8.24 16.25 -2.15
C ILE A 54 8.85 16.10 -0.77
N LYS A 55 8.84 14.88 -0.24
CA LYS A 55 9.40 14.61 1.08
C LYS A 55 10.77 15.27 1.27
N GLN A 56 11.59 15.21 0.22
CA GLN A 56 12.93 15.80 0.27
C GLN A 56 13.00 17.05 -0.62
N LEU A 57 11.85 17.67 -0.86
CA LEU A 57 11.79 18.86 -1.69
C LEU A 57 11.02 19.98 -0.98
N GLY A 58 9.75 19.73 -0.68
CA GLY A 58 8.94 20.73 -0.01
C GLY A 58 8.34 20.22 1.28
N THR A 59 7.31 20.91 1.76
CA THR A 59 6.65 20.52 3.00
C THR A 59 5.14 20.36 2.79
N ILE A 60 4.68 19.12 2.79
CA ILE A 60 3.26 18.82 2.60
C ILE A 60 2.57 18.54 3.93
N SER A 61 1.56 19.35 4.25
CA SER A 61 0.83 19.18 5.49
C SER A 61 -0.67 19.43 5.30
N VAL A 62 -1.48 18.85 6.18
CA VAL A 62 -2.93 19.01 6.13
C VAL A 62 -3.40 20.04 7.17
N PRO A 63 -4.22 21.01 6.77
CA PRO A 63 -4.72 22.04 7.68
C PRO A 63 -6.00 21.66 8.42
N GLU A 64 -7.07 21.41 7.67
CA GLU A 64 -8.36 21.07 8.28
C GLU A 64 -8.80 19.65 7.94
N HIS A 65 -7.84 18.76 7.75
CA HIS A 65 -8.14 17.36 7.42
C HIS A 65 -8.76 17.22 6.02
N ASN A 66 -9.72 18.08 5.70
CA ASN A 66 -10.38 18.03 4.39
C ASN A 66 -9.64 18.88 3.37
N GLN A 67 -8.33 18.99 3.54
CA GLN A 67 -7.51 19.76 2.62
C GLN A 67 -6.05 19.29 2.67
N ILE A 68 -5.29 19.67 1.66
CA ILE A 68 -3.88 19.30 1.59
C ILE A 68 -3.08 20.47 1.02
N VAL A 69 -1.87 20.68 1.53
CA VAL A 69 -1.05 21.79 1.07
C VAL A 69 0.37 21.35 0.76
N ILE A 70 0.82 21.68 -0.45
CA ILE A 70 2.18 21.35 -0.88
C ILE A 70 2.97 22.63 -1.07
N GLN A 71 4.12 22.74 -0.40
CA GLN A 71 4.94 23.95 -0.52
C GLN A 71 6.30 23.65 -1.14
N VAL A 72 6.48 24.08 -2.38
CA VAL A 72 7.72 23.84 -3.11
C VAL A 72 8.79 24.87 -2.81
N TRP A 73 9.66 24.56 -1.85
CA TRP A 73 10.74 25.46 -1.45
C TRP A 73 11.34 26.20 -2.65
N ASP A 74 11.37 25.53 -3.80
CA ASP A 74 11.91 26.11 -5.02
C ASP A 74 10.80 26.33 -6.05
N GLN A 75 10.64 27.58 -6.49
CA GLN A 75 9.63 27.93 -7.46
C GLN A 75 9.79 27.11 -8.74
N ASN A 76 10.99 26.59 -8.98
CA ASN A 76 11.28 25.80 -10.17
C ASN A 76 10.63 24.42 -10.08
N ALA A 77 10.45 23.93 -8.86
CA ALA A 77 9.85 22.61 -8.64
C ALA A 77 8.33 22.70 -8.54
N VAL A 78 7.79 23.92 -8.43
CA VAL A 78 6.35 24.10 -8.32
C VAL A 78 5.64 23.56 -9.56
N PRO A 79 6.08 23.95 -10.77
CA PRO A 79 5.48 23.48 -12.01
C PRO A 79 5.56 21.95 -12.12
N ALA A 80 6.62 21.42 -11.51
CA ALA A 80 6.86 19.98 -11.49
C ALA A 80 5.84 19.27 -10.62
N ILE A 81 5.56 19.87 -9.47
CA ILE A 81 4.61 19.29 -8.53
C ILE A 81 3.19 19.27 -9.09
N GLU A 82 2.70 20.42 -9.54
CA GLU A 82 1.34 20.51 -10.07
C GLU A 82 1.08 19.42 -11.10
N LYS A 83 2.02 19.23 -12.02
CA LYS A 83 1.86 18.20 -13.03
C LYS A 83 1.79 16.82 -12.37
N ALA A 84 2.51 16.67 -11.26
CA ALA A 84 2.54 15.42 -10.52
C ALA A 84 1.30 15.23 -9.66
N ILE A 85 0.95 16.25 -8.88
CA ILE A 85 -0.22 16.16 -8.00
C ILE A 85 -1.47 15.78 -8.77
N ARG A 86 -1.68 16.42 -9.92
CA ARG A 86 -2.85 16.11 -10.75
C ARG A 86 -2.74 14.69 -11.30
N GLU A 87 -1.52 14.30 -11.61
CA GLU A 87 -1.22 12.99 -12.15
C GLU A 87 -1.50 11.94 -11.09
N GLU A 88 -1.13 12.29 -9.87
CA GLU A 88 -1.29 11.40 -8.73
C GLU A 88 -2.70 11.44 -8.14
N LEU A 89 -3.28 12.63 -7.99
CA LEU A 89 -4.62 12.76 -7.41
C LEU A 89 -5.71 12.87 -8.47
N ASN A 90 -5.35 13.32 -9.65
CA ASN A 90 -6.32 13.47 -10.73
C ASN A 90 -7.43 14.45 -10.34
N LEU A 91 -7.06 15.45 -9.54
CA LEU A 91 -8.01 16.45 -9.08
C LEU A 91 -7.58 17.85 -9.49
N ASN A 92 -8.32 18.86 -9.04
CA ASN A 92 -8.01 20.25 -9.37
C ASN A 92 -7.42 20.98 -8.17
N PRO A 93 -6.08 21.12 -8.11
CA PRO A 93 -5.40 21.79 -7.01
C PRO A 93 -5.40 23.31 -7.17
N THR A 94 -5.18 24.02 -6.05
CA THR A 94 -5.16 25.47 -6.07
C THR A 94 -3.76 25.98 -5.75
N VAL A 95 -3.37 27.09 -6.37
CA VAL A 95 -2.05 27.67 -6.16
C VAL A 95 -2.13 29.06 -5.54
N GLN A 96 -1.50 29.24 -4.39
CA GLN A 96 -1.49 30.51 -3.70
C GLN A 96 -0.05 30.95 -3.42
N GLY A 97 0.36 32.06 -4.03
CA GLY A 97 1.72 32.54 -3.84
C GLY A 97 2.72 31.58 -4.46
N ASN A 98 3.12 30.58 -3.68
CA ASN A 98 4.06 29.57 -4.16
C ASN A 98 3.73 28.21 -3.56
N VAL A 99 2.53 28.09 -2.98
CA VAL A 99 2.08 26.87 -2.36
C VAL A 99 0.88 26.29 -3.10
N ILE A 100 0.75 24.97 -3.09
CA ILE A 100 -0.37 24.32 -3.75
C ILE A 100 -1.32 23.69 -2.74
N ARG A 101 -2.55 24.19 -2.71
CA ARG A 101 -3.56 23.69 -1.79
C ARG A 101 -4.70 23.01 -2.55
N VAL A 102 -4.95 21.75 -2.22
CA VAL A 102 -6.02 21.00 -2.88
C VAL A 102 -7.20 20.79 -1.93
N THR A 103 -8.37 21.25 -2.34
CA THR A 103 -9.57 21.10 -1.53
C THR A 103 -10.53 20.09 -2.15
N LEU A 104 -10.72 18.97 -1.46
CA LEU A 104 -11.60 17.92 -1.96
C LEU A 104 -13.03 18.14 -1.45
N PRO A 105 -14.03 17.80 -2.28
CA PRO A 105 -15.44 17.97 -1.91
C PRO A 105 -15.86 17.00 -0.80
N PRO A 106 -16.88 17.37 -0.01
CA PRO A 106 -17.37 16.53 1.09
C PRO A 106 -17.65 15.10 0.64
N LEU A 107 -16.95 14.15 1.25
CA LEU A 107 -17.11 12.74 0.92
C LEU A 107 -18.57 12.31 1.09
N THR A 108 -19.14 11.73 0.04
CA THR A 108 -20.52 11.28 0.07
C THR A 108 -20.61 9.77 -0.09
N GLU A 109 -21.83 9.25 -0.12
CA GLU A 109 -22.06 7.82 -0.27
C GLU A 109 -21.37 7.29 -1.53
N GLU A 110 -21.60 7.97 -2.63
CA GLU A 110 -21.00 7.59 -3.91
C GLU A 110 -19.49 7.44 -3.79
N ARG A 111 -18.85 8.45 -3.22
CA ARG A 111 -17.40 8.44 -3.03
C ARG A 111 -16.97 7.24 -2.20
N ARG A 112 -17.69 7.01 -1.10
CA ARG A 112 -17.39 5.88 -0.22
C ARG A 112 -17.40 4.56 -0.99
N ARG A 113 -18.28 4.47 -1.98
CA ARG A 113 -18.41 3.25 -2.77
C ARG A 113 -17.07 2.91 -3.43
N GLU A 114 -16.45 3.90 -4.07
CA GLU A 114 -15.19 3.70 -4.76
C GLU A 114 -14.12 3.12 -3.82
N LEU A 115 -13.94 3.75 -2.67
CA LEU A 115 -12.95 3.28 -1.71
C LEU A 115 -13.23 1.84 -1.29
N VAL A 116 -14.48 1.54 -0.97
CA VAL A 116 -14.85 0.18 -0.57
C VAL A 116 -14.47 -0.80 -1.68
N ARG A 117 -14.76 -0.42 -2.92
CA ARG A 117 -14.41 -1.26 -4.06
C ARG A 117 -12.90 -1.33 -4.18
N LEU A 118 -12.29 -0.15 -4.27
CA LEU A 118 -10.85 -0.03 -4.42
C LEU A 118 -10.11 -0.75 -3.29
N LEU A 119 -10.68 -0.75 -2.10
CA LEU A 119 -10.11 -1.50 -0.99
C LEU A 119 -10.35 -2.96 -1.31
N HIS A 120 -11.60 -3.19 -1.70
CA HIS A 120 -12.07 -4.52 -2.05
C HIS A 120 -11.20 -5.13 -3.14
N LYS A 121 -10.65 -4.30 -4.02
CA LYS A 121 -9.75 -4.78 -5.07
C LYS A 121 -8.40 -5.18 -4.46
N ILE A 122 -8.04 -4.49 -3.38
CA ILE A 122 -6.78 -4.76 -2.68
C ILE A 122 -6.83 -6.12 -2.00
N THR A 123 -7.96 -6.43 -1.38
CA THR A 123 -8.13 -7.70 -0.68
C THR A 123 -7.92 -8.88 -1.62
N GLU A 124 -8.58 -8.85 -2.76
CA GLU A 124 -8.45 -9.93 -3.75
C GLU A 124 -6.99 -10.09 -4.15
N GLU A 125 -6.27 -8.97 -4.20
CA GLU A 125 -4.86 -8.97 -4.56
C GLU A 125 -4.02 -9.66 -3.50
N ALA A 126 -4.45 -9.53 -2.25
CA ALA A 126 -3.73 -10.14 -1.12
C ALA A 126 -3.75 -11.67 -1.22
N ARG A 127 -4.93 -12.23 -1.47
CA ARG A 127 -5.08 -13.68 -1.59
C ARG A 127 -4.18 -14.22 -2.69
N VAL A 128 -4.13 -13.49 -3.80
CA VAL A 128 -3.29 -13.87 -4.94
C VAL A 128 -1.82 -13.98 -4.52
N ARG A 129 -1.41 -13.09 -3.62
CA ARG A 129 -0.05 -13.10 -3.13
C ARG A 129 0.17 -14.32 -2.23
N VAL A 130 -0.74 -14.52 -1.30
CA VAL A 130 -0.66 -15.64 -0.36
C VAL A 130 -0.61 -16.97 -1.09
N ARG A 131 -1.46 -17.13 -2.11
CA ARG A 131 -1.47 -18.37 -2.88
C ARG A 131 -0.06 -18.70 -3.38
N ASN A 132 0.59 -17.69 -3.93
CA ASN A 132 1.94 -17.83 -4.46
C ASN A 132 2.93 -18.23 -3.36
N VAL A 133 2.65 -17.80 -2.13
CA VAL A 133 3.51 -18.15 -1.01
C VAL A 133 3.36 -19.62 -0.66
N ARG A 134 2.12 -20.06 -0.44
CA ARG A 134 1.84 -21.45 -0.12
C ARG A 134 2.06 -22.34 -1.32
N ARG A 135 1.60 -21.89 -2.48
CA ARG A 135 1.72 -22.65 -3.71
C ARG A 135 3.14 -23.19 -3.90
N GLU A 136 4.13 -22.30 -3.83
CA GLU A 136 5.51 -22.72 -3.97
C GLU A 136 6.01 -23.41 -2.70
N ALA A 137 5.44 -23.02 -1.57
CA ALA A 137 5.84 -23.58 -0.28
C ALA A 137 5.71 -25.11 -0.28
N LYS A 138 4.58 -25.61 -0.78
CA LYS A 138 4.36 -27.05 -0.85
C LYS A 138 5.24 -27.64 -1.95
N GLU A 139 5.39 -26.87 -3.02
CA GLU A 139 6.20 -27.27 -4.17
C GLU A 139 7.68 -27.33 -3.80
N MET A 140 8.07 -26.51 -2.84
CA MET A 140 9.45 -26.47 -2.38
C MET A 140 9.81 -27.75 -1.64
N ILE A 141 8.92 -28.19 -0.77
CA ILE A 141 9.13 -29.41 0.01
C ILE A 141 9.03 -30.64 -0.89
N GLU A 142 8.08 -30.59 -1.82
CA GLU A 142 7.85 -31.68 -2.76
C GLU A 142 8.88 -31.69 -3.89
N GLU A 143 9.59 -30.57 -4.06
CA GLU A 143 10.61 -30.47 -5.10
C GLU A 143 12.00 -30.81 -4.55
N LEU A 144 12.13 -30.86 -3.23
CA LEU A 144 13.41 -31.18 -2.60
C LEU A 144 13.61 -32.69 -2.53
N GLU A 145 14.59 -33.19 -3.28
CA GLU A 145 14.86 -34.62 -3.31
C GLU A 145 13.60 -35.39 -3.73
N GLY A 146 12.61 -34.65 -4.23
CA GLY A 146 11.36 -35.24 -4.66
C GLY A 146 10.44 -35.60 -3.49
N ILE A 147 11.01 -35.69 -2.28
CA ILE A 147 10.21 -36.00 -1.10
C ILE A 147 10.93 -35.55 0.17
N SER A 148 10.23 -34.75 0.97
CA SER A 148 10.78 -34.26 2.23
C SER A 148 9.73 -34.40 3.33
N GLU A 149 9.83 -35.44 4.15
CA GLU A 149 8.86 -35.64 5.23
C GLU A 149 9.14 -34.69 6.39
N ASP A 150 10.38 -34.69 6.86
CA ASP A 150 10.79 -33.84 7.98
C ASP A 150 10.44 -32.38 7.71
N GLU A 151 10.75 -31.93 6.51
CA GLU A 151 10.48 -30.56 6.10
C GLU A 151 8.99 -30.32 5.88
N LYS A 152 8.29 -31.35 5.40
CA LYS A 152 6.86 -31.27 5.13
C LYS A 152 6.08 -31.03 6.40
N LYS A 153 6.38 -31.85 7.39
CA LYS A 153 5.71 -31.77 8.69
C LYS A 153 5.85 -30.38 9.30
N ARG A 154 7.09 -29.90 9.37
CA ARG A 154 7.36 -28.58 9.95
C ARG A 154 6.88 -27.47 9.03
N ALA A 155 7.32 -27.52 7.78
CA ALA A 155 6.97 -26.49 6.81
C ALA A 155 5.46 -26.29 6.65
N LEU A 156 4.69 -27.39 6.64
CA LEU A 156 3.24 -27.28 6.52
C LEU A 156 2.70 -26.48 7.71
N GLU A 157 3.07 -26.93 8.90
CA GLU A 157 2.63 -26.27 10.12
C GLU A 157 3.07 -24.81 10.06
N ARG A 158 4.22 -24.59 9.43
CA ARG A 158 4.77 -23.24 9.28
C ARG A 158 3.89 -22.39 8.35
N LEU A 159 3.59 -22.92 7.16
CA LEU A 159 2.76 -22.17 6.20
C LEU A 159 1.38 -21.87 6.79
N GLN A 160 0.87 -22.79 7.60
CA GLN A 160 -0.45 -22.62 8.22
C GLN A 160 -0.42 -21.46 9.21
N LYS A 161 0.55 -21.50 10.12
CA LYS A 161 0.71 -20.45 11.12
C LYS A 161 1.00 -19.11 10.47
N LEU A 162 1.69 -19.15 9.33
CA LEU A 162 2.01 -17.92 8.61
C LEU A 162 0.76 -17.33 7.98
N THR A 163 0.01 -18.17 7.27
CA THR A 163 -1.21 -17.72 6.61
C THR A 163 -2.22 -17.19 7.62
N ASP A 164 -2.24 -17.78 8.81
CA ASP A 164 -3.17 -17.35 9.85
C ASP A 164 -2.96 -15.87 10.15
N LYS A 165 -1.70 -15.48 10.32
CA LYS A 165 -1.36 -14.10 10.59
C LYS A 165 -1.57 -13.23 9.34
N TYR A 166 -1.31 -13.82 8.18
CA TYR A 166 -1.48 -13.12 6.91
C TYR A 166 -2.95 -12.86 6.61
N ILE A 167 -3.76 -13.92 6.67
CA ILE A 167 -5.19 -13.82 6.39
C ILE A 167 -5.90 -13.01 7.47
N ASP A 168 -5.48 -13.20 8.72
CA ASP A 168 -6.08 -12.50 9.84
C ASP A 168 -5.73 -11.02 9.80
N GLU A 169 -4.51 -10.72 9.40
CA GLU A 169 -4.05 -9.34 9.32
C GLU A 169 -4.84 -8.55 8.29
N ILE A 170 -5.03 -9.15 7.12
CA ILE A 170 -5.77 -8.50 6.05
C ILE A 170 -7.25 -8.36 6.40
N ASN A 171 -7.89 -9.48 6.72
CA ASN A 171 -9.32 -9.49 7.06
C ASN A 171 -9.62 -8.64 8.29
N LYS A 172 -8.69 -8.57 9.23
CA LYS A 172 -8.90 -7.81 10.45
C LYS A 172 -8.88 -6.30 10.18
N LEU A 173 -7.95 -5.85 9.34
CA LEU A 173 -7.85 -4.43 9.03
C LEU A 173 -9.02 -3.95 8.17
N MET A 174 -9.42 -4.76 7.19
CA MET A 174 -10.53 -4.40 6.30
C MET A 174 -11.85 -4.47 7.05
N GLU A 175 -12.07 -5.54 7.79
CA GLU A 175 -13.31 -5.71 8.55
C GLU A 175 -13.57 -4.49 9.42
N ALA A 176 -12.49 -3.91 9.93
CA ALA A 176 -12.60 -2.71 10.78
C ALA A 176 -13.05 -1.52 9.95
N LYS A 177 -12.30 -1.23 8.89
CA LYS A 177 -12.62 -0.10 8.02
C LYS A 177 -14.07 -0.16 7.55
N GLU A 178 -14.50 -1.33 7.09
CA GLU A 178 -15.87 -1.50 6.61
C GLU A 178 -16.87 -1.02 7.65
N LYS A 179 -16.75 -1.52 8.88
CA LYS A 179 -17.63 -1.12 9.97
C LYS A 179 -17.66 0.40 10.09
N GLU A 180 -16.53 1.02 9.78
CA GLU A 180 -16.43 2.48 9.82
C GLU A 180 -17.16 3.05 8.62
N ILE A 181 -16.79 2.56 7.44
CA ILE A 181 -17.40 3.01 6.19
C ILE A 181 -18.92 2.89 6.26
N MET A 182 -19.40 1.71 6.65
CA MET A 182 -20.83 1.46 6.75
C MET A 182 -21.39 1.82 8.13
N SER A 183 -20.57 2.46 8.97
CA SER A 183 -21.01 2.83 10.30
C SER A 183 -22.05 3.96 10.23
N VAL A 184 -21.69 5.03 9.55
CA VAL A 184 -22.58 6.18 9.40
C VAL A 184 -23.90 5.77 8.74
N MET A 1 24.08 -26.30 11.14
CA MET A 1 22.85 -26.95 10.62
C MET A 1 22.13 -26.05 9.63
N ILE A 2 22.31 -26.32 8.34
CA ILE A 2 21.67 -25.52 7.30
C ILE A 2 20.78 -26.39 6.41
N LYS A 3 19.49 -26.40 6.70
CA LYS A 3 18.53 -27.18 5.94
C LYS A 3 17.77 -26.28 4.95
N GLU A 4 17.16 -26.90 3.94
CA GLU A 4 16.41 -26.15 2.94
C GLU A 4 15.20 -25.46 3.56
N LEU A 5 14.78 -25.96 4.72
CA LEU A 5 13.62 -25.40 5.42
C LEU A 5 13.81 -23.90 5.67
N GLU A 6 15.04 -23.51 5.98
CA GLU A 6 15.35 -22.11 6.27
C GLU A 6 14.89 -21.20 5.13
N ASP A 7 15.10 -21.63 3.89
CA ASP A 7 14.68 -20.85 2.73
C ASP A 7 13.16 -20.82 2.61
N ILE A 8 12.53 -21.92 3.03
CA ILE A 8 11.08 -22.01 2.99
C ILE A 8 10.44 -20.92 3.84
N PHE A 9 10.92 -20.79 5.06
CA PHE A 9 10.42 -19.76 5.97
C PHE A 9 10.75 -18.37 5.45
N LYS A 10 12.02 -18.18 5.09
CA LYS A 10 12.48 -16.89 4.58
C LYS A 10 11.64 -16.43 3.39
N GLU A 11 11.39 -17.34 2.46
CA GLU A 11 10.61 -17.03 1.28
C GLU A 11 9.14 -16.80 1.65
N ALA A 12 8.59 -17.68 2.48
CA ALA A 12 7.21 -17.57 2.92
C ALA A 12 6.98 -16.28 3.69
N GLU A 13 7.90 -15.96 4.59
CA GLU A 13 7.80 -14.75 5.39
C GLU A 13 8.03 -13.51 4.53
N LYS A 14 9.15 -13.50 3.79
CA LYS A 14 9.49 -12.39 2.93
C LYS A 14 8.36 -12.06 1.96
N ASP A 15 7.78 -13.09 1.35
CA ASP A 15 6.69 -12.91 0.41
C ASP A 15 5.42 -12.45 1.11
N MET A 16 5.06 -13.14 2.19
CA MET A 16 3.86 -12.82 2.95
C MET A 16 3.92 -11.38 3.43
N LYS A 17 5.08 -10.99 3.94
CA LYS A 17 5.29 -9.63 4.44
C LYS A 17 5.24 -8.62 3.29
N LYS A 18 5.66 -9.07 2.11
CA LYS A 18 5.68 -8.20 0.94
C LYS A 18 4.26 -7.85 0.50
N ALA A 19 3.41 -8.86 0.38
CA ALA A 19 2.02 -8.65 -0.03
C ALA A 19 1.27 -7.77 0.95
N VAL A 20 1.40 -8.07 2.24
CA VAL A 20 0.72 -7.30 3.27
C VAL A 20 1.30 -5.90 3.41
N GLU A 21 2.62 -5.79 3.31
CA GLU A 21 3.28 -4.50 3.43
C GLU A 21 2.80 -3.55 2.34
N TYR A 22 2.82 -4.03 1.10
CA TYR A 22 2.36 -3.23 -0.04
C TYR A 22 0.85 -3.05 0.01
N TYR A 23 0.16 -4.14 0.37
CA TYR A 23 -1.30 -4.14 0.46
C TYR A 23 -1.77 -3.05 1.43
N LYS A 24 -1.16 -3.03 2.61
CA LYS A 24 -1.50 -2.03 3.62
C LYS A 24 -1.20 -0.64 3.08
N ASN A 25 -0.09 -0.53 2.36
CA ASN A 25 0.32 0.74 1.76
C ASN A 25 -0.77 1.24 0.82
N GLU A 26 -1.34 0.31 0.06
CA GLU A 26 -2.40 0.63 -0.89
C GLU A 26 -3.58 1.23 -0.17
N ILE A 27 -4.05 0.54 0.87
CA ILE A 27 -5.18 1.04 1.64
C ILE A 27 -4.88 2.46 2.11
N ALA A 28 -3.76 2.62 2.80
CA ALA A 28 -3.33 3.91 3.33
C ALA A 28 -3.29 5.02 2.27
N GLY A 29 -3.10 4.64 1.01
CA GLY A 29 -3.01 5.64 -0.06
C GLY A 29 -4.03 5.43 -1.16
N LEU A 30 -4.97 4.51 -0.95
CA LEU A 30 -5.99 4.22 -1.96
C LEU A 30 -6.63 5.51 -2.47
N ARG A 31 -7.09 5.48 -3.72
CA ARG A 31 -7.72 6.65 -4.33
C ARG A 31 -9.04 6.97 -3.63
N THR A 32 -8.94 7.58 -2.46
CA THR A 32 -10.12 7.96 -1.69
C THR A 32 -10.36 9.45 -1.78
N SER A 33 -11.53 9.90 -1.35
CA SER A 33 -11.86 11.32 -1.38
C SER A 33 -11.36 12.02 -0.13
N ARG A 34 -10.41 11.40 0.56
CA ARG A 34 -9.83 11.97 1.76
C ARG A 34 -8.58 12.77 1.40
N ALA A 35 -8.38 13.88 2.09
CA ALA A 35 -7.23 14.74 1.83
C ALA A 35 -6.01 14.28 2.62
N SER A 36 -5.48 13.12 2.26
CA SER A 36 -4.29 12.59 2.93
C SER A 36 -3.04 12.92 2.13
N THR A 37 -1.90 12.89 2.78
CA THR A 37 -0.64 13.22 2.13
C THR A 37 -0.14 12.11 1.17
N ALA A 38 -0.12 10.87 1.65
CA ALA A 38 0.44 9.77 0.84
C ALA A 38 -0.38 9.36 -0.39
N LEU A 39 -1.66 9.00 -0.19
CA LEU A 39 -2.51 8.53 -1.31
C LEU A 39 -1.99 8.97 -2.68
N VAL A 40 -1.54 10.21 -2.75
CA VAL A 40 -0.99 10.76 -3.98
C VAL A 40 -0.08 9.77 -4.68
N GLU A 41 1.00 9.39 -3.98
CA GLU A 41 1.99 8.42 -4.48
C GLU A 41 3.38 8.83 -4.03
N GLU A 42 3.80 9.97 -4.52
CA GLU A 42 5.13 10.51 -4.19
C GLU A 42 5.35 11.90 -4.79
N ILE A 43 4.53 12.27 -5.78
CA ILE A 43 4.66 13.58 -6.39
C ILE A 43 6.08 13.82 -6.89
N LYS A 44 6.51 12.97 -7.83
CA LYS A 44 7.85 13.07 -8.39
C LYS A 44 8.11 14.46 -8.94
N VAL A 45 9.09 15.14 -8.35
CA VAL A 45 9.45 16.48 -8.80
C VAL A 45 10.91 16.54 -9.22
N GLU A 46 11.17 17.11 -10.40
CA GLU A 46 12.53 17.22 -10.91
C GLU A 46 13.38 18.17 -10.08
N TYR A 47 14.60 17.75 -9.76
CA TYR A 47 15.51 18.57 -8.97
C TYR A 47 16.93 18.45 -9.50
N TYR A 48 17.32 19.38 -10.37
CA TYR A 48 18.66 19.38 -10.95
C TYR A 48 18.91 18.12 -11.77
N GLY A 49 17.89 17.70 -12.52
CA GLY A 49 18.02 16.51 -13.33
C GLY A 49 17.86 15.23 -12.55
N SER A 50 17.20 15.31 -11.40
CA SER A 50 16.99 14.15 -10.55
C SER A 50 15.51 14.03 -10.17
N LYS A 51 15.00 12.80 -10.21
CA LYS A 51 13.60 12.55 -9.88
C LYS A 51 13.45 12.20 -8.40
N VAL A 52 12.82 13.10 -7.65
CA VAL A 52 12.61 12.89 -6.22
C VAL A 52 11.26 13.45 -5.80
N PRO A 53 10.56 12.77 -4.86
CA PRO A 53 9.25 13.22 -4.37
C PRO A 53 9.35 14.50 -3.56
N ILE A 54 8.24 14.90 -2.96
CA ILE A 54 8.20 16.12 -2.14
C ILE A 54 8.82 15.88 -0.77
N LYS A 55 8.88 14.61 -0.36
CA LYS A 55 9.44 14.24 0.95
C LYS A 55 10.75 14.98 1.22
N GLN A 56 11.61 15.04 0.21
CA GLN A 56 12.90 15.71 0.35
C GLN A 56 12.94 16.98 -0.49
N LEU A 57 11.78 17.61 -0.65
CA LEU A 57 11.70 18.85 -1.44
C LEU A 57 10.84 19.89 -0.72
N GLY A 58 9.55 19.60 -0.58
CA GLY A 58 8.66 20.53 0.09
C GLY A 58 8.02 19.93 1.33
N THR A 59 7.13 20.69 1.96
CA THR A 59 6.44 20.23 3.17
C THR A 59 4.95 20.06 2.91
N ILE A 60 4.51 18.81 2.78
CA ILE A 60 3.11 18.51 2.53
C ILE A 60 2.39 18.15 3.83
N SER A 61 1.37 18.94 4.17
CA SER A 61 0.61 18.70 5.40
C SER A 61 -0.87 19.03 5.19
N VAL A 62 -1.73 18.36 5.95
CA VAL A 62 -3.17 18.59 5.86
C VAL A 62 -3.62 19.61 6.91
N PRO A 63 -4.35 20.65 6.48
CA PRO A 63 -4.83 21.69 7.39
C PRO A 63 -6.16 21.36 8.05
N GLU A 64 -7.22 21.21 7.25
CA GLU A 64 -8.55 20.92 7.79
C GLU A 64 -9.01 19.51 7.45
N HIS A 65 -8.08 18.55 7.46
CA HIS A 65 -8.41 17.16 7.17
C HIS A 65 -8.84 16.98 5.72
N ASN A 66 -9.93 17.65 5.33
CA ASN A 66 -10.45 17.55 3.97
C ASN A 66 -9.69 18.47 3.01
N GLN A 67 -8.38 18.58 3.21
CA GLN A 67 -7.55 19.43 2.37
C GLN A 67 -6.09 18.97 2.42
N ILE A 68 -5.32 19.36 1.42
CA ILE A 68 -3.91 19.01 1.34
C ILE A 68 -3.13 20.20 0.81
N VAL A 69 -1.95 20.43 1.36
CA VAL A 69 -1.13 21.56 0.92
C VAL A 69 0.32 21.16 0.71
N ILE A 70 0.85 21.56 -0.45
CA ILE A 70 2.23 21.27 -0.80
C ILE A 70 3.03 22.58 -0.85
N GLN A 71 4.12 22.67 -0.09
CA GLN A 71 4.94 23.87 -0.08
C GLN A 71 6.33 23.59 -0.64
N VAL A 72 6.60 24.08 -1.85
CA VAL A 72 7.88 23.85 -2.50
C VAL A 72 8.91 24.91 -2.14
N TRP A 73 9.76 24.60 -1.16
CA TRP A 73 10.82 25.50 -0.72
C TRP A 73 11.44 26.25 -1.91
N ASP A 74 11.52 25.57 -3.05
CA ASP A 74 12.07 26.16 -4.25
C ASP A 74 10.99 26.37 -5.31
N GLN A 75 10.85 27.60 -5.77
CA GLN A 75 9.85 27.94 -6.79
C GLN A 75 10.11 27.21 -8.10
N ASN A 76 11.33 26.70 -8.26
CA ASN A 76 11.71 25.99 -9.48
C ASN A 76 11.06 24.61 -9.54
N ALA A 77 10.80 24.03 -8.37
CA ALA A 77 10.18 22.71 -8.31
C ALA A 77 8.65 22.79 -8.31
N VAL A 78 8.11 23.98 -8.05
CA VAL A 78 6.66 24.16 -8.02
C VAL A 78 6.02 23.72 -9.33
N PRO A 79 6.53 24.17 -10.49
CA PRO A 79 5.99 23.78 -11.78
C PRO A 79 6.02 22.26 -11.97
N ALA A 80 7.14 21.68 -11.56
CA ALA A 80 7.34 20.24 -11.65
C ALA A 80 6.33 19.49 -10.79
N ILE A 81 6.08 20.03 -9.61
CA ILE A 81 5.16 19.40 -8.67
C ILE A 81 3.71 19.49 -9.12
N GLU A 82 3.24 20.69 -9.45
CA GLU A 82 1.86 20.87 -9.88
C GLU A 82 1.48 19.87 -10.97
N LYS A 83 2.39 19.69 -11.93
CA LYS A 83 2.14 18.75 -13.01
C LYS A 83 2.06 17.33 -12.44
N ALA A 84 2.84 17.08 -11.40
CA ALA A 84 2.87 15.77 -10.76
C ALA A 84 1.66 15.54 -9.87
N ILE A 85 1.37 16.50 -8.99
CA ILE A 85 0.23 16.38 -8.08
C ILE A 85 -1.07 16.14 -8.83
N ARG A 86 -1.30 16.90 -9.90
CA ARG A 86 -2.51 16.74 -10.69
C ARG A 86 -2.56 15.35 -11.31
N GLU A 87 -1.40 14.89 -11.77
CA GLU A 87 -1.26 13.60 -12.39
C GLU A 87 -1.44 12.51 -11.35
N GLU A 88 -0.92 12.79 -10.18
CA GLU A 88 -0.97 11.87 -9.05
C GLU A 88 -2.35 11.84 -8.39
N LEU A 89 -2.96 13.01 -8.19
CA LEU A 89 -4.27 13.10 -7.55
C LEU A 89 -5.41 13.12 -8.57
N ASN A 90 -5.10 13.54 -9.80
CA ASN A 90 -6.11 13.60 -10.85
C ASN A 90 -7.22 14.58 -10.47
N LEU A 91 -6.84 15.63 -9.72
CA LEU A 91 -7.80 16.64 -9.29
C LEU A 91 -7.37 18.04 -9.73
N ASN A 92 -8.08 19.06 -9.25
CA ASN A 92 -7.76 20.44 -9.59
C ASN A 92 -7.40 21.24 -8.35
N PRO A 93 -6.09 21.34 -8.03
CA PRO A 93 -5.62 22.08 -6.86
C PRO A 93 -5.46 23.58 -7.14
N THR A 94 -5.44 24.37 -6.07
CA THR A 94 -5.29 25.81 -6.20
C THR A 94 -3.88 26.24 -5.82
N VAL A 95 -3.40 27.31 -6.44
CA VAL A 95 -2.06 27.81 -6.17
C VAL A 95 -2.08 29.21 -5.58
N GLN A 96 -1.57 29.34 -4.35
CA GLN A 96 -1.52 30.62 -3.66
C GLN A 96 -0.08 31.01 -3.35
N GLY A 97 0.37 32.09 -3.96
CA GLY A 97 1.74 32.53 -3.74
C GLY A 97 2.73 31.57 -4.38
N ASN A 98 3.09 30.54 -3.64
CA ASN A 98 4.02 29.52 -4.13
C ASN A 98 3.71 28.16 -3.51
N VAL A 99 2.48 28.02 -3.02
CA VAL A 99 2.03 26.78 -2.40
C VAL A 99 0.83 26.19 -3.15
N ILE A 100 0.72 24.87 -3.14
CA ILE A 100 -0.39 24.21 -3.81
C ILE A 100 -1.32 23.54 -2.81
N ARG A 101 -2.58 23.99 -2.79
CA ARG A 101 -3.57 23.44 -1.88
C ARG A 101 -4.64 22.68 -2.65
N VAL A 102 -4.79 21.39 -2.34
CA VAL A 102 -5.78 20.56 -3.01
C VAL A 102 -7.05 20.43 -2.18
N THR A 103 -8.18 20.81 -2.76
CA THR A 103 -9.46 20.72 -2.08
C THR A 103 -10.32 19.61 -2.67
N LEU A 104 -10.60 18.59 -1.86
CA LEU A 104 -11.40 17.46 -2.29
C LEU A 104 -12.89 17.74 -2.07
N PRO A 105 -13.76 17.23 -2.96
CA PRO A 105 -15.21 17.43 -2.85
C PRO A 105 -15.80 16.65 -1.68
N PRO A 106 -16.92 17.13 -1.12
CA PRO A 106 -17.60 16.47 0.01
C PRO A 106 -17.82 14.98 -0.24
N LEU A 107 -17.24 14.14 0.61
CA LEU A 107 -17.38 12.70 0.48
C LEU A 107 -18.84 12.29 0.49
N THR A 108 -19.34 11.88 -0.67
CA THR A 108 -20.74 11.46 -0.80
C THR A 108 -20.86 9.94 -0.83
N GLU A 109 -22.11 9.46 -0.81
CA GLU A 109 -22.38 8.02 -0.83
C GLU A 109 -21.69 7.36 -2.02
N GLU A 110 -21.71 8.03 -3.16
CA GLU A 110 -21.09 7.50 -4.37
C GLU A 110 -19.57 7.39 -4.20
N ARG A 111 -19.01 8.36 -3.47
CA ARG A 111 -17.58 8.39 -3.23
C ARG A 111 -17.16 7.26 -2.28
N ARG A 112 -17.92 7.10 -1.20
CA ARG A 112 -17.64 6.06 -0.21
C ARG A 112 -17.86 4.67 -0.81
N ARG A 113 -18.88 4.56 -1.65
CA ARG A 113 -19.19 3.27 -2.28
C ARG A 113 -18.02 2.76 -3.11
N GLU A 114 -17.45 3.64 -3.92
CA GLU A 114 -16.32 3.27 -4.78
C GLU A 114 -15.15 2.73 -3.95
N LEU A 115 -14.87 3.38 -2.83
CA LEU A 115 -13.77 2.97 -1.97
C LEU A 115 -13.97 1.55 -1.47
N VAL A 116 -15.17 1.21 -1.03
CA VAL A 116 -15.46 -0.13 -0.53
C VAL A 116 -15.15 -1.16 -1.62
N ARG A 117 -15.55 -0.84 -2.85
CA ARG A 117 -15.28 -1.72 -3.97
C ARG A 117 -13.77 -1.76 -4.21
N LEU A 118 -13.21 -0.57 -4.40
CA LEU A 118 -11.78 -0.42 -4.66
C LEU A 118 -10.94 -1.07 -3.57
N LEU A 119 -11.43 -1.03 -2.34
CA LEU A 119 -10.75 -1.71 -1.24
C LEU A 119 -10.98 -3.19 -1.45
N HIS A 120 -12.24 -3.48 -1.77
CA HIS A 120 -12.68 -4.85 -1.98
C HIS A 120 -11.83 -5.53 -3.04
N LYS A 121 -11.36 -4.77 -4.04
CA LYS A 121 -10.48 -5.31 -5.06
C LYS A 121 -9.09 -5.57 -4.48
N ILE A 122 -8.72 -4.75 -3.49
CA ILE A 122 -7.43 -4.86 -2.82
C ILE A 122 -7.32 -6.16 -2.02
N THR A 123 -8.34 -6.43 -1.22
CA THR A 123 -8.35 -7.63 -0.38
C THR A 123 -8.22 -8.89 -1.23
N GLU A 124 -8.97 -8.96 -2.33
CA GLU A 124 -8.93 -10.11 -3.22
C GLU A 124 -7.50 -10.38 -3.68
N GLU A 125 -6.83 -9.32 -4.12
CA GLU A 125 -5.45 -9.39 -4.58
C GLU A 125 -4.55 -10.05 -3.53
N ALA A 126 -4.90 -9.83 -2.27
CA ALA A 126 -4.15 -10.40 -1.15
C ALA A 126 -4.33 -11.92 -1.10
N ARG A 127 -5.54 -12.38 -1.43
CA ARG A 127 -5.87 -13.80 -1.39
C ARG A 127 -5.03 -14.60 -2.37
N VAL A 128 -4.92 -14.12 -3.61
CA VAL A 128 -4.13 -14.82 -4.62
C VAL A 128 -2.69 -14.99 -4.18
N ARG A 129 -2.09 -13.88 -3.75
CA ARG A 129 -0.70 -13.89 -3.32
C ARG A 129 -0.48 -14.94 -2.25
N VAL A 130 -1.36 -14.96 -1.25
CA VAL A 130 -1.24 -15.92 -0.17
C VAL A 130 -1.24 -17.36 -0.69
N ARG A 131 -2.12 -17.66 -1.65
CA ARG A 131 -2.16 -19.00 -2.23
C ARG A 131 -0.76 -19.40 -2.69
N ASN A 132 -0.08 -18.43 -3.28
CA ASN A 132 1.29 -18.61 -3.77
C ASN A 132 2.24 -18.96 -2.62
N VAL A 133 1.92 -18.47 -1.42
CA VAL A 133 2.75 -18.75 -0.26
C VAL A 133 2.77 -20.26 0.07
N ARG A 134 1.59 -20.86 0.20
CA ARG A 134 1.50 -22.29 0.49
C ARG A 134 1.92 -23.12 -0.72
N ARG A 135 1.65 -22.61 -1.90
CA ARG A 135 2.03 -23.30 -3.13
C ARG A 135 3.54 -23.23 -3.30
N GLU A 136 4.04 -22.00 -3.24
CA GLU A 136 5.48 -21.75 -3.38
C GLU A 136 6.24 -22.49 -2.29
N ALA A 137 5.82 -22.29 -1.05
CA ALA A 137 6.47 -22.94 0.09
C ALA A 137 6.45 -24.46 -0.06
N LYS A 138 5.29 -25.00 -0.43
CA LYS A 138 5.15 -26.45 -0.63
C LYS A 138 5.97 -26.90 -1.83
N GLU A 139 5.92 -26.12 -2.90
CA GLU A 139 6.67 -26.42 -4.12
C GLU A 139 8.16 -26.56 -3.84
N MET A 140 8.65 -25.80 -2.85
CA MET A 140 10.04 -25.85 -2.47
C MET A 140 10.37 -27.17 -1.77
N ILE A 141 9.44 -27.64 -0.95
CA ILE A 141 9.61 -28.89 -0.21
C ILE A 141 9.50 -30.10 -1.14
N GLU A 142 8.56 -30.02 -2.07
CA GLU A 142 8.33 -31.09 -3.04
C GLU A 142 9.37 -31.10 -4.15
N GLU A 143 10.09 -29.98 -4.31
CA GLU A 143 11.11 -29.88 -5.35
C GLU A 143 12.50 -30.22 -4.79
N LEU A 144 12.61 -30.26 -3.47
CA LEU A 144 13.89 -30.58 -2.82
C LEU A 144 14.13 -32.08 -2.79
N GLU A 145 15.13 -32.54 -3.53
CA GLU A 145 15.44 -33.97 -3.61
C GLU A 145 14.21 -34.76 -4.07
N GLY A 146 13.21 -34.02 -4.55
CA GLY A 146 11.97 -34.62 -5.02
C GLY A 146 11.07 -35.08 -3.88
N ILE A 147 11.62 -35.23 -2.68
CA ILE A 147 10.82 -35.61 -1.51
C ILE A 147 11.51 -35.23 -0.21
N SER A 148 10.80 -34.48 0.62
CA SER A 148 11.31 -34.06 1.91
C SER A 148 10.23 -34.27 2.97
N GLU A 149 10.29 -35.35 3.74
CA GLU A 149 9.28 -35.58 4.77
C GLU A 149 9.52 -34.69 5.98
N ASP A 150 10.74 -34.73 6.51
CA ASP A 150 11.10 -33.94 7.69
C ASP A 150 10.79 -32.47 7.46
N GLU A 151 11.18 -31.97 6.30
CA GLU A 151 10.97 -30.57 5.94
C GLU A 151 9.49 -30.28 5.64
N LYS A 152 8.79 -31.26 5.07
CA LYS A 152 7.39 -31.12 4.70
C LYS A 152 6.51 -31.02 5.94
N LYS A 153 6.73 -31.95 6.84
CA LYS A 153 5.95 -32.00 8.09
C LYS A 153 6.10 -30.70 8.87
N ARG A 154 7.34 -30.32 9.11
CA ARG A 154 7.62 -29.10 9.87
C ARG A 154 7.22 -27.85 9.09
N ALA A 155 7.69 -27.75 7.85
CA ALA A 155 7.41 -26.58 7.00
C ALA A 155 5.92 -26.39 6.74
N LEU A 156 5.16 -27.48 6.62
CA LEU A 156 3.71 -27.37 6.38
C LEU A 156 3.05 -26.66 7.55
N GLU A 157 3.27 -27.18 8.74
CA GLU A 157 2.69 -26.60 9.95
C GLU A 157 3.14 -25.14 10.03
N ARG A 158 4.36 -24.88 9.55
CA ARG A 158 4.91 -23.54 9.54
C ARG A 158 4.13 -22.63 8.58
N LEU A 159 3.67 -23.20 7.45
CA LEU A 159 2.89 -22.42 6.48
C LEU A 159 1.49 -22.15 7.02
N GLN A 160 0.96 -23.10 7.79
CA GLN A 160 -0.37 -22.95 8.38
C GLN A 160 -0.36 -21.82 9.40
N LYS A 161 0.61 -21.88 10.30
CA LYS A 161 0.75 -20.86 11.33
C LYS A 161 1.01 -19.49 10.70
N LEU A 162 1.67 -19.51 9.55
CA LEU A 162 1.96 -18.27 8.83
C LEU A 162 0.69 -17.69 8.24
N THR A 163 -0.07 -18.52 7.53
CA THR A 163 -1.31 -18.08 6.91
C THR A 163 -2.29 -17.56 7.96
N ASP A 164 -2.27 -18.16 9.14
CA ASP A 164 -3.15 -17.72 10.23
C ASP A 164 -2.93 -16.22 10.47
N LYS A 165 -1.67 -15.85 10.58
CA LYS A 165 -1.28 -14.46 10.77
C LYS A 165 -1.74 -13.61 9.60
N TYR A 166 -1.77 -14.23 8.43
CA TYR A 166 -2.20 -13.57 7.20
C TYR A 166 -3.70 -13.27 7.25
N ILE A 167 -4.48 -14.29 7.61
CA ILE A 167 -5.93 -14.14 7.68
C ILE A 167 -6.33 -13.22 8.83
N ASP A 168 -5.81 -13.50 10.01
CA ASP A 168 -6.11 -12.70 11.19
C ASP A 168 -5.69 -11.25 11.01
N GLU A 169 -4.61 -11.04 10.27
CA GLU A 169 -4.12 -9.69 10.03
C GLU A 169 -5.04 -8.94 9.07
N ILE A 170 -5.36 -9.58 7.95
CA ILE A 170 -6.22 -8.97 6.96
C ILE A 170 -7.65 -8.81 7.48
N ASN A 171 -8.25 -9.92 7.92
CA ASN A 171 -9.63 -9.88 8.40
C ASN A 171 -9.85 -8.83 9.49
N LYS A 172 -8.83 -8.60 10.31
CA LYS A 172 -8.94 -7.60 11.37
C LYS A 172 -9.06 -6.20 10.78
N LEU A 173 -8.18 -5.89 9.82
CA LEU A 173 -8.19 -4.59 9.19
C LEU A 173 -9.51 -4.35 8.47
N MET A 174 -9.95 -5.31 7.65
CA MET A 174 -11.21 -5.17 6.91
C MET A 174 -12.39 -4.97 7.86
N GLU A 175 -12.49 -5.83 8.88
CA GLU A 175 -13.58 -5.72 9.84
C GLU A 175 -13.68 -4.30 10.38
N ALA A 176 -12.56 -3.77 10.86
CA ALA A 176 -12.52 -2.42 11.38
C ALA A 176 -12.75 -1.42 10.26
N LYS A 177 -11.95 -1.52 9.22
CA LYS A 177 -12.04 -0.59 8.09
C LYS A 177 -13.47 -0.49 7.58
N GLU A 178 -14.12 -1.61 7.31
CA GLU A 178 -15.48 -1.59 6.78
C GLU A 178 -16.39 -0.71 7.63
N LYS A 179 -16.43 -0.95 8.94
CA LYS A 179 -17.26 -0.12 9.81
C LYS A 179 -16.75 1.32 9.76
N GLU A 180 -15.42 1.44 9.77
CA GLU A 180 -14.74 2.72 9.71
C GLU A 180 -15.12 3.51 8.45
N ILE A 181 -15.38 2.78 7.36
CA ILE A 181 -15.76 3.40 6.10
C ILE A 181 -17.12 4.09 6.25
N MET A 182 -18.09 3.37 6.78
CA MET A 182 -19.44 3.90 6.98
C MET A 182 -19.51 4.77 8.22
N SER A 183 -18.62 4.51 9.18
CA SER A 183 -18.60 5.29 10.42
C SER A 183 -18.45 6.78 10.14
N VAL A 184 -17.34 7.14 9.51
CA VAL A 184 -17.08 8.54 9.17
C VAL A 184 -18.18 9.12 8.30
N MET A 1 16.71 -27.57 15.85
CA MET A 1 17.48 -28.54 15.03
C MET A 1 17.86 -27.94 13.68
N ILE A 2 18.32 -28.80 12.76
CA ILE A 2 18.72 -28.34 11.44
C ILE A 2 17.85 -28.98 10.36
N LYS A 3 16.87 -28.21 9.88
CA LYS A 3 15.96 -28.68 8.83
C LYS A 3 15.76 -27.61 7.77
N GLU A 4 15.66 -28.03 6.51
CA GLU A 4 15.48 -27.09 5.41
C GLU A 4 14.23 -26.24 5.63
N LEU A 5 13.20 -26.86 6.21
CA LEU A 5 11.94 -26.18 6.48
C LEU A 5 12.18 -24.88 7.25
N GLU A 6 13.23 -24.87 8.07
CA GLU A 6 13.55 -23.70 8.89
C GLU A 6 13.67 -22.43 8.04
N ASP A 7 14.37 -22.52 6.92
CA ASP A 7 14.53 -21.37 6.03
C ASP A 7 13.25 -21.08 5.26
N ILE A 8 12.52 -22.13 4.89
CA ILE A 8 11.29 -21.99 4.13
C ILE A 8 10.22 -21.23 4.91
N PHE A 9 9.99 -21.63 6.16
CA PHE A 9 9.00 -20.95 6.99
C PHE A 9 9.44 -19.52 7.28
N LYS A 10 10.75 -19.35 7.44
CA LYS A 10 11.31 -18.03 7.71
C LYS A 10 11.10 -17.12 6.51
N GLU A 11 11.37 -17.63 5.32
CA GLU A 11 11.21 -16.85 4.09
C GLU A 11 9.75 -16.49 3.88
N ALA A 12 8.87 -17.49 3.99
CA ALA A 12 7.44 -17.26 3.80
C ALA A 12 6.94 -16.23 4.81
N GLU A 13 7.52 -16.26 6.00
CA GLU A 13 7.16 -15.33 7.05
C GLU A 13 7.64 -13.92 6.71
N LYS A 14 8.83 -13.84 6.11
CA LYS A 14 9.41 -12.56 5.72
C LYS A 14 8.66 -11.93 4.56
N ASP A 15 8.40 -12.72 3.52
CA ASP A 15 7.68 -12.23 2.35
C ASP A 15 6.25 -11.86 2.71
N MET A 16 5.57 -12.77 3.40
CA MET A 16 4.19 -12.55 3.80
C MET A 16 4.07 -11.26 4.58
N LYS A 17 5.07 -10.97 5.38
CA LYS A 17 5.10 -9.75 6.18
C LYS A 17 5.23 -8.52 5.27
N LYS A 18 5.92 -8.69 4.15
CA LYS A 18 6.14 -7.60 3.20
C LYS A 18 4.83 -7.17 2.52
N ALA A 19 4.11 -8.13 1.95
CA ALA A 19 2.86 -7.81 1.27
C ALA A 19 1.91 -7.10 2.21
N VAL A 20 1.74 -7.68 3.40
CA VAL A 20 0.86 -7.08 4.39
C VAL A 20 1.41 -5.74 4.85
N GLU A 21 2.73 -5.62 4.88
CA GLU A 21 3.37 -4.38 5.27
C GLU A 21 3.13 -3.30 4.23
N TYR A 22 3.38 -3.62 2.96
CA TYR A 22 3.16 -2.67 1.87
C TYR A 22 1.67 -2.45 1.66
N TYR A 23 0.92 -3.54 1.61
CA TYR A 23 -0.52 -3.48 1.40
C TYR A 23 -1.15 -2.59 2.46
N LYS A 24 -0.78 -2.81 3.71
CA LYS A 24 -1.30 -1.99 4.80
C LYS A 24 -0.96 -0.53 4.54
N ASN A 25 0.20 -0.33 3.92
CA ASN A 25 0.64 1.02 3.58
C ASN A 25 -0.34 1.62 2.59
N GLU A 26 -0.72 0.82 1.59
CA GLU A 26 -1.67 1.25 0.57
C GLU A 26 -2.99 1.62 1.24
N ILE A 27 -3.52 0.70 2.05
CA ILE A 27 -4.78 0.97 2.75
C ILE A 27 -4.68 2.33 3.40
N ALA A 28 -3.58 2.56 4.11
CA ALA A 28 -3.34 3.84 4.76
C ALA A 28 -3.22 4.97 3.74
N GLY A 29 -2.39 4.76 2.72
CA GLY A 29 -2.17 5.77 1.69
C GLY A 29 -3.20 5.73 0.57
N LEU A 30 -4.27 4.97 0.74
CA LEU A 30 -5.30 4.89 -0.29
C LEU A 30 -6.04 6.22 -0.40
N ARG A 31 -6.66 6.46 -1.55
CA ARG A 31 -7.40 7.70 -1.79
C ARG A 31 -8.56 7.83 -0.80
N THR A 32 -8.22 8.08 0.46
CA THR A 32 -9.24 8.23 1.50
C THR A 32 -9.62 9.69 1.71
N SER A 33 -10.71 9.91 2.42
CA SER A 33 -11.19 11.26 2.68
C SER A 33 -10.14 12.08 3.43
N ARG A 34 -9.30 11.40 4.19
CA ARG A 34 -8.26 12.07 4.96
C ARG A 34 -7.17 12.65 4.06
N ALA A 35 -6.77 13.88 4.36
CA ALA A 35 -5.74 14.57 3.59
C ALA A 35 -4.34 14.21 4.10
N SER A 36 -4.10 12.91 4.25
CA SER A 36 -2.82 12.42 4.76
C SER A 36 -1.69 12.71 3.78
N THR A 37 -0.48 12.83 4.31
CA THR A 37 0.68 13.12 3.49
C THR A 37 1.16 11.91 2.65
N ALA A 38 1.01 10.69 3.18
CA ALA A 38 1.53 9.50 2.48
C ALA A 38 0.79 9.13 1.19
N LEU A 39 -0.52 8.88 1.28
CA LEU A 39 -1.32 8.44 0.10
C LEU A 39 -0.71 8.84 -1.24
N VAL A 40 0.04 9.93 -1.25
CA VAL A 40 0.72 10.36 -2.46
C VAL A 40 2.15 9.80 -2.43
N GLU A 41 3.12 10.58 -1.96
CA GLU A 41 4.51 10.14 -1.85
C GLU A 41 5.18 10.18 -3.22
N GLU A 42 4.42 9.89 -4.26
CA GLU A 42 4.99 9.89 -5.60
C GLU A 42 4.69 11.18 -6.34
N ILE A 43 5.00 12.30 -5.69
CA ILE A 43 4.79 13.61 -6.29
C ILE A 43 5.94 13.94 -7.25
N LYS A 44 6.20 13.01 -8.17
CA LYS A 44 7.27 13.18 -9.14
C LYS A 44 7.24 14.57 -9.78
N VAL A 45 8.17 15.42 -9.35
CA VAL A 45 8.26 16.77 -9.89
C VAL A 45 9.50 16.91 -10.77
N GLU A 46 9.36 17.62 -11.89
CA GLU A 46 10.47 17.82 -12.82
C GLU A 46 11.55 18.70 -12.20
N TYR A 47 12.77 18.19 -12.18
CA TYR A 47 13.91 18.93 -11.62
C TYR A 47 15.15 18.71 -12.47
N TYR A 48 15.40 19.64 -13.39
CA TYR A 48 16.57 19.56 -14.26
C TYR A 48 16.51 18.30 -15.13
N GLY A 49 15.30 17.90 -15.49
CA GLY A 49 15.12 16.72 -16.33
C GLY A 49 15.08 15.44 -15.52
N SER A 50 14.74 15.56 -14.23
CA SER A 50 14.66 14.40 -13.36
C SER A 50 13.35 14.41 -12.56
N LYS A 51 12.72 13.25 -12.47
CA LYS A 51 11.45 13.12 -11.74
C LYS A 51 11.71 12.70 -10.30
N VAL A 52 11.43 13.61 -9.36
CA VAL A 52 11.63 13.33 -7.95
C VAL A 52 10.49 13.90 -7.11
N PRO A 53 9.96 13.12 -6.15
CA PRO A 53 8.86 13.56 -5.29
C PRO A 53 9.28 14.75 -4.42
N ILE A 54 8.29 15.37 -3.77
CA ILE A 54 8.57 16.52 -2.91
C ILE A 54 9.48 16.14 -1.75
N LYS A 55 9.45 14.86 -1.38
CA LYS A 55 10.26 14.35 -0.27
C LYS A 55 11.68 14.90 -0.31
N GLN A 56 12.18 15.17 -1.51
CA GLN A 56 13.53 15.71 -1.68
C GLN A 56 13.50 17.01 -2.46
N LEU A 57 12.39 17.75 -2.30
CA LEU A 57 12.22 19.03 -2.99
C LEU A 57 11.74 20.11 -2.03
N GLY A 58 10.55 19.91 -1.47
CA GLY A 58 9.99 20.88 -0.54
C GLY A 58 9.38 20.23 0.68
N THR A 59 8.21 20.71 1.08
CA THR A 59 7.52 20.16 2.24
C THR A 59 6.00 20.16 2.04
N ILE A 60 5.34 19.21 2.67
CA ILE A 60 3.88 19.08 2.57
C ILE A 60 3.24 19.17 3.96
N SER A 61 2.18 19.97 4.06
CA SER A 61 1.48 20.15 5.33
C SER A 61 -0.03 20.16 5.13
N VAL A 62 -0.76 19.83 6.19
CA VAL A 62 -2.22 19.80 6.14
C VAL A 62 -2.82 20.71 7.22
N PRO A 63 -3.39 21.86 6.81
CA PRO A 63 -4.01 22.81 7.75
C PRO A 63 -5.41 22.37 8.17
N GLU A 64 -6.25 22.10 7.17
CA GLU A 64 -7.61 21.67 7.39
C GLU A 64 -7.61 20.24 7.93
N HIS A 65 -8.52 19.42 7.43
CA HIS A 65 -8.58 18.04 7.83
C HIS A 65 -8.94 17.15 6.63
N ASN A 66 -8.83 17.72 5.44
CA ASN A 66 -9.13 17.00 4.21
C ASN A 66 -8.43 17.69 3.02
N GLN A 67 -7.39 18.46 3.33
CA GLN A 67 -6.64 19.18 2.32
C GLN A 67 -5.14 18.97 2.50
N ILE A 68 -4.45 18.60 1.42
CA ILE A 68 -3.01 18.35 1.49
C ILE A 68 -2.28 19.33 0.57
N VAL A 69 -1.46 20.21 1.16
CA VAL A 69 -0.75 21.22 0.37
C VAL A 69 0.72 20.89 0.16
N ILE A 70 1.24 21.31 -1.00
CA ILE A 70 2.63 21.12 -1.37
C ILE A 70 3.37 22.46 -1.34
N GLN A 71 4.60 22.44 -0.81
CA GLN A 71 5.40 23.65 -0.74
C GLN A 71 6.85 23.38 -1.15
N VAL A 72 7.25 23.87 -2.32
CA VAL A 72 8.61 23.67 -2.81
C VAL A 72 9.39 24.98 -2.80
N TRP A 73 10.58 24.93 -2.22
CA TRP A 73 11.44 26.11 -2.13
C TRP A 73 11.69 26.76 -3.49
N ASP A 74 11.54 25.98 -4.56
CA ASP A 74 11.76 26.50 -5.91
C ASP A 74 10.44 26.62 -6.66
N GLN A 75 10.24 27.78 -7.29
CA GLN A 75 9.02 28.04 -8.04
C GLN A 75 9.06 27.33 -9.39
N ASN A 76 10.23 26.80 -9.75
CA ASN A 76 10.41 26.09 -11.01
C ASN A 76 9.73 24.72 -10.97
N ALA A 77 9.62 24.17 -9.77
CA ALA A 77 9.01 22.85 -9.59
C ALA A 77 7.53 22.95 -9.24
N VAL A 78 7.10 24.09 -8.71
CA VAL A 78 5.71 24.29 -8.33
C VAL A 78 4.75 23.85 -9.43
N PRO A 79 4.99 24.28 -10.68
CA PRO A 79 4.14 23.92 -11.82
C PRO A 79 4.12 22.42 -12.08
N ALA A 80 5.30 21.81 -12.00
CA ALA A 80 5.44 20.37 -12.22
C ALA A 80 4.62 19.56 -11.23
N ILE A 81 4.61 20.00 -9.98
CA ILE A 81 3.87 19.29 -8.93
C ILE A 81 2.40 19.20 -9.26
N GLU A 82 1.78 20.34 -9.55
CA GLU A 82 0.35 20.38 -9.87
C GLU A 82 0.00 19.32 -10.90
N LYS A 83 0.82 19.21 -11.94
CA LYS A 83 0.58 18.22 -12.98
C LYS A 83 0.72 16.82 -12.40
N ALA A 84 1.62 16.67 -11.42
CA ALA A 84 1.87 15.38 -10.79
C ALA A 84 0.79 15.03 -9.77
N ILE A 85 0.50 15.97 -8.86
CA ILE A 85 -0.50 15.74 -7.82
C ILE A 85 -1.86 15.39 -8.41
N ARG A 86 -2.30 16.18 -9.40
CA ARG A 86 -3.58 15.94 -10.04
C ARG A 86 -3.54 14.64 -10.84
N GLU A 87 -2.35 14.31 -11.34
CA GLU A 87 -2.15 13.10 -12.10
C GLU A 87 -2.21 11.87 -11.20
N GLU A 88 -1.61 11.99 -10.02
CA GLU A 88 -1.57 10.90 -9.06
C GLU A 88 -2.85 10.78 -8.24
N LEU A 89 -3.36 11.91 -7.74
CA LEU A 89 -4.56 11.89 -6.92
C LEU A 89 -5.83 11.98 -7.76
N ASN A 90 -5.71 12.52 -8.95
CA ASN A 90 -6.85 12.66 -9.86
C ASN A 90 -7.90 13.61 -9.29
N LEU A 91 -7.45 14.74 -8.76
CA LEU A 91 -8.36 15.73 -8.19
C LEU A 91 -8.05 17.12 -8.74
N ASN A 92 -8.76 18.13 -8.26
CA ASN A 92 -8.54 19.50 -8.71
C ASN A 92 -7.47 20.19 -7.88
N PRO A 93 -6.30 20.51 -8.48
CA PRO A 93 -5.20 21.16 -7.78
C PRO A 93 -5.31 22.67 -7.77
N THR A 94 -5.14 23.26 -6.60
CA THR A 94 -5.21 24.71 -6.46
C THR A 94 -3.82 25.27 -6.21
N VAL A 95 -3.45 26.33 -6.94
CA VAL A 95 -2.15 26.94 -6.79
C VAL A 95 -2.26 28.35 -6.26
N GLN A 96 -1.53 28.63 -5.17
CA GLN A 96 -1.55 29.94 -4.56
C GLN A 96 -0.15 30.38 -4.15
N GLY A 97 0.29 31.53 -4.67
CA GLY A 97 1.60 32.03 -4.36
C GLY A 97 2.71 31.11 -4.84
N ASN A 98 3.03 30.11 -4.03
CA ASN A 98 4.07 29.14 -4.39
C ASN A 98 3.75 27.77 -3.77
N VAL A 99 2.50 27.57 -3.40
CA VAL A 99 2.05 26.33 -2.78
C VAL A 99 0.84 25.78 -3.52
N ILE A 100 0.70 24.47 -3.52
CA ILE A 100 -0.45 23.84 -4.17
C ILE A 100 -1.28 23.07 -3.16
N ARG A 101 -2.52 23.49 -2.94
CA ARG A 101 -3.37 22.84 -1.96
C ARG A 101 -4.36 21.88 -2.64
N VAL A 102 -4.40 20.65 -2.13
CA VAL A 102 -5.31 19.65 -2.64
C VAL A 102 -6.54 19.58 -1.76
N THR A 103 -7.71 19.42 -2.36
CA THR A 103 -8.95 19.36 -1.59
C THR A 103 -9.88 18.29 -2.14
N LEU A 104 -10.11 17.26 -1.34
CA LEU A 104 -11.00 16.17 -1.74
C LEU A 104 -12.46 16.58 -1.51
N PRO A 105 -13.21 16.82 -2.60
CA PRO A 105 -14.62 17.21 -2.49
C PRO A 105 -15.43 16.29 -1.59
N PRO A 106 -16.60 16.74 -1.12
CA PRO A 106 -17.46 15.95 -0.24
C PRO A 106 -17.63 14.52 -0.74
N LEU A 107 -17.18 13.55 0.06
CA LEU A 107 -17.28 12.15 -0.30
C LEU A 107 -18.57 11.53 0.23
N THR A 108 -19.65 11.73 -0.53
CA THR A 108 -20.95 11.19 -0.15
C THR A 108 -20.99 9.68 -0.31
N GLU A 109 -22.18 9.10 -0.20
CA GLU A 109 -22.35 7.66 -0.34
C GLU A 109 -21.71 7.15 -1.63
N GLU A 110 -21.76 7.98 -2.67
CA GLU A 110 -21.19 7.61 -3.97
C GLU A 110 -19.67 7.54 -3.89
N ARG A 111 -19.06 8.50 -3.20
CA ARG A 111 -17.61 8.54 -3.07
C ARG A 111 -17.11 7.41 -2.17
N ARG A 112 -17.77 7.22 -1.02
CA ARG A 112 -17.39 6.15 -0.10
C ARG A 112 -17.43 4.82 -0.82
N ARG A 113 -18.44 4.67 -1.67
CA ARG A 113 -18.62 3.45 -2.44
C ARG A 113 -17.34 3.11 -3.20
N GLU A 114 -16.66 4.14 -3.69
CA GLU A 114 -15.42 3.95 -4.43
C GLU A 114 -14.32 3.40 -3.54
N LEU A 115 -14.21 3.92 -2.32
CA LEU A 115 -13.17 3.46 -1.39
C LEU A 115 -13.29 1.97 -1.11
N VAL A 116 -14.51 1.52 -0.77
CA VAL A 116 -14.72 0.09 -0.50
C VAL A 116 -14.31 -0.74 -1.71
N ARG A 117 -14.66 -0.22 -2.88
CA ARG A 117 -14.30 -0.89 -4.13
C ARG A 117 -12.79 -0.86 -4.27
N LEU A 118 -12.24 0.35 -4.21
CA LEU A 118 -10.81 0.57 -4.34
C LEU A 118 -10.03 -0.25 -3.31
N LEU A 119 -10.59 -0.42 -2.13
CA LEU A 119 -9.97 -1.23 -1.10
C LEU A 119 -10.14 -2.67 -1.55
N HIS A 120 -11.37 -2.93 -1.99
CA HIS A 120 -11.77 -4.27 -2.43
C HIS A 120 -10.80 -4.77 -3.50
N LYS A 121 -10.29 -3.87 -4.33
CA LYS A 121 -9.32 -4.25 -5.36
C LYS A 121 -7.98 -4.56 -4.70
N ILE A 122 -7.70 -3.85 -3.60
CA ILE A 122 -6.45 -4.03 -2.87
C ILE A 122 -6.36 -5.43 -2.24
N THR A 123 -7.41 -5.81 -1.53
CA THR A 123 -7.44 -7.12 -0.87
C THR A 123 -7.23 -8.23 -1.90
N GLU A 124 -7.85 -8.07 -3.06
CA GLU A 124 -7.72 -9.06 -4.12
C GLU A 124 -6.25 -9.27 -4.45
N GLU A 125 -5.49 -8.18 -4.39
CA GLU A 125 -4.05 -8.21 -4.65
C GLU A 125 -3.31 -8.96 -3.54
N ALA A 126 -3.83 -8.85 -2.32
CA ALA A 126 -3.22 -9.53 -1.18
C ALA A 126 -3.26 -11.04 -1.34
N ARG A 127 -4.43 -11.56 -1.72
CA ARG A 127 -4.60 -12.99 -1.92
C ARG A 127 -3.58 -13.50 -2.94
N VAL A 128 -3.37 -12.72 -3.99
CA VAL A 128 -2.42 -13.06 -5.04
C VAL A 128 -1.02 -13.26 -4.45
N ARG A 129 -0.69 -12.45 -3.45
CA ARG A 129 0.62 -12.55 -2.80
C ARG A 129 0.71 -13.85 -2.02
N VAL A 130 -0.32 -14.12 -1.22
CA VAL A 130 -0.34 -15.32 -0.40
C VAL A 130 -0.19 -16.58 -1.26
N ARG A 131 -0.79 -16.56 -2.45
CA ARG A 131 -0.68 -17.69 -3.37
C ARG A 131 0.79 -17.96 -3.66
N ASN A 132 1.54 -16.88 -3.87
CA ASN A 132 2.97 -16.96 -4.14
C ASN A 132 3.73 -17.60 -2.98
N VAL A 133 3.22 -17.43 -1.76
CA VAL A 133 3.87 -18.01 -0.59
C VAL A 133 3.88 -19.53 -0.65
N ARG A 134 2.71 -20.14 -0.86
CA ARG A 134 2.62 -21.59 -0.94
C ARG A 134 3.28 -22.08 -2.23
N ARG A 135 3.21 -21.25 -3.26
CA ARG A 135 3.82 -21.56 -4.55
C ARG A 135 5.34 -21.48 -4.42
N GLU A 136 5.80 -20.48 -3.70
CA GLU A 136 7.23 -20.29 -3.47
C GLU A 136 7.73 -21.32 -2.47
N ALA A 137 7.09 -21.38 -1.31
CA ALA A 137 7.46 -22.31 -0.26
C ALA A 137 7.48 -23.74 -0.78
N LYS A 138 6.47 -24.10 -1.56
CA LYS A 138 6.38 -25.45 -2.13
C LYS A 138 7.59 -25.71 -3.03
N GLU A 139 8.06 -24.66 -3.69
CA GLU A 139 9.22 -24.76 -4.58
C GLU A 139 10.47 -25.12 -3.78
N MET A 140 10.53 -24.65 -2.55
CA MET A 140 11.68 -24.92 -1.68
C MET A 140 11.72 -26.40 -1.28
N ILE A 141 10.56 -26.92 -0.89
CA ILE A 141 10.47 -28.33 -0.49
C ILE A 141 10.60 -29.24 -1.72
N GLU A 142 10.02 -28.79 -2.82
CA GLU A 142 10.05 -29.52 -4.08
C GLU A 142 11.44 -29.45 -4.72
N GLU A 143 12.25 -28.51 -4.27
CA GLU A 143 13.60 -28.34 -4.80
C GLU A 143 14.64 -29.08 -3.93
N LEU A 144 14.25 -29.43 -2.72
CA LEU A 144 15.15 -30.13 -1.80
C LEU A 144 15.16 -31.61 -2.10
N GLU A 145 16.31 -32.11 -2.56
CA GLU A 145 16.45 -33.52 -2.92
C GLU A 145 15.39 -33.93 -3.94
N GLY A 146 14.70 -32.94 -4.50
CA GLY A 146 13.66 -33.17 -5.48
C GLY A 146 12.37 -33.68 -4.84
N ILE A 147 12.45 -34.18 -3.61
CA ILE A 147 11.28 -34.67 -2.91
C ILE A 147 11.48 -34.68 -1.40
N SER A 148 10.57 -34.03 -0.69
CA SER A 148 10.63 -33.97 0.76
C SER A 148 9.25 -34.25 1.36
N GLU A 149 9.00 -35.50 1.77
CA GLU A 149 7.70 -35.82 2.36
C GLU A 149 7.64 -35.30 3.80
N ASP A 150 8.64 -35.68 4.59
CA ASP A 150 8.71 -35.28 5.99
C ASP A 150 8.68 -33.75 6.10
N GLU A 151 9.44 -33.11 5.24
CA GLU A 151 9.52 -31.65 5.22
C GLU A 151 8.23 -31.05 4.66
N LYS A 152 7.64 -31.74 3.69
CA LYS A 152 6.39 -31.27 3.07
C LYS A 152 5.25 -31.22 4.08
N LYS A 153 5.14 -32.28 4.89
CA LYS A 153 4.10 -32.34 5.91
C LYS A 153 4.19 -31.16 6.85
N ARG A 154 5.40 -30.91 7.35
CA ARG A 154 5.63 -29.79 8.27
C ARG A 154 5.55 -28.46 7.52
N ALA A 155 6.28 -28.36 6.42
CA ALA A 155 6.33 -27.13 5.63
C ALA A 155 4.94 -26.68 5.18
N LEU A 156 4.13 -27.60 4.70
CA LEU A 156 2.78 -27.25 4.27
C LEU A 156 1.96 -26.76 5.47
N GLU A 157 1.94 -27.57 6.51
CA GLU A 157 1.22 -27.23 7.74
C GLU A 157 1.77 -25.92 8.29
N ARG A 158 3.08 -25.78 8.22
CA ARG A 158 3.76 -24.57 8.67
C ARG A 158 3.41 -23.39 7.77
N LEU A 159 3.32 -23.65 6.48
CA LEU A 159 2.98 -22.62 5.51
C LEU A 159 1.49 -22.27 5.62
N GLN A 160 0.67 -23.30 5.85
CA GLN A 160 -0.76 -23.13 6.00
C GLN A 160 -1.04 -22.31 7.26
N LYS A 161 -0.35 -22.68 8.33
CA LYS A 161 -0.51 -21.99 9.61
C LYS A 161 -0.21 -20.51 9.45
N LEU A 162 0.86 -20.18 8.73
CA LEU A 162 1.24 -18.78 8.53
C LEU A 162 0.21 -18.05 7.67
N THR A 163 -0.21 -18.66 6.56
CA THR A 163 -1.20 -18.03 5.69
C THR A 163 -2.49 -17.78 6.45
N ASP A 164 -2.84 -18.69 7.36
CA ASP A 164 -4.04 -18.54 8.17
C ASP A 164 -4.00 -17.20 8.88
N LYS A 165 -2.81 -16.84 9.35
CA LYS A 165 -2.61 -15.56 10.01
C LYS A 165 -2.76 -14.44 8.99
N TYR A 166 -2.10 -14.61 7.85
CA TYR A 166 -2.14 -13.63 6.77
C TYR A 166 -3.59 -13.35 6.34
N ILE A 167 -4.33 -14.41 6.05
CA ILE A 167 -5.72 -14.28 5.62
C ILE A 167 -6.58 -13.63 6.71
N ASP A 168 -6.41 -14.09 7.94
CA ASP A 168 -7.17 -13.55 9.06
C ASP A 168 -6.70 -12.15 9.40
N GLU A 169 -5.42 -11.89 9.19
CA GLU A 169 -4.84 -10.58 9.47
C GLU A 169 -5.39 -9.53 8.52
N ILE A 170 -5.36 -9.83 7.23
CA ILE A 170 -5.88 -8.91 6.23
C ILE A 170 -7.38 -8.73 6.39
N ASN A 171 -8.11 -9.85 6.33
CA ASN A 171 -9.57 -9.82 6.46
C ASN A 171 -10.01 -9.06 7.71
N LYS A 172 -9.20 -9.15 8.76
CA LYS A 172 -9.52 -8.46 10.01
C LYS A 172 -9.44 -6.95 9.82
N LEU A 173 -8.39 -6.50 9.14
CA LEU A 173 -8.19 -5.09 8.88
C LEU A 173 -9.37 -4.51 8.10
N MET A 174 -9.75 -5.18 7.00
CA MET A 174 -10.85 -4.73 6.18
C MET A 174 -12.17 -4.77 6.95
N GLU A 175 -12.42 -5.87 7.65
CA GLU A 175 -13.63 -6.03 8.43
C GLU A 175 -13.83 -4.83 9.36
N ALA A 176 -12.79 -4.52 10.13
CA ALA A 176 -12.85 -3.39 11.04
C ALA A 176 -13.08 -2.08 10.29
N LYS A 177 -12.18 -1.78 9.37
CA LYS A 177 -12.26 -0.55 8.59
C LYS A 177 -13.64 -0.38 7.95
N GLU A 178 -14.17 -1.43 7.34
CA GLU A 178 -15.48 -1.35 6.69
C GLU A 178 -16.52 -0.78 7.64
N LYS A 179 -16.47 -1.21 8.90
CA LYS A 179 -17.41 -0.70 9.90
C LYS A 179 -17.20 0.80 10.09
N GLU A 180 -15.94 1.22 9.93
CA GLU A 180 -15.56 2.62 10.06
C GLU A 180 -15.92 3.39 8.78
N ILE A 181 -15.79 2.72 7.64
CA ILE A 181 -16.12 3.33 6.37
C ILE A 181 -17.64 3.46 6.23
N MET A 182 -18.34 2.34 6.42
CA MET A 182 -19.79 2.32 6.31
C MET A 182 -20.43 3.16 7.42
N SER A 183 -19.71 3.34 8.52
CA SER A 183 -20.22 4.12 9.64
C SER A 183 -20.64 5.51 9.20
N VAL A 184 -19.77 6.19 8.45
CA VAL A 184 -20.03 7.53 7.94
C VAL A 184 -20.69 8.41 9.01
N MET A 1 18.77 -26.90 10.84
CA MET A 1 19.88 -27.11 9.88
C MET A 1 19.44 -26.84 8.45
N ILE A 2 20.39 -26.85 7.52
CA ILE A 2 20.10 -26.62 6.12
C ILE A 2 19.52 -27.87 5.45
N LYS A 3 18.20 -27.88 5.26
CA LYS A 3 17.53 -29.01 4.65
C LYS A 3 16.75 -28.57 3.40
N GLU A 4 15.79 -29.38 2.97
CA GLU A 4 15.00 -29.06 1.79
C GLU A 4 14.19 -27.78 2.01
N LEU A 5 13.96 -27.45 3.27
CA LEU A 5 13.20 -26.26 3.63
C LEU A 5 13.86 -24.98 3.10
N GLU A 6 15.18 -24.99 3.01
CA GLU A 6 15.93 -23.82 2.54
C GLU A 6 15.43 -23.32 1.19
N ASP A 7 15.25 -24.24 0.23
CA ASP A 7 14.76 -23.87 -1.10
C ASP A 7 13.28 -23.53 -1.05
N ILE A 8 12.55 -24.21 -0.19
CA ILE A 8 11.12 -24.00 -0.04
C ILE A 8 10.84 -22.64 0.61
N PHE A 9 11.57 -22.35 1.67
CA PHE A 9 11.41 -21.09 2.40
C PHE A 9 11.53 -19.89 1.46
N LYS A 10 12.57 -19.91 0.61
CA LYS A 10 12.79 -18.83 -0.34
C LYS A 10 11.55 -18.62 -1.22
N GLU A 11 11.00 -19.72 -1.72
CA GLU A 11 9.82 -19.66 -2.57
C GLU A 11 8.64 -19.03 -1.82
N ALA A 12 8.41 -19.48 -0.59
CA ALA A 12 7.32 -18.97 0.21
C ALA A 12 7.56 -17.53 0.65
N GLU A 13 8.74 -17.28 1.23
CA GLU A 13 9.09 -15.94 1.69
C GLU A 13 9.13 -14.96 0.53
N LYS A 14 9.70 -15.38 -0.59
CA LYS A 14 9.81 -14.54 -1.77
C LYS A 14 8.44 -14.33 -2.42
N ASP A 15 7.59 -15.35 -2.32
CA ASP A 15 6.25 -15.28 -2.89
C ASP A 15 5.34 -14.37 -2.07
N MET A 16 5.30 -14.59 -0.76
CA MET A 16 4.44 -13.82 0.13
C MET A 16 4.88 -12.37 0.22
N LYS A 17 6.18 -12.15 0.20
CA LYS A 17 6.72 -10.80 0.29
C LYS A 17 6.37 -9.97 -0.94
N LYS A 18 6.37 -10.61 -2.10
CA LYS A 18 6.06 -9.93 -3.35
C LYS A 18 4.58 -9.52 -3.41
N ALA A 19 3.72 -10.30 -2.76
CA ALA A 19 2.29 -10.00 -2.75
C ALA A 19 1.98 -8.79 -1.89
N VAL A 20 2.52 -8.78 -0.68
CA VAL A 20 2.27 -7.67 0.25
C VAL A 20 2.95 -6.38 -0.20
N GLU A 21 4.12 -6.51 -0.83
CA GLU A 21 4.86 -5.33 -1.28
C GLU A 21 4.05 -4.58 -2.34
N TYR A 22 3.57 -5.30 -3.34
CA TYR A 22 2.76 -4.71 -4.41
C TYR A 22 1.39 -4.33 -3.88
N TYR A 23 0.85 -5.20 -3.02
CA TYR A 23 -0.48 -4.99 -2.43
C TYR A 23 -0.45 -3.76 -1.53
N LYS A 24 0.52 -3.72 -0.64
CA LYS A 24 0.67 -2.60 0.29
C LYS A 24 0.80 -1.29 -0.48
N ASN A 25 1.40 -1.38 -1.66
CA ASN A 25 1.57 -0.19 -2.50
C ASN A 25 0.21 0.26 -3.00
N GLU A 26 -0.56 -0.70 -3.51
CA GLU A 26 -1.89 -0.42 -4.05
C GLU A 26 -2.73 0.34 -3.03
N ILE A 27 -2.72 -0.13 -1.79
CA ILE A 27 -3.48 0.50 -0.72
C ILE A 27 -2.83 1.82 -0.31
N ALA A 28 -1.51 1.83 -0.25
CA ALA A 28 -0.77 3.03 0.13
C ALA A 28 -0.96 4.14 -0.89
N GLY A 29 -1.17 3.76 -2.15
CA GLY A 29 -1.34 4.73 -3.21
C GLY A 29 -2.68 4.67 -3.93
N LEU A 30 -3.62 3.87 -3.41
CA LEU A 30 -4.94 3.77 -4.05
C LEU A 30 -5.51 5.17 -4.28
N ARG A 31 -6.20 5.35 -5.40
CA ARG A 31 -6.79 6.64 -5.73
C ARG A 31 -7.99 6.95 -4.85
N THR A 32 -7.74 7.11 -3.55
CA THR A 32 -8.81 7.39 -2.60
C THR A 32 -9.36 8.79 -2.81
N SER A 33 -10.68 8.88 -2.93
CA SER A 33 -11.34 10.16 -3.10
C SER A 33 -11.19 11.02 -1.85
N ARG A 34 -10.72 10.40 -0.77
CA ARG A 34 -10.53 11.12 0.48
C ARG A 34 -9.24 11.92 0.41
N ALA A 35 -9.27 13.12 0.99
CA ALA A 35 -8.10 13.99 1.01
C ALA A 35 -7.06 13.42 1.95
N SER A 36 -6.52 12.27 1.59
CA SER A 36 -5.53 11.61 2.42
C SER A 36 -4.11 11.85 1.90
N THR A 37 -3.21 12.15 2.82
CA THR A 37 -1.81 12.40 2.48
C THR A 37 -1.10 11.10 2.09
N ALA A 38 -1.71 9.96 2.41
CA ALA A 38 -1.09 8.66 2.13
C ALA A 38 -0.99 8.29 0.65
N LEU A 39 -2.11 8.31 -0.08
CA LEU A 39 -2.11 7.92 -1.50
C LEU A 39 -0.84 8.37 -2.22
N VAL A 40 -0.47 9.63 -2.04
CA VAL A 40 0.72 10.18 -2.68
C VAL A 40 1.99 9.55 -2.13
N GLU A 41 2.64 10.25 -1.20
CA GLU A 41 3.89 9.78 -0.59
C GLU A 41 5.05 9.91 -1.58
N GLU A 42 4.78 10.56 -2.71
CA GLU A 42 5.79 10.77 -3.73
C GLU A 42 5.41 11.97 -4.58
N ILE A 43 5.70 13.16 -4.07
CA ILE A 43 5.38 14.41 -4.76
C ILE A 43 6.63 15.00 -5.41
N LYS A 44 7.18 14.28 -6.39
CA LYS A 44 8.38 14.73 -7.08
C LYS A 44 8.25 16.18 -7.57
N VAL A 45 8.87 17.09 -6.84
CA VAL A 45 8.82 18.51 -7.20
C VAL A 45 10.21 18.99 -7.61
N GLU A 46 10.27 19.74 -8.70
CA GLU A 46 11.54 20.27 -9.20
C GLU A 46 12.12 21.31 -8.25
N TYR A 47 13.31 21.03 -7.73
CA TYR A 47 13.99 21.94 -6.81
C TYR A 47 15.48 22.01 -7.13
N TYR A 48 15.94 23.19 -7.51
CA TYR A 48 17.34 23.39 -7.84
C TYR A 48 17.77 22.50 -9.01
N GLY A 49 16.81 22.16 -9.86
CA GLY A 49 17.11 21.31 -11.00
C GLY A 49 17.08 19.83 -10.65
N SER A 50 16.45 19.49 -9.54
CA SER A 50 16.36 18.10 -9.10
C SER A 50 14.93 17.73 -8.72
N LYS A 51 14.63 16.45 -8.74
CA LYS A 51 13.30 15.97 -8.39
C LYS A 51 13.28 15.35 -7.00
N VAL A 52 12.59 16.02 -6.07
CA VAL A 52 12.49 15.55 -4.70
C VAL A 52 11.09 15.79 -4.14
N PRO A 53 10.55 14.83 -3.35
CA PRO A 53 9.21 14.98 -2.75
C PRO A 53 9.11 16.22 -1.87
N ILE A 54 7.89 16.51 -1.41
CA ILE A 54 7.65 17.66 -0.56
C ILE A 54 8.10 17.38 0.88
N LYS A 55 8.23 16.11 1.22
CA LYS A 55 8.65 15.71 2.57
C LYS A 55 9.83 16.54 3.05
N GLN A 56 10.79 16.75 2.15
CA GLN A 56 11.97 17.55 2.49
C GLN A 56 11.87 18.95 1.89
N LEU A 57 11.07 19.08 0.85
CA LEU A 57 10.87 20.37 0.18
C LEU A 57 9.95 21.27 1.00
N GLY A 58 8.68 20.90 1.06
CA GLY A 58 7.71 21.69 1.81
C GLY A 58 6.95 20.87 2.83
N THR A 59 5.68 21.20 3.03
CA THR A 59 4.84 20.48 3.98
C THR A 59 3.40 20.40 3.49
N ILE A 60 2.69 19.36 3.94
CA ILE A 60 1.30 19.16 3.53
C ILE A 60 0.37 19.13 4.74
N SER A 61 -0.81 19.74 4.60
CA SER A 61 -1.79 19.78 5.68
C SER A 61 -3.20 19.55 5.15
N VAL A 62 -4.09 19.08 6.04
CA VAL A 62 -5.47 18.80 5.68
C VAL A 62 -6.44 19.51 6.65
N PRO A 63 -7.13 20.57 6.20
CA PRO A 63 -8.08 21.32 7.03
C PRO A 63 -9.32 20.52 7.43
N GLU A 64 -9.92 19.84 6.46
CA GLU A 64 -11.10 19.01 6.70
C GLU A 64 -10.77 17.57 6.34
N HIS A 65 -11.79 16.74 6.13
CA HIS A 65 -11.56 15.35 5.77
C HIS A 65 -11.85 15.10 4.30
N ASN A 66 -11.76 16.16 3.49
CA ASN A 66 -12.03 16.05 2.07
C ASN A 66 -11.17 17.01 1.25
N GLN A 67 -10.13 17.57 1.87
CA GLN A 67 -9.25 18.49 1.17
C GLN A 67 -7.80 18.29 1.62
N ILE A 68 -6.87 18.42 0.68
CA ILE A 68 -5.46 18.26 0.98
C ILE A 68 -4.69 19.50 0.54
N VAL A 69 -4.13 20.22 1.50
CA VAL A 69 -3.39 21.44 1.20
C VAL A 69 -1.89 21.23 1.28
N ILE A 70 -1.19 21.64 0.22
CA ILE A 70 0.26 21.50 0.18
C ILE A 70 0.90 22.87 0.34
N GLN A 71 1.78 23.01 1.32
CA GLN A 71 2.43 24.28 1.57
C GLN A 71 3.86 24.30 1.04
N VAL A 72 4.05 25.03 -0.04
CA VAL A 72 5.36 25.13 -0.68
C VAL A 72 6.34 25.90 0.21
N TRP A 73 7.62 25.60 0.03
CA TRP A 73 8.67 26.28 0.79
C TRP A 73 9.42 27.25 -0.11
N ASP A 74 9.70 26.82 -1.33
CA ASP A 74 10.41 27.66 -2.30
C ASP A 74 9.49 28.02 -3.46
N GLN A 75 9.42 29.32 -3.77
CA GLN A 75 8.57 29.80 -4.86
C GLN A 75 8.92 29.12 -6.19
N ASN A 76 10.14 28.62 -6.28
CA ASN A 76 10.60 27.94 -7.50
C ASN A 76 9.94 26.58 -7.65
N ALA A 77 9.61 25.94 -6.52
CA ALA A 77 8.99 24.62 -6.53
C ALA A 77 7.47 24.72 -6.60
N VAL A 78 6.91 25.86 -6.20
CA VAL A 78 5.46 26.04 -6.20
C VAL A 78 4.86 25.60 -7.53
N PRO A 79 5.43 26.02 -8.67
CA PRO A 79 4.93 25.63 -9.99
C PRO A 79 5.03 24.12 -10.19
N ALA A 80 6.16 23.58 -9.77
CA ALA A 80 6.42 22.15 -9.87
C ALA A 80 5.39 21.34 -9.09
N ILE A 81 5.19 21.72 -7.83
CA ILE A 81 4.24 21.04 -6.96
C ILE A 81 2.84 21.03 -7.58
N GLU A 82 2.51 22.11 -8.29
CA GLU A 82 1.22 22.21 -8.94
C GLU A 82 1.07 21.12 -9.99
N LYS A 83 2.07 21.01 -10.85
CA LYS A 83 2.07 20.00 -11.90
C LYS A 83 2.29 18.61 -11.32
N ALA A 84 3.10 18.55 -10.25
CA ALA A 84 3.42 17.27 -9.61
C ALA A 84 2.20 16.66 -8.93
N ILE A 85 1.50 17.46 -8.12
CA ILE A 85 0.32 16.97 -7.42
C ILE A 85 -0.74 16.52 -8.42
N ARG A 86 -0.97 17.34 -9.44
CA ARG A 86 -1.95 17.03 -10.47
C ARG A 86 -1.63 15.69 -11.13
N GLU A 87 -0.35 15.46 -11.37
CA GLU A 87 0.10 14.24 -12.02
C GLU A 87 -0.35 12.98 -11.26
N GLU A 88 -0.17 12.98 -9.94
CA GLU A 88 -0.57 11.85 -9.13
C GLU A 88 -2.04 11.89 -8.74
N LEU A 89 -2.48 13.06 -8.29
CA LEU A 89 -3.87 13.23 -7.83
C LEU A 89 -4.83 13.41 -9.00
N ASN A 90 -4.33 13.89 -10.14
CA ASN A 90 -5.17 14.10 -11.31
C ASN A 90 -6.28 15.12 -11.03
N LEU A 91 -6.23 15.79 -9.89
CA LEU A 91 -7.24 16.77 -9.52
C LEU A 91 -6.79 18.18 -9.87
N ASN A 92 -7.67 19.15 -9.64
CA ASN A 92 -7.36 20.54 -9.93
C ASN A 92 -7.07 21.33 -8.65
N PRO A 93 -5.78 21.44 -8.28
CA PRO A 93 -5.37 22.16 -7.07
C PRO A 93 -5.42 23.68 -7.25
N THR A 94 -5.48 24.39 -6.13
CA THR A 94 -5.54 25.85 -6.17
C THR A 94 -4.31 26.46 -5.48
N VAL A 95 -3.57 27.28 -6.23
CA VAL A 95 -2.37 27.92 -5.70
C VAL A 95 -2.58 29.42 -5.53
N GLN A 96 -2.48 29.88 -4.30
CA GLN A 96 -2.66 31.31 -4.00
C GLN A 96 -1.50 31.84 -3.18
N GLY A 97 -0.69 32.70 -3.80
CA GLY A 97 0.45 33.29 -3.10
C GLY A 97 1.59 32.29 -2.92
N ASN A 98 1.35 31.26 -2.11
CA ASN A 98 2.37 30.25 -1.86
C ASN A 98 1.77 29.02 -1.18
N VAL A 99 0.46 28.82 -1.35
CA VAL A 99 -0.23 27.69 -0.75
C VAL A 99 -1.06 26.95 -1.79
N ILE A 100 -0.96 25.63 -1.81
CA ILE A 100 -1.71 24.82 -2.75
C ILE A 100 -2.89 24.15 -2.06
N ARG A 101 -4.05 24.16 -2.71
CA ARG A 101 -5.24 23.56 -2.14
C ARG A 101 -5.81 22.49 -3.07
N VAL A 102 -5.84 21.25 -2.60
CA VAL A 102 -6.37 20.14 -3.39
C VAL A 102 -7.77 19.78 -2.92
N THR A 103 -8.68 19.63 -3.88
CA THR A 103 -10.05 19.28 -3.56
C THR A 103 -10.51 18.08 -4.38
N LEU A 104 -10.76 16.97 -3.68
CA LEU A 104 -11.22 15.75 -4.33
C LEU A 104 -12.71 15.57 -4.10
N PRO A 105 -13.40 14.88 -5.02
CA PRO A 105 -14.83 14.65 -4.89
C PRO A 105 -15.19 14.08 -3.52
N PRO A 106 -16.03 14.79 -2.75
CA PRO A 106 -16.43 14.35 -1.42
C PRO A 106 -16.79 12.87 -1.38
N LEU A 107 -16.28 12.17 -0.38
CA LEU A 107 -16.55 10.74 -0.23
C LEU A 107 -18.06 10.51 -0.11
N THR A 108 -18.72 10.48 -1.26
CA THR A 108 -20.16 10.31 -1.32
C THR A 108 -20.57 8.85 -1.54
N GLU A 109 -21.84 8.67 -1.85
CA GLU A 109 -22.41 7.35 -2.09
C GLU A 109 -21.63 6.61 -3.18
N GLU A 110 -21.45 7.28 -4.32
CA GLU A 110 -20.73 6.70 -5.44
C GLU A 110 -19.22 6.59 -5.20
N ARG A 111 -18.61 7.71 -4.80
CA ARG A 111 -17.17 7.74 -4.57
C ARG A 111 -16.72 6.68 -3.56
N ARG A 112 -17.43 6.59 -2.44
CA ARG A 112 -17.09 5.61 -1.41
C ARG A 112 -17.27 4.20 -1.96
N ARG A 113 -18.24 4.05 -2.84
CA ARG A 113 -18.54 2.77 -3.47
C ARG A 113 -17.38 2.28 -4.33
N GLU A 114 -16.66 3.20 -4.95
CA GLU A 114 -15.56 2.84 -5.84
C GLU A 114 -14.33 2.32 -5.09
N LEU A 115 -13.83 3.08 -4.11
CA LEU A 115 -12.64 2.67 -3.36
C LEU A 115 -12.92 1.46 -2.47
N VAL A 116 -14.00 1.54 -1.70
CA VAL A 116 -14.35 0.46 -0.78
C VAL A 116 -14.45 -0.86 -1.56
N ARG A 117 -15.01 -0.80 -2.76
CA ARG A 117 -15.13 -1.98 -3.60
C ARG A 117 -13.75 -2.37 -4.13
N LEU A 118 -12.90 -1.36 -4.33
CA LEU A 118 -11.54 -1.58 -4.82
C LEU A 118 -10.68 -2.26 -3.76
N LEU A 119 -10.78 -1.80 -2.53
CA LEU A 119 -10.05 -2.42 -1.42
C LEU A 119 -10.67 -3.79 -1.19
N HIS A 120 -11.98 -3.83 -1.41
CA HIS A 120 -12.72 -5.06 -1.26
C HIS A 120 -12.05 -6.08 -2.17
N LYS A 121 -11.86 -5.71 -3.44
CA LYS A 121 -11.22 -6.60 -4.40
C LYS A 121 -9.78 -6.88 -3.99
N ILE A 122 -9.04 -5.83 -3.60
CA ILE A 122 -7.65 -5.99 -3.20
C ILE A 122 -7.54 -6.99 -2.05
N THR A 123 -8.30 -6.74 -0.99
CA THR A 123 -8.27 -7.59 0.20
C THR A 123 -8.58 -9.04 -0.16
N GLU A 124 -9.51 -9.24 -1.08
CA GLU A 124 -9.88 -10.59 -1.50
C GLU A 124 -8.74 -11.24 -2.28
N GLU A 125 -7.97 -10.41 -2.98
CA GLU A 125 -6.84 -10.89 -3.78
C GLU A 125 -5.70 -11.36 -2.88
N ALA A 126 -5.42 -10.61 -1.81
CA ALA A 126 -4.35 -10.95 -0.89
C ALA A 126 -4.54 -12.35 -0.32
N ARG A 127 -5.76 -12.64 0.14
CA ARG A 127 -6.08 -13.94 0.70
C ARG A 127 -5.84 -15.04 -0.32
N VAL A 128 -6.18 -14.76 -1.57
CA VAL A 128 -6.01 -15.72 -2.64
C VAL A 128 -4.56 -16.18 -2.78
N ARG A 129 -3.62 -15.24 -2.71
CA ARG A 129 -2.20 -15.58 -2.83
C ARG A 129 -1.73 -16.33 -1.59
N VAL A 130 -2.06 -15.80 -0.41
CA VAL A 130 -1.64 -16.40 0.85
C VAL A 130 -2.10 -17.85 0.96
N ARG A 131 -3.29 -18.15 0.46
CA ARG A 131 -3.81 -19.52 0.51
C ARG A 131 -2.99 -20.41 -0.41
N ASN A 132 -2.77 -19.95 -1.63
CA ASN A 132 -2.02 -20.69 -2.63
C ASN A 132 -0.58 -20.96 -2.16
N VAL A 133 -0.02 -20.04 -1.40
CA VAL A 133 1.33 -20.20 -0.90
C VAL A 133 1.43 -21.44 -0.01
N ARG A 134 0.54 -21.53 0.97
CA ARG A 134 0.51 -22.67 1.88
C ARG A 134 0.04 -23.94 1.15
N ARG A 135 -0.83 -23.75 0.17
CA ARG A 135 -1.37 -24.86 -0.61
C ARG A 135 -0.30 -25.43 -1.55
N GLU A 136 0.44 -24.53 -2.19
CA GLU A 136 1.49 -24.93 -3.12
C GLU A 136 2.69 -25.48 -2.37
N ALA A 137 3.19 -24.70 -1.41
CA ALA A 137 4.34 -25.10 -0.62
C ALA A 137 4.12 -26.46 0.04
N LYS A 138 2.95 -26.64 0.65
CA LYS A 138 2.62 -27.90 1.31
C LYS A 138 2.69 -29.06 0.32
N GLU A 139 2.27 -28.81 -0.91
CA GLU A 139 2.28 -29.82 -1.95
C GLU A 139 3.71 -30.21 -2.33
N MET A 140 4.60 -29.23 -2.33
CA MET A 140 5.99 -29.46 -2.68
C MET A 140 6.70 -30.31 -1.62
N ILE A 141 6.56 -29.95 -0.35
CA ILE A 141 7.22 -30.68 0.74
C ILE A 141 6.62 -32.07 0.93
N GLU A 142 5.29 -32.14 0.89
CA GLU A 142 4.62 -33.42 1.11
C GLU A 142 5.26 -34.51 0.25
N GLU A 143 5.32 -34.30 -1.07
CA GLU A 143 5.89 -35.32 -1.95
C GLU A 143 7.39 -35.14 -2.21
N LEU A 144 7.99 -34.09 -1.65
CA LEU A 144 9.42 -33.82 -1.87
C LEU A 144 10.25 -34.55 -0.84
N GLU A 145 11.30 -35.23 -1.31
CA GLU A 145 12.15 -36.01 -0.43
C GLU A 145 11.40 -37.21 0.11
N GLY A 146 10.08 -37.09 0.20
CA GLY A 146 9.30 -38.15 0.75
C GLY A 146 9.61 -38.30 2.22
N ILE A 147 9.96 -37.17 2.83
CA ILE A 147 10.35 -37.09 4.20
C ILE A 147 9.18 -37.37 5.08
N SER A 148 9.45 -37.56 6.33
CA SER A 148 8.42 -37.85 7.27
C SER A 148 7.91 -36.57 7.86
N GLU A 149 7.02 -36.68 8.82
CA GLU A 149 6.47 -35.50 9.41
C GLU A 149 7.48 -34.67 10.19
N ASP A 150 8.58 -35.27 10.62
CA ASP A 150 9.59 -34.51 11.36
C ASP A 150 10.03 -33.29 10.57
N GLU A 151 10.43 -33.54 9.33
CA GLU A 151 10.86 -32.49 8.43
C GLU A 151 9.68 -31.65 7.94
N LYS A 152 8.57 -32.32 7.63
CA LYS A 152 7.37 -31.66 7.14
C LYS A 152 6.71 -30.80 8.20
N LYS A 153 6.70 -31.30 9.44
CA LYS A 153 6.10 -30.55 10.55
C LYS A 153 6.78 -29.22 10.70
N ARG A 154 8.10 -29.24 10.79
CA ARG A 154 8.89 -28.03 10.92
C ARG A 154 8.63 -27.12 9.72
N ALA A 155 8.40 -27.74 8.57
CA ALA A 155 8.12 -27.02 7.34
C ALA A 155 6.73 -26.38 7.35
N LEU A 156 5.76 -27.06 8.00
CA LEU A 156 4.40 -26.54 8.07
C LEU A 156 4.37 -25.26 8.92
N GLU A 157 4.87 -25.37 10.14
CA GLU A 157 4.88 -24.19 11.03
C GLU A 157 5.64 -23.09 10.32
N ARG A 158 6.66 -23.50 9.56
CA ARG A 158 7.44 -22.57 8.77
C ARG A 158 6.48 -21.79 7.86
N LEU A 159 5.57 -22.51 7.23
CA LEU A 159 4.57 -21.91 6.34
C LEU A 159 3.48 -21.19 7.15
N GLN A 160 3.16 -21.72 8.33
CA GLN A 160 2.14 -21.11 9.18
C GLN A 160 2.64 -19.77 9.70
N LYS A 161 3.82 -19.80 10.32
CA LYS A 161 4.41 -18.58 10.85
C LYS A 161 4.43 -17.53 9.74
N LEU A 162 4.64 -17.99 8.52
CA LEU A 162 4.63 -17.13 7.36
C LEU A 162 3.21 -16.66 7.05
N THR A 163 2.26 -17.58 7.12
CA THR A 163 0.85 -17.28 6.84
C THR A 163 0.23 -16.38 7.92
N ASP A 164 0.34 -16.78 9.18
CA ASP A 164 -0.22 -15.99 10.28
C ASP A 164 0.34 -14.57 10.19
N LYS A 165 1.62 -14.49 9.84
CA LYS A 165 2.28 -13.21 9.69
C LYS A 165 1.48 -12.35 8.73
N TYR A 166 1.11 -12.93 7.59
CA TYR A 166 0.30 -12.24 6.59
C TYR A 166 -1.14 -12.02 7.08
N ILE A 167 -1.70 -13.06 7.70
CA ILE A 167 -3.08 -13.01 8.19
C ILE A 167 -3.26 -11.99 9.32
N ASP A 168 -2.37 -12.01 10.29
CA ASP A 168 -2.46 -11.09 11.41
C ASP A 168 -2.13 -9.67 10.97
N GLU A 169 -1.12 -9.55 10.11
CA GLU A 169 -0.69 -8.25 9.60
C GLU A 169 -1.74 -7.64 8.68
N ILE A 170 -2.41 -8.48 7.89
CA ILE A 170 -3.42 -7.99 6.96
C ILE A 170 -4.65 -7.43 7.69
N ASN A 171 -5.29 -8.22 8.55
CA ASN A 171 -6.47 -7.76 9.27
C ASN A 171 -6.21 -6.43 9.98
N LYS A 172 -5.07 -6.34 10.65
CA LYS A 172 -4.72 -5.11 11.35
C LYS A 172 -4.63 -3.96 10.36
N LEU A 173 -4.21 -4.29 9.14
CA LEU A 173 -4.10 -3.30 8.09
C LEU A 173 -5.49 -2.87 7.62
N MET A 174 -6.41 -3.83 7.50
CA MET A 174 -7.77 -3.55 7.05
C MET A 174 -8.54 -2.76 8.10
N GLU A 175 -8.37 -3.13 9.36
CA GLU A 175 -9.05 -2.44 10.45
C GLU A 175 -8.71 -0.95 10.44
N ALA A 176 -7.46 -0.66 10.09
CA ALA A 176 -6.99 0.72 10.02
C ALA A 176 -7.61 1.47 8.85
N LYS A 177 -7.44 0.93 7.65
CA LYS A 177 -7.99 1.57 6.45
C LYS A 177 -9.48 1.85 6.60
N GLU A 178 -10.24 0.88 7.09
CA GLU A 178 -11.68 1.08 7.26
C GLU A 178 -11.95 2.35 8.06
N LYS A 179 -11.24 2.50 9.18
CA LYS A 179 -11.37 3.70 10.01
C LYS A 179 -11.19 4.96 9.14
N GLU A 180 -10.38 4.80 8.10
CA GLU A 180 -10.14 5.90 7.16
C GLU A 180 -11.30 6.00 6.18
N ILE A 181 -11.64 4.88 5.56
CA ILE A 181 -12.74 4.87 4.60
C ILE A 181 -14.01 5.45 5.22
N MET A 182 -14.40 4.91 6.37
CA MET A 182 -15.61 5.35 7.05
C MET A 182 -15.40 6.64 7.86
N SER A 183 -14.14 7.05 8.03
CA SER A 183 -13.84 8.26 8.80
C SER A 183 -14.66 9.44 8.28
N VAL A 184 -14.32 9.92 7.09
CA VAL A 184 -15.02 11.04 6.47
C VAL A 184 -15.30 12.16 7.49
N MET A 1 23.15 -26.46 7.80
CA MET A 1 22.07 -26.84 6.86
C MET A 1 21.36 -28.12 7.31
N ILE A 2 20.37 -27.96 8.18
CA ILE A 2 19.60 -29.09 8.69
C ILE A 2 18.12 -28.95 8.37
N LYS A 3 17.49 -30.06 7.99
CA LYS A 3 16.08 -30.06 7.65
C LYS A 3 15.81 -29.20 6.43
N GLU A 4 15.19 -29.79 5.40
CA GLU A 4 14.89 -29.06 4.17
C GLU A 4 13.95 -27.90 4.44
N LEU A 5 13.22 -27.98 5.54
CA LEU A 5 12.27 -26.93 5.91
C LEU A 5 12.98 -25.59 6.10
N GLU A 6 14.24 -25.64 6.53
CA GLU A 6 15.01 -24.44 6.79
C GLU A 6 15.04 -23.51 5.57
N ASP A 7 15.29 -24.07 4.39
CA ASP A 7 15.31 -23.29 3.16
C ASP A 7 13.91 -22.91 2.72
N ILE A 8 12.96 -23.80 2.99
CA ILE A 8 11.57 -23.59 2.61
C ILE A 8 10.90 -22.48 3.42
N PHE A 9 11.03 -22.52 4.74
CA PHE A 9 10.43 -21.51 5.59
C PHE A 9 11.03 -20.13 5.29
N LYS A 10 12.31 -20.10 4.98
CA LYS A 10 13.00 -18.85 4.67
C LYS A 10 12.46 -18.25 3.37
N GLU A 11 12.31 -19.11 2.36
CA GLU A 11 11.81 -18.68 1.06
C GLU A 11 10.37 -18.19 1.16
N ALA A 12 9.55 -18.90 1.93
CA ALA A 12 8.15 -18.53 2.10
C ALA A 12 8.00 -17.27 2.92
N GLU A 13 8.65 -17.24 4.08
CA GLU A 13 8.59 -16.08 4.96
C GLU A 13 9.17 -14.85 4.28
N LYS A 14 10.24 -15.04 3.53
CA LYS A 14 10.89 -13.95 2.82
C LYS A 14 10.02 -13.48 1.66
N ASP A 15 9.41 -14.43 0.96
CA ASP A 15 8.55 -14.12 -0.18
C ASP A 15 7.24 -13.47 0.27
N MET A 16 6.57 -14.12 1.22
CA MET A 16 5.31 -13.61 1.73
C MET A 16 5.47 -12.21 2.30
N LYS A 17 6.62 -11.96 2.91
CA LYS A 17 6.91 -10.65 3.49
C LYS A 17 7.04 -9.58 2.41
N LYS A 18 7.54 -9.98 1.25
CA LYS A 18 7.72 -9.05 0.15
C LYS A 18 6.39 -8.56 -0.41
N ALA A 19 5.41 -9.44 -0.52
CA ALA A 19 4.10 -9.07 -1.05
C ALA A 19 3.36 -8.12 -0.12
N VAL A 20 3.30 -8.47 1.16
CA VAL A 20 2.62 -7.64 2.14
C VAL A 20 3.28 -6.27 2.24
N GLU A 21 4.60 -6.24 2.08
CA GLU A 21 5.35 -5.00 2.15
C GLU A 21 4.93 -4.07 1.01
N TYR A 22 4.85 -4.61 -0.19
CA TYR A 22 4.44 -3.84 -1.36
C TYR A 22 2.96 -3.49 -1.28
N TYR A 23 2.15 -4.49 -0.92
CA TYR A 23 0.71 -4.31 -0.79
C TYR A 23 0.41 -3.22 0.25
N LYS A 24 1.04 -3.36 1.41
CA LYS A 24 0.84 -2.38 2.48
C LYS A 24 1.20 -1.00 1.98
N ASN A 25 2.16 -0.95 1.06
CA ASN A 25 2.60 0.30 0.46
C ASN A 25 1.49 0.88 -0.43
N GLU A 26 0.75 -0.02 -1.07
CA GLU A 26 -0.34 0.36 -1.96
C GLU A 26 -1.51 0.90 -1.15
N ILE A 27 -1.95 0.13 -0.16
CA ILE A 27 -3.07 0.54 0.68
C ILE A 27 -2.70 1.81 1.45
N ALA A 28 -1.49 1.83 1.98
CA ALA A 28 -0.99 2.96 2.75
C ALA A 28 -1.09 4.26 1.97
N GLY A 29 -0.86 4.20 0.65
CA GLY A 29 -0.92 5.41 -0.16
C GLY A 29 -1.87 5.30 -1.35
N LEU A 30 -2.80 4.34 -1.30
CA LEU A 30 -3.76 4.13 -2.38
C LEU A 30 -4.43 5.44 -2.80
N ARG A 31 -5.05 5.43 -3.97
CA ARG A 31 -5.73 6.60 -4.50
C ARG A 31 -7.06 6.81 -3.80
N THR A 32 -7.02 7.42 -2.63
CA THR A 32 -8.23 7.68 -1.86
C THR A 32 -8.77 9.08 -2.14
N SER A 33 -10.08 9.25 -1.96
CA SER A 33 -10.71 10.55 -2.19
C SER A 33 -10.80 11.34 -0.90
N ARG A 34 -9.81 11.12 -0.03
CA ARG A 34 -9.75 11.82 1.24
C ARG A 34 -8.58 12.79 1.25
N ALA A 35 -8.75 13.89 1.95
CA ALA A 35 -7.71 14.90 2.05
C ALA A 35 -6.66 14.40 3.01
N SER A 36 -5.76 13.59 2.50
CA SER A 36 -4.71 13.04 3.32
C SER A 36 -3.34 13.20 2.67
N THR A 37 -2.36 13.61 3.45
CA THR A 37 -1.00 13.79 2.93
C THR A 37 -0.32 12.45 2.66
N ALA A 38 -0.85 11.37 3.23
CA ALA A 38 -0.24 10.05 3.07
C ALA A 38 -0.38 9.45 1.67
N LEU A 39 -1.62 9.34 1.18
CA LEU A 39 -1.88 8.74 -0.14
C LEU A 39 -0.83 9.15 -1.16
N VAL A 40 -0.40 10.40 -1.07
CA VAL A 40 0.61 10.93 -1.96
C VAL A 40 2.00 10.58 -1.42
N GLU A 41 2.70 11.57 -0.89
CA GLU A 41 4.03 11.36 -0.33
C GLU A 41 5.05 11.09 -1.44
N GLU A 42 4.59 11.10 -2.69
CA GLU A 42 5.48 10.86 -3.81
C GLU A 42 5.36 11.96 -4.86
N ILE A 43 4.76 13.08 -4.46
CA ILE A 43 4.58 14.21 -5.37
C ILE A 43 5.90 14.59 -6.04
N LYS A 44 6.20 13.92 -7.15
CA LYS A 44 7.43 14.17 -7.89
C LYS A 44 7.44 15.57 -8.50
N VAL A 45 8.29 16.44 -7.96
CA VAL A 45 8.40 17.81 -8.45
C VAL A 45 9.74 18.04 -9.13
N GLU A 46 9.70 18.69 -10.30
CA GLU A 46 10.91 18.98 -11.05
C GLU A 46 11.55 20.28 -10.58
N TYR A 47 12.65 20.17 -9.84
CA TYR A 47 13.35 21.35 -9.33
C TYR A 47 14.77 21.40 -9.86
N TYR A 48 15.02 22.28 -10.83
CA TYR A 48 16.34 22.43 -11.42
C TYR A 48 16.78 21.14 -12.09
N GLY A 49 15.80 20.36 -12.58
CA GLY A 49 16.10 19.11 -13.24
C GLY A 49 16.22 17.95 -12.27
N SER A 50 15.62 18.09 -11.10
CA SER A 50 15.67 17.04 -10.08
C SER A 50 14.28 16.75 -9.54
N LYS A 51 13.96 15.46 -9.41
CA LYS A 51 12.66 15.04 -8.89
C LYS A 51 12.70 14.90 -7.37
N VAL A 52 11.83 15.66 -6.70
CA VAL A 52 11.78 15.62 -5.24
C VAL A 52 10.34 15.41 -4.75
N PRO A 53 10.15 14.55 -3.74
CA PRO A 53 8.83 14.27 -3.17
C PRO A 53 8.37 15.35 -2.19
N ILE A 54 8.49 16.61 -2.60
CA ILE A 54 8.08 17.73 -1.76
C ILE A 54 8.53 17.58 -0.31
N LYS A 55 9.56 16.78 -0.08
CA LYS A 55 10.05 16.55 1.28
C LYS A 55 10.63 17.83 1.88
N GLN A 56 11.44 18.53 1.09
CA GLN A 56 12.05 19.78 1.55
C GLN A 56 11.55 20.95 0.70
N LEU A 57 11.14 20.66 -0.53
CA LEU A 57 10.64 21.66 -1.43
C LEU A 57 9.45 22.41 -0.83
N GLY A 58 8.49 21.65 -0.32
CA GLY A 58 7.32 22.25 0.28
C GLY A 58 6.75 21.43 1.42
N THR A 59 5.86 22.04 2.20
CA THR A 59 5.24 21.36 3.32
C THR A 59 3.75 21.15 3.08
N ILE A 60 3.34 19.90 2.98
CA ILE A 60 1.93 19.58 2.75
C ILE A 60 1.25 19.17 4.05
N SER A 61 0.15 19.83 4.37
CA SER A 61 -0.58 19.54 5.60
C SER A 61 -2.09 19.65 5.40
N VAL A 62 -2.85 18.89 6.18
CA VAL A 62 -4.30 18.90 6.12
C VAL A 62 -4.87 19.87 7.15
N PRO A 63 -5.84 20.72 6.75
CA PRO A 63 -6.43 21.71 7.65
C PRO A 63 -7.64 21.21 8.44
N GLU A 64 -8.64 20.67 7.76
CA GLU A 64 -9.85 20.21 8.45
C GLU A 64 -10.21 18.77 8.14
N HIS A 65 -9.23 17.96 7.76
CA HIS A 65 -9.49 16.55 7.45
C HIS A 65 -10.33 16.40 6.19
N ASN A 66 -10.56 17.49 5.47
CA ASN A 66 -11.34 17.46 4.24
C ASN A 66 -10.69 18.30 3.15
N GLN A 67 -9.41 18.63 3.35
CA GLN A 67 -8.67 19.43 2.40
C GLN A 67 -7.17 19.14 2.50
N ILE A 68 -6.44 19.52 1.45
CA ILE A 68 -5.00 19.32 1.43
C ILE A 68 -4.32 20.59 0.91
N VAL A 69 -3.25 21.01 1.58
CA VAL A 69 -2.56 22.23 1.17
C VAL A 69 -1.07 21.99 0.95
N ILE A 70 -0.59 22.36 -0.25
CA ILE A 70 0.81 22.21 -0.59
C ILE A 70 1.48 23.58 -0.67
N GLN A 71 2.56 23.77 0.10
CA GLN A 71 3.27 25.05 0.09
C GLN A 71 4.62 24.91 -0.61
N VAL A 72 4.72 25.48 -1.81
CA VAL A 72 5.94 25.39 -2.60
C VAL A 72 6.91 26.53 -2.35
N TRP A 73 7.74 26.39 -1.32
CA TRP A 73 8.73 27.40 -0.97
C TRP A 73 9.44 27.97 -2.20
N ASP A 74 9.72 27.12 -3.18
CA ASP A 74 10.41 27.55 -4.39
C ASP A 74 9.41 27.83 -5.50
N GLN A 75 9.77 28.78 -6.37
CA GLN A 75 8.92 29.13 -7.51
C GLN A 75 9.07 28.12 -8.64
N ASN A 76 10.14 27.34 -8.59
CA ASN A 76 10.43 26.33 -9.61
C ASN A 76 9.53 25.10 -9.46
N ALA A 77 9.22 24.74 -8.23
CA ALA A 77 8.40 23.57 -7.95
C ALA A 77 6.92 23.90 -7.88
N VAL A 78 6.58 25.17 -8.10
CA VAL A 78 5.19 25.58 -8.07
C VAL A 78 4.42 25.06 -9.27
N PRO A 79 4.99 25.19 -10.49
CA PRO A 79 4.33 24.74 -11.72
C PRO A 79 4.19 23.22 -11.81
N ALA A 80 5.26 22.50 -11.47
CA ALA A 80 5.25 21.04 -11.53
C ALA A 80 4.23 20.42 -10.58
N ILE A 81 4.27 20.84 -9.32
CA ILE A 81 3.37 20.31 -8.31
C ILE A 81 1.91 20.45 -8.73
N GLU A 82 1.57 21.60 -9.31
CA GLU A 82 0.21 21.83 -9.76
C GLU A 82 -0.24 20.70 -10.68
N LYS A 83 0.60 20.40 -11.67
CA LYS A 83 0.32 19.32 -12.62
C LYS A 83 0.50 17.97 -11.96
N ALA A 84 1.51 17.86 -11.10
CA ALA A 84 1.82 16.61 -10.40
C ALA A 84 0.69 16.19 -9.47
N ILE A 85 0.23 17.11 -8.63
CA ILE A 85 -0.84 16.81 -7.69
C ILE A 85 -2.13 16.48 -8.43
N ARG A 86 -2.39 17.23 -9.50
CA ARG A 86 -3.60 17.03 -10.30
C ARG A 86 -3.67 15.59 -10.81
N GLU A 87 -2.52 14.98 -11.04
CA GLU A 87 -2.46 13.61 -11.55
C GLU A 87 -2.86 12.61 -10.46
N GLU A 88 -2.20 12.69 -9.31
CA GLU A 88 -2.48 11.78 -8.20
C GLU A 88 -3.83 12.06 -7.57
N LEU A 89 -4.16 13.32 -7.40
CA LEU A 89 -5.44 13.71 -6.80
C LEU A 89 -6.57 13.68 -7.82
N ASN A 90 -6.22 13.80 -9.10
CA ASN A 90 -7.21 13.78 -10.17
C ASN A 90 -8.38 14.72 -9.84
N LEU A 91 -8.05 15.88 -9.31
CA LEU A 91 -9.07 16.87 -8.94
C LEU A 91 -8.68 18.26 -9.45
N ASN A 92 -9.42 19.28 -9.00
CA ASN A 92 -9.14 20.65 -9.42
C ASN A 92 -8.48 21.43 -8.29
N PRO A 93 -7.14 21.49 -8.27
CA PRO A 93 -6.39 22.21 -7.25
C PRO A 93 -6.41 23.72 -7.45
N THR A 94 -6.28 24.47 -6.36
CA THR A 94 -6.28 25.94 -6.43
C THR A 94 -4.94 26.49 -5.97
N VAL A 95 -4.41 27.45 -6.72
CA VAL A 95 -3.14 28.06 -6.38
C VAL A 95 -3.31 29.54 -6.02
N GLN A 96 -2.83 29.89 -4.83
CA GLN A 96 -2.93 31.27 -4.35
C GLN A 96 -1.56 31.81 -3.97
N GLY A 97 -1.11 32.84 -4.69
CA GLY A 97 0.18 33.44 -4.42
C GLY A 97 1.32 32.44 -4.61
N ASN A 98 1.60 31.68 -3.57
CA ASN A 98 2.67 30.67 -3.62
C ASN A 98 2.29 29.41 -2.86
N VAL A 99 1.00 29.25 -2.58
CA VAL A 99 0.51 28.08 -1.87
C VAL A 99 -0.63 27.41 -2.62
N ILE A 100 -0.55 26.09 -2.76
CA ILE A 100 -1.58 25.35 -3.47
C ILE A 100 -2.55 24.69 -2.50
N ARG A 101 -3.81 25.10 -2.57
CA ARG A 101 -4.84 24.54 -1.70
C ARG A 101 -5.79 23.66 -2.51
N VAL A 102 -5.92 22.40 -2.08
CA VAL A 102 -6.79 21.47 -2.76
C VAL A 102 -7.90 20.98 -1.85
N THR A 103 -9.15 21.19 -2.27
CA THR A 103 -10.29 20.76 -1.49
C THR A 103 -10.88 19.50 -2.10
N LEU A 104 -11.02 18.46 -1.29
CA LEU A 104 -11.55 17.19 -1.76
C LEU A 104 -13.00 17.04 -1.31
N PRO A 105 -13.96 16.92 -2.23
CA PRO A 105 -15.37 16.73 -1.87
C PRO A 105 -15.51 15.58 -0.88
N PRO A 106 -16.21 15.81 0.24
CA PRO A 106 -16.40 14.76 1.26
C PRO A 106 -16.76 13.43 0.63
N LEU A 107 -15.90 12.42 0.82
CA LEU A 107 -16.12 11.10 0.26
C LEU A 107 -17.61 10.75 0.27
N THR A 108 -18.23 10.91 -0.89
CA THR A 108 -19.66 10.68 -1.04
C THR A 108 -20.00 9.24 -1.41
N GLU A 109 -21.26 9.07 -1.79
CA GLU A 109 -21.80 7.77 -2.18
C GLU A 109 -20.86 7.08 -3.19
N GLU A 110 -20.41 7.85 -4.17
CA GLU A 110 -19.51 7.33 -5.21
C GLU A 110 -18.09 7.09 -4.69
N ARG A 111 -17.57 8.03 -3.90
CA ARG A 111 -16.21 7.93 -3.36
C ARG A 111 -15.98 6.64 -2.58
N ARG A 112 -16.92 6.32 -1.69
CA ARG A 112 -16.82 5.10 -0.89
C ARG A 112 -16.76 3.88 -1.79
N ARG A 113 -17.44 3.99 -2.92
CA ARG A 113 -17.48 2.91 -3.90
C ARG A 113 -16.12 2.66 -4.56
N GLU A 114 -15.34 3.73 -4.76
CA GLU A 114 -14.05 3.60 -5.44
C GLU A 114 -12.96 2.92 -4.59
N LEU A 115 -12.71 3.40 -3.38
CA LEU A 115 -11.66 2.81 -2.53
C LEU A 115 -12.05 1.42 -2.05
N VAL A 116 -13.27 1.31 -1.52
CA VAL A 116 -13.75 0.03 -1.00
C VAL A 116 -13.65 -1.02 -2.10
N ARG A 117 -13.92 -0.61 -3.33
CA ARG A 117 -13.81 -1.50 -4.48
C ARG A 117 -12.34 -1.80 -4.78
N LEU A 118 -11.48 -0.81 -4.53
CA LEU A 118 -10.06 -0.95 -4.79
C LEU A 118 -9.40 -1.91 -3.80
N LEU A 119 -9.68 -1.75 -2.51
CA LEU A 119 -9.16 -2.67 -1.52
C LEU A 119 -9.77 -4.03 -1.80
N HIS A 120 -11.01 -3.97 -2.27
CA HIS A 120 -11.74 -5.17 -2.62
C HIS A 120 -10.89 -5.92 -3.64
N LYS A 121 -10.44 -5.22 -4.68
CA LYS A 121 -9.60 -5.83 -5.70
C LYS A 121 -8.23 -6.19 -5.14
N ILE A 122 -7.58 -5.24 -4.46
CA ILE A 122 -6.25 -5.50 -3.91
C ILE A 122 -6.26 -6.71 -2.98
N THR A 123 -7.16 -6.68 -2.01
CA THR A 123 -7.25 -7.76 -1.03
C THR A 123 -7.41 -9.11 -1.73
N GLU A 124 -8.09 -9.07 -2.86
CA GLU A 124 -8.29 -10.28 -3.66
C GLU A 124 -6.96 -10.74 -4.26
N GLU A 125 -6.12 -9.78 -4.62
CA GLU A 125 -4.81 -10.06 -5.21
C GLU A 125 -3.84 -10.65 -4.18
N ALA A 126 -3.78 -10.05 -3.00
CA ALA A 126 -2.87 -10.50 -1.95
C ALA A 126 -3.08 -11.98 -1.64
N ARG A 127 -4.33 -12.38 -1.45
CA ARG A 127 -4.64 -13.77 -1.16
C ARG A 127 -4.13 -14.68 -2.27
N VAL A 128 -4.24 -14.21 -3.51
CA VAL A 128 -3.79 -14.97 -4.67
C VAL A 128 -2.30 -15.33 -4.59
N ARG A 129 -1.47 -14.37 -4.19
CA ARG A 129 -0.04 -14.63 -4.10
C ARG A 129 0.26 -15.58 -2.95
N VAL A 130 -0.28 -15.28 -1.77
CA VAL A 130 -0.02 -16.10 -0.60
C VAL A 130 -0.42 -17.55 -0.85
N ARG A 131 -1.49 -17.76 -1.61
CA ARG A 131 -1.92 -19.10 -1.95
C ARG A 131 -0.79 -19.81 -2.69
N ASN A 132 -0.14 -19.09 -3.59
CA ASN A 132 0.96 -19.63 -4.37
C ASN A 132 2.12 -20.09 -3.48
N VAL A 133 2.32 -19.39 -2.36
CA VAL A 133 3.39 -19.76 -1.44
C VAL A 133 3.21 -21.19 -0.96
N ARG A 134 2.01 -21.49 -0.48
CA ARG A 134 1.68 -22.83 -0.02
C ARG A 134 1.78 -23.82 -1.18
N ARG A 135 1.52 -23.32 -2.38
CA ARG A 135 1.60 -24.13 -3.59
C ARG A 135 3.05 -24.47 -3.92
N GLU A 136 3.91 -23.45 -3.91
CA GLU A 136 5.32 -23.65 -4.22
C GLU A 136 6.02 -24.41 -3.10
N ALA A 137 5.92 -23.90 -1.87
CA ALA A 137 6.57 -24.52 -0.73
C ALA A 137 6.18 -25.99 -0.60
N LYS A 138 4.89 -26.29 -0.70
CA LYS A 138 4.42 -27.66 -0.60
C LYS A 138 5.04 -28.54 -1.68
N GLU A 139 5.33 -27.92 -2.83
CA GLU A 139 5.93 -28.64 -3.95
C GLU A 139 7.35 -29.11 -3.61
N MET A 140 8.08 -28.29 -2.86
CA MET A 140 9.44 -28.62 -2.45
C MET A 140 9.45 -29.76 -1.43
N ILE A 141 8.59 -29.63 -0.42
CA ILE A 141 8.48 -30.62 0.64
C ILE A 141 7.84 -31.91 0.14
N GLU A 142 6.74 -31.76 -0.60
CA GLU A 142 6.01 -32.92 -1.10
C GLU A 142 6.96 -33.90 -1.79
N GLU A 143 7.76 -33.44 -2.75
CA GLU A 143 8.69 -34.32 -3.46
C GLU A 143 9.97 -34.55 -2.69
N LEU A 144 10.16 -33.85 -1.58
CA LEU A 144 11.36 -34.03 -0.76
C LEU A 144 11.46 -35.49 -0.33
N GLU A 145 12.47 -36.19 -0.84
CA GLU A 145 12.62 -37.61 -0.53
C GLU A 145 11.38 -38.36 -1.02
N GLY A 146 10.60 -37.67 -1.85
CA GLY A 146 9.36 -38.19 -2.41
C GLY A 146 8.23 -38.32 -1.40
N ILE A 147 8.58 -38.34 -0.11
CA ILE A 147 7.56 -38.40 0.93
C ILE A 147 8.15 -37.93 2.27
N SER A 148 7.54 -36.92 2.86
CA SER A 148 7.99 -36.41 4.14
C SER A 148 6.81 -36.15 5.07
N GLU A 149 6.40 -37.12 5.88
CA GLU A 149 5.29 -36.88 6.78
C GLU A 149 5.76 -36.01 7.95
N ASP A 150 6.82 -36.47 8.61
CA ASP A 150 7.38 -35.74 9.74
C ASP A 150 7.64 -34.29 9.34
N GLU A 151 8.23 -34.15 8.16
CA GLU A 151 8.54 -32.84 7.61
C GLU A 151 7.27 -32.13 7.14
N LYS A 152 6.30 -32.89 6.62
CA LYS A 152 5.06 -32.31 6.13
C LYS A 152 4.27 -31.64 7.24
N LYS A 153 4.08 -32.35 8.35
CA LYS A 153 3.35 -31.80 9.48
C LYS A 153 3.97 -30.48 9.93
N ARG A 154 5.28 -30.53 10.16
CA ARG A 154 6.01 -29.34 10.57
C ARG A 154 6.01 -28.30 9.45
N ALA A 155 6.40 -28.73 8.26
CA ALA A 155 6.47 -27.85 7.10
C ALA A 155 5.15 -27.17 6.78
N LEU A 156 4.05 -27.94 6.76
CA LEU A 156 2.75 -27.36 6.49
C LEU A 156 2.38 -26.36 7.58
N GLU A 157 2.44 -26.82 8.81
CA GLU A 157 2.13 -25.96 9.95
C GLU A 157 3.05 -24.74 9.88
N ARG A 158 4.26 -24.99 9.40
CA ARG A 158 5.24 -23.93 9.22
C ARG A 158 4.69 -22.90 8.22
N LEU A 159 4.13 -23.40 7.11
CA LEU A 159 3.55 -22.52 6.09
C LEU A 159 2.22 -21.93 6.55
N GLN A 160 1.46 -22.71 7.32
CA GLN A 160 0.17 -22.25 7.84
C GLN A 160 0.39 -21.14 8.85
N LYS A 161 1.21 -21.43 9.84
CA LYS A 161 1.51 -20.45 10.89
C LYS A 161 1.94 -19.15 10.23
N LEU A 162 2.69 -19.29 9.13
CA LEU A 162 3.15 -18.15 8.36
C LEU A 162 1.98 -17.50 7.61
N THR A 163 1.19 -18.33 6.93
CA THR A 163 0.05 -17.83 6.15
C THR A 163 -0.99 -17.12 7.03
N ASP A 164 -1.43 -17.78 8.10
CA ASP A 164 -2.41 -17.18 9.00
C ASP A 164 -1.91 -15.82 9.46
N LYS A 165 -0.61 -15.75 9.68
CA LYS A 165 0.01 -14.52 10.11
C LYS A 165 -0.37 -13.40 9.15
N TYR A 166 -0.24 -13.68 7.85
CA TYR A 166 -0.60 -12.72 6.81
C TYR A 166 -2.12 -12.55 6.75
N ILE A 167 -2.84 -13.66 6.81
CA ILE A 167 -4.31 -13.67 6.74
C ILE A 167 -4.92 -12.84 7.87
N ASP A 168 -4.48 -13.11 9.09
CA ASP A 168 -5.00 -12.39 10.24
C ASP A 168 -4.50 -10.95 10.24
N GLU A 169 -3.27 -10.77 9.77
CA GLU A 169 -2.67 -9.45 9.72
C GLU A 169 -3.30 -8.59 8.63
N ILE A 170 -3.65 -9.21 7.51
CA ILE A 170 -4.27 -8.46 6.42
C ILE A 170 -5.68 -8.02 6.79
N ASN A 171 -6.56 -8.96 7.15
CA ASN A 171 -7.93 -8.62 7.49
C ASN A 171 -7.98 -7.52 8.54
N LYS A 172 -7.13 -7.63 9.57
CA LYS A 172 -7.08 -6.62 10.61
C LYS A 172 -6.70 -5.27 10.02
N LEU A 173 -5.92 -5.31 8.96
CA LEU A 173 -5.48 -4.10 8.29
C LEU A 173 -6.64 -3.42 7.54
N MET A 174 -7.40 -4.20 6.77
CA MET A 174 -8.54 -3.67 6.03
C MET A 174 -9.71 -3.38 6.97
N GLU A 175 -9.87 -4.22 7.98
CA GLU A 175 -10.96 -4.05 8.95
C GLU A 175 -10.94 -2.64 9.49
N ALA A 176 -9.76 -2.18 9.90
CA ALA A 176 -9.61 -0.83 10.41
C ALA A 176 -9.87 0.15 9.29
N LYS A 177 -9.37 -0.18 8.10
CA LYS A 177 -9.54 0.69 6.93
C LYS A 177 -11.01 1.02 6.71
N GLU A 178 -11.87 0.00 6.68
CA GLU A 178 -13.30 0.23 6.46
C GLU A 178 -13.82 1.27 7.44
N LYS A 179 -13.52 1.07 8.73
CA LYS A 179 -13.93 2.02 9.76
C LYS A 179 -13.48 3.43 9.36
N GLU A 180 -12.37 3.48 8.65
CA GLU A 180 -11.82 4.74 8.15
C GLU A 180 -12.65 5.20 6.95
N ILE A 181 -12.80 4.30 5.98
CA ILE A 181 -13.56 4.61 4.77
C ILE A 181 -14.95 5.12 5.14
N MET A 182 -15.65 4.36 5.98
CA MET A 182 -17.00 4.71 6.40
C MET A 182 -16.99 5.86 7.43
N SER A 183 -15.89 6.02 8.14
CA SER A 183 -15.78 7.09 9.14
C SER A 183 -15.98 8.45 8.50
N VAL A 184 -15.00 8.90 7.72
CA VAL A 184 -15.06 10.19 7.05
C VAL A 184 -16.36 10.35 6.27
N MET A 1 17.29 -31.08 11.44
CA MET A 1 18.15 -30.40 10.44
C MET A 1 17.34 -29.45 9.57
N ILE A 2 17.96 -28.36 9.17
CA ILE A 2 17.29 -27.37 8.32
C ILE A 2 17.95 -27.28 6.95
N LYS A 3 17.31 -27.87 5.95
CA LYS A 3 17.84 -27.86 4.59
C LYS A 3 16.79 -27.35 3.61
N GLU A 4 15.75 -28.14 3.37
CA GLU A 4 14.70 -27.77 2.44
C GLU A 4 13.96 -26.53 2.94
N LEU A 5 13.89 -26.36 4.25
CA LEU A 5 13.19 -25.23 4.86
C LEU A 5 13.66 -23.89 4.28
N GLU A 6 14.97 -23.69 4.19
CA GLU A 6 15.53 -22.45 3.68
C GLU A 6 14.97 -22.09 2.30
N ASP A 7 14.84 -23.09 1.43
CA ASP A 7 14.31 -22.88 0.09
C ASP A 7 12.82 -22.59 0.11
N ILE A 8 12.12 -23.18 1.07
CA ILE A 8 10.69 -22.98 1.22
C ILE A 8 10.40 -21.56 1.72
N PHE A 9 11.12 -21.15 2.76
CA PHE A 9 10.94 -19.83 3.34
C PHE A 9 11.27 -18.74 2.32
N LYS A 10 12.42 -18.88 1.67
CA LYS A 10 12.85 -17.92 0.65
C LYS A 10 11.79 -17.79 -0.43
N GLU A 11 11.14 -18.90 -0.72
CA GLU A 11 10.08 -18.94 -1.72
C GLU A 11 8.82 -18.25 -1.19
N ALA A 12 8.40 -18.66 0.01
CA ALA A 12 7.20 -18.10 0.63
C ALA A 12 7.36 -16.62 0.95
N GLU A 13 8.53 -16.23 1.45
CA GLU A 13 8.79 -14.84 1.79
C GLU A 13 8.91 -13.98 0.54
N LYS A 14 9.79 -14.39 -0.37
CA LYS A 14 10.00 -13.67 -1.62
C LYS A 14 8.71 -13.59 -2.41
N ASP A 15 7.88 -14.61 -2.29
CA ASP A 15 6.59 -14.65 -2.98
C ASP A 15 5.60 -13.67 -2.36
N MET A 16 5.51 -13.71 -1.03
CA MET A 16 4.60 -12.83 -0.30
C MET A 16 5.08 -11.38 -0.28
N LYS A 17 6.38 -11.19 -0.09
CA LYS A 17 6.96 -9.84 -0.05
C LYS A 17 6.58 -9.05 -1.30
N LYS A 18 6.81 -9.65 -2.45
CA LYS A 18 6.49 -9.00 -3.72
C LYS A 18 4.98 -8.85 -3.89
N ALA A 19 4.24 -9.79 -3.31
CA ALA A 19 2.79 -9.75 -3.38
C ALA A 19 2.21 -8.65 -2.50
N VAL A 20 2.68 -8.60 -1.25
CA VAL A 20 2.21 -7.58 -0.31
C VAL A 20 2.79 -6.20 -0.63
N GLU A 21 4.06 -6.13 -1.00
CA GLU A 21 4.70 -4.85 -1.31
C GLU A 21 3.93 -4.07 -2.36
N TYR A 22 3.58 -4.75 -3.45
CA TYR A 22 2.79 -4.13 -4.51
C TYR A 22 1.36 -3.93 -4.05
N TYR A 23 0.90 -4.87 -3.23
CA TYR A 23 -0.45 -4.84 -2.67
C TYR A 23 -0.59 -3.71 -1.65
N LYS A 24 0.35 -3.67 -0.71
CA LYS A 24 0.33 -2.64 0.34
C LYS A 24 0.54 -1.25 -0.26
N ASN A 25 1.32 -1.17 -1.33
CA ASN A 25 1.58 0.11 -1.97
C ASN A 25 0.26 0.77 -2.39
N GLU A 26 -0.59 -0.02 -3.02
CA GLU A 26 -1.89 0.47 -3.49
C GLU A 26 -2.78 0.90 -2.34
N ILE A 27 -2.70 0.18 -1.22
CA ILE A 27 -3.50 0.51 -0.05
C ILE A 27 -2.99 1.83 0.52
N ALA A 28 -1.68 1.91 0.66
CA ALA A 28 -1.01 3.09 1.18
C ALA A 28 -1.20 4.30 0.26
N GLY A 29 -1.09 4.04 -1.04
CA GLY A 29 -1.20 5.11 -2.02
C GLY A 29 -2.51 5.13 -2.78
N LEU A 30 -3.52 4.43 -2.29
CA LEU A 30 -4.82 4.42 -2.97
C LEU A 30 -5.39 5.83 -3.09
N ARG A 31 -6.18 6.06 -4.13
CA ARG A 31 -6.79 7.37 -4.34
C ARG A 31 -7.99 7.53 -3.41
N THR A 32 -7.72 7.57 -2.12
CA THR A 32 -8.78 7.70 -1.12
C THR A 32 -9.40 9.09 -1.17
N SER A 33 -10.67 9.16 -0.78
CA SER A 33 -11.39 10.43 -0.77
C SER A 33 -11.21 11.16 0.56
N ARG A 34 -10.22 10.74 1.33
CA ARG A 34 -9.93 11.36 2.61
C ARG A 34 -8.71 12.26 2.48
N ALA A 35 -8.74 13.40 3.14
CA ALA A 35 -7.61 14.32 3.08
C ALA A 35 -6.48 13.82 3.96
N SER A 36 -5.97 12.64 3.64
CA SER A 36 -4.89 12.04 4.40
C SER A 36 -3.56 12.17 3.66
N THR A 37 -2.51 12.43 4.42
CA THR A 37 -1.18 12.57 3.86
C THR A 37 -0.60 11.22 3.41
N ALA A 38 -1.18 10.13 3.90
CA ALA A 38 -0.68 8.78 3.59
C ALA A 38 -0.71 8.45 2.10
N LEU A 39 -1.88 8.54 1.46
CA LEU A 39 -2.01 8.21 0.03
C LEU A 39 -0.79 8.69 -0.72
N VAL A 40 -0.43 9.94 -0.47
CA VAL A 40 0.73 10.50 -1.11
C VAL A 40 1.97 10.23 -0.30
N GLU A 41 2.73 9.31 -0.82
CA GLU A 41 3.99 8.90 -0.21
C GLU A 41 5.15 9.17 -1.16
N GLU A 42 4.84 9.78 -2.30
CA GLU A 42 5.85 10.10 -3.29
C GLU A 42 5.40 11.29 -4.13
N ILE A 43 5.68 12.49 -3.63
CA ILE A 43 5.32 13.71 -4.33
C ILE A 43 6.47 14.21 -5.19
N LYS A 44 7.04 13.30 -5.99
CA LYS A 44 8.16 13.64 -6.86
C LYS A 44 7.93 14.98 -7.57
N VAL A 45 8.60 16.02 -7.10
CA VAL A 45 8.46 17.35 -7.68
C VAL A 45 9.72 17.71 -8.48
N GLU A 46 9.54 18.43 -9.58
CA GLU A 46 10.66 18.82 -10.43
C GLU A 46 11.54 19.83 -9.72
N TYR A 47 12.80 19.46 -9.50
CA TYR A 47 13.76 20.33 -8.82
C TYR A 47 15.12 20.27 -9.51
N TYR A 48 15.48 21.35 -10.19
CA TYR A 48 16.76 21.42 -10.89
C TYR A 48 16.86 20.33 -11.96
N GLY A 49 15.72 19.98 -12.55
CA GLY A 49 15.70 18.96 -13.57
C GLY A 49 15.70 17.55 -12.99
N SER A 50 15.29 17.42 -11.74
CA SER A 50 15.25 16.13 -11.08
C SER A 50 13.92 15.91 -10.38
N LYS A 51 13.59 14.65 -10.09
CA LYS A 51 12.33 14.32 -9.43
C LYS A 51 12.57 13.94 -7.98
N VAL A 52 12.10 14.78 -7.06
CA VAL A 52 12.26 14.52 -5.64
C VAL A 52 10.98 14.86 -4.88
N PRO A 53 10.57 14.00 -3.93
CA PRO A 53 9.34 14.22 -3.15
C PRO A 53 9.36 15.57 -2.43
N ILE A 54 8.27 15.85 -1.71
CA ILE A 54 8.15 17.10 -0.98
C ILE A 54 8.84 16.99 0.39
N LYS A 55 8.96 15.76 0.89
CA LYS A 55 9.59 15.51 2.18
C LYS A 55 10.90 16.28 2.30
N GLN A 56 11.61 16.42 1.19
CA GLN A 56 12.88 17.15 1.17
C GLN A 56 12.78 18.40 0.31
N LEU A 57 11.55 18.82 0.05
CA LEU A 57 11.31 20.00 -0.78
C LEU A 57 10.41 21.00 -0.06
N GLY A 58 9.14 20.63 0.13
CA GLY A 58 8.20 21.50 0.80
C GLY A 58 7.65 20.88 2.08
N THR A 59 6.52 21.42 2.54
CA THR A 59 5.88 20.92 3.76
C THR A 59 4.40 20.65 3.55
N ILE A 60 3.89 19.61 4.19
CA ILE A 60 2.48 19.25 4.08
C ILE A 60 1.79 19.23 5.43
N SER A 61 0.61 19.86 5.51
CA SER A 61 -0.14 19.92 6.75
C SER A 61 -1.65 19.86 6.49
N VAL A 62 -2.39 19.41 7.50
CA VAL A 62 -3.85 19.31 7.39
C VAL A 62 -4.52 20.31 8.33
N PRO A 63 -5.41 21.17 7.79
CA PRO A 63 -6.09 22.19 8.58
C PRO A 63 -7.40 21.72 9.22
N GLU A 64 -8.29 21.14 8.41
CA GLU A 64 -9.59 20.68 8.92
C GLU A 64 -9.83 19.20 8.63
N HIS A 65 -8.75 18.44 8.53
CA HIS A 65 -8.84 17.00 8.27
C HIS A 65 -9.34 16.70 6.85
N ASN A 66 -10.49 17.29 6.48
CA ASN A 66 -11.07 17.08 5.16
C ASN A 66 -10.26 17.74 4.05
N GLN A 67 -9.15 18.39 4.39
CA GLN A 67 -8.33 19.05 3.39
C GLN A 67 -6.85 18.76 3.62
N ILE A 68 -6.10 18.68 2.53
CA ILE A 68 -4.67 18.44 2.61
C ILE A 68 -3.94 19.60 1.97
N VAL A 69 -3.19 20.34 2.78
CA VAL A 69 -2.48 21.51 2.27
C VAL A 69 -0.98 21.28 2.14
N ILE A 70 -0.48 21.43 0.93
CA ILE A 70 0.93 21.27 0.65
C ILE A 70 1.55 22.65 0.43
N GLN A 71 2.57 22.98 1.20
CA GLN A 71 3.19 24.30 1.07
C GLN A 71 4.59 24.19 0.46
N VAL A 72 4.69 24.61 -0.79
CA VAL A 72 5.95 24.58 -1.51
C VAL A 72 7.01 25.41 -0.81
N TRP A 73 8.27 25.15 -1.15
CA TRP A 73 9.39 25.90 -0.58
C TRP A 73 10.02 26.77 -1.67
N ASP A 74 10.12 26.21 -2.88
CA ASP A 74 10.68 26.93 -4.01
C ASP A 74 9.59 27.21 -5.05
N GLN A 75 9.43 28.48 -5.40
CA GLN A 75 8.41 28.87 -6.37
C GLN A 75 8.59 28.13 -7.70
N ASN A 76 9.81 27.65 -7.95
CA ASN A 76 10.11 26.92 -9.17
C ASN A 76 9.50 25.52 -9.15
N ALA A 77 9.35 24.95 -7.97
CA ALA A 77 8.79 23.62 -7.82
C ALA A 77 7.26 23.66 -7.70
N VAL A 78 6.73 24.82 -7.30
CA VAL A 78 5.28 24.96 -7.15
C VAL A 78 4.51 24.43 -8.36
N PRO A 79 4.91 24.84 -9.58
CA PRO A 79 4.26 24.37 -10.81
C PRO A 79 4.41 22.87 -10.99
N ALA A 80 5.55 22.36 -10.54
CA ALA A 80 5.85 20.94 -10.63
C ALA A 80 5.03 20.15 -9.61
N ILE A 81 4.97 20.65 -8.38
CA ILE A 81 4.21 19.99 -7.33
C ILE A 81 2.74 19.87 -7.70
N GLU A 82 2.18 20.95 -8.23
CA GLU A 82 0.78 20.97 -8.63
C GLU A 82 0.48 19.83 -9.60
N LYS A 83 1.36 19.66 -10.58
CA LYS A 83 1.20 18.60 -11.56
C LYS A 83 1.43 17.23 -10.92
N ALA A 84 2.32 17.20 -9.94
CA ALA A 84 2.64 15.95 -9.23
C ALA A 84 1.53 15.54 -8.28
N ILE A 85 1.09 16.48 -7.44
CA ILE A 85 0.02 16.20 -6.48
C ILE A 85 -1.22 15.67 -7.18
N ARG A 86 -1.59 16.32 -8.29
CA ARG A 86 -2.75 15.90 -9.07
C ARG A 86 -2.58 14.46 -9.53
N GLU A 87 -1.39 14.14 -10.02
CA GLU A 87 -1.09 12.81 -10.51
C GLU A 87 -1.34 11.74 -9.43
N GLU A 88 -0.91 12.03 -8.20
CA GLU A 88 -1.08 11.08 -7.10
C GLU A 88 -2.46 11.17 -6.45
N LEU A 89 -2.91 12.40 -6.20
CA LEU A 89 -4.21 12.61 -5.55
C LEU A 89 -5.37 12.52 -6.54
N ASN A 90 -5.09 12.77 -7.81
CA ASN A 90 -6.11 12.73 -8.85
C ASN A 90 -7.25 13.72 -8.56
N LEU A 91 -7.02 14.64 -7.62
CA LEU A 91 -8.03 15.63 -7.25
C LEU A 91 -7.65 17.01 -7.78
N ASN A 92 -8.46 18.01 -7.45
CA ASN A 92 -8.20 19.38 -7.90
C ASN A 92 -7.40 20.15 -6.84
N PRO A 93 -6.12 20.45 -7.11
CA PRO A 93 -5.25 21.17 -6.20
C PRO A 93 -5.34 22.69 -6.40
N THR A 94 -5.63 23.42 -5.32
CA THR A 94 -5.73 24.86 -5.40
C THR A 94 -4.42 25.52 -4.99
N VAL A 95 -3.73 26.11 -5.94
CA VAL A 95 -2.45 26.77 -5.68
C VAL A 95 -2.60 28.28 -5.73
N GLN A 96 -2.33 28.93 -4.61
CA GLN A 96 -2.43 30.38 -4.54
C GLN A 96 -1.12 30.99 -4.08
N GLY A 97 -0.44 31.69 -4.98
CA GLY A 97 0.83 32.31 -4.65
C GLY A 97 1.93 31.28 -4.44
N ASN A 98 1.84 30.54 -3.34
CA ASN A 98 2.84 29.53 -3.03
C ASN A 98 2.28 28.50 -2.04
N VAL A 99 0.96 28.36 -2.02
CA VAL A 99 0.31 27.41 -1.13
C VAL A 99 -0.66 26.50 -1.88
N ILE A 100 -0.54 25.19 -1.65
CA ILE A 100 -1.41 24.22 -2.29
C ILE A 100 -2.52 23.78 -1.35
N ARG A 101 -3.76 23.85 -1.83
CA ARG A 101 -4.91 23.47 -1.03
C ARG A 101 -5.70 22.37 -1.70
N VAL A 102 -6.06 21.35 -0.94
CA VAL A 102 -6.85 20.24 -1.45
C VAL A 102 -8.19 20.16 -0.73
N THR A 103 -9.27 20.20 -1.50
CA THR A 103 -10.60 20.14 -0.92
C THR A 103 -11.38 18.94 -1.41
N LEU A 104 -11.65 18.01 -0.50
CA LEU A 104 -12.40 16.81 -0.84
C LEU A 104 -13.83 16.90 -0.32
N PRO A 105 -14.78 17.25 -1.21
CA PRO A 105 -16.20 17.38 -0.84
C PRO A 105 -16.78 16.05 -0.36
N PRO A 106 -17.93 16.10 0.34
CA PRO A 106 -18.59 14.89 0.84
C PRO A 106 -18.67 13.80 -0.21
N LEU A 107 -18.03 12.67 0.08
CA LEU A 107 -18.01 11.53 -0.85
C LEU A 107 -19.40 11.25 -1.41
N THR A 108 -19.45 10.88 -2.68
CA THR A 108 -20.71 10.58 -3.34
C THR A 108 -20.90 9.08 -3.48
N GLU A 109 -21.91 8.70 -4.25
CA GLU A 109 -22.22 7.29 -4.47
C GLU A 109 -21.04 6.57 -5.13
N GLU A 110 -20.56 7.13 -6.23
CA GLU A 110 -19.45 6.53 -6.97
C GLU A 110 -18.12 6.70 -6.23
N ARG A 111 -17.86 7.89 -5.69
CA ARG A 111 -16.62 8.16 -4.99
C ARG A 111 -16.40 7.19 -3.83
N ARG A 112 -17.44 6.98 -3.02
CA ARG A 112 -17.34 6.07 -1.89
C ARG A 112 -17.24 4.63 -2.37
N ARG A 113 -18.03 4.31 -3.39
CA ARG A 113 -18.03 2.97 -3.96
C ARG A 113 -16.69 2.66 -4.65
N GLU A 114 -16.08 3.70 -5.23
CA GLU A 114 -14.82 3.53 -5.93
C GLU A 114 -13.71 2.99 -5.01
N LEU A 115 -13.51 3.63 -3.86
CA LEU A 115 -12.48 3.20 -2.93
C LEU A 115 -12.80 1.85 -2.28
N VAL A 116 -14.01 1.72 -1.76
CA VAL A 116 -14.42 0.48 -1.10
C VAL A 116 -14.26 -0.72 -2.02
N ARG A 117 -14.83 -0.63 -3.21
CA ARG A 117 -14.73 -1.72 -4.18
C ARG A 117 -13.28 -1.96 -4.56
N LEU A 118 -12.48 -0.90 -4.57
CA LEU A 118 -11.07 -1.00 -4.91
C LEU A 118 -10.34 -1.90 -3.92
N LEU A 119 -10.63 -1.72 -2.63
CA LEU A 119 -10.03 -2.55 -1.59
C LEU A 119 -10.53 -3.98 -1.77
N HIS A 120 -11.77 -4.08 -2.23
CA HIS A 120 -12.38 -5.37 -2.51
C HIS A 120 -11.61 -6.05 -3.63
N LYS A 121 -11.04 -5.23 -4.52
CA LYS A 121 -10.22 -5.73 -5.61
C LYS A 121 -8.87 -6.17 -5.06
N ILE A 122 -8.22 -5.26 -4.33
CA ILE A 122 -6.90 -5.51 -3.75
C ILE A 122 -6.93 -6.65 -2.74
N THR A 123 -7.93 -6.62 -1.87
CA THR A 123 -8.05 -7.61 -0.81
C THR A 123 -8.07 -9.03 -1.39
N GLU A 124 -8.95 -9.29 -2.36
CA GLU A 124 -9.02 -10.61 -2.96
C GLU A 124 -7.71 -10.99 -3.63
N GLU A 125 -7.02 -9.98 -4.18
CA GLU A 125 -5.76 -10.20 -4.87
C GLU A 125 -4.71 -10.79 -3.91
N ALA A 126 -4.58 -10.19 -2.74
CA ALA A 126 -3.61 -10.64 -1.75
C ALA A 126 -3.87 -12.09 -1.36
N ARG A 127 -5.14 -12.40 -1.06
CA ARG A 127 -5.52 -13.75 -0.67
C ARG A 127 -5.10 -14.75 -1.73
N VAL A 128 -5.23 -14.37 -2.99
CA VAL A 128 -4.86 -15.24 -4.10
C VAL A 128 -3.40 -15.67 -4.01
N ARG A 129 -2.52 -14.74 -3.68
CA ARG A 129 -1.09 -15.04 -3.57
C ARG A 129 -0.82 -15.94 -2.37
N VAL A 130 -1.36 -15.60 -1.22
CA VAL A 130 -1.17 -16.40 -0.02
C VAL A 130 -1.66 -17.83 -0.22
N ARG A 131 -2.89 -17.94 -0.72
CA ARG A 131 -3.51 -19.23 -0.99
C ARG A 131 -2.79 -19.96 -2.14
N ASN A 132 -2.23 -19.18 -3.06
CA ASN A 132 -1.50 -19.74 -4.19
C ASN A 132 -0.18 -20.36 -3.74
N VAL A 133 0.44 -19.74 -2.74
CA VAL A 133 1.70 -20.23 -2.20
C VAL A 133 1.52 -21.51 -1.42
N ARG A 134 0.47 -21.56 -0.61
CA ARG A 134 0.18 -22.73 0.22
C ARG A 134 0.08 -24.00 -0.62
N ARG A 135 -0.64 -23.92 -1.74
CA ARG A 135 -0.82 -25.06 -2.63
C ARG A 135 0.52 -25.49 -3.24
N GLU A 136 1.34 -24.51 -3.59
CA GLU A 136 2.65 -24.79 -4.17
C GLU A 136 3.62 -25.29 -3.12
N ALA A 137 3.73 -24.55 -2.02
CA ALA A 137 4.62 -24.93 -0.94
C ALA A 137 4.23 -26.30 -0.40
N LYS A 138 2.93 -26.54 -0.31
CA LYS A 138 2.42 -27.81 0.19
C LYS A 138 2.99 -28.99 -0.60
N GLU A 139 3.00 -28.87 -1.92
CA GLU A 139 3.53 -29.93 -2.78
C GLU A 139 5.05 -30.03 -2.64
N MET A 140 5.68 -28.88 -2.41
CA MET A 140 7.12 -28.85 -2.22
C MET A 140 7.49 -29.61 -0.95
N ILE A 141 6.78 -29.29 0.13
CA ILE A 141 7.00 -29.95 1.42
C ILE A 141 6.45 -31.38 1.38
N GLU A 142 5.38 -31.58 0.61
CA GLU A 142 4.73 -32.88 0.52
C GLU A 142 5.73 -34.01 0.29
N GLU A 143 6.60 -33.89 -0.71
CA GLU A 143 7.56 -34.97 -0.98
C GLU A 143 9.02 -34.50 -0.91
N LEU A 144 9.25 -33.29 -0.43
CA LEU A 144 10.60 -32.74 -0.35
C LEU A 144 11.52 -33.70 0.37
N GLU A 145 12.50 -34.24 -0.35
CA GLU A 145 13.42 -35.20 0.25
C GLU A 145 12.68 -36.44 0.73
N GLY A 146 11.35 -36.37 0.77
CA GLY A 146 10.59 -37.48 1.27
C GLY A 146 10.88 -37.64 2.74
N ILE A 147 11.16 -36.50 3.37
CA ILE A 147 11.51 -36.42 4.75
C ILE A 147 10.33 -36.77 5.60
N SER A 148 10.59 -36.95 6.86
CA SER A 148 9.56 -37.32 7.77
C SER A 148 8.83 -36.11 8.24
N GLU A 149 7.95 -36.31 9.19
CA GLU A 149 7.16 -35.22 9.69
C GLU A 149 7.97 -34.23 10.53
N ASP A 150 9.12 -34.65 11.05
CA ASP A 150 9.93 -33.75 11.87
C ASP A 150 10.23 -32.47 11.11
N GLU A 151 10.76 -32.63 9.91
CA GLU A 151 11.09 -31.50 9.05
C GLU A 151 9.84 -30.85 8.46
N LYS A 152 8.84 -31.68 8.18
CA LYS A 152 7.58 -31.25 7.62
C LYS A 152 6.78 -30.44 8.63
N LYS A 153 6.82 -30.94 9.85
CA LYS A 153 6.11 -30.31 10.97
C LYS A 153 6.65 -28.90 11.20
N ARG A 154 7.96 -28.80 11.34
CA ARG A 154 8.62 -27.52 11.56
C ARG A 154 8.53 -26.66 10.30
N ALA A 155 8.55 -27.31 9.16
CA ALA A 155 8.46 -26.64 7.87
C ALA A 155 7.06 -26.05 7.63
N LEU A 156 6.04 -26.73 8.13
CA LEU A 156 4.67 -26.27 7.98
C LEU A 156 4.41 -25.03 8.82
N GLU A 157 4.76 -25.09 10.10
CA GLU A 157 4.56 -23.96 11.00
C GLU A 157 5.30 -22.75 10.46
N ARG A 158 6.51 -23.00 9.96
CA ARG A 158 7.32 -21.94 9.38
C ARG A 158 6.50 -21.25 8.30
N LEU A 159 5.81 -22.06 7.50
CA LEU A 159 4.94 -21.60 6.43
C LEU A 159 3.65 -21.02 7.00
N GLN A 160 3.21 -21.53 8.14
CA GLN A 160 2.00 -21.05 8.79
C GLN A 160 2.23 -19.68 9.39
N LYS A 161 3.26 -19.58 10.23
CA LYS A 161 3.60 -18.32 10.89
C LYS A 161 3.77 -17.21 9.85
N LEU A 162 4.45 -17.53 8.76
CA LEU A 162 4.66 -16.57 7.70
C LEU A 162 3.35 -16.27 6.97
N THR A 163 2.48 -17.28 6.87
CA THR A 163 1.18 -17.09 6.23
C THR A 163 0.29 -16.18 7.07
N ASP A 164 0.16 -16.50 8.35
CA ASP A 164 -0.66 -15.71 9.26
C ASP A 164 -0.22 -14.25 9.23
N LYS A 165 1.09 -14.04 9.12
CA LYS A 165 1.64 -12.69 9.08
C LYS A 165 0.96 -11.91 7.96
N TYR A 166 0.89 -12.52 6.78
CA TYR A 166 0.25 -11.91 5.62
C TYR A 166 -1.27 -11.81 5.82
N ILE A 167 -1.83 -12.83 6.48
CA ILE A 167 -3.26 -12.87 6.75
C ILE A 167 -3.69 -11.83 7.77
N ASP A 168 -2.90 -11.67 8.82
CA ASP A 168 -3.20 -10.70 9.88
C ASP A 168 -3.00 -9.27 9.39
N GLU A 169 -2.02 -9.08 8.53
CA GLU A 169 -1.70 -7.76 7.99
C GLU A 169 -2.79 -7.24 7.07
N ILE A 170 -3.39 -8.13 6.29
CA ILE A 170 -4.44 -7.75 5.35
C ILE A 170 -5.70 -7.28 6.07
N ASN A 171 -6.22 -8.10 6.98
CA ASN A 171 -7.43 -7.74 7.72
C ASN A 171 -7.31 -6.40 8.44
N LYS A 172 -6.17 -6.19 9.10
CA LYS A 172 -5.93 -4.96 9.84
C LYS A 172 -5.78 -3.76 8.90
N LEU A 173 -5.01 -3.94 7.84
CA LEU A 173 -4.79 -2.88 6.88
C LEU A 173 -6.04 -2.60 6.06
N MET A 174 -6.74 -3.66 5.66
CA MET A 174 -7.96 -3.53 4.87
C MET A 174 -9.12 -2.99 5.70
N GLU A 175 -9.35 -3.59 6.86
CA GLU A 175 -10.44 -3.18 7.74
C GLU A 175 -10.40 -1.68 8.02
N ALA A 176 -9.24 -1.19 8.43
CA ALA A 176 -9.09 0.23 8.73
C ALA A 176 -9.39 1.08 7.50
N LYS A 177 -8.75 0.75 6.39
CA LYS A 177 -8.94 1.49 5.14
C LYS A 177 -10.39 1.48 4.68
N GLU A 178 -11.00 0.30 4.66
CA GLU A 178 -12.40 0.18 4.23
C GLU A 178 -13.29 1.13 5.02
N LYS A 179 -13.20 1.04 6.34
CA LYS A 179 -13.99 1.92 7.20
C LYS A 179 -13.51 3.36 7.05
N GLU A 180 -12.18 3.50 6.87
CA GLU A 180 -11.57 4.82 6.74
C GLU A 180 -12.47 5.75 5.94
N ILE A 181 -12.87 5.32 4.74
CA ILE A 181 -13.75 6.12 3.89
C ILE A 181 -15.20 6.04 4.38
N MET A 182 -15.55 4.91 5.00
CA MET A 182 -16.90 4.71 5.51
C MET A 182 -17.03 5.19 6.96
N SER A 183 -16.20 6.16 7.34
CA SER A 183 -16.25 6.71 8.69
C SER A 183 -17.23 7.87 8.78
N VAL A 184 -16.91 8.96 8.08
CA VAL A 184 -17.76 10.16 8.07
C VAL A 184 -18.32 10.48 9.45
N MET A 1 16.39 -34.67 9.46
CA MET A 1 17.49 -34.15 8.61
C MET A 1 17.11 -32.80 7.99
N ILE A 2 17.54 -31.72 8.64
CA ILE A 2 17.26 -30.38 8.16
C ILE A 2 18.15 -30.02 6.97
N LYS A 3 17.53 -29.58 5.89
CA LYS A 3 18.27 -29.20 4.69
C LYS A 3 17.36 -28.55 3.66
N GLU A 4 16.30 -29.25 3.28
CA GLU A 4 15.36 -28.73 2.29
C GLU A 4 14.54 -27.57 2.85
N LEU A 5 14.37 -27.55 4.17
CA LEU A 5 13.61 -26.49 4.82
C LEU A 5 14.13 -25.11 4.42
N GLU A 6 15.43 -24.99 4.26
CA GLU A 6 16.06 -23.73 3.88
C GLU A 6 15.44 -23.18 2.60
N ASP A 7 15.16 -24.07 1.65
CA ASP A 7 14.54 -23.69 0.38
C ASP A 7 13.07 -23.33 0.56
N ILE A 8 12.42 -23.98 1.52
CA ILE A 8 11.02 -23.74 1.79
C ILE A 8 10.77 -22.33 2.32
N PHE A 9 11.53 -21.93 3.33
CA PHE A 9 11.38 -20.59 3.90
C PHE A 9 11.76 -19.51 2.89
N LYS A 10 12.88 -19.71 2.20
CA LYS A 10 13.37 -18.76 1.21
C LYS A 10 12.35 -18.51 0.11
N GLU A 11 11.70 -19.58 -0.34
CA GLU A 11 10.70 -19.48 -1.40
C GLU A 11 9.44 -18.79 -0.91
N ALA A 12 9.01 -19.12 0.31
CA ALA A 12 7.81 -18.53 0.90
C ALA A 12 8.02 -17.07 1.25
N GLU A 13 9.19 -16.75 1.81
CA GLU A 13 9.50 -15.38 2.21
C GLU A 13 9.59 -14.45 1.00
N LYS A 14 10.34 -14.88 -0.01
CA LYS A 14 10.52 -14.08 -1.21
C LYS A 14 9.20 -13.87 -1.96
N ASP A 15 8.32 -14.87 -1.89
CA ASP A 15 7.03 -14.79 -2.56
C ASP A 15 6.09 -13.80 -1.86
N MET A 16 5.96 -13.94 -0.54
CA MET A 16 5.08 -13.07 0.23
C MET A 16 5.64 -11.65 0.34
N LYS A 17 6.95 -11.55 0.44
CA LYS A 17 7.61 -10.24 0.57
C LYS A 17 7.38 -9.38 -0.68
N LYS A 18 7.58 -9.99 -1.84
CA LYS A 18 7.41 -9.28 -3.11
C LYS A 18 5.94 -8.94 -3.36
N ALA A 19 5.04 -9.80 -2.89
CA ALA A 19 3.61 -9.59 -3.09
C ALA A 19 3.07 -8.45 -2.24
N VAL A 20 3.42 -8.45 -0.96
CA VAL A 20 2.94 -7.40 -0.04
C VAL A 20 3.64 -6.08 -0.32
N GLU A 21 4.91 -6.13 -0.71
CA GLU A 21 5.67 -4.91 -0.99
C GLU A 21 4.98 -4.09 -2.08
N TYR A 22 4.64 -4.76 -3.18
CA TYR A 22 3.95 -4.11 -4.29
C TYR A 22 2.51 -3.78 -3.91
N TYR A 23 1.93 -4.68 -3.13
CA TYR A 23 0.55 -4.54 -2.66
C TYR A 23 0.43 -3.38 -1.67
N LYS A 24 1.29 -3.36 -0.67
CA LYS A 24 1.26 -2.31 0.34
C LYS A 24 1.59 -0.96 -0.29
N ASN A 25 2.40 -0.96 -1.33
CA ASN A 25 2.77 0.29 -1.99
C ASN A 25 1.54 0.98 -2.56
N GLU A 26 0.73 0.21 -3.28
CA GLU A 26 -0.48 0.73 -3.90
C GLU A 26 -1.45 1.26 -2.85
N ILE A 27 -1.54 0.53 -1.74
CA ILE A 27 -2.41 0.95 -0.64
C ILE A 27 -1.95 2.30 -0.11
N ALA A 28 -0.66 2.37 0.19
CA ALA A 28 -0.03 3.57 0.70
C ALA A 28 -0.31 4.78 -0.20
N GLY A 29 -0.58 4.51 -1.48
CA GLY A 29 -0.85 5.58 -2.43
C GLY A 29 -2.32 5.78 -2.73
N LEU A 30 -3.08 4.70 -2.74
CA LEU A 30 -4.51 4.81 -3.02
C LEU A 30 -5.32 4.62 -1.76
N ARG A 31 -5.87 5.73 -1.31
CA ARG A 31 -6.65 5.77 -0.12
C ARG A 31 -8.14 5.69 -0.44
N THR A 32 -8.79 6.79 -0.19
CA THR A 32 -10.21 6.97 -0.42
C THR A 32 -10.46 8.39 -0.91
N SER A 33 -11.68 8.67 -1.33
CA SER A 33 -12.02 10.02 -1.80
C SER A 33 -12.13 10.97 -0.61
N ARG A 34 -11.15 10.92 0.27
CA ARG A 34 -11.12 11.77 1.44
C ARG A 34 -9.85 12.61 1.43
N ALA A 35 -9.92 13.77 2.05
CA ALA A 35 -8.80 14.68 2.13
C ALA A 35 -7.76 14.13 3.10
N SER A 36 -7.13 13.04 2.70
CA SER A 36 -6.12 12.41 3.55
C SER A 36 -4.72 12.58 2.96
N THR A 37 -3.83 13.21 3.71
CA THR A 37 -2.46 13.42 3.27
C THR A 37 -1.62 12.13 3.29
N ALA A 38 -2.10 11.12 4.01
CA ALA A 38 -1.35 9.86 4.14
C ALA A 38 -1.10 9.16 2.79
N LEU A 39 -2.17 8.90 2.04
CA LEU A 39 -2.04 8.18 0.75
C LEU A 39 -0.83 8.65 -0.03
N VAL A 40 -0.68 9.95 -0.19
CA VAL A 40 0.46 10.49 -0.92
C VAL A 40 1.73 10.40 -0.07
N GLU A 41 2.12 11.53 0.51
CA GLU A 41 3.33 11.60 1.33
C GLU A 41 4.58 11.51 0.47
N GLU A 42 4.39 11.48 -0.85
CA GLU A 42 5.50 11.40 -1.77
C GLU A 42 5.17 12.10 -3.09
N ILE A 43 4.35 13.15 -3.00
CA ILE A 43 3.94 13.91 -4.18
C ILE A 43 5.11 14.07 -5.16
N LYS A 44 5.19 13.16 -6.12
CA LYS A 44 6.27 13.18 -7.11
C LYS A 44 6.36 14.53 -7.81
N VAL A 45 7.12 15.44 -7.22
CA VAL A 45 7.29 16.77 -7.78
C VAL A 45 8.66 16.90 -8.46
N GLU A 46 8.68 17.57 -9.60
CA GLU A 46 9.91 17.77 -10.36
C GLU A 46 10.82 18.78 -9.66
N TYR A 47 12.03 18.34 -9.33
CA TYR A 47 12.99 19.20 -8.66
C TYR A 47 14.31 19.22 -9.43
N TYR A 48 14.54 20.28 -10.18
CA TYR A 48 15.76 20.42 -10.97
C TYR A 48 15.87 19.31 -12.02
N GLY A 49 14.72 18.80 -12.44
CA GLY A 49 14.69 17.75 -13.44
C GLY A 49 14.68 16.36 -12.82
N SER A 50 14.31 16.26 -11.55
CA SER A 50 14.26 14.98 -10.86
C SER A 50 12.95 14.83 -10.10
N LYS A 51 12.54 13.58 -9.87
CA LYS A 51 11.31 13.30 -9.15
C LYS A 51 11.59 13.10 -7.66
N VAL A 52 11.11 14.03 -6.85
CA VAL A 52 11.31 13.97 -5.40
C VAL A 52 10.00 14.17 -4.65
N PRO A 53 9.84 13.49 -3.50
CA PRO A 53 8.63 13.60 -2.67
C PRO A 53 8.68 14.79 -1.72
N ILE A 54 7.50 15.30 -1.37
CA ILE A 54 7.39 16.44 -0.46
C ILE A 54 7.95 16.14 0.93
N LYS A 55 8.32 14.88 1.15
CA LYS A 55 8.88 14.48 2.43
C LYS A 55 10.20 15.23 2.67
N GLN A 56 10.94 15.44 1.57
CA GLN A 56 12.20 16.15 1.62
C GLN A 56 12.17 17.35 0.69
N LEU A 57 10.97 17.78 0.32
CA LEU A 57 10.78 18.91 -0.57
C LEU A 57 10.02 20.03 0.13
N GLY A 58 8.76 19.77 0.47
CA GLY A 58 7.95 20.77 1.14
C GLY A 58 7.28 20.23 2.39
N THR A 59 5.96 20.36 2.44
CA THR A 59 5.21 19.86 3.60
C THR A 59 3.72 19.73 3.28
N ILE A 60 3.15 18.56 3.61
CA ILE A 60 1.74 18.30 3.38
C ILE A 60 1.01 18.09 4.72
N SER A 61 -0.05 18.86 4.95
CA SER A 61 -0.80 18.76 6.20
C SER A 61 -2.30 18.94 5.98
N VAL A 62 -3.09 18.39 6.91
CA VAL A 62 -4.54 18.50 6.85
C VAL A 62 -5.05 19.47 7.92
N PRO A 63 -5.87 20.47 7.54
CA PRO A 63 -6.39 21.45 8.48
C PRO A 63 -7.73 21.06 9.10
N GLU A 64 -8.71 20.71 8.27
CA GLU A 64 -10.03 20.35 8.77
C GLU A 64 -10.45 18.94 8.37
N HIS A 65 -9.48 18.06 8.17
CA HIS A 65 -9.76 16.67 7.80
C HIS A 65 -10.29 16.56 6.37
N ASN A 66 -11.36 17.29 6.07
CA ASN A 66 -11.96 17.26 4.74
C ASN A 66 -11.17 18.08 3.72
N GLN A 67 -9.98 18.55 4.11
CA GLN A 67 -9.15 19.34 3.20
C GLN A 67 -7.69 18.92 3.28
N ILE A 68 -6.99 18.99 2.14
CA ILE A 68 -5.58 18.63 2.09
C ILE A 68 -4.76 19.83 1.63
N VAL A 69 -3.88 20.32 2.50
CA VAL A 69 -3.07 21.47 2.18
C VAL A 69 -1.59 21.14 2.07
N ILE A 70 -1.04 21.33 0.87
CA ILE A 70 0.37 21.06 0.62
C ILE A 70 1.11 22.39 0.50
N GLN A 71 2.14 22.59 1.32
CA GLN A 71 2.88 23.85 1.26
C GLN A 71 4.30 23.66 0.75
N VAL A 72 4.52 24.08 -0.49
CA VAL A 72 5.81 23.96 -1.13
C VAL A 72 6.88 24.75 -0.40
N TRP A 73 8.14 24.40 -0.65
CA TRP A 73 9.26 25.11 -0.04
C TRP A 73 9.99 25.95 -1.08
N ASP A 74 10.10 25.41 -2.29
CA ASP A 74 10.77 26.11 -3.38
C ASP A 74 9.77 26.49 -4.47
N GLN A 75 10.16 27.42 -5.33
CA GLN A 75 9.29 27.88 -6.43
C GLN A 75 9.26 26.86 -7.57
N ASN A 76 10.30 26.05 -7.67
CA ASN A 76 10.40 25.05 -8.72
C ASN A 76 9.45 23.87 -8.51
N ALA A 77 9.00 23.70 -7.26
CA ALA A 77 8.10 22.60 -6.94
C ALA A 77 6.63 23.01 -6.96
N VAL A 78 6.38 24.28 -6.67
CA VAL A 78 5.01 24.80 -6.64
C VAL A 78 4.22 24.39 -7.87
N PRO A 79 4.79 24.54 -9.08
CA PRO A 79 4.12 24.18 -10.33
C PRO A 79 3.90 22.67 -10.48
N ALA A 80 4.93 21.91 -10.11
CA ALA A 80 4.87 20.45 -10.20
C ALA A 80 3.93 19.84 -9.18
N ILE A 81 4.04 20.26 -7.93
CA ILE A 81 3.20 19.72 -6.86
C ILE A 81 1.72 19.88 -7.19
N GLU A 82 1.38 20.98 -7.85
CA GLU A 82 -0.01 21.22 -8.22
C GLU A 82 -0.48 20.16 -9.21
N LYS A 83 0.31 19.95 -10.27
CA LYS A 83 -0.02 18.95 -11.27
C LYS A 83 0.16 17.53 -10.73
N ALA A 84 1.13 17.36 -9.84
CA ALA A 84 1.42 16.05 -9.26
C ALA A 84 0.27 15.57 -8.39
N ILE A 85 -0.19 16.42 -7.47
CA ILE A 85 -1.28 16.05 -6.59
C ILE A 85 -2.56 15.79 -7.38
N ARG A 86 -2.86 16.69 -8.31
CA ARG A 86 -4.05 16.56 -9.14
C ARG A 86 -4.08 15.21 -9.85
N GLU A 87 -2.90 14.67 -10.13
CA GLU A 87 -2.79 13.38 -10.82
C GLU A 87 -3.30 12.23 -9.94
N GLU A 88 -2.81 12.18 -8.71
CA GLU A 88 -3.21 11.13 -7.77
C GLU A 88 -4.54 11.45 -7.10
N LEU A 89 -4.68 12.71 -6.67
CA LEU A 89 -5.89 13.15 -6.00
C LEU A 89 -7.05 13.32 -6.99
N ASN A 90 -6.71 13.52 -8.26
CA ASN A 90 -7.73 13.68 -9.30
C ASN A 90 -8.78 14.71 -8.90
N LEU A 91 -8.33 15.81 -8.29
CA LEU A 91 -9.24 16.87 -7.87
C LEU A 91 -8.78 18.22 -8.41
N ASN A 92 -9.44 19.29 -7.98
CA ASN A 92 -9.10 20.63 -8.42
C ASN A 92 -8.41 21.41 -7.31
N PRO A 93 -7.05 21.39 -7.29
CA PRO A 93 -6.27 22.10 -6.27
C PRO A 93 -6.12 23.58 -6.57
N THR A 94 -5.84 24.36 -5.53
CA THR A 94 -5.67 25.81 -5.69
C THR A 94 -4.30 26.23 -5.17
N VAL A 95 -3.54 26.91 -6.02
CA VAL A 95 -2.20 27.38 -5.65
C VAL A 95 -2.15 28.90 -5.60
N GLN A 96 -1.85 29.43 -4.43
CA GLN A 96 -1.75 30.87 -4.24
C GLN A 96 -0.45 31.24 -3.53
N GLY A 97 0.37 32.05 -4.19
CA GLY A 97 1.63 32.46 -3.60
C GLY A 97 2.60 31.30 -3.46
N ASN A 98 2.35 30.44 -2.47
CA ASN A 98 3.22 29.28 -2.24
C ASN A 98 2.51 28.23 -1.39
N VAL A 99 1.18 28.19 -1.50
CA VAL A 99 0.39 27.23 -0.75
C VAL A 99 -0.56 26.46 -1.67
N ILE A 100 -0.74 25.17 -1.39
CA ILE A 100 -1.62 24.33 -2.18
C ILE A 100 -2.81 23.86 -1.36
N ARG A 101 -4.01 24.24 -1.80
CA ARG A 101 -5.22 23.85 -1.09
C ARG A 101 -6.06 22.89 -1.93
N VAL A 102 -6.39 21.74 -1.36
CA VAL A 102 -7.20 20.75 -2.05
C VAL A 102 -8.47 20.46 -1.27
N THR A 103 -9.61 20.66 -1.93
CA THR A 103 -10.90 20.42 -1.29
C THR A 103 -11.48 19.10 -1.77
N LEU A 104 -11.75 18.21 -0.83
CA LEU A 104 -12.32 16.91 -1.16
C LEU A 104 -13.78 16.84 -0.69
N PRO A 105 -14.73 17.05 -1.60
CA PRO A 105 -16.16 17.00 -1.27
C PRO A 105 -16.58 15.63 -0.75
N PRO A 106 -17.74 15.55 -0.08
CA PRO A 106 -18.24 14.29 0.45
C PRO A 106 -18.14 13.16 -0.57
N LEU A 107 -17.40 12.10 -0.20
CA LEU A 107 -17.20 10.96 -1.08
C LEU A 107 -18.44 10.66 -1.91
N THR A 108 -18.44 11.14 -3.14
CA THR A 108 -19.57 10.96 -4.05
C THR A 108 -19.79 9.48 -4.38
N GLU A 109 -20.69 9.24 -5.32
CA GLU A 109 -21.02 7.89 -5.74
C GLU A 109 -19.88 7.28 -6.54
N GLU A 110 -19.41 8.02 -7.54
CA GLU A 110 -18.32 7.55 -8.40
C GLU A 110 -16.98 7.57 -7.67
N ARG A 111 -16.72 8.64 -6.93
CA ARG A 111 -15.46 8.79 -6.21
C ARG A 111 -15.20 7.61 -5.27
N ARG A 112 -16.20 7.26 -4.47
CA ARG A 112 -16.05 6.17 -3.53
C ARG A 112 -15.96 4.83 -4.27
N ARG A 113 -16.70 4.74 -5.37
CA ARG A 113 -16.70 3.53 -6.19
C ARG A 113 -15.30 3.16 -6.65
N GLU A 114 -14.47 4.16 -6.94
CA GLU A 114 -13.11 3.90 -7.42
C GLU A 114 -12.21 3.38 -6.30
N LEU A 115 -12.13 4.12 -5.20
CA LEU A 115 -11.28 3.74 -4.07
C LEU A 115 -11.77 2.48 -3.37
N VAL A 116 -13.06 2.46 -3.02
CA VAL A 116 -13.63 1.32 -2.31
C VAL A 116 -13.47 0.03 -3.12
N ARG A 117 -13.76 0.11 -4.41
CA ARG A 117 -13.64 -1.05 -5.29
C ARG A 117 -12.17 -1.41 -5.52
N LEU A 118 -11.29 -0.43 -5.43
CA LEU A 118 -9.86 -0.67 -5.63
C LEU A 118 -9.27 -1.52 -4.51
N LEU A 119 -9.63 -1.23 -3.27
CA LEU A 119 -9.15 -2.02 -2.15
C LEU A 119 -9.70 -3.43 -2.28
N HIS A 120 -10.90 -3.51 -2.82
CA HIS A 120 -11.51 -4.82 -3.05
C HIS A 120 -10.54 -5.60 -3.94
N LYS A 121 -10.15 -4.96 -5.04
CA LYS A 121 -9.23 -5.57 -5.99
C LYS A 121 -7.90 -5.87 -5.32
N ILE A 122 -7.32 -4.84 -4.69
CA ILE A 122 -6.03 -4.99 -4.02
C ILE A 122 -6.09 -6.08 -2.96
N THR A 123 -7.07 -5.95 -2.07
CA THR A 123 -7.23 -6.89 -0.96
C THR A 123 -7.38 -8.33 -1.45
N GLU A 124 -8.14 -8.52 -2.51
CA GLU A 124 -8.35 -9.87 -3.05
C GLU A 124 -7.06 -10.40 -3.68
N GLU A 125 -6.34 -9.54 -4.38
CA GLU A 125 -5.09 -9.93 -5.03
C GLU A 125 -4.09 -10.49 -4.03
N ALA A 126 -3.93 -9.80 -2.91
CA ALA A 126 -3.00 -10.22 -1.87
C ALA A 126 -3.30 -11.63 -1.39
N ARG A 127 -4.57 -11.89 -1.10
CA ARG A 127 -5.00 -13.21 -0.62
C ARG A 127 -4.61 -14.30 -1.62
N VAL A 128 -4.72 -14.00 -2.91
CA VAL A 128 -4.37 -14.96 -3.95
C VAL A 128 -2.93 -15.43 -3.82
N ARG A 129 -2.02 -14.50 -3.53
CA ARG A 129 -0.60 -14.83 -3.39
C ARG A 129 -0.37 -15.65 -2.13
N VAL A 130 -0.94 -15.19 -1.02
CA VAL A 130 -0.76 -15.85 0.27
C VAL A 130 -1.19 -17.32 0.21
N ARG A 131 -2.29 -17.61 -0.47
CA ARG A 131 -2.75 -18.99 -0.57
C ARG A 131 -1.72 -19.84 -1.31
N ASN A 132 -1.25 -19.33 -2.45
CA ASN A 132 -0.29 -20.04 -3.28
C ASN A 132 1.02 -20.29 -2.51
N VAL A 133 1.38 -19.38 -1.61
CA VAL A 133 2.60 -19.53 -0.83
C VAL A 133 2.54 -20.84 -0.02
N ARG A 134 1.42 -21.05 0.65
CA ARG A 134 1.23 -22.26 1.44
C ARG A 134 1.10 -23.48 0.53
N ARG A 135 0.53 -23.26 -0.65
CA ARG A 135 0.34 -24.32 -1.63
C ARG A 135 1.67 -24.79 -2.22
N GLU A 136 2.54 -23.83 -2.53
CA GLU A 136 3.85 -24.16 -3.09
C GLU A 136 4.78 -24.75 -2.04
N ALA A 137 4.93 -24.02 -0.94
CA ALA A 137 5.79 -24.45 0.16
C ALA A 137 5.41 -25.85 0.65
N LYS A 138 4.12 -26.07 0.82
CA LYS A 138 3.63 -27.37 1.27
C LYS A 138 4.00 -28.45 0.27
N GLU A 139 3.85 -28.13 -1.02
CA GLU A 139 4.16 -29.07 -2.09
C GLU A 139 5.60 -29.58 -1.99
N MET A 140 6.50 -28.71 -1.52
CA MET A 140 7.91 -29.08 -1.38
C MET A 140 8.09 -30.11 -0.28
N ILE A 141 7.37 -29.93 0.82
CA ILE A 141 7.46 -30.85 1.96
C ILE A 141 6.92 -32.23 1.56
N GLU A 142 5.76 -32.23 0.93
CA GLU A 142 5.12 -33.45 0.46
C GLU A 142 5.86 -34.05 -0.74
N GLU A 143 6.70 -33.24 -1.37
CA GLU A 143 7.48 -33.68 -2.52
C GLU A 143 8.77 -34.38 -2.08
N LEU A 144 9.31 -33.93 -0.95
CA LEU A 144 10.54 -34.49 -0.42
C LEU A 144 10.31 -35.92 0.06
N GLU A 145 10.93 -36.88 -0.63
CA GLU A 145 10.76 -38.30 -0.29
C GLU A 145 9.27 -38.63 -0.18
N GLY A 146 8.44 -37.75 -0.73
CA GLY A 146 7.00 -37.89 -0.70
C GLY A 146 6.40 -37.61 0.66
N ILE A 147 7.21 -37.67 1.72
CA ILE A 147 6.74 -37.37 3.07
C ILE A 147 7.88 -37.00 4.00
N SER A 148 7.78 -35.83 4.61
CA SER A 148 8.78 -35.34 5.55
C SER A 148 8.09 -34.77 6.78
N GLU A 149 8.15 -35.45 7.92
CA GLU A 149 7.50 -34.90 9.12
C GLU A 149 8.34 -33.77 9.71
N ASP A 150 9.62 -34.06 9.96
CA ASP A 150 10.52 -33.06 10.54
C ASP A 150 10.47 -31.78 9.73
N GLU A 151 10.49 -31.94 8.42
CA GLU A 151 10.44 -30.83 7.49
C GLU A 151 9.04 -30.21 7.46
N LYS A 152 8.02 -31.04 7.63
CA LYS A 152 6.63 -30.58 7.60
C LYS A 152 6.31 -29.71 8.79
N LYS A 153 6.67 -30.22 9.96
CA LYS A 153 6.42 -29.50 11.21
C LYS A 153 7.16 -28.17 11.20
N ARG A 154 8.46 -28.24 10.93
CA ARG A 154 9.29 -27.05 10.88
C ARG A 154 8.81 -26.11 9.78
N ALA A 155 8.61 -26.66 8.59
CA ALA A 155 8.16 -25.88 7.43
C ALA A 155 6.76 -25.32 7.61
N LEU A 156 5.88 -26.04 8.31
CA LEU A 156 4.53 -25.57 8.52
C LEU A 156 4.53 -24.34 9.43
N GLU A 157 5.13 -24.48 10.60
CA GLU A 157 5.20 -23.35 11.54
C GLU A 157 5.88 -22.18 10.83
N ARG A 158 6.88 -22.54 10.03
CA ARG A 158 7.62 -21.57 9.25
C ARG A 158 6.69 -20.94 8.20
N LEU A 159 5.87 -21.79 7.58
CA LEU A 159 4.92 -21.36 6.55
C LEU A 159 3.73 -20.60 7.12
N GLN A 160 3.22 -21.03 8.27
CA GLN A 160 2.08 -20.37 8.89
C GLN A 160 2.49 -19.02 9.48
N LYS A 161 3.57 -19.04 10.26
CA LYS A 161 4.05 -17.80 10.87
C LYS A 161 4.22 -16.74 9.80
N LEU A 162 4.65 -17.18 8.62
CA LEU A 162 4.82 -16.28 7.49
C LEU A 162 3.46 -15.84 6.95
N THR A 163 2.53 -16.79 6.83
CA THR A 163 1.19 -16.52 6.31
C THR A 163 0.36 -15.66 7.29
N ASP A 164 0.26 -16.10 8.54
CA ASP A 164 -0.52 -15.35 9.54
C ASP A 164 -0.03 -13.91 9.58
N LYS A 165 1.30 -13.78 9.57
CA LYS A 165 1.90 -12.46 9.61
C LYS A 165 1.32 -11.63 8.47
N TYR A 166 1.25 -12.22 7.28
CA TYR A 166 0.69 -11.57 6.10
C TYR A 166 -0.82 -11.40 6.24
N ILE A 167 -1.48 -12.41 6.80
CA ILE A 167 -2.94 -12.39 6.97
C ILE A 167 -3.38 -11.38 8.04
N ASP A 168 -2.80 -11.49 9.23
CA ASP A 168 -3.16 -10.59 10.33
C ASP A 168 -2.79 -9.15 9.98
N GLU A 169 -1.70 -8.99 9.24
CA GLU A 169 -1.23 -7.67 8.84
C GLU A 169 -2.18 -7.01 7.85
N ILE A 170 -2.77 -7.80 6.95
CA ILE A 170 -3.68 -7.25 5.96
C ILE A 170 -5.00 -6.78 6.58
N ASN A 171 -5.69 -7.65 7.32
CA ASN A 171 -6.98 -7.28 7.93
C ASN A 171 -6.86 -6.00 8.74
N LYS A 172 -5.81 -5.89 9.55
CA LYS A 172 -5.62 -4.70 10.36
C LYS A 172 -5.37 -3.49 9.47
N LEU A 173 -4.76 -3.75 8.32
CA LEU A 173 -4.47 -2.71 7.36
C LEU A 173 -5.75 -2.21 6.68
N MET A 174 -6.57 -3.15 6.20
CA MET A 174 -7.83 -2.80 5.55
C MET A 174 -8.87 -2.36 6.58
N GLU A 175 -8.85 -3.02 7.75
CA GLU A 175 -9.80 -2.69 8.81
C GLU A 175 -9.78 -1.20 9.11
N ALA A 176 -8.59 -0.67 9.32
CA ALA A 176 -8.45 0.76 9.57
C ALA A 176 -8.96 1.52 8.36
N LYS A 177 -8.66 0.98 7.18
CA LYS A 177 -9.08 1.58 5.93
C LYS A 177 -10.59 1.80 5.91
N GLU A 178 -11.36 0.77 6.28
CA GLU A 178 -12.82 0.88 6.29
C GLU A 178 -13.27 2.10 7.09
N LYS A 179 -12.78 2.23 8.31
CA LYS A 179 -13.11 3.37 9.16
C LYS A 179 -12.83 4.67 8.39
N GLU A 180 -11.83 4.61 7.52
CA GLU A 180 -11.48 5.75 6.70
C GLU A 180 -12.45 5.87 5.53
N ILE A 181 -12.61 4.78 4.78
CA ILE A 181 -13.51 4.77 3.63
C ILE A 181 -14.92 5.18 4.06
N MET A 182 -15.45 4.52 5.09
CA MET A 182 -16.78 4.81 5.59
C MET A 182 -16.81 6.07 6.45
N SER A 183 -15.64 6.69 6.64
CA SER A 183 -15.55 7.90 7.46
C SER A 183 -16.53 8.96 6.96
N VAL A 184 -16.31 9.43 5.73
CA VAL A 184 -17.18 10.45 5.12
C VAL A 184 -17.55 11.55 6.11
#